data_4BIT
#
_entry.id   4BIT
#
_cell.length_a   1.000
_cell.length_b   1.000
_cell.length_c   1.000
_cell.angle_alpha   90.00
_cell.angle_beta   90.00
_cell.angle_gamma   90.00
#
_symmetry.space_group_name_H-M   'P 1'
#
_entity_poly.entity_id   1
_entity_poly.type   'polypeptide(L)'
_entity_poly.pdbx_seq_one_letter_code
;QEAGGRPGADCEVCKEFLNRFYKSLIDRGVNFSLDTIEKELISFCLDTKGKENRLCYYLGATKDAATKILSEVTRPMSVH
MPAMKICEKLKKLDSQICELKYEKTLDLASVDLRKMRVAELKQILHSWGEECRACAEKTDYVNLIQELAPKYAATHPKTE
L
;
_entity_poly.pdbx_strand_id   A
#
# COMPACT_ATOMS: atom_id res chain seq x y z
N GLN A 1 7.74 -4.69 -24.73
CA GLN A 1 9.03 -4.67 -24.05
C GLN A 1 8.89 -3.75 -22.86
N GLU A 2 9.95 -3.61 -22.11
CA GLU A 2 10.04 -2.82 -20.96
C GLU A 2 11.54 -2.79 -20.76
N ALA A 3 12.00 -1.91 -19.98
CA ALA A 3 13.42 -1.67 -19.80
C ALA A 3 14.08 -2.66 -18.85
N GLY A 4 13.29 -3.30 -18.02
CA GLY A 4 13.83 -4.26 -17.09
C GLY A 4 14.21 -3.60 -15.78
N GLY A 5 14.93 -2.52 -15.88
CA GLY A 5 15.33 -1.75 -14.74
C GLY A 5 15.17 -0.28 -15.02
N ARG A 6 13.97 0.20 -14.91
CA ARG A 6 13.68 1.59 -15.17
C ARG A 6 13.44 2.30 -13.82
N PRO A 7 13.44 3.61 -13.77
CA PRO A 7 13.14 4.32 -12.54
C PRO A 7 11.63 4.32 -12.24
N GLY A 8 11.30 4.19 -10.97
CA GLY A 8 9.90 4.20 -10.52
C GLY A 8 9.39 5.61 -10.43
N ALA A 9 9.31 6.21 -11.58
CA ALA A 9 8.87 7.57 -11.76
C ALA A 9 7.36 7.61 -11.70
N ASP A 10 6.80 8.80 -11.43
CA ASP A 10 5.33 9.00 -11.42
C ASP A 10 4.64 8.31 -10.22
N CYS A 11 4.68 7.01 -10.19
CA CYS A 11 4.11 6.22 -9.14
C CYS A 11 5.04 5.06 -8.93
N GLU A 12 5.71 4.97 -7.81
CA GLU A 12 6.54 3.81 -7.59
C GLU A 12 5.75 2.60 -7.11
N VAL A 13 4.65 2.85 -6.37
CA VAL A 13 3.78 1.76 -5.97
C VAL A 13 3.09 1.23 -7.22
N CYS A 14 2.44 2.12 -7.93
CA CYS A 14 1.76 1.76 -9.16
C CYS A 14 2.75 1.83 -10.31
N LYS A 15 3.61 0.83 -10.35
CA LYS A 15 4.59 0.58 -11.41
C LYS A 15 5.25 -0.73 -11.17
N GLU A 16 6.25 -0.73 -10.30
CA GLU A 16 7.09 -1.89 -10.01
C GLU A 16 6.28 -3.14 -9.69
N PHE A 17 5.32 -3.00 -8.76
CA PHE A 17 4.47 -4.13 -8.37
C PHE A 17 3.71 -4.71 -9.55
N LEU A 18 3.03 -3.85 -10.30
CA LEU A 18 2.19 -4.29 -11.40
C LEU A 18 3.03 -4.74 -12.57
N ASN A 19 4.21 -4.23 -12.65
CA ASN A 19 5.14 -4.54 -13.71
C ASN A 19 5.77 -5.90 -13.45
N ARG A 20 6.09 -6.15 -12.18
CA ARG A 20 6.58 -7.44 -11.73
C ARG A 20 5.48 -8.49 -11.95
N PHE A 21 4.27 -8.05 -11.71
CA PHE A 21 3.11 -8.86 -11.84
C PHE A 21 2.87 -9.27 -13.27
N TYR A 22 2.97 -8.31 -14.17
CA TYR A 22 2.76 -8.54 -15.59
C TYR A 22 3.70 -9.61 -16.11
N LYS A 23 4.92 -9.60 -15.61
CA LYS A 23 5.90 -10.53 -16.00
C LYS A 23 5.49 -11.95 -15.55
N SER A 24 4.82 -12.06 -14.44
CA SER A 24 4.49 -13.30 -13.87
C SER A 24 3.29 -13.92 -14.62
N LEU A 25 2.62 -13.08 -15.39
CA LEU A 25 1.61 -13.49 -16.30
C LEU A 25 2.28 -14.09 -17.53
N ILE A 26 3.17 -13.31 -18.11
CA ILE A 26 3.87 -13.66 -19.35
C ILE A 26 4.75 -14.91 -19.17
N ASP A 27 5.49 -14.92 -18.07
CA ASP A 27 6.51 -15.97 -17.79
C ASP A 27 5.89 -17.30 -17.51
N ARG A 28 4.74 -17.28 -16.92
CA ARG A 28 4.08 -18.46 -16.50
C ARG A 28 3.02 -18.91 -17.51
N GLY A 29 2.86 -18.10 -18.55
CA GLY A 29 1.90 -18.42 -19.60
C GLY A 29 0.48 -18.32 -19.13
N VAL A 30 0.20 -17.27 -18.40
CA VAL A 30 -1.12 -17.06 -17.86
C VAL A 30 -1.97 -16.28 -18.83
N ASN A 31 -3.20 -16.70 -18.96
CA ASN A 31 -4.15 -16.07 -19.85
C ASN A 31 -4.54 -14.71 -19.32
N PHE A 32 -4.42 -13.74 -20.14
CA PHE A 32 -4.68 -12.39 -19.80
C PHE A 32 -6.17 -12.08 -20.00
N SER A 33 -6.94 -12.31 -19.00
CA SER A 33 -8.33 -12.00 -19.04
C SER A 33 -8.70 -11.22 -17.81
N LEU A 34 -9.85 -10.54 -17.87
CA LEU A 34 -10.39 -9.85 -16.71
C LEU A 34 -10.47 -10.80 -15.53
N ASP A 35 -11.02 -11.96 -15.82
CA ASP A 35 -11.22 -13.04 -14.87
C ASP A 35 -9.91 -13.53 -14.27
N THR A 36 -9.04 -14.00 -15.12
CA THR A 36 -7.84 -14.64 -14.71
C THR A 36 -6.81 -13.65 -14.12
N ILE A 37 -6.74 -12.43 -14.65
CA ILE A 37 -5.83 -11.45 -14.12
C ILE A 37 -6.27 -10.99 -12.74
N GLU A 38 -7.59 -10.87 -12.55
CA GLU A 38 -8.14 -10.49 -11.26
C GLU A 38 -7.69 -11.48 -10.18
N LYS A 39 -7.83 -12.75 -10.50
CA LYS A 39 -7.48 -13.83 -9.60
C LYS A 39 -6.00 -13.85 -9.29
N GLU A 40 -5.16 -13.74 -10.32
CA GLU A 40 -3.74 -13.77 -10.11
C GLU A 40 -3.24 -12.54 -9.39
N LEU A 41 -3.96 -11.45 -9.52
CA LEU A 41 -3.57 -10.21 -8.88
C LEU A 41 -3.80 -10.36 -7.36
N ILE A 42 -4.78 -11.20 -6.99
CA ILE A 42 -5.07 -11.47 -5.60
C ILE A 42 -3.96 -12.33 -4.99
N SER A 43 -3.62 -13.41 -5.66
CA SER A 43 -2.65 -14.36 -5.17
C SER A 43 -1.23 -13.82 -5.20
N PHE A 44 -0.95 -13.01 -6.20
CA PHE A 44 0.38 -12.43 -6.37
C PHE A 44 0.64 -11.41 -5.27
N CYS A 45 -0.41 -10.96 -4.65
CA CYS A 45 -0.30 -9.99 -3.61
C CYS A 45 -0.10 -10.69 -2.25
N LEU A 46 0.01 -12.02 -2.24
CA LEU A 46 0.25 -12.73 -0.99
C LEU A 46 1.62 -12.44 -0.43
N ASP A 47 2.63 -12.36 -1.30
CA ASP A 47 3.96 -12.11 -0.83
C ASP A 47 4.15 -10.66 -0.46
N THR A 48 3.35 -9.80 -1.03
CA THR A 48 3.45 -8.40 -0.79
C THR A 48 2.71 -8.00 0.47
N LYS A 49 3.11 -6.92 1.03
CA LYS A 49 2.51 -6.35 2.20
C LYS A 49 2.97 -4.94 2.35
N GLY A 50 2.04 -4.03 2.45
CA GLY A 50 2.40 -2.66 2.58
C GLY A 50 1.81 -1.86 1.48
N LYS A 51 2.60 -0.98 0.88
CA LYS A 51 2.15 -0.10 -0.22
C LYS A 51 1.44 -0.91 -1.31
N GLU A 52 2.09 -2.00 -1.68
CA GLU A 52 1.60 -2.88 -2.74
C GLU A 52 0.28 -3.47 -2.34
N ASN A 53 0.23 -3.94 -1.12
CA ASN A 53 -0.97 -4.59 -0.57
C ASN A 53 -2.17 -3.63 -0.55
N ARG A 54 -1.92 -2.37 -0.18
CA ARG A 54 -2.95 -1.31 -0.23
C ARG A 54 -3.43 -1.17 -1.66
N LEU A 55 -2.47 -1.07 -2.56
CA LEU A 55 -2.70 -0.98 -4.00
C LEU A 55 -3.62 -2.11 -4.46
N CYS A 56 -3.24 -3.34 -4.10
CA CYS A 56 -4.02 -4.55 -4.42
C CYS A 56 -5.48 -4.38 -4.02
N TYR A 57 -5.67 -3.86 -2.82
CA TYR A 57 -6.99 -3.65 -2.28
C TYR A 57 -7.77 -2.62 -3.10
N TYR A 58 -7.10 -1.56 -3.52
CA TYR A 58 -7.69 -0.53 -4.36
C TYR A 58 -8.05 -1.09 -5.73
N LEU A 59 -7.34 -2.12 -6.12
CA LEU A 59 -7.57 -2.80 -7.38
C LEU A 59 -8.50 -3.99 -7.16
N GLY A 60 -9.06 -4.07 -5.96
CA GLY A 60 -10.02 -5.11 -5.60
C GLY A 60 -9.43 -6.50 -5.49
N ALA A 61 -8.14 -6.59 -5.64
CA ALA A 61 -7.47 -7.85 -5.68
C ALA A 61 -6.95 -8.23 -4.32
N THR A 62 -7.87 -8.50 -3.44
CA THR A 62 -7.58 -8.89 -2.08
C THR A 62 -8.69 -9.77 -1.56
N LYS A 63 -8.44 -10.44 -0.45
CA LYS A 63 -9.43 -11.31 0.17
C LYS A 63 -10.43 -10.49 0.98
N ASP A 64 -10.08 -9.25 1.18
CA ASP A 64 -10.86 -8.34 2.00
C ASP A 64 -11.68 -7.44 1.10
N ALA A 65 -11.80 -7.85 -0.14
CA ALA A 65 -12.54 -7.12 -1.12
C ALA A 65 -13.38 -8.12 -1.90
N ALA A 66 -14.43 -7.63 -2.51
CA ALA A 66 -15.34 -8.50 -3.27
C ALA A 66 -14.93 -8.55 -4.75
N THR A 67 -13.69 -8.10 -4.99
CA THR A 67 -13.07 -7.98 -6.28
C THR A 67 -14.01 -7.27 -7.28
N LYS A 68 -13.89 -7.63 -8.54
CA LYS A 68 -14.77 -7.19 -9.61
C LYS A 68 -14.47 -5.78 -10.01
N ILE A 69 -13.26 -5.62 -10.48
CA ILE A 69 -12.74 -4.37 -10.93
C ILE A 69 -12.58 -4.48 -12.44
N LEU A 70 -12.98 -3.45 -13.16
CA LEU A 70 -13.06 -3.56 -14.59
C LEU A 70 -11.99 -2.79 -15.33
N SER A 71 -12.23 -1.51 -15.56
CA SER A 71 -11.36 -0.72 -16.44
C SER A 71 -10.15 -0.22 -15.69
N GLU A 72 -10.20 -0.42 -14.43
CA GLU A 72 -9.24 0.03 -13.52
C GLU A 72 -8.09 -0.98 -13.46
N VAL A 73 -7.13 -0.81 -14.38
CA VAL A 73 -5.92 -1.64 -14.50
C VAL A 73 -6.18 -3.05 -15.10
N THR A 74 -7.14 -3.77 -14.56
CA THR A 74 -7.47 -5.12 -15.00
C THR A 74 -7.79 -5.19 -16.52
N ARG A 75 -8.73 -4.36 -16.96
CA ARG A 75 -9.15 -4.32 -18.37
C ARG A 75 -8.00 -4.01 -19.33
N PRO A 76 -7.22 -2.89 -19.13
CA PRO A 76 -6.08 -2.62 -19.99
C PRO A 76 -5.03 -3.75 -19.94
N MET A 77 -4.82 -4.35 -18.77
CA MET A 77 -3.88 -5.46 -18.66
C MET A 77 -4.31 -6.67 -19.49
N SER A 78 -5.60 -6.80 -19.67
CA SER A 78 -6.17 -7.91 -20.41
C SER A 78 -6.03 -7.70 -21.94
N VAL A 79 -5.53 -6.53 -22.35
CA VAL A 79 -5.37 -6.26 -23.77
C VAL A 79 -3.93 -5.73 -24.03
N HIS A 80 -2.99 -6.32 -23.29
CA HIS A 80 -1.55 -5.97 -23.38
C HIS A 80 -1.27 -4.47 -23.26
N MET A 81 -1.53 -3.98 -22.09
CA MET A 81 -1.36 -2.60 -21.70
C MET A 81 -0.30 -2.38 -20.64
N PRO A 82 0.97 -2.51 -21.02
CA PRO A 82 2.12 -2.51 -20.10
C PRO A 82 1.98 -1.49 -18.95
N ALA A 83 2.40 -1.94 -17.79
CA ALA A 83 2.29 -1.24 -16.50
C ALA A 83 2.74 0.24 -16.52
N MET A 84 3.65 0.55 -17.41
CA MET A 84 4.27 1.86 -17.45
C MET A 84 3.42 2.90 -18.16
N LYS A 85 2.31 2.48 -18.71
CA LYS A 85 1.44 3.38 -19.44
C LYS A 85 0.03 3.40 -18.82
N ILE A 86 -0.09 2.88 -17.63
CA ILE A 86 -1.37 2.87 -16.97
C ILE A 86 -1.44 3.86 -15.82
N CYS A 87 -0.55 3.74 -14.87
CA CYS A 87 -0.57 4.60 -13.68
C CYS A 87 -0.33 6.07 -14.04
N GLU A 88 0.43 6.28 -15.13
CA GLU A 88 0.75 7.59 -15.67
C GLU A 88 -0.53 8.33 -16.08
N LYS A 89 -1.50 7.58 -16.54
CA LYS A 89 -2.76 8.18 -16.92
C LYS A 89 -3.74 8.17 -15.77
N LEU A 90 -3.58 7.19 -14.90
CA LEU A 90 -4.43 7.05 -13.70
C LEU A 90 -4.34 8.26 -12.80
N LYS A 91 -3.14 8.81 -12.64
CA LYS A 91 -2.88 10.04 -11.81
C LYS A 91 -3.83 11.18 -12.13
N LYS A 92 -4.27 11.23 -13.35
CA LYS A 92 -5.11 12.30 -13.87
C LYS A 92 -6.59 12.03 -13.57
N LEU A 93 -6.83 10.90 -12.94
CA LEU A 93 -8.17 10.48 -12.60
C LEU A 93 -8.23 10.28 -11.08
N ASP A 94 -7.30 9.50 -10.56
CA ASP A 94 -7.18 9.22 -9.14
C ASP A 94 -5.72 9.19 -8.75
N SER A 95 -5.41 9.60 -7.56
CA SER A 95 -4.06 9.57 -7.11
C SER A 95 -3.90 8.67 -5.86
N GLN A 96 -5.00 8.13 -5.32
CA GLN A 96 -4.92 7.35 -4.08
C GLN A 96 -4.19 6.04 -4.36
N ILE A 97 -4.32 5.58 -5.60
CA ILE A 97 -3.62 4.43 -6.11
C ILE A 97 -2.09 4.67 -6.10
N CYS A 98 -1.69 5.90 -6.29
CA CYS A 98 -0.29 6.19 -6.38
C CYS A 98 0.33 6.73 -5.11
N GLU A 99 -0.42 7.49 -4.32
CA GLU A 99 0.16 8.13 -3.13
C GLU A 99 0.16 7.16 -1.93
N LEU A 100 0.33 5.89 -2.22
CA LEU A 100 0.37 4.87 -1.20
C LEU A 100 1.74 4.81 -0.58
N LYS A 101 2.01 5.77 0.22
CA LYS A 101 3.26 5.89 0.92
C LYS A 101 3.10 5.34 2.34
N TYR A 102 1.91 4.89 2.61
CA TYR A 102 1.51 4.29 3.89
C TYR A 102 1.88 2.84 3.93
N GLU A 103 3.14 2.70 3.88
CA GLU A 103 3.91 1.47 3.83
C GLU A 103 3.54 0.39 4.86
N LYS A 104 4.21 -0.74 4.70
CA LYS A 104 4.10 -1.91 5.56
C LYS A 104 4.56 -1.62 6.96
N THR A 105 5.27 -0.53 7.13
CA THR A 105 5.76 -0.17 8.40
C THR A 105 5.90 1.34 8.50
N LEU A 106 5.72 1.80 9.71
CA LEU A 106 5.95 3.15 10.10
C LEU A 106 7.41 3.19 10.44
N ASP A 107 7.93 4.32 10.71
CA ASP A 107 9.28 4.47 11.13
C ASP A 107 9.49 4.02 12.59
N LEU A 108 8.78 2.96 12.98
CA LEU A 108 8.95 2.30 14.26
C LEU A 108 10.31 1.60 14.27
N ALA A 109 10.91 1.55 13.10
CA ALA A 109 12.24 1.02 12.88
C ALA A 109 13.29 2.04 13.30
N SER A 110 12.87 3.27 13.38
CA SER A 110 13.70 4.37 13.71
C SER A 110 13.53 4.80 15.14
N VAL A 111 12.59 4.23 15.80
CA VAL A 111 12.31 4.61 17.14
C VAL A 111 12.27 3.39 18.04
N ASP A 112 12.75 3.56 19.22
CA ASP A 112 12.87 2.52 20.16
C ASP A 112 11.59 2.43 20.95
N LEU A 113 10.96 1.30 20.85
CA LEU A 113 9.67 1.04 21.46
C LEU A 113 9.74 0.83 23.00
N ARG A 114 10.90 0.82 23.55
CA ARG A 114 11.02 0.63 24.99
C ARG A 114 11.45 1.92 25.69
N LYS A 115 12.08 2.87 24.95
CA LYS A 115 12.44 4.17 25.52
C LYS A 115 11.19 5.03 25.67
N MET A 116 10.13 4.60 25.05
CA MET A 116 8.99 5.42 24.86
C MET A 116 8.05 5.57 26.03
N ARG A 117 7.25 6.58 25.89
CA ARG A 117 6.33 7.04 26.83
C ARG A 117 5.01 6.99 26.21
N VAL A 118 4.03 6.52 26.95
CA VAL A 118 2.69 6.24 26.49
C VAL A 118 2.11 7.32 25.58
N ALA A 119 2.40 8.54 25.93
CA ALA A 119 2.04 9.74 25.19
C ALA A 119 2.50 9.67 23.73
N GLU A 120 3.76 9.26 23.53
CA GLU A 120 4.33 9.10 22.17
C GLU A 120 3.53 8.07 21.43
N LEU A 121 3.30 7.00 22.12
CA LEU A 121 2.55 5.87 21.59
C LEU A 121 1.11 6.26 21.25
N LYS A 122 0.52 7.14 22.04
CA LYS A 122 -0.76 7.65 21.78
C LYS A 122 -0.78 8.45 20.48
N GLN A 123 0.28 9.22 20.25
CA GLN A 123 0.43 9.96 18.99
C GLN A 123 0.47 8.97 17.81
N ILE A 124 1.21 7.88 18.00
CA ILE A 124 1.34 6.81 17.01
C ILE A 124 -0.03 6.22 16.65
N LEU A 125 -0.81 5.89 17.65
CA LEU A 125 -2.10 5.25 17.43
C LEU A 125 -3.10 6.25 16.80
N HIS A 126 -2.92 7.51 17.13
CA HIS A 126 -3.75 8.58 16.60
C HIS A 126 -3.37 8.80 15.15
N SER A 127 -2.10 8.55 14.85
CA SER A 127 -1.60 8.63 13.52
C SER A 127 -2.15 7.46 12.71
N TRP A 128 -2.59 6.40 13.38
CA TRP A 128 -3.23 5.31 12.68
C TRP A 128 -4.71 5.32 13.00
N GLY A 129 -5.23 6.52 13.24
CA GLY A 129 -6.67 6.76 13.43
C GLY A 129 -7.40 5.77 14.35
N GLU A 130 -6.71 5.16 15.29
CA GLU A 130 -7.36 4.19 16.16
C GLU A 130 -7.69 4.84 17.49
N GLU A 131 -8.36 4.09 18.34
CA GLU A 131 -8.81 4.57 19.62
C GLU A 131 -8.68 3.41 20.59
N CYS A 132 -7.85 3.54 21.59
CA CYS A 132 -7.70 2.46 22.50
C CYS A 132 -8.60 2.66 23.70
N ARG A 133 -9.75 2.05 23.64
CA ARG A 133 -10.70 2.15 24.73
C ARG A 133 -10.39 1.08 25.76
N ALA A 134 -9.36 0.32 25.48
CA ALA A 134 -8.81 -0.67 26.33
C ALA A 134 -7.31 -0.68 26.10
N CYS A 135 -6.60 0.00 26.98
CA CYS A 135 -5.15 0.10 26.94
C CYS A 135 -4.68 0.60 28.29
N ALA A 136 -3.46 0.31 28.68
CA ALA A 136 -2.99 0.73 29.99
C ALA A 136 -1.64 1.47 29.94
N GLU A 137 -0.55 0.74 29.93
CA GLU A 137 0.76 1.35 29.96
C GLU A 137 1.42 1.28 28.63
N LYS A 138 2.49 2.02 28.48
CA LYS A 138 3.28 2.05 27.24
C LYS A 138 3.63 0.65 26.77
N THR A 139 3.93 -0.24 27.70
CA THR A 139 4.32 -1.59 27.36
C THR A 139 3.13 -2.34 26.72
N ASP A 140 1.96 -2.03 27.22
CA ASP A 140 0.68 -2.55 26.72
C ASP A 140 0.50 -2.05 25.30
N TYR A 141 0.73 -0.75 25.14
CA TYR A 141 0.62 -0.09 23.85
C TYR A 141 1.59 -0.69 22.86
N VAL A 142 2.84 -0.88 23.27
CA VAL A 142 3.90 -1.47 22.42
C VAL A 142 3.44 -2.80 21.86
N ASN A 143 3.04 -3.69 22.75
CA ASN A 143 2.56 -5.04 22.39
C ASN A 143 1.44 -4.96 21.34
N LEU A 144 0.54 -4.02 21.53
CA LEU A 144 -0.60 -3.85 20.68
C LEU A 144 -0.18 -3.22 19.35
N ILE A 145 0.59 -2.15 19.46
CA ILE A 145 1.10 -1.40 18.33
C ILE A 145 1.88 -2.27 17.36
N GLN A 146 2.70 -3.16 17.88
CA GLN A 146 3.49 -4.07 17.07
C GLN A 146 2.64 -4.97 16.15
N GLU A 147 1.46 -5.38 16.60
CA GLU A 147 0.66 -6.28 15.80
C GLU A 147 -0.23 -5.46 14.82
N LEU A 148 -0.61 -4.28 15.26
CA LEU A 148 -1.45 -3.39 14.46
C LEU A 148 -0.64 -2.66 13.41
N ALA A 149 0.66 -2.59 13.67
CA ALA A 149 1.62 -1.87 12.83
C ALA A 149 1.46 -2.12 11.34
N PRO A 150 1.67 -3.36 10.79
CA PRO A 150 1.62 -3.56 9.33
C PRO A 150 0.21 -3.40 8.75
N LYS A 151 -0.79 -3.44 9.62
CA LYS A 151 -2.12 -3.29 9.22
C LYS A 151 -2.47 -1.83 8.92
N TYR A 152 -1.87 -0.92 9.66
CA TYR A 152 -2.10 0.48 9.45
C TYR A 152 -0.84 1.18 8.94
N ALA A 153 0.18 1.18 9.81
CA ALA A 153 1.43 1.95 9.70
C ALA A 153 1.41 3.10 8.74
N ALA A 154 0.84 4.16 9.19
CA ALA A 154 0.79 5.37 8.43
C ALA A 154 2.09 6.08 8.60
N THR A 155 3.01 5.78 7.71
CA THR A 155 4.31 6.32 7.68
C THR A 155 4.26 7.84 7.57
N HIS A 156 5.19 8.50 8.26
CA HIS A 156 5.32 9.92 8.24
C HIS A 156 5.41 10.41 6.79
N PRO A 157 4.80 11.58 6.49
CA PRO A 157 4.74 12.14 5.14
C PRO A 157 6.11 12.57 4.60
N LYS A 158 6.80 11.59 4.11
CA LYS A 158 8.05 11.72 3.47
C LYS A 158 8.22 10.52 2.55
N THR A 159 9.31 10.45 1.85
CA THR A 159 9.61 9.32 1.03
C THR A 159 10.23 8.20 1.89
N GLU A 160 10.53 7.06 1.27
CA GLU A 160 11.20 5.97 1.92
C GLU A 160 12.57 6.39 2.39
N LEU A 161 13.04 7.29 1.66
CA LEU A 161 14.30 7.95 1.87
C LEU A 161 13.98 9.17 2.69
N GLN A 1 18.67 3.84 -17.57
CA GLN A 1 17.69 3.28 -18.50
C GLN A 1 18.10 3.73 -19.85
N GLU A 2 17.50 3.19 -20.88
CA GLU A 2 17.74 3.54 -22.21
C GLU A 2 16.60 2.92 -22.96
N ALA A 3 16.22 3.57 -24.02
CA ALA A 3 15.13 3.17 -24.93
C ALA A 3 13.75 3.28 -24.28
N GLY A 4 13.70 3.88 -23.11
CA GLY A 4 12.43 4.01 -22.42
C GLY A 4 12.12 5.46 -22.12
N GLY A 5 13.11 6.20 -21.71
CA GLY A 5 12.93 7.61 -21.40
C GLY A 5 12.49 7.80 -19.97
N ARG A 6 11.35 7.23 -19.66
CA ARG A 6 10.78 7.32 -18.35
C ARG A 6 11.40 6.31 -17.39
N PRO A 7 11.73 6.75 -16.16
CA PRO A 7 12.24 5.88 -15.12
C PRO A 7 11.12 5.04 -14.50
N GLY A 8 11.49 4.17 -13.59
CA GLY A 8 10.55 3.29 -12.98
C GLY A 8 9.85 3.92 -11.81
N ALA A 9 8.80 4.64 -12.09
CA ALA A 9 7.97 5.26 -11.07
C ALA A 9 6.51 5.10 -11.37
N ASP A 10 5.71 5.26 -10.32
CA ASP A 10 4.25 5.11 -10.26
C ASP A 10 4.02 5.02 -8.75
N CYS A 11 2.87 4.60 -8.29
CA CYS A 11 2.73 4.31 -6.88
C CYS A 11 3.48 3.01 -6.68
N GLU A 12 4.69 3.13 -6.16
CA GLU A 12 5.68 2.05 -6.12
C GLU A 12 5.22 0.67 -5.65
N VAL A 13 4.22 0.60 -4.81
CA VAL A 13 3.70 -0.68 -4.38
C VAL A 13 3.02 -1.39 -5.58
N CYS A 14 2.28 -0.62 -6.39
CA CYS A 14 1.72 -1.13 -7.65
C CYS A 14 2.80 -1.37 -8.63
N LYS A 15 3.68 -0.37 -8.74
CA LYS A 15 4.75 -0.30 -9.73
C LYS A 15 5.45 -1.62 -9.94
N GLU A 16 5.98 -2.21 -8.89
CA GLU A 16 6.68 -3.43 -9.09
C GLU A 16 5.81 -4.64 -8.82
N PHE A 17 4.80 -4.54 -7.98
CA PHE A 17 3.94 -5.72 -7.76
C PHE A 17 3.22 -6.12 -9.06
N LEU A 18 2.67 -5.14 -9.75
CA LEU A 18 1.97 -5.39 -11.02
C LEU A 18 2.98 -5.75 -12.08
N ASN A 19 4.20 -5.28 -11.90
CA ASN A 19 5.27 -5.51 -12.85
C ASN A 19 5.83 -6.91 -12.68
N ARG A 20 5.93 -7.32 -11.44
CA ARG A 20 6.36 -8.65 -11.04
C ARG A 20 5.37 -9.65 -11.58
N PHE A 21 4.13 -9.25 -11.55
CA PHE A 21 3.05 -10.02 -12.06
C PHE A 21 3.08 -10.06 -13.57
N TYR A 22 3.25 -8.89 -14.19
CA TYR A 22 3.28 -8.70 -15.65
C TYR A 22 4.29 -9.64 -16.29
N LYS A 23 5.39 -9.86 -15.58
CA LYS A 23 6.46 -10.73 -16.03
C LYS A 23 5.98 -12.15 -16.32
N SER A 24 4.95 -12.61 -15.63
CA SER A 24 4.50 -13.98 -15.81
C SER A 24 3.53 -14.06 -17.00
N LEU A 25 2.82 -12.96 -17.22
CA LEU A 25 1.91 -12.81 -18.33
C LEU A 25 2.71 -12.79 -19.63
N ILE A 26 3.87 -12.20 -19.51
CA ILE A 26 4.86 -12.14 -20.56
C ILE A 26 5.51 -13.49 -20.78
N ASP A 27 5.92 -14.09 -19.67
CA ASP A 27 6.62 -15.41 -19.59
C ASP A 27 5.87 -16.43 -20.39
N ARG A 28 4.56 -16.21 -20.37
CA ARG A 28 3.59 -16.95 -21.03
C ARG A 28 3.27 -18.16 -20.24
N GLY A 29 3.63 -18.01 -19.01
CA GLY A 29 3.13 -18.92 -18.01
C GLY A 29 1.65 -18.59 -17.84
N VAL A 30 1.32 -17.33 -18.16
CA VAL A 30 -0.03 -16.80 -18.13
C VAL A 30 -0.27 -16.07 -19.44
N ASN A 31 -1.50 -15.81 -19.73
CA ASN A 31 -1.89 -15.15 -20.96
C ASN A 31 -2.42 -13.73 -20.66
N PHE A 32 -2.39 -12.84 -21.65
CA PHE A 32 -2.86 -11.52 -21.47
C PHE A 32 -4.28 -11.44 -21.98
N SER A 33 -5.21 -11.35 -21.11
CA SER A 33 -6.54 -11.08 -21.44
C SER A 33 -7.19 -10.40 -20.26
N LEU A 34 -8.27 -9.67 -20.51
CA LEU A 34 -9.05 -9.05 -19.44
C LEU A 34 -9.45 -10.10 -18.43
N ASP A 35 -9.87 -11.21 -18.96
CA ASP A 35 -10.31 -12.38 -18.22
C ASP A 35 -9.20 -12.98 -17.36
N THR A 36 -8.15 -13.42 -18.00
CA THR A 36 -7.10 -14.13 -17.35
C THR A 36 -6.26 -13.20 -16.43
N ILE A 37 -6.09 -11.93 -16.82
CA ILE A 37 -5.38 -10.99 -15.96
C ILE A 37 -6.16 -10.73 -14.67
N GLU A 38 -7.48 -10.70 -14.80
CA GLU A 38 -8.38 -10.55 -13.66
C GLU A 38 -8.11 -11.65 -12.63
N LYS A 39 -8.19 -12.87 -13.07
CA LYS A 39 -8.00 -14.03 -12.22
C LYS A 39 -6.60 -14.16 -11.68
N GLU A 40 -5.60 -14.02 -12.54
CA GLU A 40 -4.26 -14.26 -12.10
C GLU A 40 -3.73 -13.16 -11.23
N LEU A 41 -4.36 -12.01 -11.28
CA LEU A 41 -3.97 -10.95 -10.40
C LEU A 41 -4.50 -11.26 -9.00
N ILE A 42 -5.58 -12.04 -8.94
CA ILE A 42 -6.13 -12.48 -7.68
C ILE A 42 -5.22 -13.55 -7.07
N SER A 43 -4.81 -14.51 -7.88
CA SER A 43 -3.97 -15.59 -7.43
C SER A 43 -2.55 -15.10 -7.11
N PHE A 44 -2.08 -14.12 -7.85
CA PHE A 44 -0.76 -13.55 -7.62
C PHE A 44 -0.73 -12.86 -6.26
N CYS A 45 -1.89 -12.42 -5.82
CA CYS A 45 -2.03 -11.80 -4.54
C CYS A 45 -2.04 -12.78 -3.39
N LEU A 46 -1.84 -14.07 -3.67
CA LEU A 46 -1.66 -15.05 -2.59
C LEU A 46 -0.36 -14.78 -1.86
N ASP A 47 0.51 -14.05 -2.52
CA ASP A 47 1.80 -13.69 -1.99
C ASP A 47 1.68 -12.51 -1.04
N THR A 48 0.59 -11.77 -1.15
CA THR A 48 0.48 -10.52 -0.48
C THR A 48 0.23 -10.62 1.00
N LYS A 49 0.97 -9.84 1.69
CA LYS A 49 1.00 -9.76 3.10
C LYS A 49 1.35 -8.32 3.40
N GLY A 50 1.65 -8.01 4.66
CA GLY A 50 2.14 -6.68 5.05
C GLY A 50 1.35 -5.51 4.47
N LYS A 51 1.89 -4.91 3.42
CA LYS A 51 1.29 -3.76 2.81
C LYS A 51 0.80 -4.06 1.41
N GLU A 52 1.38 -5.07 0.77
CA GLU A 52 0.94 -5.52 -0.56
C GLU A 52 -0.46 -6.06 -0.42
N ASN A 53 -0.67 -6.67 0.73
CA ASN A 53 -1.98 -7.17 1.18
C ASN A 53 -3.06 -6.08 0.99
N ARG A 54 -2.71 -4.85 1.33
CA ARG A 54 -3.64 -3.70 1.19
C ARG A 54 -3.86 -3.36 -0.25
N LEU A 55 -2.79 -3.44 -1.01
CA LEU A 55 -2.84 -3.18 -2.43
C LEU A 55 -3.88 -4.08 -3.09
N CYS A 56 -3.76 -5.35 -2.82
CA CYS A 56 -4.67 -6.34 -3.36
C CYS A 56 -6.09 -6.21 -2.82
N TYR A 57 -6.24 -5.47 -1.75
CA TYR A 57 -7.54 -5.12 -1.23
C TYR A 57 -8.18 -4.08 -2.15
N TYR A 58 -7.35 -3.17 -2.64
CA TYR A 58 -7.77 -2.13 -3.57
C TYR A 58 -8.02 -2.71 -4.96
N LEU A 59 -7.21 -3.70 -5.31
CA LEU A 59 -7.25 -4.34 -6.64
C LEU A 59 -8.32 -5.43 -6.74
N GLY A 60 -9.03 -5.71 -5.66
CA GLY A 60 -10.09 -6.73 -5.72
C GLY A 60 -9.54 -8.12 -5.79
N ALA A 61 -8.33 -8.27 -5.37
CA ALA A 61 -7.63 -9.52 -5.43
C ALA A 61 -7.57 -10.15 -4.05
N THR A 62 -8.59 -9.88 -3.30
CA THR A 62 -8.73 -10.37 -1.95
C THR A 62 -10.17 -10.81 -1.74
N LYS A 63 -10.41 -11.55 -0.69
CA LYS A 63 -11.75 -12.07 -0.41
C LYS A 63 -12.58 -10.98 0.19
N ASP A 64 -11.88 -10.08 0.78
CA ASP A 64 -12.45 -9.09 1.65
C ASP A 64 -12.34 -7.73 0.98
N ALA A 65 -12.27 -7.76 -0.33
CA ALA A 65 -12.05 -6.57 -1.12
C ALA A 65 -13.30 -5.75 -1.30
N ALA A 66 -13.25 -4.54 -0.81
CA ALA A 66 -14.32 -3.59 -1.01
C ALA A 66 -13.88 -2.62 -2.08
N THR A 67 -14.11 -2.99 -3.29
CA THR A 67 -13.74 -2.21 -4.45
C THR A 67 -14.58 -2.66 -5.65
N LYS A 68 -14.14 -2.33 -6.85
CA LYS A 68 -14.88 -2.62 -8.07
C LYS A 68 -13.96 -3.39 -9.04
N ILE A 69 -13.06 -2.64 -9.68
CA ILE A 69 -12.03 -3.16 -10.57
C ILE A 69 -12.59 -3.64 -11.91
N LEU A 70 -12.97 -2.66 -12.72
CA LEU A 70 -13.46 -2.95 -14.08
C LEU A 70 -12.43 -2.44 -15.08
N SER A 71 -12.33 -1.12 -15.17
CA SER A 71 -11.36 -0.48 -16.04
C SER A 71 -10.15 -0.08 -15.23
N GLU A 72 -10.21 -0.41 -13.98
CA GLU A 72 -9.20 -0.09 -13.04
C GLU A 72 -8.15 -1.20 -13.07
N VAL A 73 -6.99 -0.87 -13.60
CA VAL A 73 -5.79 -1.74 -13.57
C VAL A 73 -5.84 -2.92 -14.59
N THR A 74 -6.75 -3.85 -14.38
CA THR A 74 -6.86 -5.05 -15.21
C THR A 74 -7.07 -4.70 -16.70
N ARG A 75 -7.92 -3.73 -16.97
CA ARG A 75 -8.21 -3.32 -18.33
C ARG A 75 -6.97 -2.68 -19.02
N PRO A 76 -6.34 -1.59 -18.45
CA PRO A 76 -5.14 -0.99 -19.04
C PRO A 76 -4.01 -2.02 -19.20
N MET A 77 -3.87 -2.91 -18.22
CA MET A 77 -2.82 -3.93 -18.25
C MET A 77 -3.01 -4.95 -19.38
N SER A 78 -4.19 -5.00 -19.95
CA SER A 78 -4.45 -5.92 -21.03
C SER A 78 -4.24 -5.24 -22.40
N VAL A 79 -3.96 -3.94 -22.40
CA VAL A 79 -3.80 -3.21 -23.65
C VAL A 79 -2.40 -2.54 -23.68
N HIS A 80 -1.44 -3.27 -23.14
CA HIS A 80 -0.03 -2.84 -23.07
C HIS A 80 0.14 -1.54 -22.29
N MET A 81 -0.21 -1.61 -21.04
CA MET A 81 -0.08 -0.54 -20.08
C MET A 81 0.84 -0.90 -18.94
N PRO A 82 2.12 -0.97 -19.21
CA PRO A 82 3.12 -1.45 -18.24
C PRO A 82 2.93 -0.81 -16.86
N ALA A 83 3.31 -1.55 -15.84
CA ALA A 83 3.13 -1.23 -14.40
C ALA A 83 3.81 0.09 -13.95
N MET A 84 4.42 0.76 -14.86
CA MET A 84 5.12 1.98 -14.61
C MET A 84 4.20 3.17 -14.79
N LYS A 85 2.94 2.91 -15.10
CA LYS A 85 1.95 3.97 -15.29
C LYS A 85 0.54 3.35 -15.24
N ILE A 86 0.20 2.84 -14.12
CA ILE A 86 -1.15 2.33 -13.84
C ILE A 86 -1.75 3.05 -12.68
N CYS A 87 -1.15 2.91 -11.54
CA CYS A 87 -1.68 3.47 -10.32
C CYS A 87 -1.29 4.95 -10.23
N GLU A 88 -0.52 5.35 -11.20
CA GLU A 88 -0.23 6.71 -11.44
C GLU A 88 -1.44 7.37 -12.12
N LYS A 89 -2.03 6.63 -13.04
CA LYS A 89 -2.88 7.21 -14.03
C LYS A 89 -4.36 7.14 -13.86
N LEU A 90 -4.95 6.47 -12.91
CA LEU A 90 -6.39 6.73 -12.87
C LEU A 90 -6.65 8.01 -12.05
N LYS A 91 -7.39 7.96 -10.93
CA LYS A 91 -7.39 8.89 -9.78
C LYS A 91 -7.50 8.45 -8.48
N LYS A 92 -8.68 8.66 -8.06
CA LYS A 92 -9.19 8.32 -6.80
C LYS A 92 -9.50 6.80 -6.79
N LEU A 93 -9.34 6.21 -7.95
CA LEU A 93 -9.53 4.81 -8.13
C LEU A 93 -8.30 4.12 -7.54
N ASP A 94 -7.14 4.65 -7.91
CA ASP A 94 -5.83 4.08 -7.55
C ASP A 94 -5.03 5.07 -6.73
N SER A 95 -5.68 6.09 -6.28
CA SER A 95 -5.02 7.21 -5.62
C SER A 95 -4.34 6.73 -4.33
N GLN A 96 -5.08 5.84 -3.66
CA GLN A 96 -4.86 5.34 -2.31
C GLN A 96 -3.71 4.35 -2.23
N ILE A 97 -3.11 4.12 -3.33
CA ILE A 97 -2.09 3.14 -3.44
C ILE A 97 -0.70 3.72 -3.13
N CYS A 98 -0.51 5.01 -3.38
CA CYS A 98 0.78 5.64 -3.16
C CYS A 98 1.18 5.66 -1.68
N GLU A 99 0.21 5.81 -0.81
CA GLU A 99 0.44 5.87 0.64
C GLU A 99 0.93 4.52 1.20
N LEU A 100 0.78 3.44 0.42
CA LEU A 100 1.20 2.10 0.89
C LEU A 100 2.71 2.01 1.03
N LYS A 101 3.42 2.98 0.46
CA LYS A 101 4.87 3.02 0.56
C LYS A 101 5.27 3.40 1.97
N TYR A 102 4.42 4.16 2.59
CA TYR A 102 4.63 4.57 3.93
C TYR A 102 3.62 3.96 4.80
N GLU A 103 2.67 4.71 5.13
CA GLU A 103 1.59 4.26 5.84
C GLU A 103 0.38 5.08 5.43
N LYS A 104 -0.79 4.51 5.61
CA LYS A 104 -2.05 5.10 5.19
C LYS A 104 -2.45 6.32 6.01
N THR A 105 -1.96 6.42 7.21
CA THR A 105 -2.31 7.52 8.07
C THR A 105 -1.23 7.71 9.11
N LEU A 106 -1.13 8.92 9.61
CA LEU A 106 -0.28 9.23 10.67
C LEU A 106 -0.96 10.22 11.58
N ASP A 107 -1.61 9.70 12.54
CA ASP A 107 -2.34 10.40 13.47
C ASP A 107 -1.65 10.35 14.79
N LEU A 108 -0.87 11.35 14.99
CA LEU A 108 -0.03 11.52 16.17
C LEU A 108 -0.83 11.63 17.46
N ALA A 109 -2.12 11.74 17.35
CA ALA A 109 -2.99 11.79 18.51
C ALA A 109 -3.38 10.38 18.96
N SER A 110 -3.07 9.40 18.15
CA SER A 110 -3.35 8.03 18.46
C SER A 110 -2.03 7.28 18.69
N VAL A 111 -0.98 7.78 18.08
CA VAL A 111 0.32 7.15 18.20
C VAL A 111 1.21 7.95 19.13
N ASP A 112 2.01 7.25 19.89
CA ASP A 112 2.86 7.89 20.86
C ASP A 112 4.27 7.68 20.40
N LEU A 113 4.84 8.71 19.90
CA LEU A 113 6.15 8.69 19.29
C LEU A 113 7.25 8.43 20.34
N ARG A 114 6.86 8.51 21.59
CA ARG A 114 7.76 8.42 22.72
C ARG A 114 7.85 6.98 23.18
N LYS A 115 6.77 6.25 23.00
CA LYS A 115 6.71 4.89 23.38
C LYS A 115 7.21 4.01 22.25
N MET A 116 7.06 4.51 21.03
CA MET A 116 7.42 3.78 19.85
C MET A 116 8.95 3.77 19.65
N ARG A 117 9.37 3.08 18.65
CA ARG A 117 10.72 2.86 18.35
C ARG A 117 11.23 3.95 17.43
N VAL A 118 12.52 4.24 17.51
CA VAL A 118 13.10 5.29 16.77
C VAL A 118 13.16 4.99 15.27
N ALA A 119 13.26 3.75 14.97
CA ALA A 119 13.26 3.26 13.59
C ALA A 119 11.98 3.67 12.87
N GLU A 120 10.88 3.61 13.60
CA GLU A 120 9.58 4.01 13.09
C GLU A 120 9.57 5.50 12.93
N LEU A 121 10.11 6.16 13.93
CA LEU A 121 10.32 7.60 13.90
C LEU A 121 11.08 8.01 12.67
N LYS A 122 12.17 7.28 12.39
CA LYS A 122 12.95 7.49 11.24
C LYS A 122 12.12 7.37 9.96
N GLN A 123 11.22 6.42 9.92
CA GLN A 123 10.32 6.27 8.77
C GLN A 123 9.43 7.52 8.66
N ILE A 124 8.95 7.96 9.81
CA ILE A 124 8.12 9.16 9.96
C ILE A 124 8.88 10.40 9.45
N LEU A 125 10.12 10.54 9.86
CA LEU A 125 10.94 11.68 9.50
C LEU A 125 11.20 11.70 7.98
N HIS A 126 11.37 10.51 7.41
CA HIS A 126 11.58 10.36 5.98
C HIS A 126 10.31 10.66 5.24
N SER A 127 9.20 10.38 5.89
CA SER A 127 7.90 10.66 5.33
C SER A 127 7.65 12.16 5.38
N TRP A 128 8.32 12.86 6.29
CA TRP A 128 8.18 14.30 6.33
C TRP A 128 9.47 14.98 5.94
N GLY A 129 10.22 14.31 5.04
CA GLY A 129 11.44 14.86 4.41
C GLY A 129 12.34 15.73 5.33
N GLU A 130 12.45 15.37 6.60
CA GLU A 130 13.22 16.19 7.51
C GLU A 130 14.67 15.70 7.60
N GLU A 131 15.44 16.29 8.48
CA GLU A 131 16.84 16.00 8.57
C GLU A 131 17.21 15.60 10.00
N CYS A 132 18.13 14.68 10.13
CA CYS A 132 18.63 14.22 11.42
C CYS A 132 20.13 14.07 11.34
N ARG A 133 20.86 15.02 11.92
CA ARG A 133 22.33 14.97 11.90
C ARG A 133 22.85 14.29 13.15
N ALA A 134 22.16 14.51 14.24
CA ALA A 134 22.51 13.95 15.52
C ALA A 134 21.27 13.87 16.34
N CYS A 135 20.79 12.68 16.54
CA CYS A 135 19.58 12.44 17.29
C CYS A 135 19.86 11.22 18.16
N ALA A 136 19.43 11.24 19.40
CA ALA A 136 19.73 10.15 20.31
C ALA A 136 18.53 9.21 20.56
N GLU A 137 17.57 9.67 21.35
CA GLU A 137 16.43 8.86 21.72
C GLU A 137 15.27 9.05 20.75
N LYS A 138 14.12 8.65 21.17
CA LYS A 138 12.97 8.75 20.35
C LYS A 138 12.30 10.09 20.58
N THR A 139 12.33 10.54 21.84
CA THR A 139 11.69 11.78 22.24
C THR A 139 12.44 12.96 21.62
N ASP A 140 13.67 12.66 21.25
CA ASP A 140 14.58 13.53 20.52
C ASP A 140 13.88 13.99 19.25
N TYR A 141 13.46 13.00 18.45
CA TYR A 141 12.75 13.24 17.21
C TYR A 141 11.42 13.86 17.50
N VAL A 142 10.76 13.37 18.55
CA VAL A 142 9.43 13.83 18.95
C VAL A 142 9.40 15.34 19.11
N ASN A 143 10.40 15.88 19.78
CA ASN A 143 10.50 17.33 20.00
C ASN A 143 10.45 18.11 18.69
N LEU A 144 11.01 17.54 17.64
CA LEU A 144 11.01 18.19 16.34
C LEU A 144 9.72 17.87 15.61
N ILE A 145 9.33 16.61 15.67
CA ILE A 145 8.10 16.11 15.07
C ILE A 145 6.88 16.96 15.49
N GLN A 146 6.83 17.33 16.76
CA GLN A 146 5.76 18.13 17.30
C GLN A 146 5.62 19.53 16.63
N GLU A 147 6.70 20.09 16.11
CA GLU A 147 6.61 21.42 15.49
C GLU A 147 6.25 21.24 14.00
N LEU A 148 6.73 20.15 13.43
CA LEU A 148 6.52 19.82 12.04
C LEU A 148 5.12 19.26 11.82
N ALA A 149 4.58 18.70 12.89
CA ALA A 149 3.27 18.05 12.91
C ALA A 149 2.15 18.83 12.20
N PRO A 150 1.76 20.05 12.64
CA PRO A 150 0.61 20.77 12.03
C PRO A 150 0.92 21.30 10.63
N LYS A 151 2.18 21.25 10.26
CA LYS A 151 2.62 21.72 8.99
C LYS A 151 2.50 20.63 7.92
N TYR A 152 2.50 19.39 8.36
CA TYR A 152 2.30 18.27 7.48
C TYR A 152 0.94 17.65 7.70
N ALA A 153 0.64 17.40 8.94
CA ALA A 153 -0.60 16.80 9.31
C ALA A 153 -1.55 17.86 9.80
N ALA A 154 -2.33 18.35 8.90
CA ALA A 154 -3.31 19.36 9.23
C ALA A 154 -4.68 18.72 9.31
N THR A 155 -4.67 17.43 9.33
CA THR A 155 -5.82 16.65 9.38
C THR A 155 -5.50 15.29 10.01
N HIS A 156 -6.43 14.82 10.78
CA HIS A 156 -6.45 13.51 11.34
C HIS A 156 -7.64 12.78 10.72
N PRO A 157 -7.73 11.45 10.88
CA PRO A 157 -8.84 10.63 10.34
C PRO A 157 -10.24 11.04 10.84
N LYS A 158 -10.74 12.08 10.24
CA LYS A 158 -12.06 12.58 10.42
C LYS A 158 -12.60 13.04 9.06
N THR A 159 -13.82 13.53 9.03
CA THR A 159 -14.51 13.94 7.82
C THR A 159 -13.83 15.13 7.10
N GLU A 160 -14.32 15.45 5.91
CA GLU A 160 -13.85 16.56 5.13
C GLU A 160 -14.21 17.84 5.83
N LEU A 161 -15.29 17.73 6.48
CA LEU A 161 -15.87 18.76 7.30
C LEU A 161 -15.37 18.54 8.70
N GLN A 1 21.15 6.42 -17.10
CA GLN A 1 20.34 5.34 -17.67
C GLN A 1 18.90 5.62 -17.32
N GLU A 2 18.02 4.71 -17.63
CA GLU A 2 16.65 4.81 -17.38
C GLU A 2 16.24 3.36 -17.45
N ALA A 3 15.13 3.07 -16.97
CA ALA A 3 14.56 1.75 -16.94
C ALA A 3 14.10 1.35 -18.33
N GLY A 4 13.55 2.30 -19.03
CA GLY A 4 13.03 2.05 -20.36
C GLY A 4 11.54 2.28 -20.39
N GLY A 5 11.10 3.24 -19.63
CA GLY A 5 9.69 3.52 -19.55
C GLY A 5 9.29 4.03 -18.18
N ARG A 6 10.28 4.60 -17.45
CA ARG A 6 10.15 5.13 -16.12
C ARG A 6 10.10 4.08 -14.98
N PRO A 7 10.98 4.26 -13.94
CA PRO A 7 11.03 3.39 -12.77
C PRO A 7 9.97 3.83 -11.77
N GLY A 8 10.21 3.53 -10.46
CA GLY A 8 9.30 3.92 -9.37
C GLY A 8 8.75 5.31 -9.57
N ALA A 9 9.57 6.32 -9.30
CA ALA A 9 9.32 7.70 -9.76
C ALA A 9 7.96 8.31 -9.39
N ASP A 10 7.08 8.03 -10.26
CA ASP A 10 5.69 8.47 -10.31
C ASP A 10 4.85 7.95 -9.14
N CYS A 11 5.21 6.77 -8.66
CA CYS A 11 4.50 6.14 -7.57
C CYS A 11 5.39 5.16 -6.85
N GLU A 12 4.96 4.71 -5.72
CA GLU A 12 5.61 3.66 -5.04
C GLU A 12 4.69 2.44 -5.02
N VAL A 13 3.43 2.64 -4.63
CA VAL A 13 2.49 1.53 -4.47
C VAL A 13 2.22 0.77 -5.79
N CYS A 14 1.71 1.46 -6.83
CA CYS A 14 1.45 0.75 -8.11
C CYS A 14 2.78 0.34 -8.76
N LYS A 15 3.78 1.20 -8.57
CA LYS A 15 5.10 1.07 -9.21
C LYS A 15 6.03 0.04 -8.55
N GLU A 16 5.59 -0.62 -7.51
CA GLU A 16 6.46 -1.58 -6.86
C GLU A 16 5.90 -2.99 -7.09
N PHE A 17 4.85 -3.31 -6.35
CA PHE A 17 4.24 -4.62 -6.32
C PHE A 17 3.81 -5.10 -7.71
N LEU A 18 3.25 -4.19 -8.48
CA LEU A 18 2.67 -4.54 -9.74
C LEU A 18 3.63 -4.39 -10.89
N ASN A 19 4.82 -3.87 -10.60
CA ASN A 19 5.87 -3.91 -11.59
C ASN A 19 6.59 -5.22 -11.48
N ARG A 20 6.65 -5.74 -10.26
CA ARG A 20 7.14 -7.07 -10.04
C ARG A 20 6.12 -8.07 -10.55
N PHE A 21 4.84 -7.67 -10.51
CA PHE A 21 3.77 -8.47 -11.08
C PHE A 21 3.99 -8.58 -12.58
N TYR A 22 4.30 -7.47 -13.24
CA TYR A 22 4.67 -7.49 -14.66
C TYR A 22 5.79 -8.49 -14.94
N LYS A 23 6.78 -8.51 -14.07
CA LYS A 23 7.87 -9.47 -14.18
C LYS A 23 7.37 -10.90 -13.97
N SER A 24 6.33 -11.08 -13.19
CA SER A 24 5.83 -12.35 -12.90
C SER A 24 5.06 -12.87 -14.11
N LEU A 25 4.73 -11.96 -14.99
CA LEU A 25 4.16 -12.24 -16.24
C LEU A 25 5.27 -12.52 -17.27
N ILE A 26 5.97 -11.48 -17.63
CA ILE A 26 6.99 -11.49 -18.71
C ILE A 26 8.10 -12.50 -18.47
N ASP A 27 8.57 -12.51 -17.25
CA ASP A 27 9.84 -13.18 -16.88
C ASP A 27 9.58 -14.60 -16.48
N ARG A 28 8.41 -14.83 -15.92
CA ARG A 28 8.04 -16.15 -15.44
C ARG A 28 7.50 -17.00 -16.59
N GLY A 29 7.33 -16.38 -17.75
CA GLY A 29 6.91 -17.10 -18.92
C GLY A 29 5.42 -17.18 -19.02
N VAL A 30 4.76 -16.13 -18.64
CA VAL A 30 3.34 -16.09 -18.67
C VAL A 30 2.87 -15.21 -19.80
N ASN A 31 1.87 -15.68 -20.48
CA ASN A 31 1.30 -14.99 -21.59
C ASN A 31 0.28 -13.98 -21.10
N PHE A 32 0.24 -12.85 -21.75
CA PHE A 32 -0.64 -11.79 -21.40
C PHE A 32 -2.05 -12.00 -21.99
N SER A 33 -2.75 -12.99 -21.47
CA SER A 33 -4.09 -13.27 -21.86
C SER A 33 -5.03 -12.78 -20.78
N LEU A 34 -6.28 -12.47 -21.16
CA LEU A 34 -7.30 -12.03 -20.21
C LEU A 34 -7.43 -13.00 -19.05
N ASP A 35 -7.70 -14.24 -19.37
CA ASP A 35 -7.79 -15.33 -18.39
C ASP A 35 -6.50 -15.44 -17.56
N THR A 36 -5.44 -15.55 -18.27
CA THR A 36 -4.14 -15.82 -17.73
C THR A 36 -3.64 -14.72 -16.77
N ILE A 37 -3.70 -13.45 -17.14
CA ILE A 37 -3.23 -12.42 -16.21
C ILE A 37 -4.19 -12.26 -15.06
N GLU A 38 -5.49 -12.31 -15.35
CA GLU A 38 -6.49 -11.99 -14.34
C GLU A 38 -6.42 -13.00 -13.20
N LYS A 39 -6.10 -14.23 -13.55
CA LYS A 39 -5.93 -15.29 -12.59
C LYS A 39 -4.64 -15.15 -11.79
N GLU A 40 -3.54 -14.77 -12.47
CA GLU A 40 -2.27 -14.56 -11.76
C GLU A 40 -2.35 -13.38 -10.81
N LEU A 41 -3.20 -12.44 -11.12
CA LEU A 41 -3.40 -11.24 -10.31
C LEU A 41 -3.84 -11.65 -8.90
N ILE A 42 -4.92 -12.42 -8.82
CA ILE A 42 -5.47 -12.88 -7.56
C ILE A 42 -4.44 -13.65 -6.74
N SER A 43 -3.75 -14.56 -7.39
CA SER A 43 -2.74 -15.35 -6.71
C SER A 43 -1.53 -14.52 -6.27
N PHE A 44 -1.15 -13.57 -7.07
CA PHE A 44 -0.02 -12.71 -6.77
C PHE A 44 -0.37 -11.83 -5.57
N CYS A 45 -1.62 -11.43 -5.49
CA CYS A 45 -2.10 -10.62 -4.40
C CYS A 45 -2.39 -11.44 -3.14
N LEU A 46 -2.08 -12.74 -3.13
CA LEU A 46 -2.28 -13.56 -1.91
C LEU A 46 -1.46 -13.07 -0.74
N ASP A 47 -0.43 -12.30 -1.00
CA ASP A 47 0.42 -11.79 0.06
C ASP A 47 -0.17 -10.55 0.70
N THR A 48 -0.84 -9.76 -0.12
CA THR A 48 -1.19 -8.40 0.18
C THR A 48 -1.70 -8.08 1.58
N LYS A 49 -0.90 -7.31 2.23
CA LYS A 49 -1.07 -6.88 3.57
C LYS A 49 -0.85 -5.40 3.62
N GLY A 50 -1.09 -4.80 4.78
CA GLY A 50 -0.87 -3.38 4.99
C GLY A 50 -1.61 -2.48 4.02
N LYS A 51 -0.86 -1.72 3.28
CA LYS A 51 -1.36 -0.72 2.35
C LYS A 51 -1.71 -1.40 1.05
N GLU A 52 -0.85 -2.31 0.68
CA GLU A 52 -0.91 -3.12 -0.52
C GLU A 52 -2.17 -3.94 -0.51
N ASN A 53 -2.56 -4.33 0.68
CA ASN A 53 -3.85 -5.01 0.91
C ASN A 53 -5.01 -4.20 0.33
N ARG A 54 -4.98 -2.86 0.54
CA ARG A 54 -6.01 -1.97 -0.02
C ARG A 54 -5.93 -2.00 -1.52
N LEU A 55 -4.70 -1.89 -2.01
CA LEU A 55 -4.40 -1.89 -3.44
C LEU A 55 -5.08 -3.05 -4.15
N CYS A 56 -4.78 -4.27 -3.73
CA CYS A 56 -5.37 -5.45 -4.35
C CYS A 56 -6.87 -5.57 -4.06
N TYR A 57 -7.32 -4.97 -2.97
CA TYR A 57 -8.74 -4.87 -2.66
C TYR A 57 -9.43 -3.99 -3.69
N TYR A 58 -8.73 -2.95 -4.11
CA TYR A 58 -9.19 -2.00 -5.12
C TYR A 58 -9.26 -2.65 -6.48
N LEU A 59 -8.46 -3.68 -6.66
CA LEU A 59 -8.32 -4.35 -7.94
C LEU A 59 -9.21 -5.57 -8.09
N GLY A 60 -9.89 -5.93 -7.04
CA GLY A 60 -10.77 -7.09 -7.13
C GLY A 60 -10.02 -8.39 -6.99
N ALA A 61 -8.88 -8.34 -6.34
CA ALA A 61 -8.05 -9.52 -6.17
C ALA A 61 -8.22 -10.11 -4.78
N THR A 62 -9.27 -9.69 -4.11
CA THR A 62 -9.58 -10.16 -2.79
C THR A 62 -11.01 -10.68 -2.76
N LYS A 63 -11.37 -11.38 -1.70
CA LYS A 63 -12.69 -11.99 -1.60
C LYS A 63 -13.74 -10.95 -1.19
N ASP A 64 -13.24 -9.83 -0.74
CA ASP A 64 -14.08 -8.80 -0.16
C ASP A 64 -14.28 -7.68 -1.15
N ALA A 65 -13.80 -7.88 -2.35
CA ALA A 65 -13.77 -6.83 -3.33
C ALA A 65 -15.06 -6.68 -4.11
N ALA A 66 -15.58 -5.50 -4.06
CA ALA A 66 -16.76 -5.07 -4.81
C ALA A 66 -16.47 -3.66 -5.28
N THR A 67 -15.20 -3.44 -5.51
CA THR A 67 -14.63 -2.17 -5.81
C THR A 67 -14.81 -1.68 -7.26
N LYS A 68 -14.38 -0.45 -7.48
CA LYS A 68 -14.51 0.28 -8.72
C LYS A 68 -13.48 -0.17 -9.79
N ILE A 69 -13.65 -1.37 -10.27
CA ILE A 69 -12.87 -1.91 -11.35
C ILE A 69 -13.76 -2.57 -12.39
N LEU A 70 -14.22 -1.76 -13.33
CA LEU A 70 -15.20 -2.17 -14.34
C LEU A 70 -14.53 -2.71 -15.60
N SER A 71 -13.24 -2.72 -15.56
CA SER A 71 -12.38 -3.26 -16.59
C SER A 71 -11.55 -4.35 -16.00
N GLU A 72 -11.84 -4.62 -14.74
CA GLU A 72 -11.10 -5.50 -13.90
C GLU A 72 -9.69 -4.96 -13.76
N VAL A 73 -8.75 -5.56 -14.45
CA VAL A 73 -7.33 -5.22 -14.36
C VAL A 73 -6.57 -5.73 -15.56
N THR A 74 -6.88 -6.89 -16.03
CA THR A 74 -6.14 -7.45 -17.12
C THR A 74 -6.37 -6.75 -18.48
N ARG A 75 -7.57 -6.26 -18.73
CA ARG A 75 -7.80 -5.47 -19.97
C ARG A 75 -6.95 -4.13 -19.90
N PRO A 76 -7.08 -3.34 -18.78
CA PRO A 76 -6.34 -2.08 -18.51
C PRO A 76 -5.07 -2.28 -17.68
N MET A 77 -4.44 -3.44 -17.80
CA MET A 77 -3.19 -3.91 -17.03
C MET A 77 -2.08 -2.90 -16.72
N SER A 78 -2.19 -1.72 -17.08
CA SER A 78 -1.21 -0.76 -16.72
C SER A 78 -1.75 0.46 -15.88
N VAL A 79 -3.09 0.57 -15.64
CA VAL A 79 -3.74 1.78 -15.05
C VAL A 79 -3.60 1.90 -13.58
N HIS A 80 -4.64 2.19 -12.90
CA HIS A 80 -4.62 2.38 -11.43
C HIS A 80 -4.52 1.00 -10.77
N MET A 81 -3.89 0.15 -11.49
CA MET A 81 -3.63 -1.12 -11.19
C MET A 81 -2.10 -1.34 -11.24
N PRO A 82 -1.48 -2.05 -12.20
CA PRO A 82 -0.04 -1.98 -12.38
C PRO A 82 0.46 -0.66 -12.83
N ALA A 83 1.72 -0.61 -13.06
CA ALA A 83 2.33 0.65 -13.12
C ALA A 83 3.05 1.03 -14.35
N MET A 84 3.09 0.22 -15.38
CA MET A 84 3.98 0.59 -16.40
C MET A 84 3.44 1.68 -17.19
N LYS A 85 2.14 1.68 -17.41
CA LYS A 85 1.70 2.63 -18.43
C LYS A 85 0.37 3.39 -18.29
N ILE A 86 -0.51 3.09 -17.36
CA ILE A 86 -1.69 3.94 -17.36
C ILE A 86 -1.81 4.65 -16.01
N CYS A 87 -1.23 4.03 -14.96
CA CYS A 87 -1.07 4.64 -13.58
C CYS A 87 -0.33 5.98 -13.76
N GLU A 88 0.52 5.98 -14.78
CA GLU A 88 1.29 7.11 -15.28
C GLU A 88 0.39 8.34 -15.47
N LYS A 89 -0.76 8.12 -16.07
CA LYS A 89 -1.60 9.18 -16.49
C LYS A 89 -2.97 9.28 -15.79
N LEU A 90 -3.66 8.18 -15.65
CA LEU A 90 -5.07 8.19 -15.21
C LEU A 90 -5.29 8.28 -13.70
N LYS A 91 -4.23 8.38 -12.89
CA LYS A 91 -4.40 8.54 -11.40
C LYS A 91 -5.34 9.65 -10.99
N LYS A 92 -5.52 10.63 -11.83
CA LYS A 92 -6.43 11.75 -11.55
C LYS A 92 -7.88 11.26 -11.47
N LEU A 93 -8.13 10.11 -12.04
CA LEU A 93 -9.47 9.54 -12.11
C LEU A 93 -9.77 8.72 -10.86
N ASP A 94 -8.72 8.31 -10.18
CA ASP A 94 -8.81 7.62 -8.90
C ASP A 94 -7.41 7.54 -8.31
N SER A 95 -7.13 8.43 -7.40
CA SER A 95 -5.80 8.53 -6.83
C SER A 95 -5.63 7.61 -5.61
N GLN A 96 -6.74 7.02 -5.14
CA GLN A 96 -6.74 6.22 -3.90
C GLN A 96 -5.76 5.06 -3.99
N ILE A 97 -5.53 4.61 -5.20
CA ILE A 97 -4.64 3.53 -5.50
C ILE A 97 -3.18 3.85 -5.13
N CYS A 98 -2.71 5.00 -5.54
CA CYS A 98 -1.33 5.34 -5.30
C CYS A 98 -1.21 6.14 -4.01
N GLU A 99 -2.25 6.85 -3.67
CA GLU A 99 -2.29 7.70 -2.52
C GLU A 99 -2.68 6.94 -1.26
N LEU A 100 -2.29 5.67 -1.23
CA LEU A 100 -2.41 4.80 -0.04
C LEU A 100 -1.31 5.19 0.95
N LYS A 101 -0.54 6.19 0.53
CA LYS A 101 0.55 6.80 1.28
C LYS A 101 0.07 7.34 2.63
N TYR A 102 -1.18 7.75 2.64
CA TYR A 102 -1.80 8.47 3.76
C TYR A 102 -2.70 7.58 4.55
N GLU A 103 -2.66 6.33 4.23
CA GLU A 103 -3.47 5.37 4.94
C GLU A 103 -3.11 5.23 6.41
N LYS A 104 -4.07 4.75 7.15
CA LYS A 104 -4.02 4.65 8.61
C LYS A 104 -3.23 3.42 9.05
N THR A 105 -2.86 2.62 8.09
CA THR A 105 -2.17 1.43 8.37
C THR A 105 -0.68 1.68 8.40
N LEU A 106 -0.04 1.10 9.36
CA LEU A 106 1.36 1.20 9.53
C LEU A 106 1.87 -0.20 9.47
N ASP A 107 2.87 -0.45 8.66
CA ASP A 107 3.40 -1.74 8.50
C ASP A 107 4.26 -2.12 9.67
N LEU A 108 3.59 -2.47 10.72
CA LEU A 108 4.16 -2.97 11.96
C LEU A 108 4.79 -4.35 11.75
N ALA A 109 4.69 -4.83 10.57
CA ALA A 109 5.33 -6.04 10.13
C ALA A 109 6.80 -5.75 9.82
N SER A 110 7.08 -4.51 9.58
CA SER A 110 8.38 -4.05 9.23
C SER A 110 9.07 -3.31 10.36
N VAL A 111 8.32 -2.98 11.37
CA VAL A 111 8.85 -2.17 12.42
C VAL A 111 8.43 -2.75 13.76
N ASP A 112 9.17 -2.44 14.79
CA ASP A 112 8.93 -3.02 16.10
C ASP A 112 8.95 -1.94 17.11
N LEU A 113 7.85 -1.79 17.76
CA LEU A 113 7.59 -0.75 18.71
C LEU A 113 8.50 -0.87 19.94
N ARG A 114 9.01 -2.08 20.23
CA ARG A 114 9.88 -2.24 21.38
C ARG A 114 11.35 -2.06 21.02
N LYS A 115 11.67 -2.05 19.73
CA LYS A 115 12.99 -1.80 19.31
C LYS A 115 13.19 -0.31 19.13
N MET A 116 12.14 0.34 18.72
CA MET A 116 12.14 1.74 18.42
C MET A 116 11.87 2.58 19.67
N ARG A 117 11.92 3.87 19.53
CA ARG A 117 11.84 4.78 20.59
C ARG A 117 10.39 5.08 20.95
N VAL A 118 10.16 5.42 22.20
CA VAL A 118 8.88 5.72 22.71
C VAL A 118 8.32 6.98 22.05
N ALA A 119 9.23 7.88 21.80
CA ALA A 119 8.98 9.16 21.11
C ALA A 119 8.31 8.93 19.78
N GLU A 120 8.78 7.92 19.06
CA GLU A 120 8.22 7.53 17.79
C GLU A 120 6.81 7.11 17.97
N LEU A 121 6.65 6.24 18.91
CA LEU A 121 5.38 5.71 19.34
C LEU A 121 4.44 6.83 19.79
N LYS A 122 4.98 7.83 20.43
CA LYS A 122 4.23 8.95 20.83
C LYS A 122 3.62 9.71 19.66
N GLN A 123 4.32 9.83 18.57
CA GLN A 123 3.72 10.42 17.38
C GLN A 123 2.72 9.44 16.75
N ILE A 124 3.01 8.14 16.83
CA ILE A 124 2.12 7.07 16.33
C ILE A 124 0.76 7.16 17.00
N LEU A 125 0.75 7.40 18.30
CA LEU A 125 -0.48 7.47 19.07
C LEU A 125 -1.34 8.65 18.58
N HIS A 126 -0.67 9.71 18.16
CA HIS A 126 -1.35 10.91 17.69
C HIS A 126 -1.79 10.72 16.27
N SER A 127 -1.14 9.80 15.58
CA SER A 127 -1.50 9.46 14.24
C SER A 127 -2.75 8.58 14.29
N TRP A 128 -2.86 7.78 15.35
CA TRP A 128 -4.04 6.98 15.51
C TRP A 128 -4.95 7.53 16.60
N GLY A 129 -4.95 8.87 16.76
CA GLY A 129 -5.85 9.60 17.69
C GLY A 129 -6.25 8.81 18.93
N GLU A 130 -5.29 8.19 19.58
CA GLU A 130 -5.60 7.29 20.68
C GLU A 130 -5.48 7.95 22.04
N GLU A 131 -5.85 7.19 23.05
CA GLU A 131 -5.88 7.61 24.42
C GLU A 131 -4.67 7.03 25.15
N CYS A 132 -3.92 7.89 25.79
CA CYS A 132 -2.70 7.50 26.48
C CYS A 132 -2.64 8.24 27.81
N ARG A 133 -2.73 7.49 28.90
CA ARG A 133 -2.70 8.10 30.23
C ARG A 133 -1.47 7.71 31.00
N ALA A 134 -0.62 6.93 30.40
CA ALA A 134 0.63 6.56 31.01
C ALA A 134 1.72 7.26 30.25
N CYS A 135 1.94 6.82 29.01
CA CYS A 135 2.87 7.46 28.08
C CYS A 135 4.27 7.33 28.60
N ALA A 136 4.53 6.18 29.10
CA ALA A 136 5.72 5.91 29.79
C ALA A 136 6.79 5.30 28.89
N GLU A 137 6.69 4.02 28.68
CA GLU A 137 7.68 3.31 27.95
C GLU A 137 7.16 2.79 26.67
N LYS A 138 8.07 2.35 25.87
CA LYS A 138 7.78 1.73 24.60
C LYS A 138 6.81 0.57 24.76
N THR A 139 7.03 -0.25 25.81
CA THR A 139 6.23 -1.44 26.08
C THR A 139 4.75 -1.07 26.34
N ASP A 140 4.58 0.09 26.97
CA ASP A 140 3.26 0.69 27.26
C ASP A 140 2.50 0.86 25.96
N TYR A 141 3.21 1.41 25.01
CA TYR A 141 2.67 1.63 23.70
C TYR A 141 2.49 0.35 22.94
N VAL A 142 3.42 -0.59 23.11
CA VAL A 142 3.37 -1.86 22.41
C VAL A 142 2.06 -2.56 22.62
N ASN A 143 1.62 -2.66 23.87
CA ASN A 143 0.37 -3.38 24.16
C ASN A 143 -0.80 -2.71 23.46
N LEU A 144 -0.78 -1.39 23.53
CA LEU A 144 -1.89 -0.57 23.10
C LEU A 144 -1.92 -0.51 21.57
N ILE A 145 -0.76 -0.40 20.98
CA ILE A 145 -0.63 -0.36 19.54
C ILE A 145 -1.12 -1.67 18.90
N GLN A 146 -0.88 -2.79 19.56
CA GLN A 146 -1.32 -4.08 19.05
C GLN A 146 -2.83 -4.23 19.11
N GLU A 147 -3.43 -3.76 20.19
CA GLU A 147 -4.88 -3.89 20.36
C GLU A 147 -5.63 -2.89 19.46
N LEU A 148 -4.99 -1.77 19.18
CA LEU A 148 -5.57 -0.74 18.32
C LEU A 148 -5.28 -1.01 16.86
N ALA A 149 -4.32 -1.88 16.60
CA ALA A 149 -3.90 -2.23 15.25
C ALA A 149 -5.06 -2.61 14.32
N PRO A 150 -5.96 -3.57 14.66
CA PRO A 150 -7.08 -3.95 13.76
C PRO A 150 -8.08 -2.80 13.52
N LYS A 151 -8.02 -1.78 14.35
CA LYS A 151 -8.96 -0.68 14.30
C LYS A 151 -8.39 0.46 13.40
N TYR A 152 -7.13 0.32 12.98
CA TYR A 152 -6.49 1.30 12.14
C TYR A 152 -5.81 0.68 10.95
N ALA A 153 -5.03 -0.35 11.21
CA ALA A 153 -4.35 -1.07 10.17
C ALA A 153 -5.34 -1.82 9.32
N ALA A 154 -6.45 -2.27 9.98
CA ALA A 154 -7.60 -2.93 9.31
C ALA A 154 -7.15 -4.12 8.46
N THR A 155 -6.06 -4.70 8.85
CA THR A 155 -5.48 -5.76 8.13
C THR A 155 -6.19 -7.08 8.27
N HIS A 156 -6.49 -7.65 7.13
CA HIS A 156 -6.95 -8.97 7.00
C HIS A 156 -5.94 -9.92 7.68
N PRO A 157 -6.40 -11.07 8.18
CA PRO A 157 -5.55 -12.07 8.81
C PRO A 157 -4.59 -12.66 7.80
N LYS A 158 -3.51 -11.99 7.66
CA LYS A 158 -2.48 -12.31 6.78
C LYS A 158 -1.15 -12.21 7.46
N THR A 159 -0.25 -12.94 6.94
CA THR A 159 1.12 -12.96 7.31
C THR A 159 1.91 -13.09 6.02
N GLU A 160 3.17 -13.47 6.11
CA GLU A 160 4.03 -13.69 4.96
C GLU A 160 3.70 -15.04 4.30
N LEU A 161 2.68 -15.57 4.81
CA LEU A 161 2.03 -16.75 4.43
C LEU A 161 0.59 -16.38 4.32
N GLN A 1 18.90 7.76 -16.21
CA GLN A 1 17.47 7.86 -15.79
C GLN A 1 17.05 9.33 -15.70
N GLU A 2 17.77 10.16 -16.41
CA GLU A 2 17.66 11.60 -16.36
C GLU A 2 17.56 12.16 -17.79
N ALA A 3 18.47 11.73 -18.66
CA ALA A 3 18.45 12.15 -20.06
C ALA A 3 17.87 11.02 -20.89
N GLY A 4 17.53 9.97 -20.22
CA GLY A 4 16.97 8.81 -20.83
C GLY A 4 16.62 7.80 -19.78
N GLY A 5 15.46 7.20 -19.91
CA GLY A 5 15.03 6.21 -18.97
C GLY A 5 13.57 6.38 -18.65
N ARG A 6 13.14 5.81 -17.56
CA ARG A 6 11.78 5.91 -17.14
C ARG A 6 11.72 6.28 -15.68
N PRO A 7 11.11 7.42 -15.37
CA PRO A 7 10.97 7.89 -14.01
C PRO A 7 9.78 7.22 -13.30
N GLY A 8 9.68 7.46 -12.01
CA GLY A 8 8.65 6.86 -11.21
C GLY A 8 7.30 7.51 -11.41
N ALA A 9 7.34 8.81 -11.78
CA ALA A 9 6.15 9.64 -11.97
C ALA A 9 5.49 9.91 -10.62
N ASP A 10 4.30 10.45 -10.61
CA ASP A 10 3.63 10.72 -9.35
C ASP A 10 2.82 9.51 -8.93
N CYS A 11 2.16 8.89 -9.87
CA CYS A 11 1.55 7.59 -9.66
C CYS A 11 2.65 6.56 -9.85
N GLU A 12 3.39 6.25 -8.80
CA GLU A 12 4.54 5.39 -8.93
C GLU A 12 4.13 3.93 -8.92
N VAL A 13 3.81 3.47 -7.70
CA VAL A 13 3.62 2.05 -7.27
C VAL A 13 3.13 1.06 -8.35
N CYS A 14 2.18 1.49 -9.17
CA CYS A 14 1.64 0.64 -10.22
C CYS A 14 2.69 0.15 -11.22
N LYS A 15 3.75 0.93 -11.43
CA LYS A 15 4.72 0.59 -12.45
C LYS A 15 5.71 -0.47 -12.01
N GLU A 16 5.99 -0.55 -10.72
CA GLU A 16 6.85 -1.61 -10.23
C GLU A 16 6.02 -2.85 -9.98
N PHE A 17 4.91 -2.66 -9.28
CA PHE A 17 4.06 -3.75 -8.84
C PHE A 17 3.47 -4.56 -9.99
N LEU A 18 2.80 -3.90 -10.92
CA LEU A 18 2.14 -4.62 -12.00
C LEU A 18 3.15 -5.19 -12.99
N ASN A 19 4.36 -4.68 -12.92
CA ASN A 19 5.43 -5.14 -13.79
C ASN A 19 5.92 -6.48 -13.24
N ARG A 20 6.16 -6.49 -11.93
CA ARG A 20 6.51 -7.69 -11.19
C ARG A 20 5.44 -8.75 -11.39
N PHE A 21 4.21 -8.27 -11.42
CA PHE A 21 3.06 -9.11 -11.52
C PHE A 21 3.05 -9.96 -12.79
N TYR A 22 3.40 -9.41 -13.94
CA TYR A 22 3.38 -10.21 -15.16
C TYR A 22 4.35 -11.42 -15.12
N LYS A 23 5.41 -11.26 -14.40
CA LYS A 23 6.39 -12.30 -14.19
C LYS A 23 5.94 -13.21 -13.04
N SER A 24 5.04 -12.75 -12.21
CA SER A 24 4.52 -13.54 -11.20
C SER A 24 3.55 -14.51 -11.85
N LEU A 25 3.09 -14.07 -13.00
CA LEU A 25 2.53 -14.90 -13.96
C LEU A 25 3.71 -15.77 -14.47
N ILE A 26 4.43 -15.32 -15.45
CA ILE A 26 5.67 -15.95 -15.90
C ILE A 26 6.83 -14.97 -15.96
N ASP A 27 6.76 -14.32 -17.05
CA ASP A 27 7.55 -13.32 -17.55
C ASP A 27 6.64 -12.12 -17.84
N ARG A 28 5.61 -12.35 -18.69
CA ARG A 28 4.68 -11.38 -19.04
C ARG A 28 3.14 -11.77 -19.12
N GLY A 29 2.50 -12.26 -18.03
CA GLY A 29 0.99 -12.35 -18.07
C GLY A 29 0.35 -13.78 -18.02
N VAL A 30 1.16 -14.79 -17.92
CA VAL A 30 0.72 -16.20 -17.86
C VAL A 30 0.05 -16.84 -19.01
N ASN A 31 -1.13 -16.69 -19.04
CA ASN A 31 -2.00 -17.28 -20.02
C ASN A 31 -2.71 -16.16 -20.75
N PHE A 32 -2.45 -14.99 -20.23
CA PHE A 32 -2.85 -13.70 -20.72
C PHE A 32 -4.34 -13.60 -21.03
N SER A 33 -5.14 -14.28 -20.26
CA SER A 33 -6.52 -14.27 -20.51
C SER A 33 -7.21 -13.24 -19.67
N LEU A 34 -8.40 -12.90 -20.10
CA LEU A 34 -9.25 -11.98 -19.41
C LEU A 34 -9.50 -12.53 -18.03
N ASP A 35 -9.79 -13.82 -18.00
CA ASP A 35 -9.98 -14.60 -16.76
C ASP A 35 -8.75 -14.57 -15.89
N THR A 36 -7.68 -15.14 -16.40
CA THR A 36 -6.50 -15.38 -15.63
C THR A 36 -5.88 -14.12 -15.06
N ILE A 37 -5.75 -13.09 -15.84
CA ILE A 37 -5.13 -11.90 -15.28
C ILE A 37 -6.05 -11.18 -14.26
N GLU A 38 -7.36 -11.28 -14.46
CA GLU A 38 -8.34 -10.61 -13.60
C GLU A 38 -8.46 -11.37 -12.29
N LYS A 39 -8.11 -12.63 -12.36
CA LYS A 39 -8.17 -13.54 -11.26
C LYS A 39 -6.87 -13.46 -10.44
N GLU A 40 -5.74 -13.63 -11.12
CA GLU A 40 -4.44 -13.72 -10.45
C GLU A 40 -4.01 -12.41 -9.82
N LEU A 41 -4.60 -11.32 -10.24
CA LEU A 41 -4.26 -10.02 -9.71
C LEU A 41 -4.68 -9.98 -8.22
N ILE A 42 -5.85 -10.52 -7.94
CA ILE A 42 -6.39 -10.55 -6.59
C ILE A 42 -5.53 -11.42 -5.67
N SER A 43 -5.12 -12.58 -6.17
CA SER A 43 -4.33 -13.49 -5.40
C SER A 43 -2.89 -13.03 -5.24
N PHE A 44 -2.36 -12.37 -6.25
CA PHE A 44 -1.00 -11.84 -6.17
C PHE A 44 -0.95 -10.74 -5.13
N CYS A 45 -2.06 -10.07 -4.94
CA CYS A 45 -2.15 -9.05 -3.95
C CYS A 45 -2.16 -9.61 -2.52
N LEU A 46 -2.05 -10.92 -2.35
CA LEU A 46 -1.87 -11.51 -1.03
C LEU A 46 -0.48 -11.17 -0.50
N ASP A 47 0.42 -10.89 -1.42
CA ASP A 47 1.79 -10.60 -1.09
C ASP A 47 1.94 -9.17 -0.55
N THR A 48 1.03 -8.33 -0.97
CA THR A 48 1.15 -6.91 -0.82
C THR A 48 1.30 -6.41 0.59
N LYS A 49 2.32 -5.63 0.74
CA LYS A 49 2.74 -5.03 1.95
C LYS A 49 3.30 -3.67 1.62
N GLY A 50 3.22 -2.74 2.56
CA GLY A 50 3.69 -1.38 2.30
C GLY A 50 2.87 -0.70 1.22
N LYS A 51 3.55 -0.01 0.32
CA LYS A 51 2.91 0.72 -0.79
C LYS A 51 2.10 -0.23 -1.69
N GLU A 52 2.60 -1.45 -1.86
CA GLU A 52 1.92 -2.49 -2.62
C GLU A 52 0.56 -2.78 -2.02
N ASN A 53 0.58 -2.94 -0.70
CA ASN A 53 -0.65 -3.24 0.06
C ASN A 53 -1.66 -2.13 -0.12
N ARG A 54 -1.18 -0.88 -0.04
CA ARG A 54 -2.03 0.27 -0.25
C ARG A 54 -2.64 0.24 -1.64
N LEU A 55 -1.81 -0.09 -2.61
CA LEU A 55 -2.18 -0.12 -4.01
C LEU A 55 -3.30 -1.11 -4.26
N CYS A 56 -3.07 -2.34 -3.88
CA CYS A 56 -4.06 -3.41 -4.08
C CYS A 56 -5.35 -3.18 -3.31
N TYR A 57 -5.29 -2.37 -2.30
CA TYR A 57 -6.47 -1.99 -1.58
C TYR A 57 -7.26 -0.98 -2.41
N TYR A 58 -6.56 -0.03 -3.02
CA TYR A 58 -7.17 0.98 -3.89
C TYR A 58 -7.72 0.33 -5.14
N LEU A 59 -6.90 -0.54 -5.74
CA LEU A 59 -7.25 -1.28 -6.97
C LEU A 59 -8.29 -2.35 -6.68
N GLY A 60 -8.64 -2.54 -5.44
CA GLY A 60 -9.68 -3.47 -5.12
C GLY A 60 -9.27 -4.92 -5.26
N ALA A 61 -8.02 -5.15 -5.51
CA ALA A 61 -7.50 -6.47 -5.79
C ALA A 61 -7.19 -7.23 -4.51
N THR A 62 -7.89 -6.89 -3.50
CA THR A 62 -7.73 -7.47 -2.22
C THR A 62 -9.02 -8.13 -1.76
N LYS A 63 -8.93 -8.86 -0.67
CA LYS A 63 -10.04 -9.55 -0.11
C LYS A 63 -10.94 -8.59 0.64
N ASP A 64 -10.34 -7.67 1.31
CA ASP A 64 -11.02 -6.80 2.26
C ASP A 64 -11.41 -5.48 1.61
N ALA A 65 -11.42 -5.46 0.30
CA ALA A 65 -11.81 -4.30 -0.44
C ALA A 65 -13.09 -4.62 -1.18
N ALA A 66 -14.08 -3.74 -1.04
CA ALA A 66 -15.37 -3.92 -1.69
C ALA A 66 -15.24 -3.75 -3.19
N THR A 67 -14.38 -2.87 -3.56
CA THR A 67 -14.07 -2.63 -4.92
C THR A 67 -13.16 -3.70 -5.43
N LYS A 68 -12.96 -3.74 -6.74
CA LYS A 68 -12.12 -4.77 -7.26
C LYS A 68 -11.47 -4.36 -8.57
N ILE A 69 -12.12 -3.40 -9.28
CA ILE A 69 -11.51 -2.67 -10.44
C ILE A 69 -11.03 -3.66 -11.53
N LEU A 70 -11.74 -4.77 -11.57
CA LEU A 70 -11.41 -5.94 -12.36
C LEU A 70 -10.98 -5.64 -13.81
N SER A 71 -11.94 -5.27 -14.61
CA SER A 71 -11.72 -5.13 -16.03
C SER A 71 -11.02 -3.84 -16.42
N GLU A 72 -10.97 -2.89 -15.53
CA GLU A 72 -10.40 -1.59 -15.85
C GLU A 72 -8.86 -1.64 -15.83
N VAL A 73 -8.36 -2.68 -15.19
CA VAL A 73 -6.92 -2.99 -15.15
C VAL A 73 -6.62 -4.20 -16.04
N THR A 74 -7.35 -5.26 -15.85
CA THR A 74 -7.07 -6.50 -16.54
C THR A 74 -7.25 -6.45 -18.04
N ARG A 75 -8.39 -5.96 -18.50
CA ARG A 75 -8.70 -5.98 -19.93
C ARG A 75 -7.64 -5.20 -20.74
N PRO A 76 -7.20 -3.96 -20.30
CA PRO A 76 -6.05 -3.31 -20.89
C PRO A 76 -4.79 -4.22 -20.85
N MET A 77 -4.47 -4.79 -19.68
CA MET A 77 -3.28 -5.66 -19.52
C MET A 77 -3.26 -6.81 -20.52
N SER A 78 -4.39 -7.43 -20.73
CA SER A 78 -4.50 -8.54 -21.66
C SER A 78 -4.36 -8.12 -23.14
N VAL A 79 -4.57 -6.84 -23.45
CA VAL A 79 -4.47 -6.38 -24.83
C VAL A 79 -3.12 -5.62 -25.00
N HIS A 80 -2.11 -6.15 -24.33
CA HIS A 80 -0.75 -5.62 -24.32
C HIS A 80 -0.72 -4.19 -23.76
N MET A 81 -1.12 -4.09 -22.52
CA MET A 81 -1.09 -2.85 -21.77
C MET A 81 -0.22 -2.85 -20.53
N PRO A 82 1.08 -2.88 -20.74
CA PRO A 82 2.07 -3.00 -19.65
C PRO A 82 1.82 -1.97 -18.52
N ALA A 83 2.40 -2.28 -17.36
CA ALA A 83 2.26 -1.52 -16.09
C ALA A 83 2.54 -0.01 -16.22
N MET A 84 3.22 0.38 -17.26
CA MET A 84 3.68 1.73 -17.43
C MET A 84 2.60 2.66 -17.90
N LYS A 85 1.42 2.14 -18.17
CA LYS A 85 0.38 3.00 -18.65
C LYS A 85 -0.98 2.63 -18.05
N ILE A 86 -0.96 2.00 -16.89
CA ILE A 86 -2.23 1.60 -16.27
C ILE A 86 -2.78 2.69 -15.41
N CYS A 87 -2.22 2.89 -14.27
CA CYS A 87 -2.72 3.92 -13.32
C CYS A 87 -2.16 5.28 -13.72
N GLU A 88 -1.98 5.44 -14.99
CA GLU A 88 -1.60 6.66 -15.59
C GLU A 88 -2.60 7.06 -16.61
N LYS A 89 -3.60 6.25 -16.72
CA LYS A 89 -4.59 6.44 -17.73
C LYS A 89 -6.01 6.62 -17.25
N LEU A 90 -6.55 5.75 -16.34
CA LEU A 90 -7.98 5.95 -16.19
C LEU A 90 -8.49 6.94 -15.10
N LYS A 91 -9.18 6.42 -14.08
CA LYS A 91 -9.55 7.17 -12.89
C LYS A 91 -9.24 6.35 -11.74
N LYS A 92 -10.07 5.33 -11.62
CA LYS A 92 -10.07 4.39 -10.48
C LYS A 92 -8.74 3.74 -10.30
N LEU A 93 -8.05 3.55 -11.41
CA LEU A 93 -6.75 2.91 -11.42
C LEU A 93 -5.75 3.75 -10.70
N ASP A 94 -5.99 5.04 -10.75
CA ASP A 94 -5.03 6.00 -10.33
C ASP A 94 -5.61 7.12 -9.51
N SER A 95 -6.80 6.90 -8.99
CA SER A 95 -7.56 7.95 -8.32
C SER A 95 -6.75 8.53 -7.14
N GLN A 96 -6.15 7.62 -6.40
CA GLN A 96 -5.42 7.91 -5.21
C GLN A 96 -3.98 7.46 -5.37
N ILE A 97 -3.65 6.91 -6.52
CA ILE A 97 -2.36 6.27 -6.71
C ILE A 97 -1.24 7.28 -6.94
N CYS A 98 -1.58 8.45 -7.40
CA CYS A 98 -0.59 9.50 -7.49
C CYS A 98 -0.23 10.00 -6.12
N GLU A 99 -1.23 10.32 -5.32
CA GLU A 99 -0.96 10.74 -3.97
C GLU A 99 -1.03 9.48 -3.08
N LEU A 100 -0.17 8.53 -3.40
CA LEU A 100 -0.07 7.27 -2.69
C LEU A 100 1.26 7.25 -2.00
N LYS A 101 2.32 7.09 -2.81
CA LYS A 101 3.69 6.95 -2.36
C LYS A 101 3.85 5.70 -1.51
N TYR A 102 3.75 5.87 -0.23
CA TYR A 102 3.81 4.77 0.68
C TYR A 102 2.54 4.67 1.51
N GLU A 103 2.66 5.11 2.69
CA GLU A 103 1.57 5.27 3.61
C GLU A 103 1.68 6.59 4.33
N LYS A 104 0.62 6.98 5.01
CA LYS A 104 0.55 8.29 5.64
C LYS A 104 -0.24 8.23 6.94
N THR A 105 -0.22 7.09 7.57
CA THR A 105 -0.87 6.87 8.82
C THR A 105 -0.27 5.61 9.40
N LEU A 106 -0.64 5.27 10.60
CA LEU A 106 -0.12 4.10 11.25
C LEU A 106 -1.00 2.93 10.85
N ASP A 107 -0.43 1.99 10.12
CA ASP A 107 -1.13 0.91 9.48
C ASP A 107 -1.73 -0.09 10.41
N LEU A 108 -1.10 -0.18 11.49
CA LEU A 108 -1.33 -1.09 12.55
C LEU A 108 -1.60 -2.57 12.16
N ALA A 109 -1.30 -2.92 10.94
CA ALA A 109 -1.53 -4.28 10.46
C ALA A 109 -0.25 -4.96 9.99
N SER A 110 0.71 -4.18 9.62
CA SER A 110 1.98 -4.67 9.17
C SER A 110 3.01 -4.38 10.26
N VAL A 111 2.68 -3.44 11.11
CA VAL A 111 3.50 -3.11 12.25
C VAL A 111 3.11 -4.02 13.42
N ASP A 112 3.98 -4.15 14.37
CA ASP A 112 3.79 -5.04 15.46
C ASP A 112 3.92 -4.23 16.69
N LEU A 113 3.01 -4.38 17.60
CA LEU A 113 2.99 -3.57 18.77
C LEU A 113 3.68 -4.25 19.94
N ARG A 114 3.98 -5.51 19.79
CA ARG A 114 4.60 -6.27 20.86
C ARG A 114 6.12 -6.22 20.73
N LYS A 115 6.62 -5.87 19.52
CA LYS A 115 8.07 -5.63 19.35
C LYS A 115 8.43 -4.30 19.96
N MET A 116 7.42 -3.56 20.31
CA MET A 116 7.56 -2.28 20.73
C MET A 116 7.83 -2.13 22.21
N ARG A 117 8.18 -0.92 22.56
CA ARG A 117 8.56 -0.54 23.85
C ARG A 117 7.62 0.52 24.20
N VAL A 118 7.24 0.61 25.46
CA VAL A 118 6.25 1.56 25.93
C VAL A 118 6.52 2.97 25.39
N ALA A 119 7.77 3.31 25.42
CA ALA A 119 8.35 4.54 24.85
C ALA A 119 7.91 4.79 23.39
N GLU A 120 8.03 3.75 22.55
CA GLU A 120 7.61 3.81 21.13
C GLU A 120 6.13 4.13 21.08
N LEU A 121 5.41 3.41 21.89
CA LEU A 121 3.96 3.58 22.00
C LEU A 121 3.57 4.94 22.61
N LYS A 122 4.41 5.46 23.47
CA LYS A 122 4.24 6.73 24.06
C LYS A 122 4.37 7.84 23.02
N GLN A 123 5.20 7.61 22.02
CA GLN A 123 5.31 8.55 20.90
C GLN A 123 3.98 8.56 20.12
N ILE A 124 3.42 7.36 19.94
CA ILE A 124 2.16 7.14 19.22
C ILE A 124 1.02 7.93 19.85
N LEU A 125 0.95 7.92 21.16
CA LEU A 125 -0.14 8.59 21.88
C LEU A 125 -0.13 10.11 21.60
N HIS A 126 1.07 10.65 21.46
CA HIS A 126 1.26 12.06 21.21
C HIS A 126 0.98 12.34 19.75
N SER A 127 1.29 11.37 18.92
CA SER A 127 1.01 11.44 17.52
C SER A 127 -0.49 11.38 17.29
N TRP A 128 -1.22 10.78 18.23
CA TRP A 128 -2.66 10.74 18.13
C TRP A 128 -3.28 11.63 19.19
N GLY A 129 -2.57 12.71 19.52
CA GLY A 129 -3.07 13.77 20.41
C GLY A 129 -3.89 13.31 21.61
N GLU A 130 -3.51 12.22 22.23
CA GLU A 130 -4.27 11.73 23.35
C GLU A 130 -3.43 11.86 24.62
N GLU A 131 -4.00 11.54 25.75
CA GLU A 131 -3.28 11.55 26.98
C GLU A 131 -3.83 10.46 27.89
N CYS A 132 -3.19 9.34 27.87
CA CYS A 132 -3.50 8.27 28.78
C CYS A 132 -3.30 8.74 30.23
N ARG A 133 -4.41 8.88 30.95
CA ARG A 133 -4.37 9.33 32.34
C ARG A 133 -3.61 8.35 33.23
N ALA A 134 -3.69 7.10 32.87
CA ALA A 134 -3.01 6.03 33.55
C ALA A 134 -2.61 5.05 32.48
N CYS A 135 -1.34 4.84 32.34
CA CYS A 135 -0.79 3.94 31.33
C CYS A 135 0.62 3.52 31.75
N ALA A 136 0.83 2.24 31.87
CA ALA A 136 2.10 1.74 32.36
C ALA A 136 2.96 1.13 31.26
N GLU A 137 2.67 -0.11 30.90
CA GLU A 137 3.51 -0.86 29.98
C GLU A 137 3.15 -0.61 28.53
N LYS A 138 3.61 -1.46 27.66
CA LYS A 138 3.39 -1.32 26.25
C LYS A 138 2.14 -2.03 25.87
N THR A 139 1.87 -3.14 26.55
CA THR A 139 0.68 -3.94 26.29
C THR A 139 -0.55 -3.09 26.65
N ASP A 140 -0.32 -2.22 27.62
CA ASP A 140 -1.25 -1.21 28.08
C ASP A 140 -1.69 -0.38 26.89
N TYR A 141 -0.70 0.15 26.20
CA TYR A 141 -0.91 0.96 25.03
C TYR A 141 -1.46 0.16 23.89
N VAL A 142 -1.06 -1.09 23.78
CA VAL A 142 -1.53 -1.95 22.72
C VAL A 142 -3.05 -2.01 22.71
N ASN A 143 -3.64 -2.16 23.88
CA ASN A 143 -5.13 -2.20 23.97
C ASN A 143 -5.70 -0.87 23.48
N LEU A 144 -5.05 0.18 23.92
CA LEU A 144 -5.49 1.56 23.73
C LEU A 144 -5.36 1.95 22.26
N ILE A 145 -4.30 1.50 21.68
CA ILE A 145 -4.02 1.75 20.30
C ILE A 145 -5.01 1.03 19.38
N GLN A 146 -5.42 -0.17 19.77
CA GLN A 146 -6.39 -0.92 18.98
C GLN A 146 -7.78 -0.30 19.06
N GLU A 147 -8.16 0.18 20.23
CA GLU A 147 -9.48 0.80 20.40
C GLU A 147 -9.53 2.18 19.72
N LEU A 148 -8.40 2.86 19.69
CA LEU A 148 -8.31 4.17 19.05
C LEU A 148 -7.87 4.05 17.59
N ALA A 149 -7.67 2.83 17.15
CA ALA A 149 -7.23 2.54 15.78
C ALA A 149 -8.19 3.09 14.71
N PRO A 150 -9.51 2.81 14.76
CA PRO A 150 -10.43 3.32 13.72
C PRO A 150 -10.73 4.82 13.88
N LYS A 151 -10.09 5.42 14.83
CA LYS A 151 -10.24 6.83 15.07
C LYS A 151 -9.16 7.62 14.31
N TYR A 152 -8.00 6.99 14.09
CA TYR A 152 -6.89 7.67 13.46
C TYR A 152 -6.29 6.89 12.29
N ALA A 153 -6.37 5.59 12.35
CA ALA A 153 -5.76 4.73 11.35
C ALA A 153 -6.75 4.35 10.29
N ALA A 154 -7.72 3.54 10.67
CA ALA A 154 -8.69 3.05 9.74
C ALA A 154 -9.92 3.92 9.75
N THR A 155 -9.84 5.01 9.01
CA THR A 155 -10.90 5.95 8.87
C THR A 155 -10.44 7.02 7.88
N HIS A 156 -11.14 8.11 7.84
CA HIS A 156 -10.80 9.23 7.03
C HIS A 156 -9.54 9.91 7.59
N PRO A 157 -8.84 10.66 6.77
CA PRO A 157 -7.61 11.37 7.18
C PRO A 157 -7.95 12.69 7.89
N LYS A 158 -8.87 12.61 8.81
CA LYS A 158 -9.33 13.70 9.55
C LYS A 158 -9.65 13.27 10.94
N THR A 159 -9.69 14.22 11.79
CA THR A 159 -10.15 14.08 13.13
C THR A 159 -11.65 14.40 13.16
N GLU A 160 -12.27 14.31 14.35
CA GLU A 160 -13.67 14.62 14.55
C GLU A 160 -13.93 16.08 14.26
N LEU A 161 -12.90 16.78 14.39
CA LEU A 161 -12.82 18.17 14.13
C LEU A 161 -12.16 18.32 12.78
N GLN A 1 10.84 4.17 -20.27
CA GLN A 1 11.97 3.31 -19.88
C GLN A 1 12.58 2.70 -21.12
N GLU A 2 13.38 3.51 -21.78
CA GLU A 2 13.96 3.22 -23.07
C GLU A 2 14.91 4.38 -23.42
N ALA A 3 14.43 5.59 -23.12
CA ALA A 3 15.15 6.81 -23.32
C ALA A 3 14.78 7.76 -22.20
N GLY A 4 15.27 8.98 -22.26
CA GLY A 4 14.97 9.94 -21.22
C GLY A 4 13.96 10.96 -21.68
N GLY A 5 14.25 12.23 -21.42
CA GLY A 5 13.36 13.31 -21.80
C GLY A 5 12.34 13.56 -20.73
N ARG A 6 11.52 12.58 -20.51
CA ARG A 6 10.53 12.61 -19.48
C ARG A 6 10.91 11.44 -18.53
N PRO A 7 10.22 11.25 -17.39
CA PRO A 7 10.53 10.17 -16.42
C PRO A 7 10.43 8.73 -16.99
N GLY A 8 10.39 7.76 -16.06
CA GLY A 8 10.35 6.35 -16.41
C GLY A 8 9.22 6.03 -17.33
N ALA A 9 8.09 6.62 -17.06
CA ALA A 9 6.97 6.47 -17.89
C ALA A 9 6.58 7.81 -18.37
N ASP A 10 5.59 7.81 -19.16
CA ASP A 10 5.01 9.00 -19.71
C ASP A 10 3.90 9.52 -18.81
N CYS A 11 3.90 9.06 -17.59
CA CYS A 11 2.95 9.45 -16.60
C CYS A 11 3.66 9.42 -15.25
N GLU A 12 2.92 9.70 -14.18
CA GLU A 12 3.44 9.78 -12.83
C GLU A 12 4.16 8.49 -12.38
N VAL A 13 3.43 7.39 -12.18
CA VAL A 13 4.10 6.17 -11.77
C VAL A 13 3.91 4.98 -12.76
N CYS A 14 2.86 4.15 -12.51
CA CYS A 14 2.57 2.81 -13.14
C CYS A 14 3.77 1.82 -13.14
N LYS A 15 4.86 2.22 -13.79
CA LYS A 15 6.16 1.52 -13.79
C LYS A 15 6.19 0.07 -14.32
N GLU A 16 7.41 -0.38 -14.54
CA GLU A 16 7.73 -1.75 -14.93
C GLU A 16 7.60 -2.64 -13.73
N PHE A 17 7.38 -2.02 -12.59
CA PHE A 17 7.22 -2.72 -11.32
C PHE A 17 6.15 -3.79 -11.43
N LEU A 18 5.03 -3.46 -12.05
CA LEU A 18 3.95 -4.42 -12.21
C LEU A 18 4.31 -5.49 -13.24
N ASN A 19 5.26 -5.19 -14.12
CA ASN A 19 5.74 -6.16 -15.10
C ASN A 19 6.68 -7.13 -14.42
N ARG A 20 7.46 -6.58 -13.50
CA ARG A 20 8.35 -7.33 -12.63
C ARG A 20 7.51 -8.22 -11.72
N PHE A 21 6.34 -7.74 -11.41
CA PHE A 21 5.38 -8.45 -10.63
C PHE A 21 4.74 -9.55 -11.48
N TYR A 22 4.40 -9.25 -12.74
CA TYR A 22 3.88 -10.26 -13.67
C TYR A 22 4.84 -11.43 -13.76
N LYS A 23 6.12 -11.10 -13.78
CA LYS A 23 7.17 -12.07 -13.71
C LYS A 23 7.05 -13.01 -12.52
N SER A 24 6.70 -12.48 -11.37
CA SER A 24 6.68 -13.28 -10.15
C SER A 24 5.51 -14.25 -10.22
N LEU A 25 4.47 -13.81 -10.88
CA LEU A 25 3.31 -14.60 -11.13
C LEU A 25 3.67 -15.80 -12.01
N ILE A 26 4.22 -15.52 -13.17
CA ILE A 26 4.59 -16.54 -14.15
C ILE A 26 5.67 -17.47 -13.61
N ASP A 27 6.68 -16.88 -13.02
CA ASP A 27 7.90 -17.56 -12.61
C ASP A 27 7.71 -18.50 -11.44
N ARG A 28 6.85 -18.14 -10.54
CA ARG A 28 6.63 -18.91 -9.35
C ARG A 28 5.53 -19.95 -9.59
N GLY A 29 4.80 -19.79 -10.68
CA GLY A 29 3.69 -20.68 -10.97
C GLY A 29 2.41 -20.22 -10.29
N VAL A 30 2.20 -18.92 -10.26
CA VAL A 30 1.02 -18.35 -9.66
C VAL A 30 0.00 -18.06 -10.74
N ASN A 31 -1.23 -18.40 -10.47
CA ASN A 31 -2.30 -18.27 -11.41
C ASN A 31 -2.74 -16.83 -11.57
N PHE A 32 -2.99 -16.46 -12.80
CA PHE A 32 -3.44 -15.15 -13.14
C PHE A 32 -4.95 -15.04 -12.97
N SER A 33 -5.36 -14.80 -11.77
CA SER A 33 -6.74 -14.61 -11.47
C SER A 33 -6.98 -13.26 -10.83
N LEU A 34 -8.14 -12.67 -11.17
CA LEU A 34 -8.61 -11.40 -10.61
C LEU A 34 -8.41 -11.33 -9.11
N ASP A 35 -8.83 -12.40 -8.47
CA ASP A 35 -8.77 -12.56 -7.03
C ASP A 35 -7.34 -12.79 -6.53
N THR A 36 -6.66 -13.68 -7.17
CA THR A 36 -5.33 -14.12 -6.77
C THR A 36 -4.27 -13.02 -6.95
N ILE A 37 -4.26 -12.35 -8.11
CA ILE A 37 -3.27 -11.29 -8.38
C ILE A 37 -3.41 -10.14 -7.39
N GLU A 38 -4.65 -9.87 -7.04
CA GLU A 38 -5.03 -8.85 -6.08
C GLU A 38 -4.27 -9.03 -4.77
N LYS A 39 -4.19 -10.26 -4.33
CA LYS A 39 -3.61 -10.58 -3.06
C LYS A 39 -2.09 -10.63 -3.15
N GLU A 40 -1.57 -11.16 -4.26
CA GLU A 40 -0.12 -11.19 -4.50
C GLU A 40 0.49 -9.81 -4.47
N LEU A 41 -0.27 -8.83 -4.94
CA LEU A 41 0.15 -7.47 -5.01
C LEU A 41 0.64 -6.92 -3.65
N ILE A 42 -0.09 -7.20 -2.57
CA ILE A 42 0.21 -6.66 -1.24
C ILE A 42 1.67 -6.89 -0.79
N SER A 43 2.11 -8.11 -0.77
CA SER A 43 3.44 -8.41 -0.29
C SER A 43 4.53 -8.05 -1.27
N PHE A 44 4.23 -8.12 -2.54
CA PHE A 44 5.23 -7.79 -3.54
C PHE A 44 5.51 -6.29 -3.51
N CYS A 45 4.51 -5.56 -3.08
CA CYS A 45 4.61 -4.14 -2.94
C CYS A 45 5.43 -3.67 -1.74
N LEU A 46 6.02 -4.61 -0.99
CA LEU A 46 6.94 -4.24 0.11
C LEU A 46 8.18 -3.55 -0.42
N ASP A 47 8.43 -3.71 -1.68
CA ASP A 47 9.63 -3.20 -2.34
C ASP A 47 9.49 -1.71 -2.70
N THR A 48 8.27 -1.24 -2.73
CA THR A 48 7.94 0.04 -3.31
C THR A 48 8.49 1.25 -2.56
N LYS A 49 9.10 2.13 -3.32
CA LYS A 49 9.71 3.33 -2.79
C LYS A 49 9.33 4.56 -3.62
N GLY A 50 9.18 5.70 -2.96
CA GLY A 50 8.88 6.97 -3.62
C GLY A 50 7.60 6.91 -4.46
N LYS A 51 7.75 7.09 -5.77
CA LYS A 51 6.65 6.99 -6.72
C LYS A 51 6.01 5.62 -6.66
N GLU A 52 6.83 4.58 -6.56
CA GLU A 52 6.35 3.20 -6.57
C GLU A 52 5.64 2.89 -5.28
N ASN A 53 6.05 3.60 -4.25
CA ASN A 53 5.42 3.49 -2.93
C ASN A 53 4.00 4.01 -3.02
N ARG A 54 3.82 5.00 -3.87
CA ARG A 54 2.51 5.51 -4.18
C ARG A 54 1.80 4.58 -5.12
N LEU A 55 2.47 4.11 -6.11
CA LEU A 55 1.95 3.06 -6.99
C LEU A 55 1.06 2.02 -6.29
N CYS A 56 1.62 1.32 -5.38
CA CYS A 56 0.88 0.29 -4.64
C CYS A 56 -0.14 0.86 -3.64
N TYR A 57 -0.44 2.09 -3.81
CA TYR A 57 -1.36 2.82 -3.02
C TYR A 57 -2.69 3.03 -3.84
N TYR A 58 -2.62 3.29 -5.22
CA TYR A 58 -3.87 3.16 -6.10
C TYR A 58 -4.27 1.71 -6.10
N LEU A 59 -3.29 0.86 -6.13
CA LEU A 59 -3.54 -0.59 -6.10
C LEU A 59 -4.01 -1.07 -4.71
N GLY A 60 -3.82 -0.23 -3.71
CA GLY A 60 -4.27 -0.53 -2.36
C GLY A 60 -3.56 -1.67 -1.69
N ALA A 61 -2.32 -1.80 -2.01
CA ALA A 61 -1.45 -2.81 -1.46
C ALA A 61 -0.57 -2.13 -0.42
N THR A 62 -1.12 -1.11 0.22
CA THR A 62 -0.42 -0.32 1.19
C THR A 62 -1.31 -0.01 2.39
N LYS A 63 -0.74 0.71 3.34
CA LYS A 63 -1.41 1.03 4.60
C LYS A 63 -2.06 2.39 4.51
N ASP A 64 -1.72 3.09 3.50
CA ASP A 64 -2.14 4.47 3.35
C ASP A 64 -3.49 4.50 2.57
N ALA A 65 -3.39 4.59 1.25
CA ALA A 65 -4.51 4.55 0.27
C ALA A 65 -5.78 5.46 0.56
N ALA A 66 -6.13 6.44 -0.39
CA ALA A 66 -7.26 7.36 -0.16
C ALA A 66 -7.59 8.20 -1.42
N THR A 67 -8.46 7.64 -2.26
CA THR A 67 -9.00 8.21 -3.48
C THR A 67 -10.19 7.34 -4.02
N LYS A 68 -9.92 6.38 -4.91
CA LYS A 68 -10.95 5.53 -5.57
C LYS A 68 -10.26 4.57 -6.53
N ILE A 69 -10.61 3.31 -6.42
CA ILE A 69 -10.16 2.22 -7.31
C ILE A 69 -11.19 1.13 -7.21
N LEU A 70 -11.73 0.74 -8.32
CA LEU A 70 -12.73 -0.28 -8.32
C LEU A 70 -12.15 -1.54 -8.98
N SER A 71 -11.84 -1.45 -10.25
CA SER A 71 -11.25 -2.56 -10.98
C SER A 71 -9.89 -2.15 -11.58
N GLU A 72 -9.92 -0.97 -12.18
CA GLU A 72 -8.84 -0.22 -12.82
C GLU A 72 -7.60 -1.00 -13.30
N VAL A 73 -6.72 -1.41 -12.40
CA VAL A 73 -5.50 -2.12 -12.81
C VAL A 73 -5.56 -3.59 -12.41
N THR A 74 -5.84 -3.83 -11.16
CA THR A 74 -5.85 -5.16 -10.56
C THR A 74 -6.65 -6.21 -11.36
N ARG A 75 -7.69 -5.78 -12.03
CA ARG A 75 -8.48 -6.72 -12.78
C ARG A 75 -7.86 -7.02 -14.18
N PRO A 76 -7.58 -5.98 -15.05
CA PRO A 76 -6.87 -6.18 -16.35
C PRO A 76 -5.56 -6.97 -16.20
N MET A 77 -4.95 -6.89 -15.02
CA MET A 77 -3.70 -7.61 -14.73
C MET A 77 -3.85 -9.12 -14.94
N SER A 78 -5.06 -9.61 -14.78
CA SER A 78 -5.35 -11.01 -14.88
C SER A 78 -5.44 -11.48 -16.35
N VAL A 79 -5.38 -10.56 -17.31
CA VAL A 79 -5.50 -10.95 -18.71
C VAL A 79 -4.30 -10.38 -19.53
N HIS A 80 -3.14 -10.39 -18.90
CA HIS A 80 -1.87 -9.91 -19.50
C HIS A 80 -2.00 -8.50 -20.08
N MET A 81 -2.20 -7.59 -19.18
CA MET A 81 -2.37 -6.18 -19.43
C MET A 81 -1.18 -5.34 -18.98
N PRO A 82 -0.08 -5.40 -19.71
CA PRO A 82 1.21 -4.82 -19.29
C PRO A 82 1.08 -3.40 -18.70
N ALA A 83 1.74 -3.24 -17.59
CA ALA A 83 1.69 -2.06 -16.72
C ALA A 83 1.91 -0.72 -17.43
N MET A 84 2.79 -0.71 -18.40
CA MET A 84 3.26 0.52 -19.07
C MET A 84 2.21 1.05 -20.05
N LYS A 85 1.09 0.39 -20.12
CA LYS A 85 0.05 0.75 -21.06
C LYS A 85 -1.33 0.82 -20.40
N ILE A 86 -1.39 0.64 -19.09
CA ILE A 86 -2.69 0.74 -18.41
C ILE A 86 -2.90 2.15 -17.89
N CYS A 87 -1.92 2.66 -17.22
CA CYS A 87 -1.97 3.96 -16.59
C CYS A 87 -2.37 5.09 -17.55
N GLU A 88 -1.75 5.07 -18.68
CA GLU A 88 -1.98 5.99 -19.79
C GLU A 88 -3.45 6.09 -20.16
N LYS A 89 -4.04 4.96 -20.35
CA LYS A 89 -5.43 4.91 -20.71
C LYS A 89 -6.35 5.22 -19.54
N LEU A 90 -5.88 4.94 -18.36
CA LEU A 90 -6.66 5.14 -17.14
C LEU A 90 -6.98 6.58 -16.73
N LYS A 91 -6.48 7.59 -17.40
CA LYS A 91 -6.99 8.96 -17.10
C LYS A 91 -8.04 9.24 -18.11
N LYS A 92 -7.71 8.86 -19.33
CA LYS A 92 -8.60 9.00 -20.47
C LYS A 92 -9.92 8.28 -20.22
N LEU A 93 -9.88 7.34 -19.32
CA LEU A 93 -11.04 6.61 -18.92
C LEU A 93 -11.45 7.01 -17.50
N ASP A 94 -10.46 7.27 -16.63
CA ASP A 94 -10.79 7.45 -15.23
C ASP A 94 -9.74 8.28 -14.46
N SER A 95 -9.68 7.90 -13.29
CA SER A 95 -8.82 8.08 -12.23
C SER A 95 -7.40 8.52 -12.32
N GLN A 96 -6.91 9.10 -13.37
CA GLN A 96 -5.50 9.07 -13.91
C GLN A 96 -4.50 8.09 -13.35
N ILE A 97 -4.97 7.09 -12.65
CA ILE A 97 -4.27 6.19 -11.83
C ILE A 97 -2.74 6.25 -11.97
N CYS A 98 -2.10 5.55 -12.91
CA CYS A 98 -0.61 5.51 -12.92
C CYS A 98 -0.13 5.12 -11.51
N GLU A 99 -1.01 4.30 -10.91
CA GLU A 99 -1.12 3.87 -9.53
C GLU A 99 -0.39 4.76 -8.44
N LEU A 100 -1.18 5.31 -7.45
CA LEU A 100 -0.76 6.24 -6.43
C LEU A 100 -1.76 6.41 -5.24
N LYS A 101 -3.12 6.22 -5.41
CA LYS A 101 -4.09 6.44 -4.23
C LYS A 101 -5.50 5.69 -4.29
N TYR A 102 -5.81 4.77 -3.37
CA TYR A 102 -7.18 4.13 -3.31
C TYR A 102 -8.01 4.25 -2.00
N GLU A 103 -7.93 3.33 -1.16
CA GLU A 103 -8.47 3.35 0.19
C GLU A 103 -7.84 2.24 0.95
N LYS A 104 -7.72 2.46 2.24
CA LYS A 104 -7.12 1.59 3.26
C LYS A 104 -7.11 2.33 4.59
N THR A 105 -6.40 1.75 5.53
CA THR A 105 -6.26 2.21 6.86
C THR A 105 -5.25 1.28 7.45
N LEU A 106 -5.07 1.36 8.74
CA LEU A 106 -4.13 0.52 9.44
C LEU A 106 -4.49 -0.96 9.22
N ASP A 107 -3.63 -1.61 8.48
CA ASP A 107 -3.76 -2.94 8.00
C ASP A 107 -3.48 -3.98 9.05
N LEU A 108 -4.28 -3.97 10.09
CA LEU A 108 -4.17 -4.90 11.19
C LEU A 108 -4.47 -6.34 10.74
N ALA A 109 -5.01 -6.45 9.55
CA ALA A 109 -5.34 -7.72 8.95
C ALA A 109 -4.20 -8.22 8.07
N SER A 110 -3.22 -7.37 7.82
CA SER A 110 -2.11 -7.73 6.97
C SER A 110 -0.85 -7.81 7.80
N VAL A 111 -0.87 -7.20 8.95
CA VAL A 111 0.25 -7.23 9.83
C VAL A 111 -0.01 -8.23 10.93
N ASP A 112 1.04 -8.80 11.45
CA ASP A 112 0.91 -9.84 12.45
C ASP A 112 1.13 -9.21 13.77
N LEU A 113 0.03 -8.97 14.45
CA LEU A 113 -0.01 -8.24 15.72
C LEU A 113 0.93 -8.84 16.78
N ARG A 114 1.14 -10.11 16.68
CA ARG A 114 1.95 -10.84 17.63
C ARG A 114 3.47 -10.69 17.38
N LYS A 115 3.90 -10.48 16.12
CA LYS A 115 5.32 -10.29 15.90
C LYS A 115 5.66 -8.94 15.36
N MET A 116 4.79 -8.04 15.60
CA MET A 116 4.98 -6.69 15.27
C MET A 116 5.65 -5.99 16.46
N ARG A 117 6.00 -4.75 16.33
CA ARG A 117 6.82 -4.13 17.29
C ARG A 117 5.99 -3.27 18.17
N VAL A 118 6.12 -3.45 19.45
CA VAL A 118 5.39 -2.73 20.45
C VAL A 118 5.50 -1.22 20.25
N ALA A 119 6.66 -0.82 19.81
CA ALA A 119 6.97 0.56 19.43
C ALA A 119 5.94 1.11 18.47
N GLU A 120 5.62 0.31 17.42
CA GLU A 120 4.59 0.67 16.44
C GLU A 120 3.32 0.94 17.18
N LEU A 121 2.94 -0.06 17.94
CA LEU A 121 1.77 -0.08 18.78
C LEU A 121 1.70 1.08 19.75
N LYS A 122 2.82 1.48 20.29
CA LYS A 122 2.90 2.57 21.15
C LYS A 122 2.53 3.88 20.47
N GLN A 123 2.93 4.07 19.24
CA GLN A 123 2.49 5.25 18.50
C GLN A 123 1.02 5.09 18.10
N ILE A 124 0.64 3.85 17.78
CA ILE A 124 -0.74 3.50 17.40
C ILE A 124 -1.73 3.90 18.48
N LEU A 125 -1.38 3.64 19.73
CA LEU A 125 -2.26 3.96 20.86
C LEU A 125 -2.52 5.48 20.91
N HIS A 126 -1.49 6.25 20.58
CA HIS A 126 -1.54 7.70 20.61
C HIS A 126 -2.30 8.20 19.41
N SER A 127 -2.18 7.46 18.33
CA SER A 127 -2.88 7.77 17.11
C SER A 127 -4.37 7.47 17.31
N TRP A 128 -4.66 6.54 18.22
CA TRP A 128 -6.03 6.23 18.51
C TRP A 128 -6.39 6.73 19.91
N GLY A 129 -5.76 7.84 20.31
CA GLY A 129 -6.06 8.57 21.55
C GLY A 129 -6.51 7.72 22.72
N GLU A 130 -5.79 6.67 23.02
CA GLU A 130 -6.20 5.83 24.11
C GLU A 130 -5.43 6.14 25.42
N GLU A 131 -5.72 5.40 26.48
CA GLU A 131 -5.29 5.79 27.82
C GLU A 131 -4.51 4.63 28.55
N CYS A 132 -3.61 3.94 27.82
CA CYS A 132 -2.73 2.90 28.41
C CYS A 132 -2.00 3.37 29.67
N ARG A 133 -2.13 2.61 30.75
CA ARG A 133 -1.43 2.92 31.98
C ARG A 133 -0.27 1.97 32.19
N ALA A 134 -0.46 0.73 31.86
CA ALA A 134 0.54 -0.28 32.04
C ALA A 134 0.49 -1.25 30.89
N CYS A 135 1.43 -1.13 30.01
CA CYS A 135 1.53 -2.00 28.87
C CYS A 135 3.02 -2.32 28.72
N ALA A 136 3.33 -3.56 28.51
CA ALA A 136 4.71 -4.03 28.47
C ALA A 136 5.02 -4.75 27.20
N GLU A 137 4.08 -5.56 26.83
CA GLU A 137 4.19 -6.47 25.75
C GLU A 137 3.75 -5.86 24.48
N LYS A 138 3.53 -6.71 23.56
CA LYS A 138 2.90 -6.36 22.35
C LYS A 138 1.50 -6.90 22.45
N THR A 139 1.40 -8.00 23.19
CA THR A 139 0.20 -8.77 23.33
C THR A 139 -0.87 -7.99 24.09
N ASP A 140 -0.44 -7.21 25.07
CA ASP A 140 -1.34 -6.32 25.81
C ASP A 140 -1.96 -5.31 24.85
N TYR A 141 -1.12 -4.76 24.00
CA TYR A 141 -1.56 -3.85 22.97
C TYR A 141 -2.45 -4.54 21.95
N VAL A 142 -2.08 -5.76 21.56
CA VAL A 142 -2.82 -6.56 20.56
C VAL A 142 -4.30 -6.61 20.86
N ASN A 143 -4.66 -7.08 22.05
CA ASN A 143 -6.07 -7.23 22.42
C ASN A 143 -6.78 -5.89 22.32
N LEU A 144 -6.11 -4.87 22.80
CA LEU A 144 -6.64 -3.52 22.90
C LEU A 144 -6.82 -2.94 21.50
N ILE A 145 -5.86 -3.22 20.66
CA ILE A 145 -5.89 -2.79 19.31
C ILE A 145 -7.01 -3.48 18.53
N GLN A 146 -7.23 -4.75 18.80
CA GLN A 146 -8.28 -5.50 18.16
C GLN A 146 -9.67 -5.00 18.57
N GLU A 147 -9.85 -4.73 19.86
CA GLU A 147 -11.14 -4.28 20.35
C GLU A 147 -11.44 -2.84 19.90
N LEU A 148 -10.40 -2.05 19.74
CA LEU A 148 -10.52 -0.66 19.30
C LEU A 148 -10.43 -0.55 17.79
N ALA A 149 -10.16 -1.65 17.12
CA ALA A 149 -9.95 -1.68 15.68
C ALA A 149 -11.11 -1.09 14.87
N PRO A 150 -12.37 -1.60 14.97
CA PRO A 150 -13.48 -1.08 14.14
C PRO A 150 -13.97 0.30 14.61
N LYS A 151 -13.35 0.81 15.64
CA LYS A 151 -13.71 2.08 16.20
C LYS A 151 -12.76 3.16 15.63
N TYR A 152 -11.81 2.72 14.80
CA TYR A 152 -10.85 3.60 14.18
C TYR A 152 -10.51 3.18 12.75
N ALA A 153 -10.24 1.92 12.58
CA ALA A 153 -9.81 1.37 11.31
C ALA A 153 -10.99 0.93 10.49
N ALA A 154 -11.17 1.56 9.36
CA ALA A 154 -12.24 1.22 8.44
C ALA A 154 -11.69 1.21 7.03
N THR A 155 -11.93 0.12 6.33
CA THR A 155 -11.52 -0.07 4.96
C THR A 155 -12.33 -1.24 4.46
N HIS A 156 -12.60 -1.27 3.16
CA HIS A 156 -13.37 -2.33 2.54
C HIS A 156 -14.82 -2.39 3.04
N PRO A 157 -15.67 -3.12 2.32
CA PRO A 157 -17.01 -3.41 2.76
C PRO A 157 -16.93 -4.50 3.85
N LYS A 158 -16.58 -4.06 5.02
CA LYS A 158 -16.40 -4.92 6.14
C LYS A 158 -17.70 -5.28 6.82
N THR A 159 -17.65 -6.40 7.42
CA THR A 159 -18.71 -6.99 8.18
C THR A 159 -18.00 -7.85 9.18
N GLU A 160 -18.59 -8.14 10.31
CA GLU A 160 -17.97 -9.01 11.22
C GLU A 160 -18.38 -10.42 10.95
N LEU A 161 -17.97 -10.86 9.81
CA LEU A 161 -18.19 -12.14 9.31
C LEU A 161 -17.06 -12.35 8.34
N GLN A 1 13.79 -8.14 -10.64
CA GLN A 1 14.12 -7.86 -12.05
C GLN A 1 12.89 -7.27 -12.69
N GLU A 2 12.77 -5.98 -12.54
CA GLU A 2 11.61 -5.24 -12.98
C GLU A 2 12.03 -4.14 -13.90
N ALA A 3 12.62 -3.16 -13.27
CA ALA A 3 13.03 -1.97 -13.92
C ALA A 3 14.46 -1.72 -13.52
N GLY A 4 15.37 -2.10 -14.39
CA GLY A 4 16.78 -1.99 -14.09
C GLY A 4 17.24 -3.13 -13.21
N GLY A 5 16.79 -3.10 -11.99
CA GLY A 5 17.11 -4.13 -11.05
C GLY A 5 15.88 -4.52 -10.27
N ARG A 6 15.76 -3.98 -9.08
CA ARG A 6 14.65 -4.23 -8.22
C ARG A 6 14.30 -2.98 -7.43
N PRO A 7 13.06 -2.49 -7.58
CA PRO A 7 12.57 -1.34 -6.86
C PRO A 7 11.90 -1.75 -5.52
N GLY A 8 11.22 -0.82 -4.89
CA GLY A 8 10.58 -1.13 -3.62
C GLY A 8 9.28 -0.40 -3.47
N ALA A 9 9.29 0.64 -2.63
CA ALA A 9 8.13 1.49 -2.31
C ALA A 9 7.06 0.73 -1.52
N ASP A 10 5.97 1.42 -1.25
CA ASP A 10 4.84 0.93 -0.47
C ASP A 10 3.90 0.06 -1.33
N CYS A 11 2.88 -0.50 -0.70
CA CYS A 11 1.80 -1.21 -1.35
C CYS A 11 2.25 -2.58 -1.84
N GLU A 12 2.73 -3.36 -0.89
CA GLU A 12 3.26 -4.71 -1.08
C GLU A 12 2.30 -5.59 -1.87
N VAL A 13 1.05 -5.64 -1.41
CA VAL A 13 0.05 -6.54 -1.99
C VAL A 13 -0.18 -6.25 -3.48
N CYS A 14 -0.51 -5.00 -3.82
CA CYS A 14 -0.78 -4.66 -5.20
C CYS A 14 0.46 -4.80 -6.08
N LYS A 15 1.61 -4.24 -5.62
CA LYS A 15 2.80 -4.23 -6.46
C LYS A 15 3.32 -5.62 -6.74
N GLU A 16 3.43 -6.45 -5.72
CA GLU A 16 4.09 -7.72 -5.91
C GLU A 16 3.21 -8.69 -6.68
N PHE A 17 1.91 -8.61 -6.47
CA PHE A 17 1.00 -9.47 -7.22
C PHE A 17 1.06 -9.13 -8.69
N LEU A 18 0.99 -7.84 -9.01
CA LEU A 18 1.04 -7.41 -10.39
C LEU A 18 2.43 -7.59 -10.98
N ASN A 19 3.42 -7.58 -10.12
CA ASN A 19 4.80 -7.79 -10.53
C ASN A 19 5.01 -9.23 -10.92
N ARG A 20 4.44 -10.11 -10.14
CA ARG A 20 4.42 -11.53 -10.40
C ARG A 20 3.65 -11.77 -11.69
N PHE A 21 2.61 -11.00 -11.87
CA PHE A 21 1.76 -11.07 -13.02
C PHE A 21 2.50 -10.60 -14.28
N TYR A 22 3.30 -9.54 -14.17
CA TYR A 22 4.14 -9.07 -15.30
C TYR A 22 5.05 -10.18 -15.78
N LYS A 23 5.55 -10.95 -14.83
CA LYS A 23 6.43 -12.06 -15.13
C LYS A 23 5.66 -13.14 -15.89
N SER A 24 4.35 -13.22 -15.66
CA SER A 24 3.55 -14.24 -16.25
C SER A 24 3.23 -13.85 -17.67
N LEU A 25 3.04 -12.55 -17.91
CA LEU A 25 2.84 -12.01 -19.25
C LEU A 25 3.99 -12.42 -20.16
N ILE A 26 5.19 -12.28 -19.65
CA ILE A 26 6.40 -12.60 -20.37
C ILE A 26 6.52 -14.12 -20.57
N ASP A 27 6.16 -14.86 -19.54
CA ASP A 27 6.14 -16.35 -19.53
C ASP A 27 5.21 -16.89 -20.61
N ARG A 28 4.02 -16.36 -20.57
CA ARG A 28 2.94 -16.72 -21.42
C ARG A 28 3.13 -16.25 -22.85
N GLY A 29 4.12 -15.38 -23.07
CA GLY A 29 4.35 -14.81 -24.39
C GLY A 29 3.23 -13.89 -24.77
N VAL A 30 2.65 -13.27 -23.77
CA VAL A 30 1.52 -12.44 -23.94
C VAL A 30 1.89 -10.99 -24.23
N ASN A 31 1.21 -10.46 -25.21
CA ASN A 31 1.36 -9.09 -25.64
C ASN A 31 0.69 -8.15 -24.64
N PHE A 32 1.36 -7.10 -24.32
CA PHE A 32 0.90 -6.17 -23.36
C PHE A 32 -0.03 -5.14 -24.01
N SER A 33 -1.31 -5.44 -24.02
CA SER A 33 -2.30 -4.54 -24.53
C SER A 33 -3.43 -4.39 -23.52
N LEU A 34 -4.26 -3.36 -23.72
CA LEU A 34 -5.48 -3.14 -22.92
C LEU A 34 -6.31 -4.41 -22.84
N ASP A 35 -6.51 -5.04 -23.97
CA ASP A 35 -7.36 -6.23 -24.01
C ASP A 35 -6.65 -7.47 -23.53
N THR A 36 -5.49 -7.71 -24.08
CA THR A 36 -4.79 -8.93 -23.84
C THR A 36 -4.28 -9.03 -22.38
N ILE A 37 -3.92 -7.91 -21.75
CA ILE A 37 -3.51 -7.96 -20.34
C ILE A 37 -4.74 -8.20 -19.48
N GLU A 38 -5.85 -7.59 -19.86
CA GLU A 38 -7.10 -7.73 -19.13
C GLU A 38 -7.51 -9.20 -19.08
N LYS A 39 -7.47 -9.89 -20.24
CA LYS A 39 -7.81 -11.33 -20.30
C LYS A 39 -6.97 -12.14 -19.31
N GLU A 40 -5.65 -11.95 -19.36
CA GLU A 40 -4.72 -12.69 -18.51
C GLU A 40 -4.90 -12.31 -17.04
N LEU A 41 -5.34 -11.10 -16.78
CA LEU A 41 -5.47 -10.60 -15.43
C LEU A 41 -6.61 -11.36 -14.72
N ILE A 42 -7.71 -11.57 -15.42
CA ILE A 42 -8.85 -12.29 -14.89
C ILE A 42 -8.50 -13.78 -14.67
N SER A 43 -7.76 -14.36 -15.58
CA SER A 43 -7.37 -15.75 -15.42
C SER A 43 -6.26 -15.93 -14.37
N PHE A 44 -5.35 -14.98 -14.28
CA PHE A 44 -4.29 -15.03 -13.28
C PHE A 44 -4.91 -14.82 -11.90
N CYS A 45 -6.09 -14.23 -11.91
CA CYS A 45 -6.87 -13.98 -10.72
C CYS A 45 -7.34 -15.29 -10.10
N LEU A 46 -7.29 -16.39 -10.87
CA LEU A 46 -7.68 -17.72 -10.36
C LEU A 46 -6.79 -18.14 -9.21
N ASP A 47 -5.63 -17.55 -9.14
CA ASP A 47 -4.69 -17.86 -8.11
C ASP A 47 -5.06 -17.20 -6.79
N THR A 48 -5.83 -16.15 -6.86
CA THR A 48 -6.02 -15.28 -5.73
C THR A 48 -6.79 -15.88 -4.58
N LYS A 49 -6.09 -15.98 -3.50
CA LYS A 49 -6.58 -16.50 -2.28
C LYS A 49 -6.15 -15.65 -1.11
N GLY A 50 -6.95 -15.64 -0.07
CA GLY A 50 -6.64 -14.89 1.13
C GLY A 50 -6.69 -13.39 0.91
N LYS A 51 -5.52 -12.79 0.89
CA LYS A 51 -5.38 -11.35 0.80
C LYS A 51 -5.53 -10.92 -0.65
N GLU A 52 -4.78 -11.60 -1.49
CA GLU A 52 -4.72 -11.39 -2.94
C GLU A 52 -6.12 -11.52 -3.53
N ASN A 53 -6.86 -12.42 -2.94
CA ASN A 53 -8.27 -12.66 -3.29
C ASN A 53 -9.08 -11.36 -3.21
N ARG A 54 -8.86 -10.61 -2.14
CA ARG A 54 -9.53 -9.31 -1.97
C ARG A 54 -9.00 -8.32 -2.96
N LEU A 55 -7.69 -8.33 -3.12
CA LEU A 55 -6.99 -7.43 -4.04
C LEU A 55 -7.59 -7.53 -5.42
N CYS A 56 -7.74 -8.73 -5.86
CA CYS A 56 -8.24 -9.03 -7.18
C CYS A 56 -9.71 -8.60 -7.31
N TYR A 57 -10.41 -8.66 -6.21
CA TYR A 57 -11.79 -8.18 -6.10
C TYR A 57 -11.81 -6.66 -6.27
N TYR A 58 -10.81 -6.00 -5.74
CA TYR A 58 -10.69 -4.57 -5.85
C TYR A 58 -10.26 -4.16 -7.25
N LEU A 59 -9.41 -4.98 -7.84
CA LEU A 59 -8.88 -4.74 -9.20
C LEU A 59 -9.93 -5.01 -10.28
N GLY A 60 -11.01 -5.65 -9.93
CA GLY A 60 -12.06 -5.91 -10.89
C GLY A 60 -11.79 -7.11 -11.78
N ALA A 61 -10.94 -7.99 -11.33
CA ALA A 61 -10.57 -9.18 -12.10
C ALA A 61 -11.41 -10.37 -11.65
N THR A 62 -12.48 -10.05 -11.01
CA THR A 62 -13.40 -10.99 -10.48
C THR A 62 -14.80 -10.62 -10.96
N LYS A 63 -15.66 -11.61 -11.14
CA LYS A 63 -17.00 -11.35 -11.66
C LYS A 63 -17.93 -10.88 -10.56
N ASP A 64 -17.42 -10.95 -9.37
CA ASP A 64 -18.16 -10.60 -8.17
C ASP A 64 -17.74 -9.22 -7.73
N ALA A 65 -16.80 -8.64 -8.44
CA ALA A 65 -16.23 -7.37 -8.10
C ALA A 65 -17.19 -6.23 -8.29
N ALA A 66 -17.55 -5.60 -7.20
CA ALA A 66 -18.37 -4.41 -7.26
C ALA A 66 -17.51 -3.30 -7.81
N THR A 67 -16.30 -3.32 -7.36
CA THR A 67 -15.26 -2.41 -7.75
C THR A 67 -15.01 -2.46 -9.25
N LYS A 68 -14.83 -1.32 -9.83
CA LYS A 68 -14.62 -1.23 -11.25
C LYS A 68 -13.30 -0.58 -11.58
N ILE A 69 -12.34 -1.37 -11.89
CA ILE A 69 -11.09 -0.86 -12.39
C ILE A 69 -11.10 -1.14 -13.87
N LEU A 70 -11.52 -0.16 -14.63
CA LEU A 70 -11.65 -0.33 -16.06
C LEU A 70 -10.30 -0.34 -16.75
N SER A 71 -9.66 0.78 -16.81
CA SER A 71 -8.40 0.83 -17.47
C SER A 71 -7.32 1.31 -16.52
N GLU A 72 -7.69 1.57 -15.31
CA GLU A 72 -6.86 2.34 -14.40
C GLU A 72 -5.55 1.65 -14.02
N VAL A 73 -5.55 0.34 -14.06
CA VAL A 73 -4.31 -0.42 -13.88
C VAL A 73 -3.90 -1.02 -15.24
N THR A 74 -4.86 -1.52 -15.97
CA THR A 74 -4.66 -2.16 -17.26
C THR A 74 -3.95 -1.23 -18.30
N ARG A 75 -4.40 0.01 -18.36
CA ARG A 75 -3.90 0.99 -19.29
C ARG A 75 -2.43 1.35 -19.05
N PRO A 76 -2.01 1.73 -17.80
CA PRO A 76 -0.60 1.95 -17.51
C PRO A 76 0.24 0.68 -17.75
N MET A 77 -0.31 -0.50 -17.42
CA MET A 77 0.40 -1.77 -17.63
C MET A 77 0.71 -1.99 -19.10
N SER A 78 -0.19 -1.55 -19.96
CA SER A 78 -0.07 -1.73 -21.39
C SER A 78 1.01 -0.79 -21.99
N VAL A 79 1.49 0.17 -21.22
CA VAL A 79 2.50 1.08 -21.73
C VAL A 79 3.78 0.94 -20.86
N HIS A 80 4.05 -0.29 -20.45
CA HIS A 80 5.22 -0.65 -19.64
C HIS A 80 5.35 0.22 -18.38
N MET A 81 4.39 0.04 -17.51
CA MET A 81 4.28 0.75 -16.25
C MET A 81 4.58 -0.05 -15.00
N PRO A 82 5.85 -0.37 -14.75
CA PRO A 82 6.29 -1.30 -13.68
C PRO A 82 5.43 -1.24 -12.39
N ALA A 83 5.23 -2.41 -11.83
CA ALA A 83 4.34 -2.72 -10.71
C ALA A 83 4.44 -1.75 -9.52
N MET A 84 5.64 -1.27 -9.25
CA MET A 84 5.91 -0.53 -8.05
C MET A 84 5.41 0.88 -8.11
N LYS A 85 4.97 1.32 -9.27
CA LYS A 85 4.58 2.69 -9.37
C LYS A 85 3.14 2.86 -9.89
N ILE A 86 2.37 1.82 -9.80
CA ILE A 86 0.98 1.95 -10.18
C ILE A 86 0.13 2.10 -8.95
N CYS A 87 0.17 1.17 -8.06
CA CYS A 87 -0.56 1.33 -6.84
C CYS A 87 0.11 2.33 -5.89
N GLU A 88 1.33 2.75 -6.24
CA GLU A 88 2.04 3.81 -5.54
C GLU A 88 1.26 5.11 -5.71
N LYS A 89 0.76 5.32 -6.91
CA LYS A 89 -0.03 6.50 -7.20
C LYS A 89 -1.48 6.30 -6.80
N LEU A 90 -1.96 5.08 -6.91
CA LEU A 90 -3.34 4.76 -6.55
C LEU A 90 -3.57 4.84 -5.02
N LYS A 91 -2.55 4.49 -4.22
CA LYS A 91 -2.62 4.55 -2.72
C LYS A 91 -2.88 5.94 -2.22
N LYS A 92 -2.56 6.90 -3.04
CA LYS A 92 -2.76 8.30 -2.74
C LYS A 92 -4.24 8.64 -2.75
N LEU A 93 -5.01 7.82 -3.44
CA LEU A 93 -6.40 8.09 -3.62
C LEU A 93 -7.23 7.05 -2.88
N ASP A 94 -6.86 5.79 -3.04
CA ASP A 94 -7.55 4.68 -2.38
C ASP A 94 -6.54 3.77 -1.73
N SER A 95 -6.88 3.26 -0.58
CA SER A 95 -6.01 2.36 0.11
C SER A 95 -6.69 1.00 0.33
N GLN A 96 -7.97 0.90 -0.03
CA GLN A 96 -8.75 -0.28 0.23
C GLN A 96 -8.26 -1.42 -0.64
N ILE A 97 -7.86 -1.08 -1.86
CA ILE A 97 -7.30 -2.03 -2.82
C ILE A 97 -6.09 -2.76 -2.23
N CYS A 98 -5.19 -2.00 -1.67
CA CYS A 98 -3.89 -2.54 -1.39
C CYS A 98 -3.63 -2.88 0.07
N GLU A 99 -4.37 -2.30 1.00
CA GLU A 99 -4.08 -2.56 2.39
C GLU A 99 -4.71 -3.85 2.87
N LEU A 100 -4.10 -4.90 2.44
CA LEU A 100 -4.45 -6.27 2.75
C LEU A 100 -3.17 -6.90 3.25
N LYS A 101 -2.44 -6.11 4.00
CA LYS A 101 -1.14 -6.49 4.50
C LYS A 101 -1.25 -7.34 5.75
N TYR A 102 -0.18 -7.43 6.53
CA TYR A 102 -0.18 -8.30 7.68
C TYR A 102 -0.23 -7.50 8.95
N GLU A 103 0.10 -6.31 8.81
CA GLU A 103 0.32 -5.43 9.89
C GLU A 103 -0.30 -4.07 9.62
N LYS A 104 -0.01 -3.12 10.49
CA LYS A 104 -0.36 -1.76 10.26
C LYS A 104 0.90 -1.02 9.89
N THR A 105 1.04 -0.74 8.61
CA THR A 105 2.19 -0.10 8.05
C THR A 105 2.51 1.23 8.73
N LEU A 106 3.47 1.17 9.60
CA LEU A 106 4.03 2.32 10.21
C LEU A 106 5.50 2.05 10.22
N ASP A 107 6.26 2.95 9.68
CA ASP A 107 7.64 2.75 9.36
C ASP A 107 8.56 2.77 10.52
N LEU A 108 8.19 3.56 11.42
CA LEU A 108 8.91 3.94 12.58
C LEU A 108 10.43 4.21 12.39
N ALA A 109 10.82 4.45 11.18
CA ALA A 109 12.23 4.69 10.86
C ALA A 109 12.44 6.03 10.18
N SER A 110 11.45 6.49 9.49
CA SER A 110 11.50 7.75 8.83
C SER A 110 10.70 8.74 9.65
N VAL A 111 9.78 8.20 10.41
CA VAL A 111 8.98 8.97 11.31
C VAL A 111 9.72 9.05 12.64
N ASP A 112 9.40 10.02 13.43
CA ASP A 112 10.09 10.22 14.68
C ASP A 112 9.14 10.62 15.71
N LEU A 113 8.95 9.74 16.64
CA LEU A 113 7.97 9.86 17.69
C LEU A 113 8.27 11.03 18.62
N ARG A 114 9.52 11.47 18.65
CA ARG A 114 9.89 12.58 19.51
C ARG A 114 9.70 13.92 18.82
N LYS A 115 9.66 13.91 17.48
CA LYS A 115 9.50 15.05 16.71
C LYS A 115 8.00 15.25 16.39
N MET A 116 7.18 14.36 16.87
CA MET A 116 5.78 14.39 16.61
C MET A 116 4.98 14.53 17.90
N ARG A 117 3.68 14.64 17.80
CA ARG A 117 2.86 14.99 18.87
C ARG A 117 2.34 13.76 19.58
N VAL A 118 2.42 13.79 20.89
CA VAL A 118 2.02 12.72 21.75
C VAL A 118 0.59 12.25 21.49
N ALA A 119 -0.26 13.16 21.12
CA ALA A 119 -1.67 12.89 20.80
C ALA A 119 -1.80 11.86 19.70
N GLU A 120 -0.92 11.96 18.72
CA GLU A 120 -0.88 11.03 17.59
C GLU A 120 -0.45 9.70 18.14
N LEU A 121 0.60 9.75 18.90
CA LEU A 121 1.15 8.65 19.62
C LEU A 121 0.14 7.96 20.54
N LYS A 122 -0.73 8.74 21.20
CA LYS A 122 -1.80 8.21 21.96
C LYS A 122 -2.70 7.36 21.05
N GLN A 123 -3.02 7.91 19.88
CA GLN A 123 -3.81 7.17 18.88
C GLN A 123 -3.06 5.93 18.41
N ILE A 124 -1.74 6.05 18.26
CA ILE A 124 -0.87 4.94 17.84
C ILE A 124 -0.99 3.75 18.79
N LEU A 125 -0.86 3.99 20.10
CA LEU A 125 -0.90 2.85 21.03
C LEU A 125 -2.31 2.28 21.15
N HIS A 126 -3.28 3.15 20.94
CA HIS A 126 -4.68 2.79 20.99
C HIS A 126 -5.03 2.00 19.75
N SER A 127 -4.36 2.34 18.66
CA SER A 127 -4.53 1.64 17.43
C SER A 127 -3.89 0.26 17.58
N TRP A 128 -2.92 0.13 18.47
CA TRP A 128 -2.36 -1.17 18.72
C TRP A 128 -2.87 -1.69 20.06
N GLY A 129 -4.12 -1.30 20.42
CA GLY A 129 -4.85 -1.81 21.60
C GLY A 129 -3.99 -2.10 22.84
N GLU A 130 -3.00 -1.27 23.11
CA GLU A 130 -2.09 -1.57 24.19
C GLU A 130 -2.48 -0.80 25.45
N GLU A 131 -1.56 -0.74 26.36
CA GLU A 131 -1.76 -0.18 27.68
C GLU A 131 -0.58 0.77 27.95
N CYS A 132 -0.70 1.63 28.93
CA CYS A 132 0.34 2.57 29.25
C CYS A 132 0.25 3.01 30.71
N ARG A 133 1.32 2.79 31.47
CA ARG A 133 1.32 3.12 32.89
C ARG A 133 1.77 4.56 33.17
N ALA A 134 2.13 5.31 32.15
CA ALA A 134 2.56 6.69 32.36
C ALA A 134 1.99 7.61 31.28
N CYS A 135 2.72 7.76 30.18
CA CYS A 135 2.26 8.54 29.02
C CYS A 135 2.28 10.01 29.28
N ALA A 136 3.38 10.44 29.79
CA ALA A 136 3.62 11.80 30.09
C ALA A 136 4.04 12.55 28.83
N GLU A 137 5.17 12.18 28.25
CA GLU A 137 5.66 12.89 27.10
C GLU A 137 5.80 12.00 25.87
N LYS A 138 6.44 12.56 24.83
CA LYS A 138 6.66 11.87 23.58
C LYS A 138 7.59 10.73 23.85
N THR A 139 8.60 11.00 24.66
CA THR A 139 9.62 10.04 25.04
C THR A 139 8.99 8.81 25.69
N ASP A 140 7.90 9.03 26.46
CA ASP A 140 7.13 7.89 27.03
C ASP A 140 6.71 6.97 25.93
N TYR A 141 6.12 7.57 24.92
CA TYR A 141 5.62 6.86 23.78
C TYR A 141 6.74 6.27 22.97
N VAL A 142 7.84 6.99 22.86
CA VAL A 142 8.97 6.52 22.08
C VAL A 142 9.44 5.15 22.54
N ASN A 143 9.65 4.99 23.84
CA ASN A 143 10.15 3.70 24.35
C ASN A 143 9.14 2.61 24.05
N LEU A 144 7.90 2.96 24.27
CA LEU A 144 6.80 2.01 24.21
C LEU A 144 6.54 1.62 22.76
N ILE A 145 6.61 2.59 21.90
CA ILE A 145 6.37 2.38 20.51
C ILE A 145 7.45 1.48 19.88
N GLN A 146 8.68 1.61 20.33
CA GLN A 146 9.77 0.80 19.81
C GLN A 146 9.63 -0.66 20.26
N GLU A 147 9.22 -0.87 21.51
CA GLU A 147 9.09 -2.22 22.04
C GLU A 147 7.84 -2.92 21.48
N LEU A 148 6.83 -2.13 21.15
CA LEU A 148 5.60 -2.67 20.59
C LEU A 148 5.68 -2.79 19.07
N ALA A 149 6.63 -2.09 18.48
CA ALA A 149 6.83 -2.06 17.04
C ALA A 149 6.85 -3.46 16.37
N PRO A 150 7.69 -4.44 16.81
CA PRO A 150 7.75 -5.76 16.15
C PRO A 150 6.54 -6.64 16.46
N LYS A 151 5.59 -6.07 17.15
CA LYS A 151 4.38 -6.75 17.50
C LYS A 151 3.23 -6.29 16.60
N TYR A 152 3.37 -5.10 15.97
CA TYR A 152 2.30 -4.54 15.15
C TYR A 152 2.77 -3.92 13.82
N ALA A 153 4.01 -3.49 13.76
CA ALA A 153 4.55 -2.83 12.57
C ALA A 153 5.10 -3.87 11.59
N ALA A 154 5.81 -3.39 10.57
CA ALA A 154 6.38 -4.26 9.55
C ALA A 154 7.35 -5.27 10.14
N THR A 155 6.92 -6.50 10.21
CA THR A 155 7.69 -7.57 10.75
C THR A 155 7.11 -8.87 10.21
N HIS A 156 7.77 -9.97 10.51
CA HIS A 156 7.33 -11.26 10.11
C HIS A 156 6.09 -11.63 10.93
N PRO A 157 5.18 -12.43 10.37
CA PRO A 157 4.01 -12.92 11.05
C PRO A 157 4.43 -13.87 12.14
N LYS A 158 4.56 -13.30 13.30
CA LYS A 158 4.94 -14.00 14.48
C LYS A 158 3.78 -14.80 15.06
N THR A 159 4.06 -15.45 16.14
CA THR A 159 3.14 -16.26 16.87
C THR A 159 2.14 -15.39 17.66
N GLU A 160 1.25 -16.04 18.37
CA GLU A 160 0.23 -15.39 19.21
C GLU A 160 0.89 -14.81 20.41
N LEU A 161 1.91 -15.44 20.73
CA LEU A 161 2.77 -15.12 21.78
C LEU A 161 3.89 -14.32 21.19
N GLN A 1 22.67 4.26 2.11
CA GLN A 1 22.09 2.98 1.66
C GLN A 1 21.23 2.41 2.73
N GLU A 2 19.96 2.57 2.53
CA GLU A 2 18.96 2.24 3.49
C GLU A 2 17.63 2.00 2.76
N ALA A 3 17.04 3.06 2.28
CA ALA A 3 15.78 3.00 1.57
C ALA A 3 16.00 3.33 0.12
N GLY A 4 17.05 4.09 -0.14
CA GLY A 4 17.39 4.48 -1.49
C GLY A 4 17.76 3.28 -2.34
N GLY A 5 16.81 2.79 -3.08
CA GLY A 5 17.03 1.67 -3.94
C GLY A 5 15.85 0.72 -3.91
N ARG A 6 15.12 0.71 -2.81
CA ARG A 6 14.00 -0.14 -2.66
C ARG A 6 12.96 0.52 -1.69
N PRO A 7 11.80 0.84 -2.17
CA PRO A 7 10.79 1.49 -1.40
C PRO A 7 9.71 0.57 -0.83
N GLY A 8 9.82 0.37 0.42
CA GLY A 8 8.84 -0.40 1.17
C GLY A 8 7.75 0.52 1.60
N ALA A 9 6.94 0.89 0.65
CA ALA A 9 5.88 1.84 0.85
C ALA A 9 4.63 1.19 1.43
N ASP A 10 3.60 2.02 1.61
CA ASP A 10 2.32 1.70 2.28
C ASP A 10 1.66 0.37 1.87
N CYS A 11 1.19 0.31 0.63
CA CYS A 11 0.43 -0.85 0.18
C CYS A 11 1.29 -2.13 0.09
N GLU A 12 0.72 -3.23 0.52
CA GLU A 12 1.40 -4.52 0.57
C GLU A 12 0.99 -5.38 -0.63
N VAL A 13 -0.26 -5.84 -0.59
CA VAL A 13 -0.82 -6.73 -1.60
C VAL A 13 -0.77 -6.07 -2.96
N CYS A 14 -1.23 -4.86 -3.02
CA CYS A 14 -1.14 -4.12 -4.23
C CYS A 14 0.23 -3.46 -4.27
N LYS A 15 1.16 -4.24 -4.77
CA LYS A 15 2.53 -3.90 -5.09
C LYS A 15 3.13 -5.07 -5.77
N GLU A 16 3.56 -6.04 -4.98
CA GLU A 16 4.26 -7.14 -5.51
C GLU A 16 3.38 -8.09 -6.30
N PHE A 17 2.08 -8.16 -6.01
CA PHE A 17 1.23 -9.01 -6.86
C PHE A 17 1.25 -8.52 -8.32
N LEU A 18 1.06 -7.23 -8.52
CA LEU A 18 1.06 -6.68 -9.86
C LEU A 18 2.47 -6.63 -10.42
N ASN A 19 3.43 -6.58 -9.53
CA ASN A 19 4.82 -6.53 -9.89
C ASN A 19 5.30 -7.92 -10.32
N ARG A 20 4.78 -8.93 -9.66
CA ARG A 20 5.00 -10.34 -9.98
C ARG A 20 4.37 -10.61 -11.33
N PHE A 21 3.26 -9.97 -11.53
CA PHE A 21 2.52 -10.05 -12.75
C PHE A 21 3.32 -9.45 -13.89
N TYR A 22 3.88 -8.25 -13.67
CA TYR A 22 4.76 -7.60 -14.66
C TYR A 22 5.91 -8.51 -15.06
N LYS A 23 6.41 -9.25 -14.10
CA LYS A 23 7.51 -10.17 -14.32
C LYS A 23 7.14 -11.26 -15.32
N SER A 24 5.86 -11.59 -15.41
CA SER A 24 5.45 -12.67 -16.28
C SER A 24 5.24 -12.14 -17.69
N LEU A 25 4.83 -10.88 -17.76
CA LEU A 25 4.70 -10.21 -19.01
C LEU A 25 6.08 -10.13 -19.69
N ILE A 26 7.08 -9.95 -18.88
CA ILE A 26 8.44 -9.88 -19.36
C ILE A 26 8.99 -11.27 -19.67
N ASP A 27 8.70 -12.24 -18.80
CA ASP A 27 9.23 -13.60 -18.90
C ASP A 27 8.78 -14.31 -20.16
N ARG A 28 7.51 -14.23 -20.39
CA ARG A 28 6.87 -14.86 -21.48
C ARG A 28 6.89 -14.01 -22.73
N GLY A 29 7.42 -12.80 -22.64
CA GLY A 29 7.43 -11.89 -23.78
C GLY A 29 6.02 -11.48 -24.19
N VAL A 30 5.18 -11.28 -23.20
CA VAL A 30 3.81 -10.92 -23.44
C VAL A 30 3.67 -9.41 -23.51
N ASN A 31 2.96 -8.96 -24.52
CA ASN A 31 2.77 -7.57 -24.83
C ASN A 31 1.94 -6.84 -23.78
N PHE A 32 2.37 -5.66 -23.44
CA PHE A 32 1.75 -4.84 -22.45
C PHE A 32 0.73 -3.94 -23.13
N SER A 33 -0.49 -4.37 -23.19
CA SER A 33 -1.53 -3.58 -23.77
C SER A 33 -2.78 -3.70 -22.96
N LEU A 34 -3.70 -2.76 -23.15
CA LEU A 34 -5.03 -2.84 -22.57
C LEU A 34 -5.65 -4.18 -22.92
N ASP A 35 -5.61 -4.50 -24.20
CA ASP A 35 -6.16 -5.74 -24.76
C ASP A 35 -5.57 -6.98 -24.11
N THR A 36 -4.27 -7.05 -24.10
CA THR A 36 -3.59 -8.20 -23.66
C THR A 36 -3.56 -8.33 -22.13
N ILE A 37 -3.47 -7.21 -21.42
CA ILE A 37 -3.49 -7.24 -19.97
C ILE A 37 -4.90 -7.56 -19.45
N GLU A 38 -5.91 -7.18 -20.22
CA GLU A 38 -7.32 -7.54 -19.92
C GLU A 38 -7.51 -9.08 -20.01
N LYS A 39 -6.55 -9.76 -20.55
CA LYS A 39 -6.57 -11.17 -20.56
C LYS A 39 -5.69 -11.68 -19.43
N GLU A 40 -4.42 -11.27 -19.48
CA GLU A 40 -3.40 -11.72 -18.55
C GLU A 40 -3.69 -11.43 -17.10
N LEU A 41 -4.32 -10.32 -16.80
CA LEU A 41 -4.55 -9.97 -15.40
C LEU A 41 -5.56 -10.95 -14.82
N ILE A 42 -6.55 -11.28 -15.60
CA ILE A 42 -7.60 -12.18 -15.20
C ILE A 42 -7.03 -13.61 -15.05
N SER A 43 -6.22 -14.02 -16.00
CA SER A 43 -5.61 -15.34 -15.97
C SER A 43 -4.55 -15.46 -14.88
N PHE A 44 -3.85 -14.38 -14.61
CA PHE A 44 -2.84 -14.38 -13.57
C PHE A 44 -3.54 -14.47 -12.23
N CYS A 45 -4.75 -13.96 -12.18
CA CYS A 45 -5.57 -14.04 -10.99
C CYS A 45 -6.14 -15.43 -10.77
N LEU A 46 -5.80 -16.39 -11.64
CA LEU A 46 -6.12 -17.79 -11.37
C LEU A 46 -5.29 -18.26 -10.20
N ASP A 47 -4.17 -17.58 -10.02
CA ASP A 47 -3.29 -17.90 -8.93
C ASP A 47 -3.87 -17.43 -7.62
N THR A 48 -4.58 -16.32 -7.66
CA THR A 48 -5.03 -15.70 -6.46
C THR A 48 -6.00 -16.52 -5.67
N LYS A 49 -5.58 -16.82 -4.49
CA LYS A 49 -6.32 -17.62 -3.59
C LYS A 49 -6.67 -16.76 -2.41
N GLY A 50 -7.14 -17.39 -1.30
CA GLY A 50 -7.50 -16.66 -0.07
C GLY A 50 -6.56 -15.50 0.21
N LYS A 51 -7.13 -14.40 0.70
CA LYS A 51 -6.50 -13.06 0.82
C LYS A 51 -6.56 -12.31 -0.52
N GLU A 52 -5.59 -12.58 -1.38
CA GLU A 52 -5.33 -11.81 -2.60
C GLU A 52 -6.32 -12.11 -3.70
N ASN A 53 -7.13 -13.09 -3.47
CA ASN A 53 -8.27 -13.40 -4.38
C ASN A 53 -9.28 -12.23 -4.30
N ARG A 54 -9.29 -11.53 -3.13
CA ARG A 54 -10.10 -10.34 -2.95
C ARG A 54 -9.57 -9.21 -3.80
N LEU A 55 -8.25 -9.12 -3.92
CA LEU A 55 -7.59 -8.09 -4.71
C LEU A 55 -8.09 -8.12 -6.13
N CYS A 56 -8.02 -9.29 -6.72
CA CYS A 56 -8.48 -9.49 -8.11
C CYS A 56 -9.99 -9.30 -8.26
N TYR A 57 -10.69 -9.34 -7.17
CA TYR A 57 -12.10 -9.07 -7.16
C TYR A 57 -12.30 -7.54 -7.23
N TYR A 58 -11.45 -6.83 -6.51
CA TYR A 58 -11.49 -5.38 -6.46
C TYR A 58 -10.98 -4.77 -7.76
N LEU A 59 -10.00 -5.42 -8.36
CA LEU A 59 -9.35 -4.94 -9.59
C LEU A 59 -10.13 -5.30 -10.86
N GLY A 60 -11.23 -6.01 -10.72
CA GLY A 60 -12.03 -6.35 -11.90
C GLY A 60 -11.38 -7.44 -12.75
N ALA A 61 -10.63 -8.31 -12.10
CA ALA A 61 -9.91 -9.37 -12.79
C ALA A 61 -10.49 -10.73 -12.42
N THR A 62 -11.73 -10.73 -12.04
CA THR A 62 -12.42 -11.93 -11.67
C THR A 62 -13.77 -11.99 -12.37
N LYS A 63 -14.39 -13.15 -12.38
CA LYS A 63 -15.67 -13.36 -13.07
C LYS A 63 -16.86 -12.90 -12.24
N ASP A 64 -16.61 -12.53 -11.03
CA ASP A 64 -17.67 -12.13 -10.10
C ASP A 64 -17.51 -10.68 -9.74
N ALA A 65 -16.63 -10.02 -10.44
CA ALA A 65 -16.34 -8.65 -10.16
C ALA A 65 -17.39 -7.76 -10.79
N ALA A 66 -18.00 -6.94 -9.97
CA ALA A 66 -19.02 -5.99 -10.42
C ALA A 66 -18.37 -4.69 -10.89
N THR A 67 -17.15 -4.80 -11.28
CA THR A 67 -16.37 -3.69 -11.72
C THR A 67 -15.36 -4.19 -12.75
N LYS A 68 -14.58 -3.29 -13.26
CA LYS A 68 -13.59 -3.59 -14.27
C LYS A 68 -12.31 -2.87 -13.98
N ILE A 69 -12.39 -1.62 -13.54
CA ILE A 69 -11.20 -0.85 -13.16
C ILE A 69 -10.27 -0.62 -14.40
N LEU A 70 -10.59 0.40 -15.18
CA LEU A 70 -9.85 0.63 -16.41
C LEU A 70 -8.72 1.63 -16.26
N SER A 71 -9.05 2.90 -16.02
CA SER A 71 -8.02 3.95 -15.92
C SER A 71 -7.18 3.82 -14.67
N GLU A 72 -7.59 2.96 -13.81
CA GLU A 72 -6.83 2.63 -12.69
C GLU A 72 -6.29 1.26 -12.91
N VAL A 73 -5.00 1.19 -12.83
CA VAL A 73 -4.22 -0.03 -12.95
C VAL A 73 -4.11 -0.53 -14.41
N THR A 74 -5.17 -1.11 -14.95
CA THR A 74 -5.16 -1.72 -16.28
C THR A 74 -4.64 -0.75 -17.37
N ARG A 75 -5.15 0.47 -17.38
CA ARG A 75 -4.74 1.47 -18.35
C ARG A 75 -3.27 1.91 -18.13
N PRO A 76 -2.87 2.42 -16.92
CA PRO A 76 -1.47 2.78 -16.63
C PRO A 76 -0.49 1.61 -16.86
N MET A 77 -0.93 0.39 -16.62
CA MET A 77 -0.07 -0.79 -16.83
C MET A 77 0.30 -0.97 -18.29
N SER A 78 -0.52 -0.44 -19.17
CA SER A 78 -0.30 -0.56 -20.59
C SER A 78 0.71 0.50 -21.08
N VAL A 79 1.22 1.33 -20.18
CA VAL A 79 2.19 2.35 -20.56
C VAL A 79 3.35 2.35 -19.53
N HIS A 80 3.70 1.13 -19.09
CA HIS A 80 4.80 0.90 -18.13
C HIS A 80 4.69 1.77 -16.87
N MET A 81 3.67 1.50 -16.12
CA MET A 81 3.36 2.17 -14.86
C MET A 81 3.60 1.35 -13.60
N PRO A 82 4.87 1.16 -13.23
CA PRO A 82 5.31 0.24 -12.14
C PRO A 82 4.33 0.14 -10.94
N ALA A 83 4.25 -1.07 -10.45
CA ALA A 83 3.29 -1.58 -9.46
C ALA A 83 3.22 -0.86 -8.09
N MET A 84 3.98 0.17 -7.89
CA MET A 84 4.00 0.79 -6.60
C MET A 84 3.11 1.99 -6.56
N LYS A 85 3.44 2.96 -7.38
CA LYS A 85 2.79 4.26 -7.40
C LYS A 85 1.29 4.21 -7.75
N ILE A 86 0.85 3.13 -8.35
CA ILE A 86 -0.55 3.06 -8.70
C ILE A 86 -1.36 2.71 -7.47
N CYS A 87 -0.88 1.74 -6.75
CA CYS A 87 -1.56 1.23 -5.60
C CYS A 87 -1.56 2.21 -4.45
N GLU A 88 -0.45 2.94 -4.32
CA GLU A 88 -0.30 3.90 -3.25
C GLU A 88 -1.42 4.94 -3.27
N LYS A 89 -1.84 5.30 -4.48
CA LYS A 89 -2.86 6.31 -4.64
C LYS A 89 -4.25 5.72 -4.62
N LEU A 90 -4.35 4.44 -4.98
CA LEU A 90 -5.64 3.68 -5.06
C LEU A 90 -6.51 3.75 -3.80
N LYS A 91 -5.91 4.04 -2.65
CA LYS A 91 -6.64 4.12 -1.36
C LYS A 91 -7.78 5.14 -1.36
N LYS A 92 -7.71 6.09 -2.27
CA LYS A 92 -8.79 7.07 -2.47
C LYS A 92 -10.10 6.40 -2.90
N LEU A 93 -9.95 5.22 -3.44
CA LEU A 93 -11.07 4.41 -3.86
C LEU A 93 -11.34 3.35 -2.80
N ASP A 94 -10.31 2.60 -2.48
CA ASP A 94 -10.41 1.53 -1.49
C ASP A 94 -9.06 1.27 -0.83
N SER A 95 -9.08 0.89 0.43
CA SER A 95 -7.88 0.67 1.18
C SER A 95 -7.59 -0.82 1.36
N GLN A 96 -8.55 -1.68 1.04
CA GLN A 96 -8.41 -3.12 1.20
C GLN A 96 -7.48 -3.64 0.15
N ILE A 97 -7.53 -3.01 -1.01
CA ILE A 97 -6.62 -3.27 -2.14
C ILE A 97 -5.14 -3.23 -1.66
N CYS A 98 -4.86 -2.42 -0.66
CA CYS A 98 -3.53 -2.30 -0.18
C CYS A 98 -3.11 -3.38 0.82
N GLU A 99 -4.04 -3.91 1.60
CA GLU A 99 -3.66 -4.93 2.57
C GLU A 99 -4.75 -5.98 2.72
N LEU A 100 -4.35 -7.21 2.53
CA LEU A 100 -5.23 -8.38 2.60
C LEU A 100 -4.45 -9.57 3.16
N LYS A 101 -3.17 -9.37 3.53
CA LYS A 101 -2.36 -10.49 3.93
C LYS A 101 -2.62 -10.93 5.35
N TYR A 102 -1.88 -10.39 6.25
CA TYR A 102 -2.04 -10.70 7.63
C TYR A 102 -2.33 -9.47 8.44
N GLU A 103 -1.34 -9.02 9.06
CA GLU A 103 -1.37 -7.84 9.83
C GLU A 103 -0.04 -7.12 9.63
N LYS A 104 0.09 -6.00 10.27
CA LYS A 104 1.31 -5.25 10.27
C LYS A 104 1.55 -4.78 11.67
N THR A 105 2.52 -5.38 12.30
CA THR A 105 2.86 -5.08 13.66
C THR A 105 3.74 -3.83 13.72
N LEU A 106 4.05 -3.39 14.91
CA LEU A 106 4.80 -2.19 15.10
C LEU A 106 6.26 -2.51 15.40
N ASP A 107 7.09 -2.28 14.44
CA ASP A 107 8.46 -2.54 14.50
C ASP A 107 9.22 -1.30 14.91
N LEU A 108 9.18 -1.02 16.19
CA LEU A 108 9.83 0.14 16.79
C LEU A 108 11.36 0.13 16.63
N ALA A 109 11.91 -1.00 16.29
CA ALA A 109 13.36 -1.13 16.10
C ALA A 109 13.73 -0.78 14.66
N SER A 110 12.72 -0.69 13.83
CA SER A 110 12.87 -0.41 12.43
C SER A 110 12.64 1.07 12.15
N VAL A 111 11.87 1.69 13.00
CA VAL A 111 11.42 3.03 12.77
C VAL A 111 12.09 4.02 13.71
N ASP A 112 12.27 5.22 13.22
CA ASP A 112 12.90 6.28 13.97
C ASP A 112 11.80 6.96 14.72
N LEU A 113 11.71 6.65 15.99
CA LEU A 113 10.63 7.07 16.89
C LEU A 113 10.42 8.59 16.91
N ARG A 114 11.44 9.31 16.64
CA ARG A 114 11.36 10.76 16.66
C ARG A 114 10.83 11.32 15.32
N LYS A 115 10.89 10.52 14.22
CA LYS A 115 10.42 10.96 12.94
C LYS A 115 8.97 10.53 12.66
N MET A 116 8.35 9.84 13.59
CA MET A 116 6.99 9.42 13.40
C MET A 116 6.00 10.53 13.70
N ARG A 117 4.82 10.34 13.26
CA ARG A 117 3.79 11.31 13.28
C ARG A 117 2.81 10.96 14.33
N VAL A 118 2.57 11.91 15.18
CA VAL A 118 1.78 11.80 16.38
C VAL A 118 0.42 11.10 16.17
N ALA A 119 -0.15 11.30 15.02
CA ALA A 119 -1.43 10.72 14.62
C ALA A 119 -1.38 9.19 14.63
N GLU A 120 -0.27 8.65 14.16
CA GLU A 120 -0.04 7.21 14.14
C GLU A 120 0.06 6.76 15.55
N LEU A 121 0.88 7.49 16.28
CA LEU A 121 1.08 7.27 17.70
C LEU A 121 -0.21 7.32 18.48
N LYS A 122 -1.13 8.22 18.11
CA LYS A 122 -2.41 8.28 18.70
C LYS A 122 -3.17 6.97 18.51
N GLN A 123 -3.04 6.37 17.35
CA GLN A 123 -3.65 5.05 17.11
C GLN A 123 -2.93 4.00 17.97
N ILE A 124 -1.60 4.06 17.95
CA ILE A 124 -0.71 3.15 18.69
C ILE A 124 -1.05 3.13 20.18
N LEU A 125 -1.15 4.30 20.77
CA LEU A 125 -1.40 4.45 22.18
C LEU A 125 -2.76 3.86 22.58
N HIS A 126 -3.74 4.02 21.72
CA HIS A 126 -5.08 3.52 21.98
C HIS A 126 -5.10 2.02 21.80
N SER A 127 -4.24 1.54 20.93
CA SER A 127 -4.09 0.14 20.70
C SER A 127 -3.38 -0.48 21.90
N TRP A 128 -2.61 0.32 22.64
CA TRP A 128 -1.98 -0.19 23.82
C TRP A 128 -2.56 0.46 25.07
N GLY A 129 -3.85 0.81 25.02
CA GLY A 129 -4.56 1.37 26.22
C GLY A 129 -3.75 2.44 26.99
N GLU A 130 -3.01 3.24 26.26
CA GLU A 130 -2.12 4.25 26.80
C GLU A 130 -2.83 5.57 26.97
N GLU A 131 -2.28 6.39 27.81
CA GLU A 131 -2.79 7.66 28.08
C GLU A 131 -1.76 8.78 27.81
N CYS A 132 -2.21 10.01 27.91
CA CYS A 132 -1.39 11.19 27.60
C CYS A 132 -0.22 11.32 28.58
N ARG A 133 1.01 11.21 28.07
CA ARG A 133 2.16 11.31 28.93
C ARG A 133 2.42 12.75 29.34
N ALA A 134 2.45 13.62 28.36
CA ALA A 134 2.61 15.05 28.59
C ALA A 134 1.83 15.82 27.55
N CYS A 135 1.86 15.28 26.34
CA CYS A 135 1.20 15.82 25.17
C CYS A 135 1.82 17.11 24.71
N ALA A 136 2.91 16.93 24.04
CA ALA A 136 3.67 17.98 23.49
C ALA A 136 4.06 17.61 22.08
N GLU A 137 4.43 16.35 21.89
CA GLU A 137 4.83 15.86 20.59
C GLU A 137 4.87 14.37 20.56
N LYS A 138 5.06 13.84 19.38
CA LYS A 138 5.20 12.42 19.18
C LYS A 138 6.27 11.84 20.07
N THR A 139 7.34 12.59 20.32
CA THR A 139 8.38 12.11 21.18
C THR A 139 7.88 11.92 22.63
N ASP A 140 6.94 12.78 23.09
CA ASP A 140 6.43 12.58 24.47
C ASP A 140 5.58 11.29 24.51
N TYR A 141 4.93 11.01 23.38
CA TYR A 141 4.18 9.77 23.16
C TYR A 141 5.19 8.60 23.19
N VAL A 142 6.22 8.74 22.34
CA VAL A 142 7.34 7.78 22.20
C VAL A 142 7.92 7.40 23.52
N ASN A 143 8.20 8.36 24.34
CA ASN A 143 8.77 8.15 25.67
C ASN A 143 8.00 7.10 26.47
N LEU A 144 6.68 7.21 26.42
CA LEU A 144 5.81 6.28 27.14
C LEU A 144 5.70 4.96 26.35
N ILE A 145 5.63 5.10 25.04
CA ILE A 145 5.61 3.96 24.15
C ILE A 145 6.85 3.05 24.37
N GLN A 146 8.01 3.65 24.64
CA GLN A 146 9.22 2.89 24.88
C GLN A 146 9.14 2.07 26.16
N GLU A 147 8.59 2.65 27.22
CA GLU A 147 8.50 1.95 28.49
C GLU A 147 7.40 0.89 28.46
N LEU A 148 6.39 1.11 27.62
CA LEU A 148 5.30 0.18 27.48
C LEU A 148 5.60 -0.90 26.44
N ALA A 149 6.61 -0.65 25.63
CA ALA A 149 7.02 -1.55 24.54
C ALA A 149 7.18 -3.03 24.96
N PRO A 150 7.94 -3.36 26.05
CA PRO A 150 8.11 -4.77 26.46
C PRO A 150 6.81 -5.40 27.01
N LYS A 151 5.80 -4.60 27.20
CA LYS A 151 4.55 -5.09 27.73
C LYS A 151 3.60 -5.44 26.59
N TYR A 152 3.99 -5.10 25.37
CA TYR A 152 3.16 -5.34 24.21
C TYR A 152 3.92 -6.01 23.07
N ALA A 153 5.10 -5.52 22.77
CA ALA A 153 5.87 -6.00 21.64
C ALA A 153 6.69 -7.23 22.01
N ALA A 154 7.63 -7.04 22.91
CA ALA A 154 8.48 -8.12 23.31
C ALA A 154 8.37 -8.33 24.80
N THR A 155 7.45 -9.20 25.17
CA THR A 155 7.18 -9.50 26.55
C THR A 155 8.26 -10.41 27.16
N HIS A 156 9.17 -10.90 26.29
CA HIS A 156 10.26 -11.78 26.62
C HIS A 156 9.73 -13.20 27.03
N PRO A 157 10.48 -14.26 26.71
CA PRO A 157 10.13 -15.65 27.08
C PRO A 157 10.36 -15.92 28.58
N LYS A 158 9.78 -15.08 29.40
CA LYS A 158 9.89 -15.16 30.82
C LYS A 158 8.79 -16.01 31.43
N THR A 159 9.11 -16.63 32.49
CA THR A 159 8.21 -17.45 33.23
C THR A 159 7.62 -16.66 34.41
N GLU A 160 6.72 -17.28 35.15
CA GLU A 160 6.15 -16.71 36.38
C GLU A 160 6.82 -17.37 37.57
N LEU A 161 7.80 -18.11 37.21
CA LEU A 161 8.66 -18.89 38.01
C LEU A 161 9.59 -19.55 37.02
N GLN A 1 14.98 10.18 -17.82
CA GLN A 1 15.57 10.36 -16.49
C GLN A 1 14.77 9.50 -15.56
N GLU A 2 15.31 8.38 -15.29
CA GLU A 2 14.71 7.32 -14.57
C GLU A 2 15.83 6.55 -13.90
N ALA A 3 16.86 6.29 -14.68
CA ALA A 3 18.06 5.70 -14.15
C ALA A 3 18.76 6.73 -13.30
N GLY A 4 18.80 6.48 -12.02
CA GLY A 4 19.43 7.41 -11.11
C GLY A 4 18.42 8.40 -10.57
N GLY A 5 17.16 8.11 -10.75
CA GLY A 5 16.13 8.97 -10.24
C GLY A 5 14.96 8.17 -9.72
N ARG A 6 13.89 8.19 -10.45
CA ARG A 6 12.71 7.47 -10.11
C ARG A 6 12.15 6.87 -11.38
N PRO A 7 11.21 5.89 -11.31
CA PRO A 7 10.65 5.28 -12.53
C PRO A 7 9.93 6.28 -13.44
N GLY A 8 9.62 5.84 -14.67
CA GLY A 8 9.03 6.67 -15.72
C GLY A 8 7.59 7.12 -15.46
N ALA A 9 7.40 7.90 -14.42
CA ALA A 9 6.14 8.48 -14.03
C ALA A 9 6.38 9.24 -12.76
N ASP A 10 5.31 9.66 -12.14
CA ASP A 10 5.38 10.31 -10.85
C ASP A 10 5.15 9.26 -9.76
N CYS A 11 4.88 8.07 -10.23
CA CYS A 11 4.50 6.96 -9.40
C CYS A 11 5.68 6.08 -9.12
N GLU A 12 5.70 5.49 -7.94
CA GLU A 12 6.73 4.57 -7.57
C GLU A 12 6.21 3.13 -7.65
N VAL A 13 5.22 2.84 -6.79
CA VAL A 13 4.69 1.49 -6.66
C VAL A 13 3.84 1.12 -7.87
N CYS A 14 3.16 2.11 -8.44
CA CYS A 14 2.42 1.90 -9.67
C CYS A 14 3.41 1.81 -10.82
N LYS A 15 3.89 0.59 -11.01
CA LYS A 15 4.77 0.15 -12.09
C LYS A 15 5.27 -1.22 -11.79
N GLU A 16 6.27 -1.28 -10.91
CA GLU A 16 7.01 -2.51 -10.55
C GLU A 16 6.10 -3.72 -10.38
N PHE A 17 5.13 -3.63 -9.48
CA PHE A 17 4.23 -4.74 -9.19
C PHE A 17 3.51 -5.26 -10.45
N LEU A 18 2.82 -4.38 -11.16
CA LEU A 18 2.05 -4.79 -12.32
C LEU A 18 2.95 -5.13 -13.51
N ASN A 19 4.11 -4.53 -13.52
CA ASN A 19 5.08 -4.70 -14.58
C ASN A 19 5.71 -6.07 -14.47
N ARG A 20 6.04 -6.43 -13.25
CA ARG A 20 6.56 -7.73 -12.90
C ARG A 20 5.50 -8.78 -13.16
N PHE A 21 4.28 -8.41 -12.86
CA PHE A 21 3.13 -9.27 -12.94
C PHE A 21 2.79 -9.63 -14.39
N TYR A 22 3.03 -8.73 -15.34
CA TYR A 22 2.83 -9.04 -16.75
C TYR A 22 3.65 -10.24 -17.20
N LYS A 23 4.82 -10.36 -16.65
CA LYS A 23 5.67 -11.43 -16.96
C LYS A 23 5.12 -12.72 -16.37
N SER A 24 4.46 -12.62 -15.21
CA SER A 24 4.00 -13.72 -14.50
C SER A 24 2.80 -14.33 -15.22
N LEU A 25 2.06 -13.48 -15.89
CA LEU A 25 0.97 -13.87 -16.77
C LEU A 25 1.51 -14.79 -17.85
N ILE A 26 2.64 -14.42 -18.39
CA ILE A 26 3.28 -15.15 -19.44
C ILE A 26 3.93 -16.42 -18.87
N ASP A 27 4.53 -16.28 -17.69
CA ASP A 27 5.22 -17.40 -16.99
C ASP A 27 4.24 -18.50 -16.62
N ARG A 28 3.07 -18.10 -16.19
CA ARG A 28 2.08 -19.01 -15.71
C ARG A 28 1.20 -19.52 -16.86
N GLY A 29 1.46 -19.00 -18.07
CA GLY A 29 0.72 -19.41 -19.26
C GLY A 29 -0.71 -18.96 -19.19
N VAL A 30 -0.90 -17.75 -18.76
CA VAL A 30 -2.20 -17.21 -18.56
C VAL A 30 -2.63 -16.27 -19.68
N ASN A 31 -3.86 -16.44 -20.08
CA ASN A 31 -4.48 -15.62 -21.08
C ASN A 31 -4.91 -14.31 -20.45
N PHE A 32 -4.74 -13.25 -21.17
CA PHE A 32 -5.04 -11.94 -20.69
C PHE A 32 -6.54 -11.61 -20.80
N SER A 33 -7.33 -12.20 -19.91
CA SER A 33 -8.73 -11.93 -19.83
C SER A 33 -9.02 -11.18 -18.54
N LEU A 34 -10.11 -10.40 -18.51
CA LEU A 34 -10.53 -9.65 -17.31
C LEU A 34 -10.54 -10.53 -16.06
N ASP A 35 -11.36 -11.56 -16.11
CA ASP A 35 -11.51 -12.50 -14.99
C ASP A 35 -10.21 -13.22 -14.71
N THR A 36 -9.61 -13.73 -15.75
CA THR A 36 -8.42 -14.52 -15.67
C THR A 36 -7.23 -13.72 -15.07
N ILE A 37 -7.09 -12.46 -15.45
CA ILE A 37 -6.06 -11.61 -14.88
C ILE A 37 -6.36 -11.35 -13.41
N GLU A 38 -7.64 -11.10 -13.08
CA GLU A 38 -8.03 -10.87 -11.69
C GLU A 38 -7.62 -12.07 -10.82
N LYS A 39 -7.87 -13.28 -11.31
CA LYS A 39 -7.51 -14.49 -10.57
C LYS A 39 -6.01 -14.57 -10.29
N GLU A 40 -5.20 -14.37 -11.33
CA GLU A 40 -3.75 -14.41 -11.18
C GLU A 40 -3.26 -13.26 -10.31
N LEU A 41 -3.98 -12.16 -10.37
CA LEU A 41 -3.66 -10.98 -9.58
C LEU A 41 -3.81 -11.32 -8.10
N ILE A 42 -4.81 -12.14 -7.79
CA ILE A 42 -5.08 -12.57 -6.43
C ILE A 42 -4.01 -13.57 -5.96
N SER A 43 -3.62 -14.47 -6.81
CA SER A 43 -2.62 -15.46 -6.44
C SER A 43 -1.22 -14.85 -6.41
N PHE A 44 -0.94 -13.91 -7.30
CA PHE A 44 0.33 -13.21 -7.32
C PHE A 44 0.41 -12.30 -6.11
N CYS A 45 -0.76 -12.02 -5.54
CA CYS A 45 -0.87 -11.21 -4.38
C CYS A 45 -0.34 -11.95 -3.16
N LEU A 46 -0.17 -13.28 -3.28
CA LEU A 46 0.41 -14.09 -2.19
C LEU A 46 1.84 -13.67 -1.93
N ASP A 47 2.45 -13.10 -2.93
CA ASP A 47 3.82 -12.70 -2.87
C ASP A 47 3.97 -11.31 -2.24
N THR A 48 2.90 -10.55 -2.29
CA THR A 48 2.95 -9.14 -2.00
C THR A 48 3.30 -8.77 -0.58
N LYS A 49 4.29 -7.94 -0.50
CA LYS A 49 4.83 -7.45 0.73
C LYS A 49 4.66 -5.94 0.75
N GLY A 50 4.36 -5.39 1.91
CA GLY A 50 4.32 -3.94 2.12
C GLY A 50 3.67 -3.12 1.01
N LYS A 51 4.49 -2.41 0.23
CA LYS A 51 4.01 -1.58 -0.87
C LYS A 51 3.26 -2.35 -1.97
N GLU A 52 3.72 -3.56 -2.27
CA GLU A 52 3.08 -4.42 -3.28
C GLU A 52 1.74 -4.80 -2.75
N ASN A 53 1.81 -5.26 -1.54
CA ASN A 53 0.68 -5.74 -0.77
C ASN A 53 -0.41 -4.66 -0.66
N ARG A 54 0.02 -3.47 -0.31
CA ARG A 54 -0.81 -2.29 -0.18
C ARG A 54 -1.49 -1.98 -1.52
N LEU A 55 -0.69 -1.93 -2.58
CA LEU A 55 -1.18 -1.67 -3.93
C LEU A 55 -2.22 -2.71 -4.31
N CYS A 56 -1.89 -3.96 -4.04
CA CYS A 56 -2.74 -5.11 -4.35
C CYS A 56 -4.08 -5.00 -3.61
N TYR A 57 -4.02 -4.49 -2.41
CA TYR A 57 -5.20 -4.23 -1.61
C TYR A 57 -6.09 -3.20 -2.30
N TYR A 58 -5.47 -2.16 -2.83
CA TYR A 58 -6.19 -1.12 -3.54
C TYR A 58 -6.77 -1.67 -4.84
N LEU A 59 -6.00 -2.54 -5.47
CA LEU A 59 -6.35 -3.14 -6.75
C LEU A 59 -7.39 -4.25 -6.64
N GLY A 60 -7.88 -4.49 -5.45
CA GLY A 60 -8.98 -5.44 -5.26
C GLY A 60 -8.62 -6.87 -5.58
N ALA A 61 -7.37 -7.21 -5.41
CA ALA A 61 -6.88 -8.57 -5.65
C ALA A 61 -6.71 -9.27 -4.32
N THR A 62 -7.38 -8.75 -3.35
CA THR A 62 -7.36 -9.22 -2.01
C THR A 62 -8.79 -9.48 -1.59
N LYS A 63 -8.99 -10.17 -0.49
CA LYS A 63 -10.34 -10.55 -0.05
C LYS A 63 -10.92 -9.44 0.81
N ASP A 64 -10.06 -8.53 1.17
CA ASP A 64 -10.39 -7.52 2.14
C ASP A 64 -10.64 -6.19 1.44
N ALA A 65 -10.68 -6.24 0.14
CA ALA A 65 -10.83 -5.06 -0.66
C ALA A 65 -12.25 -4.93 -1.16
N ALA A 66 -12.77 -3.73 -1.10
CA ALA A 66 -14.11 -3.46 -1.58
C ALA A 66 -14.10 -3.13 -3.07
N THR A 67 -12.93 -2.87 -3.57
CA THR A 67 -12.74 -2.56 -4.95
C THR A 67 -12.57 -3.82 -5.76
N LYS A 68 -12.98 -3.77 -7.00
CA LYS A 68 -12.85 -4.89 -7.84
C LYS A 68 -11.78 -4.78 -8.85
N ILE A 69 -11.78 -3.70 -9.63
CA ILE A 69 -10.73 -3.46 -10.58
C ILE A 69 -10.80 -4.47 -11.76
N LEU A 70 -11.77 -4.24 -12.64
CA LEU A 70 -11.96 -5.06 -13.83
C LEU A 70 -11.81 -4.23 -15.08
N SER A 71 -12.47 -3.09 -15.10
CA SER A 71 -12.34 -2.17 -16.20
C SER A 71 -11.25 -1.20 -15.84
N GLU A 72 -11.10 -1.05 -14.57
CA GLU A 72 -10.08 -0.28 -14.01
C GLU A 72 -8.85 -1.18 -14.01
N VAL A 73 -7.83 -0.80 -14.75
CA VAL A 73 -6.51 -1.49 -14.76
C VAL A 73 -6.52 -2.84 -15.49
N THR A 74 -7.27 -3.79 -15.00
CA THR A 74 -7.33 -5.12 -15.54
C THR A 74 -7.74 -5.13 -17.03
N ARG A 75 -8.66 -4.25 -17.39
CA ARG A 75 -9.12 -4.13 -18.76
C ARG A 75 -8.01 -3.66 -19.71
N PRO A 76 -7.33 -2.49 -19.46
CA PRO A 76 -6.17 -2.12 -20.25
C PRO A 76 -5.09 -3.23 -20.22
N MET A 77 -4.94 -3.91 -19.10
CA MET A 77 -3.97 -5.01 -18.97
C MET A 77 -4.28 -6.14 -19.93
N SER A 78 -5.57 -6.36 -20.18
CA SER A 78 -6.02 -7.43 -21.05
C SER A 78 -5.63 -7.15 -22.52
N VAL A 79 -5.52 -5.88 -22.87
CA VAL A 79 -5.19 -5.52 -24.24
C VAL A 79 -3.71 -5.05 -24.29
N HIS A 80 -2.90 -5.72 -23.48
CA HIS A 80 -1.47 -5.47 -23.30
C HIS A 80 -1.15 -3.96 -23.17
N MET A 81 -1.46 -3.45 -22.02
CA MET A 81 -1.20 -2.07 -21.65
C MET A 81 -0.08 -1.87 -20.64
N PRO A 82 1.17 -2.05 -21.06
CA PRO A 82 2.34 -2.06 -20.18
C PRO A 82 2.27 -1.00 -19.05
N ALA A 83 2.78 -1.39 -17.89
CA ALA A 83 2.72 -0.64 -16.61
C ALA A 83 3.22 0.82 -16.68
N MET A 84 3.85 1.15 -17.75
CA MET A 84 4.46 2.41 -17.93
C MET A 84 3.37 3.48 -18.12
N LYS A 85 2.30 3.09 -18.78
CA LYS A 85 1.26 4.01 -19.22
C LYS A 85 -0.09 3.71 -18.52
N ILE A 86 -0.04 3.13 -17.34
CA ILE A 86 -1.27 2.81 -16.58
C ILE A 86 -1.59 3.93 -15.61
N CYS A 87 -0.61 4.27 -14.81
CA CYS A 87 -0.70 5.30 -13.76
C CYS A 87 -1.12 6.65 -14.36
N GLU A 88 -0.86 6.78 -15.67
CA GLU A 88 -1.24 7.87 -16.53
C GLU A 88 -2.71 8.25 -16.30
N LYS A 89 -3.54 7.24 -16.36
CA LYS A 89 -4.96 7.39 -16.23
C LYS A 89 -5.38 7.30 -14.79
N LEU A 90 -4.70 6.46 -14.07
CA LEU A 90 -5.00 6.24 -12.64
C LEU A 90 -4.85 7.47 -11.76
N LYS A 91 -3.87 8.34 -12.05
CA LYS A 91 -3.67 9.61 -11.29
C LYS A 91 -4.92 10.48 -11.30
N LYS A 92 -5.70 10.32 -12.34
CA LYS A 92 -6.91 11.10 -12.52
C LYS A 92 -8.07 10.51 -11.73
N LEU A 93 -7.85 9.34 -11.15
CA LEU A 93 -8.89 8.67 -10.41
C LEU A 93 -8.50 8.56 -8.94
N ASP A 94 -7.28 8.11 -8.71
CA ASP A 94 -6.74 7.92 -7.37
C ASP A 94 -5.23 8.14 -7.38
N SER A 95 -4.74 8.80 -6.38
CA SER A 95 -3.34 9.09 -6.28
C SER A 95 -2.61 8.05 -5.42
N GLN A 96 -3.33 7.31 -4.57
CA GLN A 96 -2.72 6.37 -3.63
C GLN A 96 -2.05 5.24 -4.39
N ILE A 97 -2.65 4.84 -5.49
CA ILE A 97 -2.07 3.83 -6.36
C ILE A 97 -0.73 4.33 -6.96
N CYS A 98 -0.61 5.62 -7.13
CA CYS A 98 0.56 6.20 -7.74
C CYS A 98 1.61 6.53 -6.67
N GLU A 99 1.38 7.58 -5.92
CA GLU A 99 2.20 7.93 -4.80
C GLU A 99 1.69 7.16 -3.59
N LEU A 100 2.25 6.01 -3.39
CA LEU A 100 1.77 5.14 -2.37
C LEU A 100 2.69 5.22 -1.18
N LYS A 101 3.87 4.56 -1.32
CA LYS A 101 4.81 4.42 -0.23
C LYS A 101 4.10 3.64 0.89
N TYR A 102 4.23 4.12 2.10
CA TYR A 102 3.49 3.56 3.18
C TYR A 102 2.66 4.65 3.79
N GLU A 103 3.12 5.11 4.86
CA GLU A 103 2.64 6.25 5.53
C GLU A 103 3.70 6.81 6.42
N LYS A 104 3.58 8.07 6.72
CA LYS A 104 4.48 8.78 7.59
C LYS A 104 3.64 9.57 8.57
N THR A 105 2.82 8.85 9.29
CA THR A 105 1.87 9.39 10.21
C THR A 105 1.34 8.28 11.08
N LEU A 106 0.75 8.65 12.19
CA LEU A 106 -0.01 7.75 13.02
C LEU A 106 -1.37 7.68 12.34
N ASP A 107 -1.99 6.55 12.35
CA ASP A 107 -3.23 6.32 11.70
C ASP A 107 -4.41 6.89 12.48
N LEU A 108 -4.41 8.21 12.66
CA LEU A 108 -5.48 8.93 13.36
C LEU A 108 -6.83 8.80 12.64
N ALA A 109 -6.79 8.27 11.44
CA ALA A 109 -7.98 8.06 10.65
C ALA A 109 -8.46 6.61 10.75
N SER A 110 -7.68 5.80 11.40
CA SER A 110 -8.00 4.41 11.58
C SER A 110 -8.33 4.17 13.04
N VAL A 111 -7.73 4.98 13.89
CA VAL A 111 -7.95 4.87 15.30
C VAL A 111 -9.04 5.84 15.73
N ASP A 112 -9.73 5.46 16.75
CA ASP A 112 -10.82 6.20 17.27
C ASP A 112 -10.32 7.04 18.40
N LEU A 113 -10.41 8.32 18.23
CA LEU A 113 -9.91 9.28 19.18
C LEU A 113 -10.78 9.40 20.44
N ARG A 114 -11.89 8.72 20.49
CA ARG A 114 -12.75 8.82 21.64
C ARG A 114 -12.65 7.56 22.53
N LYS A 115 -12.21 6.40 21.96
CA LYS A 115 -11.97 5.20 22.77
C LYS A 115 -10.72 5.39 23.62
N MET A 116 -9.96 6.36 23.26
CA MET A 116 -8.68 6.53 23.83
C MET A 116 -8.62 7.22 25.15
N ARG A 117 -7.66 6.80 25.88
CA ARG A 117 -7.41 7.14 27.22
C ARG A 117 -6.19 7.99 27.24
N VAL A 118 -6.18 9.01 28.07
CA VAL A 118 -5.16 10.03 28.12
C VAL A 118 -3.73 9.46 28.03
N ALA A 119 -3.52 8.37 28.69
CA ALA A 119 -2.26 7.61 28.69
C ALA A 119 -1.80 7.30 27.27
N GLU A 120 -2.73 6.86 26.44
CA GLU A 120 -2.45 6.60 25.02
C GLU A 120 -2.02 7.90 24.38
N LEU A 121 -2.87 8.86 24.52
CA LEU A 121 -2.69 10.21 24.00
C LEU A 121 -1.36 10.85 24.44
N LYS A 122 -0.96 10.59 25.65
CA LYS A 122 0.26 11.04 26.18
C LYS A 122 1.47 10.48 25.44
N GLN A 123 1.45 9.19 25.09
CA GLN A 123 2.59 8.69 24.37
C GLN A 123 2.54 9.10 22.91
N ILE A 124 1.35 9.38 22.42
CA ILE A 124 1.15 9.93 21.07
C ILE A 124 1.92 11.23 20.90
N LEU A 125 1.78 12.14 21.86
CA LEU A 125 2.45 13.43 21.77
C LEU A 125 3.96 13.24 21.99
N HIS A 126 4.30 12.15 22.65
CA HIS A 126 5.69 11.80 22.90
C HIS A 126 6.30 11.27 21.60
N SER A 127 5.50 10.57 20.82
CA SER A 127 5.90 10.10 19.51
C SER A 127 6.09 11.29 18.56
N TRP A 128 5.49 12.44 18.90
CA TRP A 128 5.76 13.61 18.13
C TRP A 128 6.54 14.60 18.98
N GLY A 129 7.35 14.06 19.95
CA GLY A 129 8.26 14.82 20.85
C GLY A 129 7.84 16.25 21.11
N GLU A 130 6.58 16.47 21.40
CA GLU A 130 6.12 17.83 21.37
C GLU A 130 5.56 18.46 22.68
N GLU A 131 4.80 19.55 22.44
CA GLU A 131 4.25 20.46 23.40
C GLU A 131 2.99 19.92 24.08
N CYS A 132 2.67 20.52 25.20
CA CYS A 132 1.45 20.29 25.91
C CYS A 132 1.16 21.58 26.64
N ARG A 133 0.43 22.46 25.98
CA ARG A 133 0.14 23.82 26.48
C ARG A 133 -0.74 23.72 27.71
N ALA A 134 -1.77 22.98 27.54
CA ALA A 134 -2.72 22.65 28.52
C ALA A 134 -3.19 21.32 28.06
N CYS A 135 -3.39 20.42 28.98
CA CYS A 135 -3.83 19.10 28.64
C CYS A 135 -4.22 18.33 29.89
N ALA A 136 -5.51 18.36 30.17
CA ALA A 136 -6.05 17.69 31.32
C ALA A 136 -6.64 16.33 30.96
N GLU A 137 -7.74 16.34 30.23
CA GLU A 137 -8.41 15.12 29.87
C GLU A 137 -8.08 14.65 28.50
N LYS A 138 -8.48 13.45 28.23
CA LYS A 138 -8.34 12.83 26.93
C LYS A 138 -8.90 13.73 25.83
N THR A 139 -10.06 14.32 26.08
CA THR A 139 -10.73 15.16 25.11
C THR A 139 -9.88 16.40 24.79
N ASP A 140 -9.19 16.87 25.80
CA ASP A 140 -8.27 18.00 25.71
C ASP A 140 -7.15 17.62 24.76
N TYR A 141 -6.61 16.42 25.00
CA TYR A 141 -5.54 15.87 24.19
C TYR A 141 -6.02 15.61 22.77
N VAL A 142 -7.25 15.11 22.63
CA VAL A 142 -7.84 14.82 21.32
C VAL A 142 -7.80 16.06 20.44
N ASN A 143 -8.41 17.14 20.90
CA ASN A 143 -8.42 18.42 20.15
C ASN A 143 -7.00 18.87 19.80
N LEU A 144 -6.09 18.65 20.74
CA LEU A 144 -4.73 19.08 20.61
C LEU A 144 -4.07 18.27 19.51
N ILE A 145 -4.26 16.97 19.57
CA ILE A 145 -3.74 16.04 18.61
C ILE A 145 -4.24 16.36 17.19
N GLN A 146 -5.49 16.79 17.08
CA GLN A 146 -6.08 17.12 15.81
C GLN A 146 -5.41 18.36 15.18
N GLU A 147 -5.18 19.39 16.00
CA GLU A 147 -4.54 20.60 15.47
C GLU A 147 -3.04 20.40 15.26
N LEU A 148 -2.45 19.50 16.02
CA LEU A 148 -1.02 19.24 15.93
C LEU A 148 -0.71 18.19 14.91
N ALA A 149 -1.75 17.53 14.44
CA ALA A 149 -1.61 16.53 13.41
C ALA A 149 -0.83 17.06 12.18
N PRO A 150 -1.24 18.20 11.53
CA PRO A 150 -0.54 18.70 10.33
C PRO A 150 0.90 19.18 10.62
N LYS A 151 1.25 19.26 11.89
CA LYS A 151 2.57 19.62 12.28
C LYS A 151 3.53 18.43 12.06
N TYR A 152 3.03 17.21 12.26
CA TYR A 152 3.85 16.02 12.23
C TYR A 152 3.30 14.97 11.28
N ALA A 153 2.05 14.66 11.46
CA ALA A 153 1.36 13.61 10.79
C ALA A 153 1.24 13.84 9.30
N ALA A 154 1.84 12.93 8.55
CA ALA A 154 1.75 12.83 7.10
C ALA A 154 2.49 13.91 6.34
N THR A 155 3.10 14.79 7.04
CA THR A 155 3.80 15.87 6.42
C THR A 155 5.27 15.55 6.17
N HIS A 156 5.99 15.42 7.21
CA HIS A 156 7.38 15.17 7.14
C HIS A 156 7.65 13.66 7.35
N PRO A 157 8.83 13.15 6.97
CA PRO A 157 9.13 11.73 7.06
C PRO A 157 9.45 11.26 8.47
N LYS A 158 8.41 11.05 9.20
CA LYS A 158 8.51 10.49 10.51
C LYS A 158 7.72 9.22 10.60
N THR A 159 8.06 8.45 11.56
CA THR A 159 7.39 7.26 11.90
C THR A 159 6.94 7.44 13.33
N GLU A 160 6.10 6.57 13.84
CA GLU A 160 5.69 6.66 15.21
C GLU A 160 6.46 5.65 16.02
N LEU A 161 7.35 5.09 15.31
CA LEU A 161 8.30 4.11 15.69
C LEU A 161 9.13 3.97 14.43
N GLN A 1 10.09 16.48 -15.29
CA GLN A 1 10.25 15.74 -16.59
C GLN A 1 10.34 16.72 -17.76
N GLU A 2 10.73 17.92 -17.46
CA GLU A 2 10.74 19.03 -18.39
C GLU A 2 12.14 19.66 -18.39
N ALA A 3 12.62 19.97 -17.21
CA ALA A 3 13.96 20.49 -17.01
C ALA A 3 14.64 19.64 -15.96
N GLY A 4 13.83 18.99 -15.16
CA GLY A 4 14.28 18.12 -14.14
C GLY A 4 13.16 17.89 -13.17
N GLY A 5 13.28 18.49 -12.00
CA GLY A 5 12.25 18.46 -10.99
C GLY A 5 11.81 17.07 -10.61
N ARG A 6 10.62 16.72 -11.01
CA ARG A 6 10.05 15.46 -10.69
C ARG A 6 10.03 14.53 -11.89
N PRO A 7 10.43 13.26 -11.70
CA PRO A 7 10.41 12.25 -12.72
C PRO A 7 9.10 11.45 -12.69
N GLY A 8 9.05 10.33 -13.40
CA GLY A 8 7.86 9.50 -13.41
C GLY A 8 7.83 8.52 -12.25
N ALA A 9 7.99 9.03 -11.06
CA ALA A 9 7.97 8.19 -9.89
C ALA A 9 7.39 8.93 -8.71
N ASP A 10 7.13 8.18 -7.62
CA ASP A 10 6.35 8.59 -6.45
C ASP A 10 4.86 8.64 -6.80
N CYS A 11 4.01 8.04 -5.93
CA CYS A 11 2.55 7.80 -6.21
C CYS A 11 2.43 6.69 -7.25
N GLU A 12 3.57 6.10 -7.50
CA GLU A 12 3.81 5.16 -8.55
C GLU A 12 3.59 3.75 -8.21
N VAL A 13 3.06 3.54 -7.03
CA VAL A 13 2.61 2.22 -6.57
C VAL A 13 1.94 1.47 -7.75
N CYS A 14 1.20 2.22 -8.58
CA CYS A 14 0.68 1.69 -9.82
C CYS A 14 1.70 2.02 -10.93
N LYS A 15 2.77 1.25 -10.98
CA LYS A 15 3.76 1.30 -12.06
C LYS A 15 4.40 -0.06 -12.21
N GLU A 16 5.49 -0.29 -11.50
CA GLU A 16 6.21 -1.54 -11.63
C GLU A 16 5.53 -2.65 -10.86
N PHE A 17 4.64 -2.32 -9.95
CA PHE A 17 3.87 -3.36 -9.25
C PHE A 17 3.06 -4.20 -10.26
N LEU A 18 2.33 -3.52 -11.14
CA LEU A 18 1.56 -4.21 -12.15
C LEU A 18 2.45 -4.65 -13.30
N ASN A 19 3.60 -4.03 -13.40
CA ASN A 19 4.54 -4.36 -14.44
C ASN A 19 5.28 -5.63 -14.03
N ARG A 20 5.52 -5.81 -12.72
CA ARG A 20 6.04 -7.02 -12.14
C ARG A 20 4.97 -8.08 -12.21
N PHE A 21 3.74 -7.66 -12.20
CA PHE A 21 2.65 -8.58 -12.41
C PHE A 21 2.77 -9.16 -13.81
N TYR A 22 2.97 -8.31 -14.84
CA TYR A 22 3.29 -8.80 -16.21
C TYR A 22 4.49 -9.72 -16.17
N LYS A 23 5.50 -9.32 -15.40
CA LYS A 23 6.70 -10.13 -15.26
C LYS A 23 6.34 -11.49 -14.67
N SER A 24 5.32 -11.53 -13.81
CA SER A 24 4.98 -12.73 -13.07
C SER A 24 4.26 -13.72 -13.96
N LEU A 25 3.55 -13.18 -14.92
CA LEU A 25 2.90 -13.95 -15.94
C LEU A 25 3.96 -14.72 -16.74
N ILE A 26 5.09 -14.10 -16.93
CA ILE A 26 6.23 -14.68 -17.62
C ILE A 26 7.01 -15.60 -16.65
N ASP A 27 7.18 -15.06 -15.48
CA ASP A 27 7.97 -15.60 -14.33
C ASP A 27 7.48 -16.98 -13.91
N ARG A 28 6.18 -17.13 -13.82
CA ARG A 28 5.59 -18.34 -13.31
C ARG A 28 5.09 -19.22 -14.46
N GLY A 29 5.30 -18.75 -15.68
CA GLY A 29 4.85 -19.51 -16.85
C GLY A 29 3.34 -19.53 -16.93
N VAL A 30 2.76 -18.37 -16.89
CA VAL A 30 1.33 -18.24 -16.87
C VAL A 30 0.81 -17.93 -18.27
N ASN A 31 -0.42 -18.30 -18.50
CA ASN A 31 -1.07 -18.07 -19.77
C ASN A 31 -1.64 -16.67 -19.81
N PHE A 32 -1.41 -15.99 -20.89
CA PHE A 32 -1.82 -14.65 -21.07
C PHE A 32 -3.16 -14.61 -21.76
N SER A 33 -4.20 -14.45 -21.00
CA SER A 33 -5.49 -14.29 -21.52
C SER A 33 -6.24 -13.29 -20.68
N LEU A 34 -7.30 -12.74 -21.24
CA LEU A 34 -8.21 -11.82 -20.55
C LEU A 34 -8.65 -12.51 -19.26
N ASP A 35 -9.12 -13.74 -19.45
CA ASP A 35 -9.70 -14.54 -18.38
C ASP A 35 -8.68 -14.92 -17.31
N THR A 36 -7.54 -15.41 -17.73
CA THR A 36 -6.55 -15.85 -16.79
C THR A 36 -5.86 -14.67 -16.08
N ILE A 37 -5.56 -13.58 -16.81
CA ILE A 37 -4.93 -12.40 -16.18
C ILE A 37 -5.87 -11.80 -15.12
N GLU A 38 -7.17 -11.88 -15.38
CA GLU A 38 -8.20 -11.42 -14.47
C GLU A 38 -8.06 -12.13 -13.12
N LYS A 39 -7.90 -13.43 -13.16
CA LYS A 39 -7.82 -14.24 -11.96
C LYS A 39 -6.46 -14.14 -11.31
N GLU A 40 -5.39 -14.10 -12.11
CA GLU A 40 -4.05 -14.03 -11.58
C GLU A 40 -3.79 -12.71 -10.91
N LEU A 41 -4.56 -11.71 -11.25
CA LEU A 41 -4.40 -10.41 -10.67
C LEU A 41 -4.82 -10.49 -9.19
N ILE A 42 -5.85 -11.31 -8.91
CA ILE A 42 -6.29 -11.54 -7.57
C ILE A 42 -5.26 -12.38 -6.80
N SER A 43 -4.82 -13.47 -7.41
CA SER A 43 -3.91 -14.39 -6.77
C SER A 43 -2.53 -13.77 -6.49
N PHE A 44 -2.05 -13.00 -7.45
CA PHE A 44 -0.77 -12.32 -7.35
C PHE A 44 -0.76 -11.36 -6.17
N CYS A 45 -1.91 -10.82 -5.89
CA CYS A 45 -2.04 -9.82 -4.87
C CYS A 45 -2.58 -10.46 -3.56
N LEU A 46 -2.48 -11.79 -3.43
CA LEU A 46 -2.90 -12.43 -2.19
C LEU A 46 -1.92 -12.21 -1.08
N ASP A 47 -0.66 -12.24 -1.41
CA ASP A 47 0.39 -12.06 -0.40
C ASP A 47 0.42 -10.65 0.08
N THR A 48 0.23 -9.74 -0.83
CA THR A 48 0.44 -8.36 -0.62
C THR A 48 -0.50 -7.80 0.41
N LYS A 49 0.04 -6.96 1.23
CA LYS A 49 -0.66 -6.46 2.37
C LYS A 49 -0.26 -5.05 2.74
N GLY A 50 -1.24 -4.19 2.83
CA GLY A 50 -0.98 -2.85 3.24
C GLY A 50 -1.17 -1.84 2.14
N LYS A 51 -0.15 -1.64 1.36
CA LYS A 51 -0.15 -0.59 0.35
C LYS A 51 -0.58 -1.19 -0.98
N GLU A 52 0.15 -2.16 -1.41
CA GLU A 52 -0.02 -2.85 -2.69
C GLU A 52 -1.37 -3.53 -2.68
N ASN A 53 -1.71 -4.08 -1.53
CA ASN A 53 -2.99 -4.74 -1.32
C ASN A 53 -4.15 -3.77 -1.60
N ARG A 54 -3.99 -2.53 -1.17
CA ARG A 54 -5.01 -1.55 -1.40
C ARG A 54 -5.03 -1.05 -2.81
N LEU A 55 -3.93 -1.15 -3.50
CA LEU A 55 -3.92 -0.82 -4.90
C LEU A 55 -4.83 -1.79 -5.62
N CYS A 56 -4.66 -3.05 -5.30
CA CYS A 56 -5.50 -4.10 -5.85
C CYS A 56 -6.93 -3.98 -5.32
N TYR A 57 -7.11 -3.22 -4.26
CA TYR A 57 -8.43 -2.97 -3.73
C TYR A 57 -9.19 -2.08 -4.71
N TYR A 58 -8.46 -1.13 -5.29
CA TYR A 58 -8.99 -0.20 -6.27
C TYR A 58 -9.35 -0.94 -7.56
N LEU A 59 -8.68 -2.05 -7.77
CA LEU A 59 -8.90 -2.87 -8.96
C LEU A 59 -9.75 -4.10 -8.64
N GLY A 60 -10.29 -4.15 -7.41
CA GLY A 60 -11.13 -5.28 -6.97
C GLY A 60 -10.47 -6.64 -7.19
N ALA A 61 -9.20 -6.69 -6.90
CA ALA A 61 -8.39 -7.88 -7.09
C ALA A 61 -7.92 -8.37 -5.74
N THR A 62 -8.67 -8.05 -4.74
CA THR A 62 -8.35 -8.43 -3.40
C THR A 62 -9.48 -9.17 -2.75
N LYS A 63 -9.14 -9.94 -1.75
CA LYS A 63 -10.12 -10.66 -0.95
C LYS A 63 -10.60 -9.75 0.16
N ASP A 64 -10.04 -8.59 0.16
CA ASP A 64 -10.28 -7.57 1.15
C ASP A 64 -10.98 -6.40 0.47
N ALA A 65 -11.58 -6.68 -0.68
CA ALA A 65 -12.19 -5.67 -1.51
C ALA A 65 -13.68 -5.59 -1.30
N ALA A 66 -14.22 -4.45 -1.60
CA ALA A 66 -15.66 -4.22 -1.54
C ALA A 66 -16.19 -3.98 -2.95
N THR A 67 -15.39 -4.37 -3.91
CA THR A 67 -15.72 -4.22 -5.30
C THR A 67 -15.12 -5.37 -6.07
N LYS A 68 -15.59 -5.55 -7.25
CA LYS A 68 -15.07 -6.51 -8.14
C LYS A 68 -15.02 -5.90 -9.51
N ILE A 69 -13.90 -5.32 -9.76
CA ILE A 69 -13.59 -4.73 -11.02
C ILE A 69 -13.32 -5.91 -11.97
N LEU A 70 -13.83 -5.83 -13.17
CA LEU A 70 -13.81 -6.97 -14.04
C LEU A 70 -12.65 -6.98 -15.00
N SER A 71 -12.69 -6.10 -15.98
CA SER A 71 -11.69 -6.14 -17.01
C SER A 71 -10.92 -4.86 -17.10
N GLU A 72 -11.25 -3.96 -16.25
CA GLU A 72 -10.59 -2.71 -16.17
C GLU A 72 -9.15 -2.97 -15.72
N VAL A 73 -8.24 -2.65 -16.62
CA VAL A 73 -6.79 -2.87 -16.54
C VAL A 73 -6.42 -4.22 -17.19
N THR A 74 -7.15 -5.25 -16.83
CA THR A 74 -6.96 -6.58 -17.39
C THR A 74 -7.14 -6.59 -18.93
N ARG A 75 -8.18 -5.91 -19.38
CA ARG A 75 -8.56 -5.81 -20.79
C ARG A 75 -7.43 -5.22 -21.64
N PRO A 76 -6.91 -3.98 -21.33
CA PRO A 76 -5.77 -3.45 -22.04
C PRO A 76 -4.53 -4.36 -21.87
N MET A 77 -4.35 -4.96 -20.69
CA MET A 77 -3.19 -5.83 -20.45
C MET A 77 -3.22 -7.10 -21.31
N SER A 78 -4.32 -7.37 -21.96
CA SER A 78 -4.43 -8.52 -22.81
C SER A 78 -4.11 -8.18 -24.29
N VAL A 79 -3.83 -6.90 -24.57
CA VAL A 79 -3.57 -6.47 -25.95
C VAL A 79 -2.26 -5.64 -26.00
N HIS A 80 -1.29 -6.09 -25.20
CA HIS A 80 0.03 -5.45 -25.06
C HIS A 80 -0.13 -3.96 -24.68
N MET A 81 -0.58 -3.78 -23.49
CA MET A 81 -0.79 -2.47 -22.91
C MET A 81 0.01 -2.26 -21.65
N PRO A 82 1.32 -2.10 -21.79
CA PRO A 82 2.26 -2.05 -20.66
C PRO A 82 1.77 -1.14 -19.52
N ALA A 83 1.93 -1.65 -18.31
CA ALA A 83 1.45 -1.08 -17.03
C ALA A 83 1.58 0.45 -16.92
N MET A 84 2.71 0.97 -17.39
CA MET A 84 3.04 2.39 -17.25
C MET A 84 2.01 3.26 -17.91
N LYS A 85 1.58 2.79 -19.05
CA LYS A 85 0.71 3.51 -19.94
C LYS A 85 -0.76 3.32 -19.52
N ILE A 86 -0.98 2.51 -18.51
CA ILE A 86 -2.32 2.31 -18.03
C ILE A 86 -2.54 3.12 -16.79
N CYS A 87 -1.66 2.94 -15.82
CA CYS A 87 -1.73 3.64 -14.54
C CYS A 87 -1.62 5.14 -14.72
N GLU A 88 -0.83 5.58 -15.70
CA GLU A 88 -0.71 7.00 -15.99
C GLU A 88 -2.02 7.64 -16.35
N LYS A 89 -2.81 6.93 -17.09
CA LYS A 89 -4.11 7.43 -17.49
C LYS A 89 -5.04 7.44 -16.30
N LEU A 90 -4.97 6.40 -15.51
CA LEU A 90 -5.88 6.22 -14.40
C LEU A 90 -5.61 7.22 -13.26
N LYS A 91 -4.35 7.62 -13.10
CA LYS A 91 -4.01 8.63 -12.07
C LYS A 91 -4.41 10.02 -12.47
N LYS A 92 -4.79 10.17 -13.70
CA LYS A 92 -5.32 11.43 -14.18
C LYS A 92 -6.76 11.56 -13.72
N LEU A 93 -7.30 10.45 -13.26
CA LEU A 93 -8.66 10.38 -12.86
C LEU A 93 -8.73 10.19 -11.35
N ASP A 94 -7.92 9.28 -10.83
CA ASP A 94 -7.84 9.04 -9.39
C ASP A 94 -6.42 9.24 -8.90
N SER A 95 -6.31 9.74 -7.71
CA SER A 95 -5.03 9.97 -7.13
C SER A 95 -4.89 9.18 -5.83
N GLN A 96 -5.96 8.43 -5.38
CA GLN A 96 -5.91 7.67 -4.12
C GLN A 96 -4.84 6.60 -4.18
N ILE A 97 -4.52 6.25 -5.40
CA ILE A 97 -3.43 5.37 -5.77
C ILE A 97 -2.07 5.88 -5.16
N CYS A 98 -1.98 7.18 -4.90
CA CYS A 98 -0.77 7.76 -4.36
C CYS A 98 -0.65 7.54 -2.88
N GLU A 99 -1.78 7.38 -2.19
CA GLU A 99 -1.82 7.28 -0.73
C GLU A 99 -1.40 5.89 -0.23
N LEU A 100 -0.94 5.09 -1.15
CA LEU A 100 -0.35 3.79 -0.88
C LEU A 100 1.16 3.97 -0.93
N LYS A 101 1.56 5.12 -0.45
CA LYS A 101 2.88 5.68 -0.51
C LYS A 101 3.83 5.02 0.54
N TYR A 102 4.79 5.77 1.05
CA TYR A 102 5.88 5.16 1.83
C TYR A 102 5.69 5.31 3.31
N GLU A 103 4.74 6.09 3.66
CA GLU A 103 4.46 6.39 5.07
C GLU A 103 3.82 5.23 5.80
N LYS A 104 4.26 5.07 7.00
CA LYS A 104 3.82 4.04 7.87
C LYS A 104 2.79 4.54 8.87
N THR A 105 2.54 3.70 9.81
CA THR A 105 1.78 3.94 10.97
C THR A 105 2.70 3.39 12.04
N LEU A 106 2.56 3.77 13.27
CA LEU A 106 3.53 3.31 14.24
C LEU A 106 3.19 1.91 14.73
N ASP A 107 3.97 0.96 14.26
CA ASP A 107 3.83 -0.41 14.55
C ASP A 107 4.37 -0.76 15.90
N LEU A 108 3.59 -0.43 16.87
CA LEU A 108 3.85 -0.72 18.25
C LEU A 108 3.68 -2.20 18.55
N ALA A 109 3.04 -2.90 17.65
CA ALA A 109 2.86 -4.34 17.77
C ALA A 109 4.12 -5.06 17.29
N SER A 110 4.95 -4.31 16.61
CA SER A 110 6.19 -4.79 16.08
C SER A 110 7.33 -4.55 17.04
N VAL A 111 7.08 -3.75 18.05
CA VAL A 111 8.12 -3.33 18.92
C VAL A 111 7.73 -3.53 20.38
N ASP A 112 8.71 -3.79 21.19
CA ASP A 112 8.52 -4.06 22.60
C ASP A 112 8.72 -2.79 23.37
N LEU A 113 7.61 -2.17 23.72
CA LEU A 113 7.56 -0.86 24.40
C LEU A 113 8.26 -0.88 25.75
N ARG A 114 8.43 -2.05 26.28
CA ARG A 114 9.07 -2.23 27.53
C ARG A 114 10.61 -2.27 27.43
N LYS A 115 11.19 -2.76 26.31
CA LYS A 115 12.66 -2.73 26.25
C LYS A 115 13.22 -1.43 25.70
N MET A 116 12.39 -0.65 25.07
CA MET A 116 12.79 0.64 24.55
C MET A 116 13.14 1.66 25.65
N ARG A 117 13.74 2.73 25.26
CA ARG A 117 14.27 3.71 26.13
C ARG A 117 13.28 4.81 26.19
N VAL A 118 12.85 5.21 27.37
CA VAL A 118 11.82 6.19 27.52
C VAL A 118 12.09 7.49 26.74
N ALA A 119 13.34 7.79 26.57
CA ALA A 119 13.81 8.93 25.76
C ALA A 119 13.25 8.85 24.33
N GLU A 120 13.26 7.65 23.77
CA GLU A 120 12.72 7.39 22.42
C GLU A 120 11.23 7.59 22.49
N LEU A 121 10.65 7.01 23.50
CA LEU A 121 9.24 7.14 23.79
C LEU A 121 8.81 8.60 24.02
N LYS A 122 9.69 9.41 24.65
CA LYS A 122 9.48 10.81 24.77
C LYS A 122 9.34 11.43 23.37
N GLN A 123 10.21 11.01 22.45
CA GLN A 123 10.14 11.47 21.06
C GLN A 123 8.82 11.02 20.41
N ILE A 124 8.41 9.78 20.71
CA ILE A 124 7.15 9.21 20.21
C ILE A 124 5.95 10.08 20.60
N LEU A 125 5.87 10.44 21.87
CA LEU A 125 4.75 11.23 22.34
C LEU A 125 4.81 12.65 21.80
N HIS A 126 6.02 13.11 21.59
CA HIS A 126 6.29 14.44 21.07
C HIS A 126 5.89 14.47 19.60
N SER A 127 6.06 13.34 18.94
CA SER A 127 5.68 13.18 17.57
C SER A 127 4.15 13.19 17.48
N TRP A 128 3.48 12.85 18.58
CA TRP A 128 2.05 12.94 18.59
C TRP A 128 1.60 14.06 19.53
N GLY A 129 2.42 15.12 19.65
CA GLY A 129 2.09 16.33 20.44
C GLY A 129 1.47 16.06 21.84
N GLU A 130 1.82 14.93 22.43
CA GLU A 130 1.26 14.47 23.66
C GLU A 130 2.08 14.84 24.87
N GLU A 131 1.64 14.38 26.01
CA GLU A 131 2.27 14.65 27.28
C GLU A 131 2.63 13.28 27.93
N CYS A 132 2.85 13.27 29.25
CA CYS A 132 3.14 12.10 30.03
C CYS A 132 2.99 12.48 31.50
N ARG A 133 2.75 11.54 32.39
CA ARG A 133 2.42 11.88 33.76
C ARG A 133 3.51 11.55 34.77
N ALA A 134 3.92 10.32 34.78
CA ALA A 134 4.95 9.83 35.69
C ALA A 134 6.10 9.33 34.86
N CYS A 135 6.40 10.10 33.85
CA CYS A 135 7.32 9.73 32.82
C CYS A 135 8.78 9.66 33.17
N ALA A 136 9.09 8.61 33.85
CA ALA A 136 10.41 8.23 34.23
C ALA A 136 10.60 6.76 33.85
N GLU A 137 9.58 5.98 34.16
CA GLU A 137 9.55 4.58 33.85
C GLU A 137 8.95 4.36 32.49
N LYS A 138 9.12 3.16 31.93
CA LYS A 138 8.54 2.89 30.64
C LYS A 138 7.04 2.70 30.78
N THR A 139 6.61 2.23 31.95
CA THR A 139 5.22 1.90 32.21
C THR A 139 4.30 3.08 31.93
N ASP A 140 4.73 4.28 32.35
CA ASP A 140 3.96 5.52 32.08
C ASP A 140 3.73 5.67 30.60
N TYR A 141 4.79 5.46 29.86
CA TYR A 141 4.77 5.58 28.43
C TYR A 141 3.95 4.51 27.81
N VAL A 142 4.18 3.27 28.19
CA VAL A 142 3.45 2.14 27.63
C VAL A 142 1.96 2.33 27.82
N ASN A 143 1.56 2.59 29.06
CA ASN A 143 0.14 2.76 29.41
C ASN A 143 -0.50 3.86 28.58
N LEU A 144 0.22 4.92 28.36
CA LEU A 144 -0.30 6.07 27.65
C LEU A 144 -0.24 5.82 26.16
N ILE A 145 0.87 5.28 25.68
CA ILE A 145 1.05 4.97 24.26
C ILE A 145 -0.07 4.07 23.74
N GLN A 146 -0.53 3.18 24.57
CA GLN A 146 -1.63 2.31 24.24
C GLN A 146 -2.97 3.06 24.00
N GLU A 147 -3.16 4.22 24.65
CA GLU A 147 -4.38 5.01 24.40
C GLU A 147 -4.13 5.96 23.24
N LEU A 148 -2.88 6.30 23.05
CA LEU A 148 -2.48 7.26 22.05
C LEU A 148 -2.46 6.62 20.69
N ALA A 149 -2.11 5.36 20.67
CA ALA A 149 -2.03 4.58 19.46
C ALA A 149 -3.31 4.68 18.59
N PRO A 150 -4.54 4.34 19.08
CA PRO A 150 -5.73 4.42 18.23
C PRO A 150 -6.13 5.86 17.87
N LYS A 151 -5.53 6.82 18.54
CA LYS A 151 -5.79 8.19 18.28
C LYS A 151 -4.95 8.72 17.12
N TYR A 152 -3.69 8.29 17.04
CA TYR A 152 -2.78 8.83 16.05
C TYR A 152 -2.31 7.78 15.04
N ALA A 153 -2.30 6.54 15.43
CA ALA A 153 -1.87 5.47 14.56
C ALA A 153 -3.06 4.88 13.85
N ALA A 154 -3.24 5.31 12.63
CA ALA A 154 -4.34 4.84 11.83
C ALA A 154 -4.08 3.41 11.37
N THR A 155 -5.07 2.58 11.50
CA THR A 155 -4.99 1.22 11.07
C THR A 155 -6.31 0.84 10.41
N HIS A 156 -6.35 -0.30 9.76
CA HIS A 156 -7.48 -0.78 9.09
C HIS A 156 -8.55 -1.25 10.10
N PRO A 157 -9.83 -1.08 9.76
CA PRO A 157 -10.93 -1.54 10.57
C PRO A 157 -11.06 -3.06 10.44
N LYS A 158 -10.32 -3.73 11.25
CA LYS A 158 -10.32 -5.17 11.28
C LYS A 158 -11.42 -5.72 12.15
N THR A 159 -12.04 -6.70 11.66
CA THR A 159 -13.05 -7.42 12.37
C THR A 159 -12.63 -8.88 12.50
N GLU A 160 -12.87 -9.44 13.64
CA GLU A 160 -12.61 -10.85 13.91
C GLU A 160 -13.90 -11.62 13.94
N LEU A 161 -14.87 -10.90 13.57
CA LEU A 161 -16.20 -11.32 13.44
C LEU A 161 -16.81 -10.42 12.40
N GLN A 1 10.98 15.90 -21.64
CA GLN A 1 11.74 17.11 -21.24
C GLN A 1 10.77 18.27 -21.19
N GLU A 2 10.35 18.56 -22.35
CA GLU A 2 9.39 19.57 -22.72
C GLU A 2 7.98 19.14 -22.28
N ALA A 3 7.65 17.88 -22.56
CA ALA A 3 6.34 17.32 -22.20
C ALA A 3 6.39 16.69 -20.81
N GLY A 4 7.28 17.20 -20.00
CA GLY A 4 7.47 16.67 -18.69
C GLY A 4 8.92 16.37 -18.47
N GLY A 5 9.46 16.87 -17.37
CA GLY A 5 10.86 16.65 -17.07
C GLY A 5 11.16 15.19 -16.79
N ARG A 6 10.36 14.58 -15.95
CA ARG A 6 10.54 13.19 -15.61
C ARG A 6 9.72 12.33 -16.60
N PRO A 7 10.12 11.08 -16.81
CA PRO A 7 9.43 10.16 -17.71
C PRO A 7 8.13 9.63 -17.09
N GLY A 8 7.58 8.57 -17.68
CA GLY A 8 6.30 7.99 -17.22
C GLY A 8 6.39 7.21 -15.94
N ALA A 9 6.97 7.83 -14.95
CA ALA A 9 7.06 7.29 -13.63
C ALA A 9 6.12 8.07 -12.77
N ASP A 10 6.63 9.07 -12.18
CA ASP A 10 5.88 10.12 -11.43
C ASP A 10 5.26 9.58 -10.10
N CYS A 11 4.97 8.30 -10.08
CA CYS A 11 4.48 7.57 -8.94
C CYS A 11 5.19 6.19 -8.93
N GLU A 12 5.15 5.47 -7.81
CA GLU A 12 5.94 4.23 -7.70
C GLU A 12 5.17 2.94 -8.04
N VAL A 13 4.49 2.45 -7.02
CA VAL A 13 3.99 1.08 -6.91
C VAL A 13 3.20 0.57 -8.11
N CYS A 14 2.27 1.35 -8.61
CA CYS A 14 1.42 0.92 -9.72
C CYS A 14 2.25 0.59 -10.98
N LYS A 15 3.27 1.37 -11.23
CA LYS A 15 4.07 1.23 -12.43
C LYS A 15 5.20 0.21 -12.24
N GLU A 16 5.27 -0.34 -11.05
CA GLU A 16 6.26 -1.32 -10.70
C GLU A 16 5.59 -2.69 -10.59
N PHE A 17 4.66 -2.78 -9.63
CA PHE A 17 3.90 -3.99 -9.29
C PHE A 17 3.34 -4.66 -10.52
N LEU A 18 2.61 -3.92 -11.32
CA LEU A 18 1.90 -4.48 -12.45
C LEU A 18 2.82 -4.99 -13.56
N ASN A 19 4.00 -4.38 -13.71
CA ASN A 19 4.94 -4.86 -14.74
C ASN A 19 5.60 -6.13 -14.28
N ARG A 20 5.92 -6.15 -13.01
CA ARG A 20 6.46 -7.30 -12.30
C ARG A 20 5.45 -8.45 -12.32
N PHE A 21 4.20 -8.07 -12.21
CA PHE A 21 3.09 -9.00 -12.23
C PHE A 21 2.87 -9.58 -13.62
N TYR A 22 2.98 -8.75 -14.67
CA TYR A 22 2.85 -9.23 -16.05
C TYR A 22 3.82 -10.34 -16.35
N LYS A 23 5.00 -10.27 -15.78
CA LYS A 23 5.95 -11.32 -15.95
C LYS A 23 5.46 -12.63 -15.41
N SER A 24 4.83 -12.63 -14.26
CA SER A 24 4.46 -13.80 -13.59
C SER A 24 3.32 -14.52 -14.33
N LEU A 25 2.65 -13.77 -15.17
CA LEU A 25 1.67 -14.27 -16.07
C LEU A 25 2.37 -15.00 -17.22
N ILE A 26 3.26 -14.30 -17.88
CA ILE A 26 4.00 -14.81 -19.03
C ILE A 26 4.91 -15.98 -18.66
N ASP A 27 5.59 -15.82 -17.54
CA ASP A 27 6.61 -16.78 -17.06
C ASP A 27 6.03 -18.13 -16.74
N ARG A 28 4.83 -18.12 -16.23
CA ARG A 28 4.20 -19.33 -15.81
C ARG A 28 3.27 -19.89 -16.90
N GLY A 29 3.01 -19.08 -17.92
CA GLY A 29 2.09 -19.48 -18.96
C GLY A 29 0.64 -19.32 -18.56
N VAL A 30 0.34 -18.18 -17.96
CA VAL A 30 -1.01 -17.89 -17.51
C VAL A 30 -1.80 -17.10 -18.55
N ASN A 31 -3.04 -17.50 -18.72
CA ASN A 31 -3.97 -16.88 -19.63
C ASN A 31 -4.33 -15.47 -19.21
N PHE A 32 -4.24 -14.57 -20.14
CA PHE A 32 -4.51 -13.20 -19.92
C PHE A 32 -5.99 -12.93 -20.17
N SER A 33 -6.71 -12.86 -19.12
CA SER A 33 -8.11 -12.56 -19.18
C SER A 33 -8.50 -11.69 -18.05
N LEU A 34 -9.60 -11.01 -18.27
CA LEU A 34 -10.32 -10.24 -17.28
C LEU A 34 -10.47 -11.06 -16.02
N ASP A 35 -10.87 -12.30 -16.23
CA ASP A 35 -11.10 -13.24 -15.17
C ASP A 35 -9.80 -13.74 -14.56
N THR A 36 -9.01 -14.36 -15.36
CA THR A 36 -7.83 -15.06 -14.93
C THR A 36 -6.78 -14.10 -14.28
N ILE A 37 -6.68 -12.88 -14.79
CA ILE A 37 -5.73 -11.94 -14.24
C ILE A 37 -6.20 -11.43 -12.90
N GLU A 38 -7.51 -11.32 -12.75
CA GLU A 38 -8.12 -10.90 -11.50
C GLU A 38 -7.72 -11.86 -10.38
N LYS A 39 -7.81 -13.16 -10.64
CA LYS A 39 -7.44 -14.17 -9.66
C LYS A 39 -5.96 -14.14 -9.36
N GLU A 40 -5.14 -14.04 -10.40
CA GLU A 40 -3.70 -14.00 -10.19
C GLU A 40 -3.24 -12.74 -9.54
N LEU A 41 -4.04 -11.70 -9.63
CA LEU A 41 -3.72 -10.44 -9.01
C LEU A 41 -3.92 -10.60 -7.48
N ILE A 42 -4.81 -11.55 -7.12
CA ILE A 42 -5.07 -11.88 -5.73
C ILE A 42 -3.88 -12.65 -5.17
N SER A 43 -3.50 -13.71 -5.88
CA SER A 43 -2.42 -14.59 -5.48
C SER A 43 -1.05 -13.94 -5.58
N PHE A 44 -0.89 -13.02 -6.50
CA PHE A 44 0.37 -12.33 -6.65
C PHE A 44 0.63 -11.46 -5.43
N CYS A 45 -0.45 -11.14 -4.73
CA CYS A 45 -0.36 -10.34 -3.56
C CYS A 45 0.28 -11.12 -2.40
N LEU A 46 0.55 -12.41 -2.61
CA LEU A 46 1.25 -13.21 -1.61
C LEU A 46 2.67 -12.75 -1.43
N ASP A 47 3.28 -12.28 -2.50
CA ASP A 47 4.64 -11.79 -2.40
C ASP A 47 4.64 -10.34 -1.99
N THR A 48 3.62 -9.66 -2.38
CA THR A 48 3.59 -8.25 -2.24
C THR A 48 3.37 -7.83 -0.82
N LYS A 49 4.32 -7.12 -0.36
CA LYS A 49 4.48 -6.75 1.01
C LYS A 49 4.72 -5.27 1.04
N GLY A 50 5.30 -4.76 2.14
CA GLY A 50 5.71 -3.36 2.25
C GLY A 50 4.72 -2.33 1.72
N LYS A 51 4.95 -1.91 0.49
CA LYS A 51 4.13 -0.91 -0.15
C LYS A 51 3.18 -1.58 -1.15
N GLU A 52 3.69 -2.59 -1.85
CA GLU A 52 2.96 -3.32 -2.89
C GLU A 52 1.68 -3.89 -2.33
N ASN A 53 1.81 -4.40 -1.13
CA ASN A 53 0.69 -4.98 -0.33
C ASN A 53 -0.55 -4.04 -0.31
N ARG A 54 -0.31 -2.75 -0.29
CA ARG A 54 -1.40 -1.76 -0.24
C ARG A 54 -2.02 -1.60 -1.58
N LEU A 55 -1.22 -1.71 -2.62
CA LEU A 55 -1.72 -1.56 -3.96
C LEU A 55 -2.78 -2.60 -4.23
N CYS A 56 -2.52 -3.81 -3.73
CA CYS A 56 -3.48 -4.95 -3.81
C CYS A 56 -4.87 -4.49 -3.38
N TYR A 57 -4.89 -3.77 -2.28
CA TYR A 57 -6.09 -3.27 -1.68
C TYR A 57 -6.80 -2.26 -2.59
N TYR A 58 -6.05 -1.41 -3.26
CA TYR A 58 -6.63 -0.43 -4.13
C TYR A 58 -7.08 -1.04 -5.45
N LEU A 59 -6.46 -2.15 -5.82
CA LEU A 59 -6.74 -2.81 -7.09
C LEU A 59 -7.81 -3.89 -6.99
N GLY A 60 -8.35 -4.07 -5.81
CA GLY A 60 -9.42 -5.05 -5.65
C GLY A 60 -8.94 -6.45 -5.41
N ALA A 61 -7.65 -6.59 -5.22
CA ALA A 61 -7.02 -7.89 -5.04
C ALA A 61 -7.01 -8.29 -3.56
N THR A 62 -8.03 -7.89 -2.86
CA THR A 62 -8.18 -8.14 -1.45
C THR A 62 -9.64 -8.36 -1.14
N LYS A 63 -9.94 -9.04 -0.04
CA LYS A 63 -11.34 -9.33 0.31
C LYS A 63 -11.97 -8.09 0.90
N ASP A 64 -11.12 -7.20 1.36
CA ASP A 64 -11.53 -6.03 2.09
C ASP A 64 -11.62 -4.85 1.13
N ALA A 65 -11.48 -5.15 -0.13
CA ALA A 65 -11.49 -4.14 -1.14
C ALA A 65 -12.90 -3.67 -1.44
N ALA A 66 -13.23 -2.49 -0.93
CA ALA A 66 -14.48 -1.84 -1.24
C ALA A 66 -14.50 -1.52 -2.72
N THR A 67 -13.32 -1.13 -3.19
CA THR A 67 -13.08 -0.83 -4.59
C THR A 67 -13.17 -2.14 -5.39
N LYS A 68 -13.03 -2.05 -6.66
CA LYS A 68 -13.10 -3.21 -7.50
C LYS A 68 -12.04 -3.19 -8.51
N ILE A 69 -12.01 -2.14 -9.31
CA ILE A 69 -11.06 -2.01 -10.39
C ILE A 69 -11.32 -3.11 -11.43
N LEU A 70 -12.13 -2.79 -12.37
CA LEU A 70 -12.64 -3.75 -13.30
C LEU A 70 -12.23 -3.39 -14.75
N SER A 71 -12.32 -2.12 -15.10
CA SER A 71 -12.11 -1.72 -16.48
C SER A 71 -10.96 -0.72 -16.62
N GLU A 72 -10.55 -0.12 -15.54
CA GLU A 72 -9.50 0.87 -15.55
C GLU A 72 -8.10 0.24 -15.51
N VAL A 73 -8.00 -0.93 -14.88
CA VAL A 73 -6.74 -1.69 -14.84
C VAL A 73 -6.95 -3.11 -15.38
N THR A 74 -7.76 -3.88 -14.70
CA THR A 74 -8.00 -5.29 -15.01
C THR A 74 -8.36 -5.55 -16.51
N ARG A 75 -9.20 -4.71 -17.09
CA ARG A 75 -9.56 -4.88 -18.50
C ARG A 75 -8.36 -4.63 -19.46
N PRO A 76 -7.70 -3.44 -19.44
CA PRO A 76 -6.51 -3.18 -20.26
C PRO A 76 -5.41 -4.26 -20.10
N MET A 77 -5.37 -4.91 -18.94
CA MET A 77 -4.36 -5.94 -18.65
C MET A 77 -4.48 -7.17 -19.53
N SER A 78 -5.60 -7.33 -20.20
CA SER A 78 -5.80 -8.48 -21.07
C SER A 78 -5.23 -8.24 -22.48
N VAL A 79 -4.65 -7.08 -22.71
CA VAL A 79 -4.10 -6.75 -23.94
C VAL A 79 -2.72 -6.13 -23.63
N HIS A 80 -2.18 -5.44 -24.54
CA HIS A 80 -0.85 -4.85 -24.40
C HIS A 80 -0.96 -3.51 -23.71
N MET A 81 -1.25 -3.58 -22.44
CA MET A 81 -1.42 -2.43 -21.62
C MET A 81 -0.50 -2.33 -20.41
N PRO A 82 0.76 -2.09 -20.64
CA PRO A 82 1.79 -2.07 -19.58
C PRO A 82 1.42 -1.06 -18.47
N ALA A 83 1.96 -1.28 -17.28
CA ALA A 83 1.64 -0.47 -16.08
C ALA A 83 1.92 1.02 -16.27
N MET A 84 2.78 1.32 -17.24
CA MET A 84 3.14 2.69 -17.57
C MET A 84 1.90 3.42 -17.98
N LYS A 85 1.25 2.83 -18.97
CA LYS A 85 0.07 3.33 -19.63
C LYS A 85 -1.13 3.42 -18.69
N ILE A 86 -1.26 2.44 -17.84
CA ILE A 86 -2.39 2.34 -16.96
C ILE A 86 -2.41 3.42 -15.92
N CYS A 87 -1.32 3.61 -15.24
CA CYS A 87 -1.28 4.67 -14.28
C CYS A 87 -1.02 6.05 -14.84
N GLU A 88 -0.84 6.11 -16.18
CA GLU A 88 -0.83 7.40 -16.88
C GLU A 88 -2.22 7.96 -16.89
N LYS A 89 -3.17 7.11 -16.65
CA LYS A 89 -4.53 7.53 -16.53
C LYS A 89 -4.81 7.79 -15.06
N LEU A 90 -4.53 6.75 -14.27
CA LEU A 90 -4.91 6.71 -12.86
C LEU A 90 -4.34 7.80 -11.97
N LYS A 91 -3.01 8.02 -11.95
CA LYS A 91 -2.35 8.97 -10.97
C LYS A 91 -3.00 10.32 -11.03
N LYS A 92 -3.17 10.75 -12.22
CA LYS A 92 -3.74 12.05 -12.57
C LYS A 92 -5.23 12.19 -12.17
N LEU A 93 -5.87 11.08 -11.86
CA LEU A 93 -7.26 11.09 -11.44
C LEU A 93 -7.31 10.80 -9.94
N ASP A 94 -6.63 9.75 -9.55
CA ASP A 94 -6.48 9.34 -8.17
C ASP A 94 -5.03 9.07 -7.89
N SER A 95 -4.53 9.62 -6.84
CA SER A 95 -3.18 9.45 -6.52
C SER A 95 -2.95 8.34 -5.47
N GLN A 96 -4.00 7.87 -4.79
CA GLN A 96 -3.80 6.90 -3.69
C GLN A 96 -3.30 5.58 -4.25
N ILE A 97 -3.78 5.22 -5.43
CA ILE A 97 -3.36 4.01 -6.10
C ILE A 97 -1.88 4.07 -6.51
N CYS A 98 -1.51 5.04 -7.32
CA CYS A 98 -0.18 5.00 -7.90
C CYS A 98 0.91 5.53 -6.96
N GLU A 99 0.57 6.45 -6.08
CA GLU A 99 1.56 7.03 -5.18
C GLU A 99 2.05 6.02 -4.18
N LEU A 100 1.26 5.86 -3.13
CA LEU A 100 1.58 5.04 -2.01
C LEU A 100 2.73 5.60 -1.25
N LYS A 101 3.94 5.31 -1.70
CA LYS A 101 5.14 5.69 -1.00
C LYS A 101 5.05 5.34 0.50
N TYR A 102 5.18 6.32 1.34
CA TYR A 102 5.12 6.10 2.76
C TYR A 102 4.03 6.94 3.34
N GLU A 103 4.28 8.19 3.19
CA GLU A 103 3.47 9.34 3.55
C GLU A 103 2.74 9.20 4.89
N LYS A 104 1.72 10.05 5.05
CA LYS A 104 0.80 10.02 6.18
C LYS A 104 1.46 10.30 7.53
N THR A 105 0.66 10.26 8.54
CA THR A 105 1.01 10.34 9.88
C THR A 105 -0.12 9.58 10.56
N LEU A 106 -0.07 9.38 11.84
CA LEU A 106 -1.21 8.83 12.49
C LEU A 106 -2.15 9.99 12.78
N ASP A 107 -3.10 10.12 11.91
CA ASP A 107 -3.99 11.21 11.85
C ASP A 107 -5.30 10.92 12.46
N LEU A 108 -5.34 11.18 13.73
CA LEU A 108 -6.51 11.03 14.56
C LEU A 108 -7.63 11.99 14.13
N ALA A 109 -7.30 12.96 13.33
CA ALA A 109 -8.28 13.93 12.85
C ALA A 109 -9.03 13.39 11.64
N SER A 110 -8.62 12.24 11.15
CA SER A 110 -9.23 11.63 10.00
C SER A 110 -10.05 10.42 10.44
N VAL A 111 -9.96 10.14 11.69
CA VAL A 111 -10.60 8.98 12.27
C VAL A 111 -11.40 9.36 13.52
N ASP A 112 -12.41 8.59 13.84
CA ASP A 112 -13.26 8.89 14.98
C ASP A 112 -13.06 7.83 15.98
N LEU A 113 -12.14 8.08 16.87
CA LEU A 113 -11.67 7.11 17.87
C LEU A 113 -12.83 6.61 18.74
N ARG A 114 -13.79 7.46 18.91
CA ARG A 114 -14.94 7.19 19.74
C ARG A 114 -15.90 6.16 19.10
N LYS A 115 -16.02 6.09 17.75
CA LYS A 115 -16.91 5.07 17.22
C LYS A 115 -16.21 4.05 16.37
N MET A 116 -14.94 4.04 16.51
CA MET A 116 -14.13 3.06 15.85
C MET A 116 -14.05 1.78 16.73
N ARG A 117 -13.23 0.84 16.37
CA ARG A 117 -13.26 -0.44 16.97
C ARG A 117 -12.11 -0.54 17.89
N VAL A 118 -12.35 -0.95 19.12
CA VAL A 118 -11.37 -0.98 20.18
C VAL A 118 -10.05 -1.67 19.75
N ALA A 119 -10.23 -2.72 19.01
CA ALA A 119 -9.15 -3.51 18.40
C ALA A 119 -8.23 -2.64 17.55
N GLU A 120 -8.81 -1.74 16.77
CA GLU A 120 -8.04 -0.79 15.93
C GLU A 120 -7.22 0.06 16.84
N LEU A 121 -7.88 0.52 17.87
CA LEU A 121 -7.23 1.38 18.84
C LEU A 121 -6.13 0.66 19.58
N LYS A 122 -6.31 -0.65 19.80
CA LYS A 122 -5.34 -1.44 20.42
C LYS A 122 -4.01 -1.48 19.67
N GLN A 123 -4.04 -1.60 18.33
CA GLN A 123 -2.77 -1.55 17.61
C GLN A 123 -2.20 -0.13 17.59
N ILE A 124 -3.08 0.88 17.67
CA ILE A 124 -2.66 2.28 17.77
C ILE A 124 -1.89 2.49 19.07
N LEU A 125 -2.46 2.01 20.16
CA LEU A 125 -1.89 2.17 21.48
C LEU A 125 -0.57 1.36 21.60
N HIS A 126 -0.49 0.28 20.86
CA HIS A 126 0.69 -0.56 20.81
C HIS A 126 1.78 0.18 20.05
N SER A 127 1.36 0.91 19.04
CA SER A 127 2.27 1.71 18.26
C SER A 127 2.78 2.88 19.08
N TRP A 128 2.01 3.30 20.10
CA TRP A 128 2.50 4.32 20.97
C TRP A 128 2.89 3.73 22.30
N GLY A 129 3.34 2.47 22.26
CA GLY A 129 3.90 1.76 23.40
C GLY A 129 3.21 1.96 24.75
N GLU A 130 1.89 2.13 24.77
CA GLU A 130 1.22 2.35 26.03
C GLU A 130 0.79 1.05 26.65
N GLU A 131 0.84 1.02 27.96
CA GLU A 131 0.53 -0.16 28.71
C GLU A 131 -0.95 -0.25 29.14
N CYS A 132 -1.83 -0.28 28.18
CA CYS A 132 -3.25 -0.37 28.45
C CYS A 132 -3.64 -1.85 28.61
N ARG A 133 -3.74 -2.33 29.86
CA ARG A 133 -4.16 -3.73 30.07
C ARG A 133 -5.65 -3.76 30.35
N ALA A 134 -6.01 -3.23 31.49
CA ALA A 134 -7.37 -3.22 31.93
C ALA A 134 -8.02 -1.93 31.53
N CYS A 135 -8.53 -1.94 30.36
CA CYS A 135 -9.26 -0.85 29.78
C CYS A 135 -10.35 -1.45 28.93
N ALA A 136 -11.51 -0.83 28.94
CA ALA A 136 -12.69 -1.46 28.38
C ALA A 136 -12.97 -1.09 26.93
N GLU A 137 -13.63 0.02 26.72
CA GLU A 137 -14.05 0.37 25.39
C GLU A 137 -13.09 1.27 24.72
N LYS A 138 -13.35 1.50 23.45
CA LYS A 138 -12.58 2.39 22.65
C LYS A 138 -12.49 3.76 23.27
N THR A 139 -13.61 4.27 23.80
CA THR A 139 -13.65 5.61 24.38
C THR A 139 -12.73 5.69 25.61
N ASP A 140 -12.64 4.58 26.31
CA ASP A 140 -11.82 4.44 27.51
C ASP A 140 -10.35 4.57 27.11
N TYR A 141 -10.04 4.06 25.92
CA TYR A 141 -8.70 4.14 25.32
C TYR A 141 -8.49 5.57 24.80
N VAL A 142 -9.54 6.10 24.16
CA VAL A 142 -9.53 7.42 23.51
C VAL A 142 -8.99 8.51 24.40
N ASN A 143 -9.44 8.53 25.65
CA ASN A 143 -9.00 9.56 26.61
C ASN A 143 -7.48 9.63 26.66
N LEU A 144 -6.86 8.46 26.77
CA LEU A 144 -5.41 8.36 26.93
C LEU A 144 -4.74 8.67 25.59
N ILE A 145 -5.35 8.20 24.53
CA ILE A 145 -4.89 8.46 23.19
C ILE A 145 -4.87 9.99 22.88
N GLN A 146 -5.84 10.72 23.38
CA GLN A 146 -5.91 12.15 23.17
C GLN A 146 -4.82 12.89 23.93
N GLU A 147 -4.55 12.47 25.15
CA GLU A 147 -3.54 13.13 25.97
C GLU A 147 -2.13 12.76 25.49
N LEU A 148 -2.00 11.59 24.91
CA LEU A 148 -0.72 11.13 24.37
C LEU A 148 -0.53 11.59 22.93
N ALA A 149 -1.60 12.05 22.32
CA ALA A 149 -1.59 12.50 20.92
C ALA A 149 -0.48 13.51 20.59
N PRO A 150 -0.36 14.67 21.31
CA PRO A 150 0.68 15.67 20.99
C PRO A 150 2.08 15.20 21.40
N LYS A 151 2.14 14.05 22.02
CA LYS A 151 3.38 13.47 22.47
C LYS A 151 3.87 12.45 21.43
N TYR A 152 3.12 12.28 20.35
CA TYR A 152 3.46 11.37 19.30
C TYR A 152 3.18 11.96 17.92
N ALA A 153 2.01 12.53 17.76
CA ALA A 153 1.60 13.03 16.48
C ALA A 153 2.04 14.46 16.25
N ALA A 154 3.22 14.58 15.73
CA ALA A 154 3.76 15.86 15.33
C ALA A 154 3.40 16.04 13.86
N THR A 155 2.33 16.75 13.63
CA THR A 155 1.82 16.94 12.30
C THR A 155 0.69 18.00 12.37
N HIS A 156 -0.08 18.10 11.27
CA HIS A 156 -1.16 19.03 11.05
C HIS A 156 -0.62 20.45 10.79
N PRO A 157 -1.42 21.30 10.09
CA PRO A 157 -1.04 22.71 9.73
C PRO A 157 -0.94 23.66 10.96
N LYS A 158 -0.26 23.21 11.96
CA LYS A 158 -0.05 23.90 13.17
C LYS A 158 1.39 23.85 13.56
N THR A 159 1.91 25.00 13.95
CA THR A 159 3.26 25.21 14.40
C THR A 159 4.41 24.54 13.57
N GLU A 160 5.62 24.66 14.07
CA GLU A 160 6.80 24.13 13.46
C GLU A 160 7.04 22.71 13.94
N LEU A 161 6.11 22.26 14.67
CA LEU A 161 6.09 21.00 15.31
C LEU A 161 4.63 20.68 15.54
N GLN A 1 14.09 -4.81 -19.33
CA GLN A 1 13.56 -3.73 -18.52
C GLN A 1 12.52 -4.32 -17.61
N GLU A 2 12.52 -3.92 -16.36
CA GLU A 2 11.54 -4.38 -15.37
C GLU A 2 11.66 -3.50 -14.15
N ALA A 3 12.64 -3.81 -13.33
CA ALA A 3 12.94 -3.05 -12.16
C ALA A 3 14.30 -2.45 -12.36
N GLY A 4 14.58 -1.37 -11.67
CA GLY A 4 15.84 -0.69 -11.82
C GLY A 4 15.88 0.14 -13.09
N GLY A 5 16.17 -0.51 -14.20
CA GLY A 5 16.28 0.15 -15.48
C GLY A 5 14.93 0.34 -16.14
N ARG A 6 14.19 1.29 -15.62
CA ARG A 6 12.92 1.70 -16.08
C ARG A 6 12.61 2.98 -15.30
N PRO A 7 11.61 3.75 -15.68
CA PRO A 7 11.22 4.92 -14.92
C PRO A 7 10.51 4.49 -13.64
N GLY A 8 11.09 4.87 -12.53
CA GLY A 8 10.57 4.48 -11.24
C GLY A 8 9.29 5.21 -10.90
N ALA A 9 9.17 6.43 -11.42
CA ALA A 9 7.99 7.27 -11.26
C ALA A 9 7.69 7.53 -9.77
N ASP A 10 6.45 7.86 -9.49
CA ASP A 10 5.99 8.13 -8.14
C ASP A 10 6.16 6.90 -7.25
N CYS A 11 5.57 5.81 -7.66
CA CYS A 11 5.57 4.61 -6.86
C CYS A 11 6.16 3.42 -7.60
N GLU A 12 7.18 2.82 -7.01
CA GLU A 12 7.87 1.64 -7.55
C GLU A 12 6.93 0.44 -7.61
N VAL A 13 6.28 0.18 -6.47
CA VAL A 13 5.42 -1.01 -6.28
C VAL A 13 4.42 -1.19 -7.42
N CYS A 14 3.72 -0.13 -7.72
CA CYS A 14 2.79 -0.17 -8.79
C CYS A 14 3.55 0.11 -10.08
N LYS A 15 3.89 -0.98 -10.76
CA LYS A 15 4.51 -1.05 -12.11
C LYS A 15 5.13 -2.40 -12.32
N GLU A 16 6.40 -2.53 -11.94
CA GLU A 16 7.19 -3.73 -12.12
C GLU A 16 6.53 -5.02 -11.66
N PHE A 17 5.79 -4.97 -10.57
CA PHE A 17 5.10 -6.18 -10.10
C PHE A 17 4.01 -6.62 -11.12
N LEU A 18 3.32 -5.65 -11.67
CA LEU A 18 2.24 -5.93 -12.62
C LEU A 18 2.81 -6.13 -14.01
N ASN A 19 3.95 -5.56 -14.24
CA ASN A 19 4.63 -5.66 -15.50
C ASN A 19 5.24 -7.06 -15.61
N ARG A 20 5.69 -7.56 -14.47
CA ARG A 20 6.17 -8.92 -14.29
C ARG A 20 5.05 -9.90 -14.62
N PHE A 21 3.86 -9.52 -14.20
CA PHE A 21 2.68 -10.30 -14.41
C PHE A 21 2.38 -10.48 -15.89
N TYR A 22 2.48 -9.39 -16.67
CA TYR A 22 2.27 -9.44 -18.12
C TYR A 22 3.15 -10.47 -18.78
N LYS A 23 4.34 -10.63 -18.24
CA LYS A 23 5.31 -11.51 -18.82
C LYS A 23 4.93 -12.96 -18.63
N SER A 24 4.09 -13.24 -17.64
CA SER A 24 3.69 -14.61 -17.41
C SER A 24 2.54 -14.94 -18.36
N LEU A 25 1.79 -13.92 -18.69
CA LEU A 25 0.75 -14.03 -19.66
C LEU A 25 1.36 -14.37 -21.02
N ILE A 26 2.51 -13.82 -21.25
CA ILE A 26 3.23 -14.05 -22.49
C ILE A 26 3.96 -15.41 -22.46
N ASP A 27 4.57 -15.73 -21.33
CA ASP A 27 5.39 -16.93 -21.18
C ASP A 27 4.59 -18.20 -21.35
N ARG A 28 3.50 -18.25 -20.67
CA ARG A 28 2.62 -19.35 -20.64
C ARG A 28 1.63 -19.35 -21.79
N GLY A 29 1.67 -18.32 -22.61
CA GLY A 29 0.74 -18.22 -23.72
C GLY A 29 -0.69 -18.01 -23.24
N VAL A 30 -0.83 -17.28 -22.17
CA VAL A 30 -2.11 -17.02 -21.60
C VAL A 30 -2.70 -15.76 -22.21
N ASN A 31 -3.91 -15.89 -22.66
CA ASN A 31 -4.61 -14.84 -23.36
C ASN A 31 -4.96 -13.69 -22.43
N PHE A 32 -4.84 -12.51 -22.95
CA PHE A 32 -5.09 -11.31 -22.22
C PHE A 32 -6.60 -10.95 -22.26
N SER A 33 -7.41 -11.78 -21.64
CA SER A 33 -8.83 -11.54 -21.57
C SER A 33 -9.19 -11.01 -20.20
N LEU A 34 -10.29 -10.26 -20.09
CA LEU A 34 -10.80 -9.76 -18.80
C LEU A 34 -10.92 -10.90 -17.81
N ASP A 35 -11.75 -11.89 -18.18
CA ASP A 35 -11.99 -13.10 -17.37
C ASP A 35 -10.70 -13.78 -16.94
N THR A 36 -9.89 -14.02 -17.92
CA THR A 36 -8.64 -14.72 -17.78
C THR A 36 -7.62 -13.93 -16.91
N ILE A 37 -7.45 -12.65 -17.20
CA ILE A 37 -6.50 -11.83 -16.45
C ILE A 37 -6.98 -11.59 -15.02
N GLU A 38 -8.30 -11.43 -14.85
CA GLU A 38 -8.92 -11.21 -13.54
C GLU A 38 -8.45 -12.31 -12.60
N LYS A 39 -8.55 -13.53 -13.09
CA LYS A 39 -8.19 -14.72 -12.35
C LYS A 39 -6.68 -14.81 -12.15
N GLU A 40 -5.92 -14.64 -13.24
CA GLU A 40 -4.47 -14.71 -13.18
C GLU A 40 -3.89 -13.70 -12.21
N LEU A 41 -4.48 -12.54 -12.16
CA LEU A 41 -4.01 -11.47 -11.30
C LEU A 41 -4.22 -11.87 -9.83
N ILE A 42 -5.29 -12.61 -9.55
CA ILE A 42 -5.54 -13.07 -8.20
C ILE A 42 -4.49 -14.11 -7.79
N SER A 43 -4.24 -15.08 -8.66
CA SER A 43 -3.30 -16.13 -8.37
C SER A 43 -1.86 -15.64 -8.39
N PHE A 44 -1.59 -14.65 -9.20
CA PHE A 44 -0.27 -14.06 -9.27
C PHE A 44 0.04 -13.36 -7.96
N CYS A 45 -1.01 -12.92 -7.29
CA CYS A 45 -0.88 -12.29 -6.02
C CYS A 45 -0.64 -13.29 -4.88
N LEU A 46 -0.43 -14.56 -5.21
CA LEU A 46 0.01 -15.54 -4.21
C LEU A 46 1.45 -15.26 -3.83
N ASP A 47 2.12 -14.50 -4.67
CA ASP A 47 3.51 -14.17 -4.48
C ASP A 47 3.65 -12.98 -3.51
N THR A 48 2.54 -12.47 -3.03
CA THR A 48 2.58 -11.23 -2.31
C THR A 48 2.84 -11.35 -0.82
N LYS A 49 3.65 -10.45 -0.40
CA LYS A 49 4.09 -10.26 0.95
C LYS A 49 4.61 -8.84 0.95
N GLY A 50 5.24 -8.42 2.03
CA GLY A 50 5.88 -7.09 2.08
C GLY A 50 4.95 -5.95 1.71
N LYS A 51 5.13 -5.42 0.50
CA LYS A 51 4.35 -4.31 0.04
C LYS A 51 3.34 -4.75 -1.00
N GLU A 52 3.72 -5.73 -1.79
CA GLU A 52 2.89 -6.27 -2.87
C GLU A 52 1.61 -6.80 -2.29
N ASN A 53 1.74 -7.37 -1.12
CA ASN A 53 0.60 -7.86 -0.31
C ASN A 53 -0.50 -6.79 -0.23
N ARG A 54 -0.11 -5.60 0.22
CA ARG A 54 -1.01 -4.45 0.30
C ARG A 54 -1.53 -4.08 -1.05
N LEU A 55 -0.64 -4.07 -2.03
CA LEU A 55 -0.97 -3.71 -3.39
C LEU A 55 -2.11 -4.57 -3.93
N CYS A 56 -1.97 -5.86 -3.77
CA CYS A 56 -2.97 -6.82 -4.23
C CYS A 56 -4.29 -6.72 -3.48
N TYR A 57 -4.24 -6.22 -2.27
CA TYR A 57 -5.46 -5.93 -1.52
C TYR A 57 -6.22 -4.81 -2.22
N TYR A 58 -5.50 -3.84 -2.73
CA TYR A 58 -6.07 -2.75 -3.46
C TYR A 58 -6.63 -3.26 -4.77
N LEU A 59 -5.88 -4.16 -5.40
CA LEU A 59 -6.20 -4.70 -6.72
C LEU A 59 -7.29 -5.78 -6.72
N GLY A 60 -7.83 -6.10 -5.55
CA GLY A 60 -8.94 -7.02 -5.50
C GLY A 60 -8.53 -8.47 -5.65
N ALA A 61 -7.33 -8.77 -5.25
CA ALA A 61 -6.81 -10.11 -5.41
C ALA A 61 -6.77 -10.82 -4.06
N THR A 62 -7.58 -10.36 -3.14
CA THR A 62 -7.64 -10.92 -1.82
C THR A 62 -9.09 -11.22 -1.45
N LYS A 63 -9.29 -11.93 -0.34
CA LYS A 63 -10.63 -12.36 0.08
C LYS A 63 -11.36 -11.29 0.88
N ASP A 64 -10.70 -10.20 1.04
CA ASP A 64 -11.15 -9.08 1.84
C ASP A 64 -11.13 -7.78 1.06
N ALA A 65 -10.91 -7.89 -0.22
CA ALA A 65 -10.81 -6.73 -1.06
C ALA A 65 -12.18 -6.28 -1.54
N ALA A 66 -12.66 -5.20 -1.00
CA ALA A 66 -13.95 -4.66 -1.36
C ALA A 66 -13.77 -3.32 -2.06
N THR A 67 -12.53 -3.08 -2.48
CA THR A 67 -12.07 -1.85 -3.11
C THR A 67 -13.01 -1.42 -4.26
N LYS A 68 -12.94 -2.13 -5.40
CA LYS A 68 -13.79 -1.98 -6.61
C LYS A 68 -13.16 -2.76 -7.73
N ILE A 69 -12.15 -2.18 -8.41
CA ILE A 69 -11.42 -2.84 -9.52
C ILE A 69 -12.44 -3.14 -10.62
N LEU A 70 -13.32 -2.20 -10.75
CA LEU A 70 -14.43 -2.27 -11.61
C LEU A 70 -13.95 -1.97 -13.01
N SER A 71 -13.33 -0.83 -13.22
CA SER A 71 -12.74 -0.55 -14.50
C SER A 71 -11.26 -0.25 -14.38
N GLU A 72 -10.85 -0.01 -13.20
CA GLU A 72 -9.52 0.27 -12.93
C GLU A 72 -8.69 -1.03 -12.89
N VAL A 73 -7.69 -1.05 -13.73
CA VAL A 73 -6.64 -2.06 -13.77
C VAL A 73 -6.92 -3.26 -14.69
N THR A 74 -7.81 -4.17 -14.31
CA THR A 74 -8.02 -5.38 -15.11
C THR A 74 -8.47 -5.06 -16.56
N ARG A 75 -9.26 -4.00 -16.72
CA ARG A 75 -9.78 -3.65 -18.03
C ARG A 75 -8.63 -3.16 -18.95
N PRO A 76 -7.85 -2.09 -18.55
CA PRO A 76 -6.70 -1.63 -19.33
C PRO A 76 -5.65 -2.75 -19.56
N MET A 77 -5.45 -3.60 -18.57
CA MET A 77 -4.44 -4.67 -18.68
C MET A 77 -4.81 -5.70 -19.75
N SER A 78 -6.08 -5.78 -20.08
CA SER A 78 -6.56 -6.73 -21.05
C SER A 78 -6.37 -6.18 -22.48
N VAL A 79 -6.09 -4.89 -22.62
CA VAL A 79 -5.93 -4.29 -23.94
C VAL A 79 -4.47 -3.80 -24.09
N HIS A 80 -3.56 -4.59 -23.53
CA HIS A 80 -2.12 -4.31 -23.53
C HIS A 80 -1.81 -2.86 -23.08
N MET A 81 -2.02 -2.64 -21.82
CA MET A 81 -1.79 -1.37 -21.17
C MET A 81 -0.59 -1.34 -20.24
N PRO A 82 0.62 -1.33 -20.80
CA PRO A 82 1.88 -1.48 -20.03
C PRO A 82 1.85 -0.71 -18.69
N ALA A 83 2.28 -1.43 -17.66
CA ALA A 83 2.24 -1.04 -16.25
C ALA A 83 2.66 0.43 -15.97
N MET A 84 3.65 0.90 -16.69
CA MET A 84 4.26 2.21 -16.46
C MET A 84 3.33 3.35 -16.77
N LYS A 85 2.29 3.06 -17.50
CA LYS A 85 1.41 4.08 -17.95
C LYS A 85 0.08 4.03 -17.17
N ILE A 86 -0.10 3.04 -16.33
CA ILE A 86 -1.36 2.90 -15.59
C ILE A 86 -1.26 3.54 -14.22
N CYS A 87 -0.23 3.20 -13.48
CA CYS A 87 -0.04 3.74 -12.12
C CYS A 87 0.13 5.26 -12.17
N GLU A 88 0.55 5.73 -13.35
CA GLU A 88 0.64 7.13 -13.71
C GLU A 88 -0.70 7.83 -13.41
N LYS A 89 -1.77 7.22 -13.84
CA LYS A 89 -3.07 7.84 -13.78
C LYS A 89 -3.83 7.40 -12.54
N LEU A 90 -3.36 6.38 -11.94
CA LEU A 90 -3.97 5.84 -10.72
C LEU A 90 -3.64 6.68 -9.49
N LYS A 91 -2.40 7.20 -9.40
CA LYS A 91 -1.95 7.97 -8.22
C LYS A 91 -2.81 9.20 -8.04
N LYS A 92 -3.07 9.83 -9.13
CA LYS A 92 -3.90 11.04 -9.15
C LYS A 92 -5.41 10.74 -9.04
N LEU A 93 -5.69 9.58 -8.66
CA LEU A 93 -7.03 9.12 -8.34
C LEU A 93 -7.04 8.67 -6.89
N ASP A 94 -6.17 7.72 -6.58
CA ASP A 94 -6.02 7.22 -5.24
C ASP A 94 -4.55 7.22 -4.84
N SER A 95 -4.29 7.50 -3.59
CA SER A 95 -2.95 7.54 -3.11
C SER A 95 -2.62 6.32 -2.23
N GLN A 96 -3.59 5.46 -1.97
CA GLN A 96 -3.38 4.28 -1.16
C GLN A 96 -2.52 3.27 -1.87
N ILE A 97 -2.76 3.03 -3.16
CA ILE A 97 -1.90 2.14 -3.94
C ILE A 97 -0.42 2.57 -3.89
N CYS A 98 -0.18 3.85 -3.86
CA CYS A 98 1.16 4.35 -3.85
C CYS A 98 1.62 4.80 -2.46
N GLU A 99 0.89 4.32 -1.44
CA GLU A 99 1.26 4.47 0.00
C GLU A 99 2.55 3.69 0.20
N LEU A 100 2.61 2.59 -0.52
CA LEU A 100 3.65 1.60 -0.46
C LEU A 100 4.98 2.12 -1.03
N LYS A 101 5.02 3.38 -1.40
CA LYS A 101 6.21 3.98 -1.94
C LYS A 101 7.28 3.96 -0.86
N TYR A 102 6.92 4.52 0.25
CA TYR A 102 7.85 4.73 1.32
C TYR A 102 7.95 3.60 2.30
N GLU A 103 7.31 3.78 3.36
CA GLU A 103 7.40 2.91 4.50
C GLU A 103 6.04 2.41 4.96
N LYS A 104 5.98 1.94 6.19
CA LYS A 104 4.80 1.34 6.79
C LYS A 104 4.56 1.90 8.20
N THR A 105 5.15 3.00 8.52
CA THR A 105 5.03 3.53 9.84
C THR A 105 4.13 4.77 9.83
N LEU A 106 3.88 5.32 11.00
CA LEU A 106 3.11 6.51 11.11
C LEU A 106 4.09 7.68 11.04
N ASP A 107 3.89 8.52 10.09
CA ASP A 107 4.72 9.61 9.76
C ASP A 107 4.49 10.79 10.68
N LEU A 108 5.04 10.67 11.85
CA LEU A 108 4.99 11.69 12.88
C LEU A 108 5.71 12.98 12.48
N ALA A 109 6.51 12.90 11.44
CA ALA A 109 7.23 14.06 10.94
C ALA A 109 6.37 14.85 9.96
N SER A 110 5.34 14.21 9.50
CA SER A 110 4.41 14.77 8.56
C SER A 110 3.26 15.45 9.28
N VAL A 111 2.91 14.88 10.40
CA VAL A 111 1.78 15.34 11.16
C VAL A 111 2.24 16.18 12.34
N ASP A 112 1.39 17.07 12.76
CA ASP A 112 1.70 17.98 13.83
C ASP A 112 1.19 17.35 15.08
N LEU A 113 2.08 16.94 15.90
CA LEU A 113 1.76 16.26 17.14
C LEU A 113 1.04 17.19 18.12
N ARG A 114 1.12 18.47 17.87
CA ARG A 114 0.60 19.46 18.79
C ARG A 114 -0.89 19.69 18.56
N LYS A 115 -1.37 19.52 17.33
CA LYS A 115 -2.74 19.83 17.05
C LYS A 115 -3.62 18.63 16.83
N MET A 116 -3.05 17.49 17.00
CA MET A 116 -3.76 16.26 16.92
C MET A 116 -4.65 16.05 18.15
N ARG A 117 -5.48 15.08 18.08
CA ARG A 117 -6.51 14.88 19.02
C ARG A 117 -6.13 13.76 19.92
N VAL A 118 -6.12 14.00 21.22
CA VAL A 118 -5.67 13.06 22.22
C VAL A 118 -6.19 11.64 22.03
N ALA A 119 -7.43 11.54 21.61
CA ALA A 119 -8.10 10.27 21.30
C ALA A 119 -7.27 9.44 20.33
N GLU A 120 -6.77 10.10 19.28
CA GLU A 120 -5.92 9.46 18.28
C GLU A 120 -4.67 9.00 18.97
N LEU A 121 -4.06 9.92 19.68
CA LEU A 121 -2.85 9.67 20.46
C LEU A 121 -3.01 8.53 21.46
N LYS A 122 -4.17 8.44 22.10
CA LYS A 122 -4.48 7.37 22.96
C LYS A 122 -4.51 6.05 22.18
N GLN A 123 -5.06 6.08 20.98
CA GLN A 123 -5.03 4.90 20.11
C GLN A 123 -3.59 4.59 19.70
N ILE A 124 -2.82 5.63 19.38
CA ILE A 124 -1.40 5.53 18.96
C ILE A 124 -0.58 4.72 19.95
N LEU A 125 -0.71 5.02 21.23
CA LEU A 125 0.10 4.32 22.23
C LEU A 125 -0.28 2.83 22.32
N HIS A 126 -1.53 2.54 22.04
CA HIS A 126 -2.05 1.19 22.07
C HIS A 126 -1.72 0.49 20.77
N SER A 127 -1.50 1.30 19.74
CA SER A 127 -1.06 0.81 18.47
C SER A 127 0.39 0.39 18.59
N TRP A 128 1.10 1.00 19.54
CA TRP A 128 2.44 0.57 19.82
C TRP A 128 2.44 -0.26 21.10
N GLY A 129 1.32 -0.96 21.31
CA GLY A 129 1.15 -1.91 22.43
C GLY A 129 1.72 -1.47 23.78
N GLU A 130 1.76 -0.19 24.05
CA GLU A 130 2.36 0.28 25.27
C GLU A 130 1.28 0.86 26.21
N GLU A 131 1.70 1.38 27.33
CA GLU A 131 0.81 1.91 28.33
C GLU A 131 0.83 3.45 28.40
N CYS A 132 -0.22 4.01 28.99
CA CYS A 132 -0.28 5.44 29.19
C CYS A 132 0.44 5.72 30.51
N ARG A 133 1.75 5.71 30.39
CA ARG A 133 2.73 5.86 31.46
C ARG A 133 2.47 7.12 32.28
N ALA A 134 2.33 8.21 31.58
CA ALA A 134 2.04 9.49 32.17
C ALA A 134 1.49 10.34 31.07
N CYS A 135 0.19 10.36 30.94
CA CYS A 135 -0.43 11.06 29.87
C CYS A 135 -1.91 11.41 30.10
N ALA A 136 -2.18 12.69 30.21
CA ALA A 136 -3.51 13.17 30.36
C ALA A 136 -3.94 13.92 29.11
N GLU A 137 -3.18 14.93 28.74
CA GLU A 137 -3.52 15.77 27.62
C GLU A 137 -2.68 15.51 26.41
N LYS A 138 -2.89 16.32 25.37
CA LYS A 138 -2.21 16.20 24.09
C LYS A 138 -0.76 16.34 24.35
N THR A 139 -0.44 17.36 25.13
CA THR A 139 0.92 17.74 25.42
C THR A 139 1.67 16.60 26.09
N ASP A 140 0.98 15.89 26.98
CA ASP A 140 1.58 14.73 27.63
C ASP A 140 1.93 13.70 26.59
N TYR A 141 1.00 13.46 25.69
CA TYR A 141 1.19 12.48 24.64
C TYR A 141 2.28 12.90 23.70
N VAL A 142 2.33 14.16 23.37
CA VAL A 142 3.36 14.69 22.47
C VAL A 142 4.75 14.42 23.03
N ASN A 143 4.93 14.76 24.29
CA ASN A 143 6.21 14.55 24.98
C ASN A 143 6.56 13.07 25.03
N LEU A 144 5.56 12.25 25.15
CA LEU A 144 5.74 10.82 25.31
C LEU A 144 6.02 10.20 23.94
N ILE A 145 5.19 10.53 22.98
CA ILE A 145 5.29 10.04 21.64
C ILE A 145 6.64 10.36 21.01
N GLN A 146 7.16 11.55 21.24
CA GLN A 146 8.45 11.94 20.67
C GLN A 146 9.62 11.13 21.22
N GLU A 147 9.58 10.73 22.49
CA GLU A 147 10.70 9.96 23.06
C GLU A 147 10.61 8.51 22.59
N LEU A 148 9.40 8.06 22.38
CA LEU A 148 9.11 6.71 21.99
C LEU A 148 9.23 6.52 20.49
N ALA A 149 8.97 7.58 19.75
CA ALA A 149 9.00 7.60 18.29
C ALA A 149 10.22 6.91 17.68
N PRO A 150 11.50 7.31 18.00
CA PRO A 150 12.68 6.69 17.38
C PRO A 150 12.86 5.23 17.78
N LYS A 151 12.21 4.83 18.83
CA LYS A 151 12.28 3.50 19.26
C LYS A 151 11.29 2.63 18.49
N TYR A 152 10.05 3.09 18.40
CA TYR A 152 8.98 2.30 17.82
C TYR A 152 8.89 2.43 16.31
N ALA A 153 9.10 3.62 15.80
CA ALA A 153 9.03 3.83 14.37
C ALA A 153 10.21 3.15 13.70
N ALA A 154 9.95 2.01 13.12
CA ALA A 154 10.97 1.22 12.49
C ALA A 154 10.94 1.42 11.01
N THR A 155 11.72 2.36 10.57
CA THR A 155 11.83 2.70 9.20
C THR A 155 13.16 3.38 9.02
N HIS A 156 13.73 3.27 7.81
CA HIS A 156 14.98 3.92 7.44
C HIS A 156 16.19 3.48 8.32
N PRO A 157 17.41 3.82 7.88
CA PRO A 157 18.61 3.61 8.66
C PRO A 157 18.65 4.59 9.83
N LYS A 158 17.93 4.24 10.85
CA LYS A 158 17.79 5.05 12.02
C LYS A 158 18.67 4.51 13.16
N THR A 159 18.45 5.05 14.32
CA THR A 159 19.11 4.69 15.54
C THR A 159 18.18 3.81 16.39
N GLU A 160 18.61 3.44 17.58
CA GLU A 160 17.76 2.66 18.49
C GLU A 160 16.99 3.60 19.41
N LEU A 161 17.43 4.78 19.32
CA LEU A 161 16.98 5.90 20.00
C LEU A 161 17.62 7.08 19.26
N GLN A 1 13.19 13.20 -26.10
CA GLN A 1 13.35 12.00 -25.28
C GLN A 1 13.91 12.42 -23.94
N GLU A 2 13.01 12.72 -23.07
CA GLU A 2 13.29 13.18 -21.74
C GLU A 2 12.17 12.75 -20.81
N ALA A 3 11.05 13.41 -20.91
CA ALA A 3 9.90 13.12 -20.10
C ALA A 3 8.71 12.85 -20.98
N GLY A 4 8.51 13.72 -21.94
CA GLY A 4 7.39 13.65 -22.85
C GLY A 4 6.05 13.58 -22.12
N GLY A 5 5.28 12.57 -22.42
CA GLY A 5 4.00 12.38 -21.78
C GLY A 5 4.16 11.64 -20.47
N ARG A 6 4.87 12.28 -19.54
CA ARG A 6 5.21 11.76 -18.24
C ARG A 6 6.25 10.63 -18.32
N PRO A 7 7.34 10.74 -17.55
CA PRO A 7 8.45 9.78 -17.61
C PRO A 7 8.09 8.39 -17.07
N GLY A 8 9.08 7.51 -17.00
CA GLY A 8 8.89 6.17 -16.50
C GLY A 8 9.04 6.12 -15.00
N ALA A 9 8.29 6.96 -14.35
CA ALA A 9 8.20 7.07 -12.91
C ALA A 9 7.21 8.12 -12.64
N ASP A 10 6.41 7.90 -11.62
CA ASP A 10 5.27 8.75 -11.31
C ASP A 10 4.48 8.09 -10.21
N CYS A 11 4.52 6.78 -10.21
CA CYS A 11 3.92 6.00 -9.19
C CYS A 11 4.95 5.00 -8.75
N GLU A 12 5.13 4.87 -7.46
CA GLU A 12 6.07 3.92 -6.91
C GLU A 12 5.49 2.51 -6.96
N VAL A 13 4.42 2.29 -6.20
CA VAL A 13 3.89 0.95 -6.08
C VAL A 13 3.13 0.54 -7.33
N CYS A 14 2.27 1.42 -7.82
CA CYS A 14 1.55 1.12 -9.04
C CYS A 14 2.39 1.46 -10.26
N LYS A 15 3.37 0.64 -10.44
CA LYS A 15 4.27 0.68 -11.55
C LYS A 15 5.06 -0.59 -11.49
N GLU A 16 5.85 -0.70 -10.46
CA GLU A 16 6.76 -1.80 -10.32
C GLU A 16 6.05 -3.08 -10.00
N PHE A 17 5.11 -3.01 -9.07
CA PHE A 17 4.36 -4.19 -8.67
C PHE A 17 3.63 -4.86 -9.85
N LEU A 18 2.97 -4.08 -10.67
CA LEU A 18 2.23 -4.65 -11.79
C LEU A 18 3.17 -5.07 -12.92
N ASN A 19 4.31 -4.43 -12.96
CA ASN A 19 5.33 -4.76 -13.94
C ASN A 19 6.01 -6.07 -13.54
N ARG A 20 6.10 -6.26 -12.25
CA ARG A 20 6.56 -7.46 -11.59
C ARG A 20 5.57 -8.59 -11.86
N PHE A 21 4.31 -8.24 -11.80
CA PHE A 21 3.22 -9.17 -11.99
C PHE A 21 3.14 -9.63 -13.44
N TYR A 22 3.33 -8.69 -14.36
CA TYR A 22 3.30 -8.98 -15.80
C TYR A 22 4.33 -10.04 -16.17
N LYS A 23 5.38 -10.13 -15.38
CA LYS A 23 6.43 -11.09 -15.62
C LYS A 23 5.95 -12.50 -15.37
N SER A 24 5.03 -12.69 -14.43
CA SER A 24 4.57 -14.02 -14.08
C SER A 24 3.63 -14.53 -15.17
N LEU A 25 2.93 -13.59 -15.79
CA LEU A 25 2.05 -13.85 -16.89
C LEU A 25 2.85 -14.40 -18.07
N ILE A 26 3.94 -13.73 -18.37
CA ILE A 26 4.82 -14.10 -19.47
C ILE A 26 5.58 -15.40 -19.14
N ASP A 27 6.01 -15.49 -17.90
CA ASP A 27 6.78 -16.62 -17.35
C ASP A 27 6.05 -17.94 -17.48
N ARG A 28 4.88 -17.98 -16.91
CA ARG A 28 4.15 -19.22 -16.79
C ARG A 28 3.27 -19.47 -18.01
N GLY A 29 3.40 -18.59 -18.99
CA GLY A 29 2.62 -18.72 -20.23
C GLY A 29 1.15 -18.55 -19.96
N VAL A 30 0.85 -17.54 -19.20
CA VAL A 30 -0.51 -17.28 -18.81
C VAL A 30 -1.20 -16.46 -19.88
N ASN A 31 -2.45 -16.79 -20.08
CA ASN A 31 -3.26 -16.09 -21.05
C ASN A 31 -3.68 -14.76 -20.52
N PHE A 32 -3.45 -13.75 -21.29
CA PHE A 32 -3.72 -12.42 -20.90
C PHE A 32 -5.17 -12.07 -21.23
N SER A 33 -6.05 -12.30 -20.31
CA SER A 33 -7.42 -11.98 -20.46
C SER A 33 -7.91 -11.32 -19.19
N LEU A 34 -9.05 -10.63 -19.29
CA LEU A 34 -9.73 -10.06 -18.12
C LEU A 34 -9.89 -11.12 -17.05
N ASP A 35 -10.39 -12.26 -17.50
CA ASP A 35 -10.68 -13.41 -16.67
C ASP A 35 -9.43 -13.98 -16.01
N THR A 36 -8.49 -14.36 -16.84
CA THR A 36 -7.35 -15.05 -16.39
C THR A 36 -6.36 -14.16 -15.63
N ILE A 37 -6.22 -12.90 -16.05
CA ILE A 37 -5.32 -12.00 -15.34
C ILE A 37 -5.83 -11.68 -13.96
N GLU A 38 -7.15 -11.51 -13.83
CA GLU A 38 -7.77 -11.17 -12.55
C GLU A 38 -7.48 -12.26 -11.52
N LYS A 39 -7.63 -13.49 -11.95
CA LYS A 39 -7.43 -14.63 -11.07
C LYS A 39 -5.98 -14.72 -10.61
N GLU A 40 -5.04 -14.53 -11.55
CA GLU A 40 -3.64 -14.60 -11.21
C GLU A 40 -3.23 -13.41 -10.38
N LEU A 41 -3.95 -12.32 -10.54
CA LEU A 41 -3.67 -11.10 -9.81
C LEU A 41 -3.98 -11.36 -8.34
N ILE A 42 -5.09 -12.04 -8.10
CA ILE A 42 -5.51 -12.37 -6.74
C ILE A 42 -4.47 -13.28 -6.07
N SER A 43 -4.04 -14.32 -6.77
CA SER A 43 -3.10 -15.26 -6.23
C SER A 43 -1.69 -14.68 -6.13
N PHE A 44 -1.32 -13.83 -7.07
CA PHE A 44 -0.03 -13.17 -7.04
C PHE A 44 0.05 -12.26 -5.83
N CYS A 45 -1.10 -11.77 -5.41
CA CYS A 45 -1.16 -10.94 -4.24
C CYS A 45 -0.99 -11.70 -2.93
N LEU A 46 -0.79 -13.03 -3.00
CA LEU A 46 -0.46 -13.81 -1.79
C LEU A 46 0.95 -13.46 -1.32
N ASP A 47 1.70 -12.90 -2.22
CA ASP A 47 3.09 -12.57 -1.99
C ASP A 47 3.19 -11.22 -1.24
N THR A 48 2.20 -10.39 -1.44
CA THR A 48 2.25 -8.99 -1.08
C THR A 48 2.39 -8.66 0.38
N LYS A 49 3.26 -7.74 0.63
CA LYS A 49 3.45 -7.21 1.95
C LYS A 49 3.66 -5.71 1.90
N GLY A 50 3.20 -5.03 2.93
CA GLY A 50 3.35 -3.58 3.04
C GLY A 50 2.69 -2.82 1.90
N LYS A 51 3.51 -2.23 1.06
CA LYS A 51 3.07 -1.42 -0.08
C LYS A 51 2.19 -2.25 -1.00
N GLU A 52 2.74 -3.38 -1.42
CA GLU A 52 2.10 -4.29 -2.37
C GLU A 52 0.75 -4.73 -1.81
N ASN A 53 0.80 -5.04 -0.54
CA ASN A 53 -0.38 -5.48 0.24
C ASN A 53 -1.53 -4.46 0.15
N ARG A 54 -1.21 -3.18 0.39
CA ARG A 54 -2.20 -2.11 0.29
C ARG A 54 -2.71 -1.97 -1.13
N LEU A 55 -1.79 -2.03 -2.07
CA LEU A 55 -2.13 -1.94 -3.48
C LEU A 55 -3.15 -3.01 -3.85
N CYS A 56 -2.85 -4.24 -3.49
CA CYS A 56 -3.74 -5.37 -3.77
C CYS A 56 -5.09 -5.24 -3.10
N TYR A 57 -5.14 -4.55 -1.99
CA TYR A 57 -6.39 -4.27 -1.32
C TYR A 57 -7.22 -3.32 -2.18
N TYR A 58 -6.57 -2.33 -2.77
CA TYR A 58 -7.21 -1.38 -3.64
C TYR A 58 -7.63 -2.06 -4.95
N LEU A 59 -6.81 -2.98 -5.40
CA LEU A 59 -7.02 -3.69 -6.66
C LEU A 59 -7.99 -4.85 -6.55
N GLY A 60 -8.57 -5.04 -5.39
CA GLY A 60 -9.61 -6.07 -5.25
C GLY A 60 -9.06 -7.47 -5.13
N ALA A 61 -7.76 -7.57 -5.02
CA ALA A 61 -7.10 -8.86 -4.94
C ALA A 61 -7.02 -9.33 -3.48
N THR A 62 -8.04 -8.99 -2.74
CA THR A 62 -8.19 -9.29 -1.35
C THR A 62 -9.68 -9.51 -1.08
N LYS A 63 -10.02 -10.28 -0.07
CA LYS A 63 -11.43 -10.60 0.19
C LYS A 63 -12.11 -9.52 1.00
N ASP A 64 -11.37 -8.52 1.31
CA ASP A 64 -11.83 -7.41 2.13
C ASP A 64 -12.06 -6.20 1.25
N ALA A 65 -11.89 -6.38 -0.04
CA ALA A 65 -11.99 -5.31 -0.97
C ALA A 65 -13.36 -5.23 -1.59
N ALA A 66 -13.98 -4.09 -1.48
CA ALA A 66 -15.28 -3.83 -2.07
C ALA A 66 -15.12 -2.74 -3.12
N THR A 67 -13.90 -2.59 -3.58
CA THR A 67 -13.48 -1.55 -4.49
C THR A 67 -13.99 -1.77 -5.95
N LYS A 68 -14.82 -2.80 -6.15
CA LYS A 68 -15.37 -3.23 -7.47
C LYS A 68 -14.33 -3.97 -8.28
N ILE A 69 -13.55 -3.22 -9.04
CA ILE A 69 -12.50 -3.75 -9.90
C ILE A 69 -13.09 -4.61 -11.02
N LEU A 70 -13.72 -3.94 -11.95
CA LEU A 70 -14.26 -4.61 -13.12
C LEU A 70 -13.65 -4.01 -14.37
N SER A 71 -13.39 -2.73 -14.30
CA SER A 71 -12.82 -2.00 -15.39
C SER A 71 -11.51 -1.37 -14.97
N GLU A 72 -11.30 -1.36 -13.68
CA GLU A 72 -10.21 -0.73 -13.07
C GLU A 72 -8.96 -1.60 -13.11
N VAL A 73 -8.02 -1.21 -13.96
CA VAL A 73 -6.67 -1.79 -14.03
C VAL A 73 -6.60 -3.14 -14.78
N THR A 74 -7.32 -4.14 -14.30
CA THR A 74 -7.32 -5.46 -14.91
C THR A 74 -7.78 -5.39 -16.38
N ARG A 75 -8.76 -4.54 -16.65
CA ARG A 75 -9.28 -4.38 -17.99
C ARG A 75 -8.19 -3.85 -18.97
N PRO A 76 -7.57 -2.64 -18.73
CA PRO A 76 -6.47 -2.15 -19.57
C PRO A 76 -5.33 -3.19 -19.71
N MET A 77 -5.02 -3.89 -18.64
CA MET A 77 -3.92 -4.86 -18.65
C MET A 77 -4.15 -6.04 -19.60
N SER A 78 -5.37 -6.20 -20.06
CA SER A 78 -5.70 -7.28 -20.95
C SER A 78 -5.67 -6.80 -22.43
N VAL A 79 -5.37 -5.53 -22.66
CA VAL A 79 -5.37 -5.00 -24.02
C VAL A 79 -4.02 -4.28 -24.31
N HIS A 80 -2.96 -4.87 -23.79
CA HIS A 80 -1.60 -4.32 -23.90
C HIS A 80 -1.53 -2.87 -23.35
N MET A 81 -1.67 -2.80 -22.07
CA MET A 81 -1.61 -1.58 -21.32
C MET A 81 -0.49 -1.58 -20.28
N PRO A 82 0.73 -1.51 -20.74
CA PRO A 82 1.94 -1.69 -19.92
C PRO A 82 1.94 -0.82 -18.65
N ALA A 83 2.61 -1.35 -17.64
CA ALA A 83 2.69 -0.77 -16.28
C ALA A 83 3.29 0.64 -16.23
N MET A 84 3.79 1.13 -17.34
CA MET A 84 4.48 2.41 -17.37
C MET A 84 3.51 3.56 -17.62
N LYS A 85 2.23 3.27 -17.84
CA LYS A 85 1.34 4.37 -18.19
C LYS A 85 -0.10 4.16 -17.69
N ILE A 86 -0.29 3.33 -16.70
CA ILE A 86 -1.65 3.12 -16.17
C ILE A 86 -1.91 4.02 -14.99
N CYS A 87 -1.12 3.91 -13.98
CA CYS A 87 -1.35 4.73 -12.82
C CYS A 87 -1.00 6.21 -12.99
N GLU A 88 -0.45 6.53 -14.16
CA GLU A 88 -0.30 7.88 -14.60
C GLU A 88 -1.71 8.43 -14.79
N LYS A 89 -2.49 7.68 -15.55
CA LYS A 89 -3.87 8.03 -15.83
C LYS A 89 -4.82 7.80 -14.66
N LEU A 90 -4.61 6.72 -13.94
CA LEU A 90 -5.44 6.42 -12.75
C LEU A 90 -5.21 7.41 -11.58
N LYS A 91 -4.12 8.21 -11.65
CA LYS A 91 -3.80 9.20 -10.59
C LYS A 91 -4.91 10.20 -10.48
N LYS A 92 -5.41 10.54 -11.64
CA LYS A 92 -6.52 11.52 -11.78
C LYS A 92 -7.77 11.04 -11.03
N LEU A 93 -7.84 9.75 -10.78
CA LEU A 93 -8.94 9.18 -10.06
C LEU A 93 -8.55 9.07 -8.59
N ASP A 94 -7.35 8.55 -8.33
CA ASP A 94 -6.78 8.49 -7.00
C ASP A 94 -5.26 8.45 -7.05
N SER A 95 -4.62 9.05 -6.08
CA SER A 95 -3.19 9.13 -6.02
C SER A 95 -2.58 8.07 -5.06
N GLN A 96 -3.42 7.50 -4.17
CA GLN A 96 -2.98 6.56 -3.15
C GLN A 96 -2.56 5.22 -3.75
N ILE A 97 -3.25 4.80 -4.81
CA ILE A 97 -2.84 3.59 -5.55
C ILE A 97 -1.36 3.71 -6.01
N CYS A 98 -0.93 4.91 -6.30
CA CYS A 98 0.43 5.13 -6.68
C CYS A 98 1.31 5.24 -5.46
N GLU A 99 1.06 6.26 -4.67
CA GLU A 99 1.91 6.56 -3.58
C GLU A 99 1.35 6.06 -2.27
N LEU A 100 1.72 4.85 -1.97
CA LEU A 100 1.41 4.21 -0.72
C LEU A 100 2.58 4.46 0.15
N LYS A 101 3.75 4.32 -0.46
CA LYS A 101 5.05 4.60 0.12
C LYS A 101 5.40 3.66 1.23
N TYR A 102 4.74 3.83 2.31
CA TYR A 102 4.92 3.02 3.45
C TYR A 102 3.64 2.35 3.81
N GLU A 103 2.80 3.18 4.21
CA GLU A 103 1.51 2.93 4.62
C GLU A 103 0.70 4.12 4.12
N LYS A 104 -0.62 3.92 3.92
CA LYS A 104 -1.57 4.90 3.33
C LYS A 104 -1.21 6.36 3.58
N THR A 105 -1.35 6.79 4.80
CA THR A 105 -1.08 8.12 5.24
C THR A 105 -1.29 8.12 6.72
N LEU A 106 -1.37 9.27 7.30
CA LEU A 106 -1.70 9.34 8.68
C LEU A 106 -3.21 9.45 8.77
N ASP A 107 -3.80 8.32 8.90
CA ASP A 107 -5.18 8.15 8.86
C ASP A 107 -5.78 7.90 10.22
N LEU A 108 -6.08 8.98 10.86
CA LEU A 108 -6.71 8.99 12.17
C LEU A 108 -8.12 8.41 12.12
N ALA A 109 -8.69 8.37 10.95
CA ALA A 109 -10.04 7.84 10.75
C ALA A 109 -9.98 6.33 10.51
N SER A 110 -8.80 5.80 10.57
CA SER A 110 -8.56 4.41 10.38
C SER A 110 -7.99 3.76 11.61
N VAL A 111 -7.77 4.55 12.61
CA VAL A 111 -7.16 4.09 13.81
C VAL A 111 -7.98 4.56 14.99
N ASP A 112 -7.85 3.91 16.11
CA ASP A 112 -8.65 4.24 17.25
C ASP A 112 -7.86 5.10 18.17
N LEU A 113 -8.23 6.34 18.18
CA LEU A 113 -7.53 7.39 18.89
C LEU A 113 -7.55 7.16 20.41
N ARG A 114 -8.48 6.37 20.87
CA ARG A 114 -8.57 6.12 22.29
C ARG A 114 -7.66 4.98 22.74
N LYS A 115 -7.43 3.96 21.88
CA LYS A 115 -6.60 2.86 22.35
C LYS A 115 -5.16 2.96 21.96
N MET A 116 -4.85 4.01 21.28
CA MET A 116 -3.49 4.31 20.98
C MET A 116 -2.76 4.80 22.22
N ARG A 117 -1.50 4.82 22.13
CA ARG A 117 -0.61 5.09 23.18
C ARG A 117 -0.13 6.49 23.07
N VAL A 118 -0.33 7.22 24.11
CA VAL A 118 -0.10 8.64 24.19
C VAL A 118 1.26 9.10 23.63
N ALA A 119 2.24 8.26 23.78
CA ALA A 119 3.59 8.49 23.28
C ALA A 119 3.59 8.74 21.78
N GLU A 120 2.78 7.97 21.07
CA GLU A 120 2.61 8.08 19.62
C GLU A 120 1.97 9.41 19.35
N LEU A 121 0.91 9.65 20.07
CA LEU A 121 0.16 10.89 20.00
C LEU A 121 1.04 12.11 20.28
N LYS A 122 1.95 11.99 21.26
CA LYS A 122 2.91 12.98 21.52
C LYS A 122 3.78 13.24 20.29
N GLN A 123 4.20 12.16 19.64
CA GLN A 123 4.98 12.28 18.40
C GLN A 123 4.13 12.95 17.33
N ILE A 124 2.87 12.54 17.22
CA ILE A 124 1.89 13.07 16.26
C ILE A 124 1.80 14.59 16.30
N LEU A 125 1.67 15.15 17.49
CA LEU A 125 1.51 16.60 17.60
C LEU A 125 2.80 17.34 17.19
N HIS A 126 3.91 16.70 17.41
CA HIS A 126 5.22 17.24 17.08
C HIS A 126 5.52 16.99 15.61
N SER A 127 4.87 15.98 15.05
CA SER A 127 4.95 15.70 13.64
C SER A 127 4.17 16.77 12.90
N TRP A 128 3.21 17.36 13.60
CA TRP A 128 2.49 18.46 13.04
C TRP A 128 3.03 19.74 13.67
N GLY A 129 4.34 19.72 14.00
CA GLY A 129 5.13 20.87 14.45
C GLY A 129 4.42 21.87 15.36
N GLU A 130 3.54 21.41 16.21
CA GLU A 130 2.80 22.35 17.01
C GLU A 130 2.92 22.06 18.50
N GLU A 131 2.34 22.91 19.26
CA GLU A 131 2.44 22.89 20.69
C GLU A 131 1.39 22.01 21.37
N CYS A 132 1.45 22.00 22.68
CA CYS A 132 0.55 21.24 23.50
C CYS A 132 0.36 22.08 24.78
N ARG A 133 -0.87 22.22 25.23
CA ARG A 133 -1.15 23.02 26.43
C ARG A 133 -1.77 22.14 27.49
N ALA A 134 -2.80 21.43 27.11
CA ALA A 134 -3.38 20.45 27.95
C ALA A 134 -2.77 19.16 27.50
N CYS A 135 -2.03 18.51 28.36
CA CYS A 135 -1.36 17.31 27.98
C CYS A 135 -1.44 16.30 29.11
N ALA A 136 -2.40 15.43 29.04
CA ALA A 136 -2.56 14.44 30.06
C ALA A 136 -2.64 13.00 29.49
N GLU A 137 -3.83 12.57 29.16
CA GLU A 137 -4.08 11.21 28.67
C GLU A 137 -4.21 11.21 27.18
N LYS A 138 -4.55 10.08 26.66
CA LYS A 138 -4.68 9.92 25.25
C LYS A 138 -5.91 10.66 24.76
N THR A 139 -7.00 10.60 25.52
CA THR A 139 -8.26 11.21 25.14
C THR A 139 -8.13 12.74 25.11
N ASP A 140 -7.31 13.21 26.01
CA ASP A 140 -6.95 14.61 26.11
C ASP A 140 -6.21 15.02 24.83
N TYR A 141 -5.28 14.16 24.43
CA TYR A 141 -4.53 14.31 23.19
C TYR A 141 -5.45 14.21 21.99
N VAL A 142 -6.43 13.32 22.09
CA VAL A 142 -7.46 13.10 21.05
C VAL A 142 -8.15 14.39 20.68
N ASN A 143 -8.55 15.10 21.65
CA ASN A 143 -9.24 16.39 21.45
C ASN A 143 -8.34 17.33 20.65
N LEU A 144 -7.10 17.40 21.10
CA LEU A 144 -6.10 18.30 20.56
C LEU A 144 -5.70 17.87 19.16
N ILE A 145 -5.60 16.61 18.99
CA ILE A 145 -5.28 16.01 17.72
C ILE A 145 -6.37 16.24 16.68
N GLN A 146 -7.59 15.85 17.00
CA GLN A 146 -8.70 16.01 16.11
C GLN A 146 -9.02 17.48 15.78
N GLU A 147 -8.75 18.41 16.69
CA GLU A 147 -8.98 19.82 16.40
C GLU A 147 -7.88 20.36 15.45
N LEU A 148 -6.72 19.75 15.53
CA LEU A 148 -5.59 20.12 14.68
C LEU A 148 -5.58 19.34 13.36
N ALA A 149 -6.27 18.21 13.36
CA ALA A 149 -6.37 17.32 12.21
C ALA A 149 -6.77 18.02 10.89
N PRO A 150 -7.85 18.86 10.83
CA PRO A 150 -8.27 19.52 9.57
C PRO A 150 -7.35 20.68 9.17
N LYS A 151 -6.27 20.83 9.89
CA LYS A 151 -5.29 21.83 9.60
C LYS A 151 -4.02 21.20 9.01
N TYR A 152 -3.88 19.88 9.19
CA TYR A 152 -2.70 19.18 8.75
C TYR A 152 -3.02 18.00 7.85
N ALA A 153 -3.92 17.15 8.31
CA ALA A 153 -4.31 15.97 7.55
C ALA A 153 -5.11 16.42 6.36
N ALA A 154 -6.03 17.29 6.63
CA ALA A 154 -6.78 17.91 5.61
C ALA A 154 -6.10 19.20 5.30
N THR A 155 -5.53 19.27 4.12
CA THR A 155 -4.82 20.43 3.62
C THR A 155 -5.63 21.71 3.78
N HIS A 156 -6.88 21.59 3.55
CA HIS A 156 -7.76 22.66 3.65
C HIS A 156 -8.85 22.24 4.62
N PRO A 157 -9.37 23.18 5.40
CA PRO A 157 -10.37 22.89 6.40
C PRO A 157 -11.75 22.73 5.78
N LYS A 158 -11.99 21.56 5.29
CA LYS A 158 -13.24 21.22 4.71
C LYS A 158 -13.91 20.12 5.52
N THR A 159 -15.12 19.78 5.14
CA THR A 159 -15.96 18.81 5.83
C THR A 159 -15.44 17.36 5.71
N GLU A 160 -16.22 16.43 6.22
CA GLU A 160 -15.89 15.01 6.15
C GLU A 160 -16.07 14.54 4.76
N LEU A 161 -17.03 15.11 4.20
CA LEU A 161 -17.42 14.89 2.86
C LEU A 161 -16.76 15.96 2.01
N GLN A 1 -5.89 2.57 7.12
CA GLN A 1 -6.89 3.34 7.82
C GLN A 1 -6.67 4.81 7.54
N GLU A 2 -7.72 5.57 7.68
CA GLU A 2 -7.70 6.96 7.63
C GLU A 2 -8.08 7.43 9.03
N ALA A 3 -8.68 8.58 9.11
CA ALA A 3 -9.14 9.23 10.36
C ALA A 3 -8.00 9.62 11.30
N GLY A 4 -7.28 8.64 11.75
CA GLY A 4 -6.18 8.86 12.65
C GLY A 4 -4.93 9.26 11.92
N GLY A 5 -4.82 8.85 10.67
CA GLY A 5 -3.68 9.18 9.89
C GLY A 5 -3.83 8.78 8.44
N ARG A 6 -2.72 8.69 7.76
CA ARG A 6 -2.66 8.35 6.35
C ARG A 6 -1.26 7.88 6.01
N PRO A 7 -1.13 6.69 5.40
CA PRO A 7 0.17 6.15 5.00
C PRO A 7 0.81 6.97 3.86
N GLY A 8 1.96 6.53 3.40
CA GLY A 8 2.73 7.27 2.40
C GLY A 8 2.18 7.20 0.98
N ALA A 9 0.99 7.77 0.77
CA ALA A 9 0.33 7.92 -0.53
C ALA A 9 -1.07 8.42 -0.32
N ASP A 10 -1.77 8.60 -1.40
CA ASP A 10 -3.16 9.06 -1.39
C ASP A 10 -4.08 7.83 -1.26
N CYS A 11 -3.50 6.65 -1.38
CA CYS A 11 -4.25 5.41 -1.30
C CYS A 11 -3.72 4.45 -0.25
N GLU A 12 -4.60 3.59 0.24
CA GLU A 12 -4.23 2.63 1.24
C GLU A 12 -3.81 1.32 0.59
N VAL A 13 -4.83 0.54 0.20
CA VAL A 13 -4.63 -0.83 -0.28
C VAL A 13 -4.01 -0.82 -1.64
N CYS A 14 -4.49 0.07 -2.46
CA CYS A 14 -3.89 0.25 -3.74
C CYS A 14 -2.63 1.07 -3.52
N LYS A 15 -1.54 0.37 -3.31
CA LYS A 15 -0.23 0.97 -3.14
C LYS A 15 0.81 -0.14 -3.13
N GLU A 16 1.03 -0.73 -1.98
CA GLU A 16 2.01 -1.76 -1.85
C GLU A 16 1.43 -3.12 -2.11
N PHE A 17 0.10 -3.24 -2.09
CA PHE A 17 -0.51 -4.53 -2.39
C PHE A 17 -0.24 -4.89 -3.85
N LEU A 18 -0.43 -3.94 -4.74
CA LEU A 18 -0.20 -4.17 -6.15
C LEU A 18 1.28 -4.09 -6.46
N ASN A 19 2.02 -3.49 -5.57
CA ASN A 19 3.45 -3.40 -5.74
C ASN A 19 4.10 -4.70 -5.25
N ARG A 20 3.41 -5.36 -4.32
CA ARG A 20 3.75 -6.70 -3.83
C ARG A 20 3.54 -7.69 -4.97
N PHE A 21 2.60 -7.36 -5.84
CA PHE A 21 2.28 -8.17 -6.99
C PHE A 21 3.48 -8.31 -7.90
N TYR A 22 4.25 -7.23 -8.07
CA TYR A 22 5.49 -7.27 -8.84
C TYR A 22 6.41 -8.35 -8.31
N LYS A 23 6.40 -8.54 -7.02
CA LYS A 23 7.26 -9.52 -6.37
C LYS A 23 6.75 -10.94 -6.52
N SER A 24 5.70 -11.10 -7.19
CA SER A 24 5.30 -12.42 -7.56
C SER A 24 5.83 -12.65 -8.99
N LEU A 25 5.79 -11.60 -9.79
CA LEU A 25 6.29 -11.60 -11.15
C LEU A 25 7.80 -11.82 -11.19
N ILE A 26 8.51 -10.92 -10.55
CA ILE A 26 9.98 -10.91 -10.55
C ILE A 26 10.53 -12.15 -9.85
N ASP A 27 9.93 -12.46 -8.74
CA ASP A 27 10.40 -13.51 -7.84
C ASP A 27 10.17 -14.89 -8.37
N ARG A 28 9.08 -15.10 -9.07
CA ARG A 28 8.76 -16.42 -9.53
C ARG A 28 9.25 -16.60 -10.97
N GLY A 29 9.90 -15.56 -11.50
CA GLY A 29 10.47 -15.64 -12.85
C GLY A 29 9.39 -15.61 -13.89
N VAL A 30 8.49 -14.69 -13.73
CA VAL A 30 7.35 -14.59 -14.58
C VAL A 30 7.54 -13.51 -15.62
N ASN A 31 7.02 -13.77 -16.78
CA ASN A 31 7.05 -12.87 -17.91
C ASN A 31 6.14 -11.67 -17.65
N PHE A 32 6.48 -10.54 -18.20
CA PHE A 32 5.70 -9.38 -18.04
C PHE A 32 5.08 -9.04 -19.38
N SER A 33 3.83 -9.32 -19.49
CA SER A 33 3.11 -9.04 -20.67
C SER A 33 1.66 -8.90 -20.35
N LEU A 34 0.88 -8.38 -21.30
CA LEU A 34 -0.57 -8.34 -21.17
C LEU A 34 -1.07 -9.75 -20.91
N ASP A 35 -0.63 -10.67 -21.75
CA ASP A 35 -1.03 -12.08 -21.67
C ASP A 35 -0.74 -12.70 -20.31
N THR A 36 0.48 -12.59 -19.90
CA THR A 36 0.93 -13.24 -18.71
C THR A 36 0.44 -12.54 -17.43
N ILE A 37 0.47 -11.21 -17.40
CA ILE A 37 0.04 -10.49 -16.20
C ILE A 37 -1.48 -10.64 -16.01
N GLU A 38 -2.20 -10.77 -17.13
CA GLU A 38 -3.65 -10.93 -17.11
C GLU A 38 -4.03 -12.23 -16.39
N LYS A 39 -3.10 -13.16 -16.33
CA LYS A 39 -3.34 -14.39 -15.66
C LYS A 39 -2.94 -14.27 -14.21
N GLU A 40 -1.69 -13.84 -14.00
CA GLU A 40 -1.12 -13.79 -12.65
C GLU A 40 -1.79 -12.79 -11.73
N LEU A 41 -2.45 -11.81 -12.28
CA LEU A 41 -3.12 -10.83 -11.46
C LEU A 41 -4.29 -11.52 -10.74
N ILE A 42 -5.00 -12.35 -11.47
CA ILE A 42 -6.15 -13.06 -10.96
C ILE A 42 -5.70 -14.10 -9.91
N SER A 43 -4.62 -14.81 -10.21
CA SER A 43 -4.08 -15.80 -9.30
C SER A 43 -3.47 -15.15 -8.06
N PHE A 44 -2.90 -13.98 -8.22
CA PHE A 44 -2.36 -13.24 -7.10
C PHE A 44 -3.49 -12.83 -6.18
N CYS A 45 -4.64 -12.58 -6.77
CA CYS A 45 -5.82 -12.25 -6.03
C CYS A 45 -6.41 -13.43 -5.25
N LEU A 46 -5.76 -14.60 -5.31
CA LEU A 46 -6.16 -15.71 -4.44
C LEU A 46 -5.85 -15.37 -3.00
N ASP A 47 -4.94 -14.43 -2.83
CA ASP A 47 -4.52 -14.00 -1.52
C ASP A 47 -5.55 -13.04 -0.91
N THR A 48 -6.54 -12.65 -1.70
CA THR A 48 -7.44 -11.65 -1.26
C THR A 48 -8.62 -12.20 -0.51
N LYS A 49 -8.87 -11.59 0.60
CA LYS A 49 -9.92 -11.96 1.50
C LYS A 49 -10.41 -10.74 2.20
N GLY A 50 -11.71 -10.66 2.40
CA GLY A 50 -12.31 -9.55 3.10
C GLY A 50 -12.18 -8.22 2.38
N LYS A 51 -11.15 -7.48 2.71
CA LYS A 51 -10.93 -6.12 2.23
C LYS A 51 -10.25 -6.13 0.88
N GLU A 52 -9.09 -6.77 0.82
CA GLU A 52 -8.29 -6.88 -0.43
C GLU A 52 -9.12 -7.55 -1.49
N ASN A 53 -9.91 -8.48 -1.04
CA ASN A 53 -10.85 -9.22 -1.89
C ASN A 53 -11.79 -8.25 -2.66
N ARG A 54 -12.11 -7.11 -2.04
CA ARG A 54 -12.91 -6.06 -2.70
C ARG A 54 -12.08 -5.37 -3.75
N LEU A 55 -10.82 -5.08 -3.42
CA LEU A 55 -9.87 -4.44 -4.33
C LEU A 55 -9.83 -5.19 -5.66
N CYS A 56 -9.60 -6.47 -5.59
CA CYS A 56 -9.55 -7.31 -6.80
C CYS A 56 -10.89 -7.39 -7.53
N TYR A 57 -11.97 -7.09 -6.84
CA TYR A 57 -13.28 -7.00 -7.46
C TYR A 57 -13.34 -5.71 -8.27
N TYR A 58 -12.72 -4.68 -7.72
CA TYR A 58 -12.66 -3.36 -8.33
C TYR A 58 -11.58 -3.30 -9.40
N LEU A 59 -10.86 -4.38 -9.54
CA LEU A 59 -9.82 -4.47 -10.56
C LEU A 59 -10.20 -5.45 -11.66
N GLY A 60 -11.23 -6.24 -11.43
CA GLY A 60 -11.64 -7.21 -12.43
C GLY A 60 -10.87 -8.51 -12.33
N ALA A 61 -10.18 -8.69 -11.23
CA ALA A 61 -9.34 -9.85 -11.03
C ALA A 61 -10.03 -10.84 -10.10
N THR A 62 -11.32 -10.92 -10.22
CA THR A 62 -12.13 -11.80 -9.41
C THR A 62 -13.17 -12.47 -10.27
N LYS A 63 -13.84 -13.45 -9.71
CA LYS A 63 -14.86 -14.21 -10.42
C LYS A 63 -16.21 -13.53 -10.26
N ASP A 64 -16.20 -12.39 -9.68
CA ASP A 64 -17.42 -11.69 -9.35
C ASP A 64 -17.48 -10.38 -10.12
N ALA A 65 -16.37 -10.02 -10.72
CA ALA A 65 -16.27 -8.77 -11.42
C ALA A 65 -16.80 -8.91 -12.83
N ALA A 66 -17.89 -8.24 -13.11
CA ALA A 66 -18.51 -8.26 -14.41
C ALA A 66 -18.37 -6.89 -15.05
N THR A 67 -17.40 -6.16 -14.59
CA THR A 67 -17.17 -4.83 -15.03
C THR A 67 -15.83 -4.75 -15.72
N LYS A 68 -15.69 -3.87 -16.68
CA LYS A 68 -14.41 -3.64 -17.27
C LYS A 68 -13.77 -2.48 -16.57
N ILE A 69 -12.79 -2.78 -15.78
CA ILE A 69 -12.04 -1.79 -15.10
C ILE A 69 -10.95 -1.37 -16.06
N LEU A 70 -11.32 -0.43 -16.91
CA LEU A 70 -10.66 0.00 -18.16
C LEU A 70 -9.16 -0.34 -18.41
N SER A 71 -8.29 -0.15 -17.45
CA SER A 71 -6.89 -0.41 -17.68
C SER A 71 -6.43 -1.77 -17.13
N GLU A 72 -7.29 -2.38 -16.29
CA GLU A 72 -7.09 -3.67 -15.60
C GLU A 72 -5.73 -3.78 -14.87
N VAL A 73 -5.06 -2.62 -14.65
CA VAL A 73 -3.67 -2.49 -14.17
C VAL A 73 -2.59 -3.27 -15.01
N THR A 74 -3.00 -4.39 -15.62
CA THR A 74 -2.18 -5.20 -16.51
C THR A 74 -1.57 -4.32 -17.64
N ARG A 75 -2.40 -3.42 -18.18
CA ARG A 75 -1.98 -2.56 -19.29
C ARG A 75 -0.84 -1.63 -18.89
N PRO A 76 -1.03 -0.72 -17.90
CA PRO A 76 0.05 0.16 -17.45
C PRO A 76 1.27 -0.62 -16.91
N MET A 77 1.05 -1.76 -16.26
CA MET A 77 2.16 -2.57 -15.76
C MET A 77 3.06 -3.08 -16.88
N SER A 78 2.49 -3.31 -18.04
CA SER A 78 3.25 -3.85 -19.16
C SER A 78 4.02 -2.74 -19.92
N VAL A 79 3.88 -1.50 -19.47
CA VAL A 79 4.57 -0.40 -20.14
C VAL A 79 5.34 0.44 -19.08
N HIS A 80 5.91 -0.28 -18.12
CA HIS A 80 6.73 0.31 -17.03
C HIS A 80 5.96 1.38 -16.25
N MET A 81 4.86 0.98 -15.68
CA MET A 81 4.01 1.82 -14.86
C MET A 81 3.91 1.43 -13.42
N PRO A 82 4.97 1.64 -12.65
CA PRO A 82 5.05 1.18 -11.26
C PRO A 82 3.80 1.56 -10.45
N ALA A 83 3.33 0.59 -9.67
CA ALA A 83 2.14 0.67 -8.80
C ALA A 83 2.16 1.89 -7.88
N MET A 84 3.34 2.41 -7.66
CA MET A 84 3.61 3.49 -6.74
C MET A 84 3.12 4.83 -7.25
N LYS A 85 2.49 4.85 -8.42
CA LYS A 85 2.01 6.11 -9.00
C LYS A 85 0.76 5.86 -9.90
N ILE A 86 0.11 4.75 -9.70
CA ILE A 86 -1.12 4.44 -10.44
C ILE A 86 -2.34 4.71 -9.58
N CYS A 87 -2.27 4.30 -8.35
CA CYS A 87 -3.38 4.42 -7.43
C CYS A 87 -3.72 5.88 -7.16
N GLU A 88 -2.70 6.71 -7.18
CA GLU A 88 -2.81 8.16 -7.07
C GLU A 88 -3.80 8.71 -8.06
N LYS A 89 -3.65 8.30 -9.28
CA LYS A 89 -4.53 8.73 -10.33
C LYS A 89 -5.88 8.02 -10.29
N LEU A 90 -5.86 6.72 -9.99
CA LEU A 90 -7.10 5.92 -9.92
C LEU A 90 -8.04 6.40 -8.80
N LYS A 91 -7.45 6.93 -7.74
CA LYS A 91 -8.14 7.49 -6.53
C LYS A 91 -9.27 8.41 -6.96
N LYS A 92 -8.91 9.25 -7.88
CA LYS A 92 -9.75 10.34 -8.37
C LYS A 92 -10.71 9.86 -9.45
N LEU A 93 -10.63 8.61 -9.78
CA LEU A 93 -11.53 8.01 -10.74
C LEU A 93 -12.51 7.16 -9.96
N ASP A 94 -11.98 6.42 -9.01
CA ASP A 94 -12.72 5.61 -8.07
C ASP A 94 -11.98 5.57 -6.75
N SER A 95 -12.64 5.84 -5.68
CA SER A 95 -12.00 5.87 -4.40
C SER A 95 -12.19 4.56 -3.61
N GLN A 96 -12.90 3.60 -4.18
CA GLN A 96 -13.15 2.34 -3.51
C GLN A 96 -11.90 1.49 -3.64
N ILE A 97 -11.23 1.62 -4.78
CA ILE A 97 -9.95 0.96 -5.02
C ILE A 97 -8.89 1.56 -4.06
N CYS A 98 -9.17 2.73 -3.61
CA CYS A 98 -8.23 3.45 -2.83
C CYS A 98 -8.41 3.18 -1.33
N GLU A 99 -9.61 3.43 -0.83
CA GLU A 99 -9.95 3.25 0.57
C GLU A 99 -10.66 1.90 0.81
N LEU A 100 -9.99 1.02 1.53
CA LEU A 100 -10.47 -0.34 1.86
C LEU A 100 -9.79 -0.85 3.11
N LYS A 101 -8.69 -0.19 3.49
CA LYS A 101 -7.80 -0.59 4.58
C LYS A 101 -7.10 -1.92 4.27
N TYR A 102 -5.85 -1.98 4.52
CA TYR A 102 -5.11 -3.20 4.26
C TYR A 102 -4.65 -3.84 5.52
N GLU A 103 -4.52 -3.03 6.47
CA GLU A 103 -4.11 -3.40 7.77
C GLU A 103 -5.31 -3.62 8.67
N LYS A 104 -5.05 -3.83 9.92
CA LYS A 104 -6.08 -3.97 10.92
C LYS A 104 -6.19 -2.66 11.68
N THR A 105 -5.03 -2.18 12.04
CA THR A 105 -4.81 -0.93 12.66
C THR A 105 -3.36 -0.95 12.99
N LEU A 106 -2.83 0.11 13.50
CA LEU A 106 -1.48 0.08 13.90
C LEU A 106 -1.43 -0.09 15.38
N ASP A 107 -1.44 -1.30 15.77
CA ASP A 107 -1.46 -1.70 17.08
C ASP A 107 -0.09 -2.08 17.50
N LEU A 108 0.50 -1.15 18.11
CA LEU A 108 1.84 -1.22 18.66
C LEU A 108 2.00 -2.33 19.70
N ALA A 109 0.90 -2.87 20.16
CA ALA A 109 0.92 -4.00 21.07
C ALA A 109 1.13 -5.32 20.30
N SER A 110 1.04 -5.22 18.99
CA SER A 110 1.20 -6.34 18.11
C SER A 110 2.54 -6.25 17.40
N VAL A 111 3.18 -5.14 17.58
CA VAL A 111 4.42 -4.87 16.91
C VAL A 111 5.48 -4.31 17.81
N ASP A 112 6.65 -4.86 17.68
CA ASP A 112 7.79 -4.43 18.43
C ASP A 112 8.37 -3.22 17.79
N LEU A 113 8.22 -2.11 18.42
CA LEU A 113 8.78 -0.86 17.95
C LEU A 113 10.32 -0.94 18.08
N ARG A 114 10.76 -1.83 18.92
CA ARG A 114 12.16 -2.07 19.17
C ARG A 114 12.78 -3.10 18.21
N LYS A 115 11.98 -3.62 17.28
CA LYS A 115 12.49 -4.62 16.35
C LYS A 115 12.71 -4.01 14.97
N MET A 116 12.28 -2.78 14.81
CA MET A 116 12.27 -2.10 13.53
C MET A 116 13.42 -1.08 13.33
N ARG A 117 13.45 -0.47 12.16
CA ARG A 117 14.51 0.39 11.71
C ARG A 117 14.01 1.77 11.76
N VAL A 118 14.84 2.72 12.20
CA VAL A 118 14.44 4.10 12.42
C VAL A 118 13.59 4.69 11.25
N ALA A 119 14.04 4.40 10.08
CA ALA A 119 13.38 4.77 8.81
C ALA A 119 11.93 4.31 8.75
N GLU A 120 11.69 3.08 9.19
CA GLU A 120 10.34 2.49 9.22
C GLU A 120 9.53 3.22 10.24
N LEU A 121 10.15 3.47 11.36
CA LEU A 121 9.51 4.23 12.43
C LEU A 121 9.18 5.66 11.98
N LYS A 122 10.05 6.25 11.15
CA LYS A 122 9.78 7.49 10.57
C LYS A 122 8.54 7.43 9.70
N GLN A 123 8.39 6.33 8.95
CA GLN A 123 7.18 6.11 8.14
C GLN A 123 5.94 6.07 9.03
N ILE A 124 6.08 5.46 10.21
CA ILE A 124 5.00 5.40 11.21
C ILE A 124 4.55 6.80 11.62
N LEU A 125 5.52 7.64 11.98
CA LEU A 125 5.21 8.97 12.44
C LEU A 125 4.68 9.86 11.28
N HIS A 126 5.10 9.52 10.08
CA HIS A 126 4.66 10.20 8.88
C HIS A 126 3.22 9.79 8.60
N SER A 127 2.93 8.54 8.90
CA SER A 127 1.60 8.02 8.76
C SER A 127 0.67 8.64 9.80
N TRP A 128 1.23 9.05 10.95
CA TRP A 128 0.43 9.76 11.91
C TRP A 128 0.72 11.27 11.79
N GLY A 129 1.07 11.70 10.56
CA GLY A 129 1.25 13.11 10.21
C GLY A 129 1.93 14.00 11.27
N GLU A 130 2.91 13.46 11.97
CA GLU A 130 3.53 14.21 13.03
C GLU A 130 4.88 14.79 12.65
N GLU A 131 5.48 15.48 13.60
CA GLU A 131 6.69 16.22 13.40
C GLU A 131 7.72 15.81 14.44
N CYS A 132 8.96 15.62 14.01
CA CYS A 132 9.98 15.24 14.94
C CYS A 132 11.25 16.11 14.78
N ARG A 133 11.26 17.25 15.44
CA ARG A 133 12.48 18.06 15.58
C ARG A 133 13.46 17.31 16.46
N ALA A 134 12.92 16.63 17.43
CA ALA A 134 13.67 15.71 18.23
C ALA A 134 13.45 14.39 17.53
N CYS A 135 14.45 13.92 16.84
CA CYS A 135 14.27 12.75 16.02
C CYS A 135 15.63 12.16 15.74
N ALA A 136 16.04 11.29 16.60
CA ALA A 136 17.33 10.70 16.52
C ALA A 136 17.29 9.24 16.08
N GLU A 137 17.17 8.35 17.04
CA GLU A 137 17.19 6.93 16.77
C GLU A 137 15.84 6.32 16.93
N LYS A 138 15.75 5.06 16.57
CA LYS A 138 14.53 4.30 16.69
C LYS A 138 14.00 4.32 18.11
N THR A 139 14.89 4.22 19.10
CA THR A 139 14.48 4.17 20.50
C THR A 139 13.85 5.51 20.92
N ASP A 140 14.43 6.57 20.39
CA ASP A 140 13.98 7.94 20.59
C ASP A 140 12.55 8.08 20.04
N TYR A 141 12.36 7.49 18.87
CA TYR A 141 11.07 7.48 18.19
C TYR A 141 10.08 6.67 18.99
N VAL A 142 10.54 5.49 19.46
CA VAL A 142 9.72 4.57 20.25
C VAL A 142 9.05 5.27 21.41
N ASN A 143 9.82 6.03 22.16
CA ASN A 143 9.27 6.76 23.35
C ASN A 143 8.09 7.62 22.93
N LEU A 144 8.28 8.35 21.85
CA LEU A 144 7.30 9.31 21.36
C LEU A 144 6.09 8.56 20.83
N ILE A 145 6.37 7.51 20.12
CA ILE A 145 5.37 6.64 19.59
C ILE A 145 4.52 5.99 20.71
N GLN A 146 5.13 5.69 21.86
CA GLN A 146 4.41 5.12 22.99
C GLN A 146 3.52 6.15 23.68
N GLU A 147 4.03 7.36 23.84
CA GLU A 147 3.27 8.41 24.51
C GLU A 147 2.11 8.90 23.62
N LEU A 148 2.31 8.83 22.32
CA LEU A 148 1.30 9.22 21.36
C LEU A 148 0.41 8.06 20.98
N ALA A 149 0.81 6.86 21.37
CA ALA A 149 0.10 5.61 21.06
C ALA A 149 -1.40 5.64 21.34
N PRO A 150 -1.89 5.98 22.57
CA PRO A 150 -3.34 5.93 22.88
C PRO A 150 -4.16 7.01 22.14
N LYS A 151 -3.47 7.87 21.45
CA LYS A 151 -4.11 8.94 20.70
C LYS A 151 -4.32 8.46 19.25
N TYR A 152 -3.88 7.23 18.97
CA TYR A 152 -4.00 6.63 17.68
C TYR A 152 -4.44 5.17 17.78
N ALA A 153 -3.70 4.41 18.54
CA ALA A 153 -3.89 2.99 18.64
C ALA A 153 -4.87 2.62 19.72
N ALA A 154 -6.10 2.52 19.33
CA ALA A 154 -7.12 2.05 20.20
C ALA A 154 -7.36 0.59 19.87
N THR A 155 -6.59 -0.28 20.48
CA THR A 155 -6.66 -1.67 20.22
C THR A 155 -7.94 -2.30 20.71
N HIS A 156 -8.89 -2.34 19.81
CA HIS A 156 -10.16 -3.00 19.94
C HIS A 156 -11.13 -2.34 20.94
N PRO A 157 -12.44 -2.40 20.65
CA PRO A 157 -13.47 -1.84 21.48
C PRO A 157 -13.75 -2.76 22.64
N LYS A 158 -13.02 -2.54 23.66
CA LYS A 158 -13.09 -3.33 24.86
C LYS A 158 -13.92 -2.64 25.93
N THR A 159 -13.91 -3.23 27.08
CA THR A 159 -14.49 -2.77 28.27
C THR A 159 -13.48 -1.87 29.03
N GLU A 160 -13.64 -1.75 30.33
CA GLU A 160 -12.70 -1.00 31.18
C GLU A 160 -11.48 -1.83 31.52
N LEU A 161 -11.49 -2.94 30.94
CA LEU A 161 -10.53 -3.93 31.02
C LEU A 161 -10.36 -4.47 29.61
N GLN A 1 20.96 1.61 -10.12
CA GLN A 1 19.87 0.83 -10.80
C GLN A 1 19.76 -0.56 -10.17
N GLU A 2 20.21 -0.65 -8.95
CA GLU A 2 20.37 -1.88 -8.22
C GLU A 2 19.80 -1.73 -6.80
N ALA A 3 20.01 -0.55 -6.22
CA ALA A 3 19.48 -0.23 -4.91
C ALA A 3 17.96 -0.27 -4.91
N GLY A 4 17.41 -1.27 -4.23
CA GLY A 4 15.98 -1.42 -4.16
C GLY A 4 15.51 -2.58 -5.01
N GLY A 5 16.44 -3.19 -5.70
CA GLY A 5 16.12 -4.30 -6.57
C GLY A 5 15.79 -3.81 -7.94
N ARG A 6 14.87 -2.87 -7.99
CA ARG A 6 14.48 -2.23 -9.17
C ARG A 6 14.10 -0.81 -8.77
N PRO A 7 14.25 0.15 -9.67
CA PRO A 7 13.90 1.51 -9.39
C PRO A 7 12.41 1.69 -9.40
N GLY A 8 11.95 2.69 -8.73
CA GLY A 8 10.58 2.96 -8.69
C GLY A 8 10.28 4.03 -9.66
N ALA A 9 9.39 4.91 -9.28
CA ALA A 9 8.90 6.00 -10.10
C ALA A 9 7.74 6.62 -9.35
N ASP A 10 6.84 7.29 -10.09
CA ASP A 10 5.60 7.88 -9.54
C ASP A 10 4.83 6.84 -8.74
N CYS A 11 4.17 5.93 -9.38
CA CYS A 11 3.57 4.84 -8.66
C CYS A 11 4.55 3.70 -8.50
N GLU A 12 5.49 3.96 -7.61
CA GLU A 12 6.61 3.10 -7.20
C GLU A 12 6.23 1.63 -7.10
N VAL A 13 5.25 1.36 -6.28
CA VAL A 13 4.85 0.01 -6.01
C VAL A 13 4.07 -0.59 -7.19
N CYS A 14 3.11 0.19 -7.71
CA CYS A 14 2.25 -0.25 -8.81
C CYS A 14 3.07 -0.70 -10.00
N LYS A 15 4.09 0.11 -10.30
CA LYS A 15 5.00 -0.07 -11.42
C LYS A 15 5.45 -1.52 -11.59
N GLU A 16 6.25 -2.01 -10.67
CA GLU A 16 6.83 -3.30 -10.87
C GLU A 16 5.89 -4.42 -10.48
N PHE A 17 4.90 -4.12 -9.68
CA PHE A 17 3.89 -5.11 -9.34
C PHE A 17 3.23 -5.59 -10.63
N LEU A 18 2.68 -4.67 -11.39
CA LEU A 18 1.99 -5.00 -12.63
C LEU A 18 3.00 -5.41 -13.71
N ASN A 19 4.17 -4.83 -13.63
CA ASN A 19 5.21 -5.07 -14.63
C ASN A 19 5.80 -6.46 -14.49
N ARG A 20 6.01 -6.89 -13.25
CA ARG A 20 6.54 -8.20 -12.98
C ARG A 20 5.49 -9.20 -13.31
N PHE A 21 4.27 -8.79 -13.11
CA PHE A 21 3.14 -9.61 -13.35
C PHE A 21 2.99 -9.91 -14.84
N TYR A 22 3.18 -8.91 -15.71
CA TYR A 22 3.15 -9.15 -17.16
C TYR A 22 4.16 -10.20 -17.56
N LYS A 23 5.35 -10.09 -16.99
CA LYS A 23 6.40 -11.04 -17.24
C LYS A 23 6.03 -12.44 -16.74
N SER A 24 5.15 -12.53 -15.75
CA SER A 24 4.76 -13.73 -15.20
C SER A 24 3.65 -14.36 -16.03
N LEU A 25 2.80 -13.54 -16.61
CA LEU A 25 1.77 -13.99 -17.53
C LEU A 25 2.39 -14.77 -18.69
N ILE A 26 3.50 -14.27 -19.16
CA ILE A 26 4.23 -14.89 -20.24
C ILE A 26 4.92 -16.18 -19.76
N ASP A 27 5.45 -16.13 -18.55
CA ASP A 27 6.09 -17.28 -17.86
C ASP A 27 5.11 -18.43 -17.68
N ARG A 28 3.96 -18.08 -17.14
CA ARG A 28 2.90 -18.96 -16.82
C ARG A 28 2.20 -19.50 -18.06
N GLY A 29 2.46 -18.88 -19.20
CA GLY A 29 1.80 -19.27 -20.43
C GLY A 29 0.34 -18.89 -20.39
N VAL A 30 0.04 -17.85 -19.65
CA VAL A 30 -1.31 -17.43 -19.44
C VAL A 30 -1.73 -16.39 -20.47
N ASN A 31 -2.90 -16.60 -21.00
CA ASN A 31 -3.51 -15.73 -21.97
C ASN A 31 -3.99 -14.46 -21.30
N PHE A 32 -3.84 -13.37 -21.99
CA PHE A 32 -4.20 -12.09 -21.48
C PHE A 32 -5.70 -11.81 -21.70
N SER A 33 -6.52 -12.39 -20.85
CA SER A 33 -7.94 -12.18 -20.87
C SER A 33 -8.38 -11.54 -19.57
N LEU A 34 -9.48 -10.78 -19.60
CA LEU A 34 -10.06 -10.17 -18.39
C LEU A 34 -10.23 -11.20 -17.29
N ASP A 35 -10.97 -12.24 -17.59
CA ASP A 35 -11.27 -13.34 -16.66
C ASP A 35 -9.99 -14.01 -16.14
N THR A 36 -9.12 -14.30 -17.05
CA THR A 36 -7.92 -15.05 -16.78
C THR A 36 -6.88 -14.21 -16.01
N ILE A 37 -6.68 -12.95 -16.41
CA ILE A 37 -5.71 -12.09 -15.74
C ILE A 37 -6.16 -11.79 -14.33
N GLU A 38 -7.46 -11.64 -14.15
CA GLU A 38 -8.09 -11.41 -12.84
C GLU A 38 -7.56 -12.41 -11.83
N LYS A 39 -7.66 -13.65 -12.19
CA LYS A 39 -7.30 -14.76 -11.35
C LYS A 39 -5.79 -14.83 -11.12
N GLU A 40 -5.00 -14.66 -12.18
CA GLU A 40 -3.54 -14.64 -12.03
C GLU A 40 -3.08 -13.48 -11.17
N LEU A 41 -3.81 -12.37 -11.24
CA LEU A 41 -3.47 -11.18 -10.48
C LEU A 41 -3.68 -11.47 -8.99
N ILE A 42 -4.68 -12.29 -8.67
CA ILE A 42 -4.93 -12.68 -7.30
C ILE A 42 -3.87 -13.68 -6.80
N SER A 43 -3.51 -14.63 -7.64
CA SER A 43 -2.50 -15.62 -7.26
C SER A 43 -1.11 -15.00 -7.19
N PHE A 44 -0.88 -13.98 -7.99
CA PHE A 44 0.37 -13.25 -7.99
C PHE A 44 0.57 -12.58 -6.63
N CYS A 45 -0.54 -12.26 -5.98
CA CYS A 45 -0.52 -11.67 -4.65
C CYS A 45 0.05 -12.60 -3.60
N LEU A 46 0.24 -13.88 -3.94
CA LEU A 46 0.86 -14.82 -3.01
C LEU A 46 2.30 -14.46 -2.78
N ASP A 47 2.90 -13.92 -3.81
CA ASP A 47 4.28 -13.52 -3.71
C ASP A 47 4.39 -12.14 -3.08
N THR A 48 3.42 -11.32 -3.36
CA THR A 48 3.51 -9.92 -3.04
C THR A 48 3.57 -9.64 -1.57
N LYS A 49 4.61 -8.97 -1.20
CA LYS A 49 4.92 -8.72 0.18
C LYS A 49 5.08 -7.24 0.46
N GLY A 50 4.77 -6.84 1.70
CA GLY A 50 4.93 -5.46 2.16
C GLY A 50 4.19 -4.47 1.30
N LYS A 51 4.94 -3.64 0.59
CA LYS A 51 4.39 -2.64 -0.33
C LYS A 51 3.50 -3.31 -1.37
N GLU A 52 4.00 -4.39 -1.93
CA GLU A 52 3.33 -5.09 -3.00
C GLU A 52 2.05 -5.73 -2.48
N ASN A 53 2.14 -6.20 -1.26
CA ASN A 53 0.99 -6.81 -0.57
C ASN A 53 -0.11 -5.77 -0.35
N ARG A 54 0.30 -4.61 0.15
CA ARG A 54 -0.61 -3.49 0.35
C ARG A 54 -1.26 -3.05 -0.93
N LEU A 55 -0.48 -3.00 -1.99
CA LEU A 55 -1.00 -2.64 -3.30
C LEU A 55 -2.12 -3.59 -3.70
N CYS A 56 -1.88 -4.87 -3.50
CA CYS A 56 -2.86 -5.92 -3.82
C CYS A 56 -4.18 -5.66 -3.08
N TYR A 57 -4.06 -5.17 -1.86
CA TYR A 57 -5.20 -4.79 -1.05
C TYR A 57 -5.97 -3.62 -1.70
N TYR A 58 -5.23 -2.66 -2.25
CA TYR A 58 -5.85 -1.54 -2.89
C TYR A 58 -6.49 -1.96 -4.21
N LEU A 59 -5.79 -2.79 -4.96
CA LEU A 59 -6.20 -3.26 -6.30
C LEU A 59 -7.49 -4.08 -6.28
N GLY A 60 -7.72 -4.79 -5.21
CA GLY A 60 -8.94 -5.56 -5.12
C GLY A 60 -8.72 -7.04 -5.33
N ALA A 61 -7.48 -7.47 -5.18
CA ALA A 61 -7.15 -8.87 -5.33
C ALA A 61 -7.14 -9.55 -3.96
N THR A 62 -7.85 -8.93 -3.07
CA THR A 62 -7.97 -9.34 -1.71
C THR A 62 -9.45 -9.23 -1.36
N LYS A 63 -9.91 -9.96 -0.36
CA LYS A 63 -11.34 -9.99 -0.04
C LYS A 63 -11.73 -8.89 0.92
N ASP A 64 -10.77 -8.08 1.22
CA ASP A 64 -10.93 -7.02 2.21
C ASP A 64 -10.89 -5.67 1.52
N ALA A 65 -10.83 -5.70 0.21
CA ALA A 65 -10.66 -4.52 -0.59
C ALA A 65 -11.92 -3.68 -0.70
N ALA A 66 -11.85 -2.47 -0.20
CA ALA A 66 -12.95 -1.51 -0.27
C ALA A 66 -12.39 -0.17 -0.74
N THR A 67 -11.25 -0.25 -1.41
CA THR A 67 -10.49 0.88 -1.86
C THR A 67 -11.23 1.77 -2.88
N LYS A 68 -11.30 1.34 -4.14
CA LYS A 68 -11.93 2.11 -5.21
C LYS A 68 -11.93 1.28 -6.50
N ILE A 69 -10.78 1.33 -7.21
CA ILE A 69 -10.53 0.62 -8.47
C ILE A 69 -11.69 0.75 -9.49
N LEU A 70 -11.73 1.87 -10.19
CA LEU A 70 -12.83 2.16 -11.12
C LEU A 70 -12.52 1.67 -12.54
N SER A 71 -11.38 1.06 -12.72
CA SER A 71 -10.99 0.51 -14.03
C SER A 71 -10.75 -0.98 -13.98
N GLU A 72 -10.97 -1.57 -12.80
CA GLU A 72 -10.74 -3.01 -12.52
C GLU A 72 -9.25 -3.39 -12.51
N VAL A 73 -8.39 -2.59 -13.19
CA VAL A 73 -6.94 -2.82 -13.35
C VAL A 73 -6.66 -4.00 -14.28
N THR A 74 -7.36 -5.09 -14.09
CA THR A 74 -7.29 -6.23 -14.96
C THR A 74 -7.72 -5.82 -16.41
N ARG A 75 -8.65 -4.87 -16.47
CA ARG A 75 -9.23 -4.39 -17.72
C ARG A 75 -8.15 -3.83 -18.69
N PRO A 76 -7.33 -2.79 -18.28
CA PRO A 76 -6.27 -2.27 -19.13
C PRO A 76 -5.16 -3.30 -19.41
N MET A 77 -4.96 -4.21 -18.48
CA MET A 77 -3.85 -5.16 -18.55
C MET A 77 -4.09 -6.26 -19.56
N SER A 78 -5.27 -6.28 -20.14
CA SER A 78 -5.61 -7.26 -21.14
C SER A 78 -5.23 -6.75 -22.55
N VAL A 79 -4.66 -5.55 -22.62
CA VAL A 79 -4.27 -4.97 -23.82
C VAL A 79 -2.87 -4.36 -23.56
N HIS A 80 -2.46 -3.50 -24.39
CA HIS A 80 -1.14 -2.88 -24.31
C HIS A 80 -1.22 -1.68 -23.40
N MET A 81 -1.25 -1.98 -22.15
CA MET A 81 -1.36 -1.00 -21.11
C MET A 81 -0.20 -0.98 -20.11
N PRO A 82 0.95 -0.51 -20.56
CA PRO A 82 2.20 -0.55 -19.78
C PRO A 82 2.04 -0.05 -18.34
N ALA A 83 2.71 -0.76 -17.44
CA ALA A 83 2.69 -0.61 -15.96
C ALA A 83 2.67 0.83 -15.43
N MET A 84 3.36 1.71 -16.09
CA MET A 84 3.64 3.04 -15.58
C MET A 84 2.42 3.95 -15.62
N LYS A 85 1.57 3.73 -16.58
CA LYS A 85 0.53 4.69 -16.88
C LYS A 85 -0.81 4.32 -16.22
N ILE A 86 -0.89 3.13 -15.66
CA ILE A 86 -2.16 2.66 -15.14
C ILE A 86 -2.50 3.28 -13.80
N CYS A 87 -1.68 3.09 -12.80
CA CYS A 87 -2.00 3.62 -11.49
C CYS A 87 -1.91 5.13 -11.43
N GLU A 88 -1.21 5.74 -12.39
CA GLU A 88 -1.10 7.17 -12.45
C GLU A 88 -2.51 7.75 -12.68
N LYS A 89 -3.15 7.25 -13.70
CA LYS A 89 -4.50 7.68 -14.03
C LYS A 89 -5.46 7.32 -12.89
N LEU A 90 -5.20 6.20 -12.25
CA LEU A 90 -5.98 5.76 -11.07
C LEU A 90 -5.81 6.69 -9.88
N LYS A 91 -4.65 7.37 -9.74
CA LYS A 91 -4.42 8.28 -8.58
C LYS A 91 -5.45 9.37 -8.50
N LYS A 92 -6.00 9.72 -9.64
CA LYS A 92 -6.99 10.78 -9.74
C LYS A 92 -8.35 10.28 -9.29
N LEU A 93 -8.46 8.97 -9.16
CA LEU A 93 -9.69 8.34 -8.75
C LEU A 93 -9.51 7.80 -7.32
N ASP A 94 -8.29 7.44 -7.01
CA ASP A 94 -7.90 6.96 -5.70
C ASP A 94 -6.39 7.09 -5.56
N SER A 95 -5.94 7.86 -4.59
CA SER A 95 -4.53 8.08 -4.42
C SER A 95 -3.91 7.12 -3.38
N GLN A 96 -4.73 6.26 -2.75
CA GLN A 96 -4.25 5.42 -1.66
C GLN A 96 -3.35 4.33 -2.21
N ILE A 97 -3.61 3.96 -3.45
CA ILE A 97 -2.83 2.95 -4.20
C ILE A 97 -1.35 3.33 -4.22
N CYS A 98 -1.08 4.60 -4.39
CA CYS A 98 0.28 5.05 -4.55
C CYS A 98 0.77 5.82 -3.33
N GLU A 99 0.06 5.66 -2.19
CA GLU A 99 0.44 6.30 -0.93
C GLU A 99 1.57 5.46 -0.30
N LEU A 100 1.85 4.34 -0.96
CA LEU A 100 2.82 3.37 -0.53
C LEU A 100 4.23 3.84 -0.79
N LYS A 101 4.36 5.04 -1.28
CA LYS A 101 5.64 5.62 -1.39
C LYS A 101 5.95 6.31 -0.15
N TYR A 102 6.99 5.84 0.44
CA TYR A 102 7.56 6.37 1.65
C TYR A 102 6.45 6.49 2.64
N GLU A 103 5.82 5.39 2.72
CA GLU A 103 4.57 5.16 3.43
C GLU A 103 4.49 5.76 4.80
N LYS A 104 3.36 6.33 5.03
CA LYS A 104 3.08 7.13 6.20
C LYS A 104 1.60 6.95 6.52
N THR A 105 1.00 5.98 5.87
CA THR A 105 -0.40 5.78 5.90
C THR A 105 -0.86 5.24 7.24
N LEU A 106 -1.39 6.11 8.05
CA LEU A 106 -1.95 5.69 9.28
C LEU A 106 -3.43 5.59 9.08
N ASP A 107 -3.87 4.39 8.82
CA ASP A 107 -5.21 4.08 8.42
C ASP A 107 -6.12 3.83 9.55
N LEU A 108 -5.51 3.62 10.63
CA LEU A 108 -6.06 3.17 11.84
C LEU A 108 -7.14 2.05 11.74
N ALA A 109 -7.18 1.40 10.62
CA ALA A 109 -8.13 0.31 10.37
C ALA A 109 -7.41 -1.02 10.18
N SER A 110 -6.22 -0.94 9.66
CA SER A 110 -5.39 -2.08 9.47
C SER A 110 -4.50 -2.22 10.68
N VAL A 111 -4.31 -1.12 11.35
CA VAL A 111 -3.57 -1.10 12.58
C VAL A 111 -4.57 -1.14 13.73
N ASP A 112 -4.18 -1.75 14.79
CA ASP A 112 -5.07 -2.02 15.89
C ASP A 112 -4.82 -1.08 17.01
N LEU A 113 -5.85 -0.41 17.36
CA LEU A 113 -5.87 0.55 18.40
C LEU A 113 -5.79 -0.11 19.78
N ARG A 114 -6.20 -1.36 19.89
CA ARG A 114 -6.21 -1.97 21.19
C ARG A 114 -4.95 -2.79 21.49
N LYS A 115 -4.02 -2.91 20.54
CA LYS A 115 -2.77 -3.55 20.87
C LYS A 115 -1.58 -2.68 20.59
N MET A 116 -1.85 -1.43 20.54
CA MET A 116 -0.83 -0.43 20.38
C MET A 116 -0.41 0.16 21.72
N ARG A 117 0.77 0.68 21.72
CA ARG A 117 1.47 1.12 22.87
C ARG A 117 1.42 2.60 22.99
N VAL A 118 1.05 3.04 24.16
CA VAL A 118 0.79 4.42 24.54
C VAL A 118 1.81 5.42 24.01
N ALA A 119 3.02 5.00 24.01
CA ALA A 119 4.15 5.80 23.55
C ALA A 119 3.98 6.21 22.11
N GLU A 120 3.57 5.26 21.29
CA GLU A 120 3.33 5.50 19.87
C GLU A 120 2.21 6.47 19.76
N LEU A 121 1.13 6.14 20.42
CA LEU A 121 -0.08 6.95 20.44
C LEU A 121 0.15 8.39 20.85
N LYS A 122 0.92 8.60 21.91
CA LYS A 122 1.19 9.94 22.33
C LYS A 122 2.03 10.68 21.33
N GLN A 123 2.90 9.94 20.69
CA GLN A 123 3.67 10.48 19.54
C GLN A 123 2.71 10.83 18.39
N ILE A 124 1.80 9.90 18.08
CA ILE A 124 0.77 10.04 17.03
C ILE A 124 -0.02 11.33 17.18
N LEU A 125 -0.53 11.58 18.37
CA LEU A 125 -1.36 12.74 18.59
C LEU A 125 -0.54 14.03 18.52
N HIS A 126 0.72 13.91 18.85
CA HIS A 126 1.66 15.03 18.82
C HIS A 126 2.08 15.27 17.37
N SER A 127 2.11 14.20 16.59
CA SER A 127 2.39 14.28 15.19
C SER A 127 1.22 14.95 14.49
N TRP A 128 0.03 14.81 15.07
CA TRP A 128 -1.09 15.53 14.55
C TRP A 128 -1.35 16.75 15.43
N GLY A 129 -0.26 17.32 15.99
CA GLY A 129 -0.30 18.59 16.76
C GLY A 129 -1.49 18.78 17.70
N GLU A 130 -1.96 17.71 18.31
CA GLU A 130 -3.14 17.77 19.14
C GLU A 130 -2.79 17.81 20.60
N GLU A 131 -3.72 18.26 21.37
CA GLU A 131 -3.57 18.40 22.80
C GLU A 131 -4.09 17.14 23.48
N CYS A 132 -3.53 16.83 24.65
CA CYS A 132 -3.92 15.67 25.43
C CYS A 132 -3.04 15.63 26.68
N ARG A 133 -2.82 16.79 27.31
CA ARG A 133 -1.96 16.87 28.50
C ARG A 133 -2.62 16.26 29.76
N ALA A 134 -3.84 15.78 29.61
CA ALA A 134 -4.55 15.17 30.70
C ALA A 134 -4.80 13.70 30.38
N CYS A 135 -4.05 13.20 29.44
CA CYS A 135 -4.20 11.85 28.95
C CYS A 135 -2.97 11.04 29.37
N ALA A 136 -3.16 9.78 29.72
CA ALA A 136 -2.07 8.99 30.27
C ALA A 136 -1.88 7.65 29.55
N GLU A 137 -2.95 6.96 29.24
CA GLU A 137 -2.85 5.62 28.73
C GLU A 137 -3.30 5.50 27.31
N LYS A 138 -3.02 4.35 26.75
CA LYS A 138 -3.39 4.03 25.39
C LYS A 138 -4.88 4.16 25.20
N THR A 139 -5.65 3.82 26.22
CA THR A 139 -7.08 3.86 26.12
C THR A 139 -7.60 5.29 26.01
N ASP A 140 -7.01 6.20 26.79
CA ASP A 140 -7.44 7.60 26.69
C ASP A 140 -6.97 8.18 25.36
N TYR A 141 -5.80 7.75 24.93
CA TYR A 141 -5.27 8.14 23.64
C TYR A 141 -6.18 7.66 22.51
N VAL A 142 -6.44 6.36 22.45
CA VAL A 142 -7.29 5.74 21.40
C VAL A 142 -8.60 6.46 21.23
N ASN A 143 -9.28 6.67 22.34
CA ASN A 143 -10.57 7.34 22.34
C ASN A 143 -10.52 8.71 21.69
N LEU A 144 -9.41 9.42 21.85
CA LEU A 144 -9.25 10.70 21.21
C LEU A 144 -8.78 10.49 19.78
N ILE A 145 -7.89 9.51 19.59
CA ILE A 145 -7.36 9.14 18.28
C ILE A 145 -8.48 8.94 17.27
N GLN A 146 -9.53 8.30 17.71
CA GLN A 146 -10.69 8.01 16.90
C GLN A 146 -11.41 9.27 16.36
N GLU A 147 -11.30 10.39 17.06
CA GLU A 147 -11.93 11.63 16.59
C GLU A 147 -10.92 12.38 15.71
N LEU A 148 -9.65 12.19 16.03
CA LEU A 148 -8.56 12.88 15.39
C LEU A 148 -8.27 12.27 14.04
N ALA A 149 -8.57 11.00 13.91
CA ALA A 149 -8.33 10.25 12.70
C ALA A 149 -8.95 10.90 11.44
N PRO A 150 -10.27 11.18 11.37
CA PRO A 150 -10.83 11.83 10.19
C PRO A 150 -10.41 13.31 10.10
N LYS A 151 -9.92 13.83 11.21
CA LYS A 151 -9.53 15.21 11.31
C LYS A 151 -8.13 15.44 10.73
N TYR A 152 -7.24 14.45 10.87
CA TYR A 152 -5.88 14.58 10.41
C TYR A 152 -5.46 13.53 9.38
N ALA A 153 -5.83 12.27 9.61
CA ALA A 153 -5.42 11.17 8.72
C ALA A 153 -6.05 11.35 7.35
N ALA A 154 -7.35 11.72 7.37
CA ALA A 154 -8.13 12.07 6.17
C ALA A 154 -8.11 11.00 5.06
N THR A 155 -7.81 9.79 5.44
CA THR A 155 -7.71 8.71 4.50
C THR A 155 -9.05 7.95 4.46
N HIS A 156 -9.13 6.95 3.55
CA HIS A 156 -10.31 6.15 3.31
C HIS A 156 -11.41 6.96 2.60
N PRO A 157 -12.38 6.27 1.98
CA PRO A 157 -13.52 6.91 1.35
C PRO A 157 -14.45 7.54 2.39
N LYS A 158 -14.05 8.67 2.87
CA LYS A 158 -14.79 9.42 3.84
C LYS A 158 -15.49 10.59 3.19
N THR A 159 -16.16 11.36 4.00
CA THR A 159 -16.81 12.56 3.61
C THR A 159 -15.79 13.71 3.53
N GLU A 160 -16.25 14.90 3.27
CA GLU A 160 -15.39 16.08 3.23
C GLU A 160 -14.85 16.36 4.59
N LEU A 161 -15.72 16.26 5.46
CA LEU A 161 -15.49 16.40 6.86
C LEU A 161 -15.56 15.02 7.46
N GLN A 1 14.96 5.13 -13.47
CA GLN A 1 15.95 4.94 -14.56
C GLN A 1 15.34 5.17 -15.93
N GLU A 2 14.12 5.66 -15.96
CA GLU A 2 13.37 5.84 -17.11
C GLU A 2 12.47 7.03 -16.85
N ALA A 3 12.47 7.93 -17.73
CA ALA A 3 11.64 9.10 -17.65
C ALA A 3 11.48 9.74 -19.01
N GLY A 4 10.28 10.20 -19.29
CA GLY A 4 9.98 10.87 -20.52
C GLY A 4 8.98 11.95 -20.25
N GLY A 5 9.46 13.05 -19.72
CA GLY A 5 8.58 14.12 -19.29
C GLY A 5 8.13 13.82 -17.88
N ARG A 6 7.42 12.74 -17.73
CA ARG A 6 7.02 12.25 -16.46
C ARG A 6 7.82 10.99 -16.21
N PRO A 7 8.35 10.82 -15.01
CA PRO A 7 9.24 9.73 -14.71
C PRO A 7 8.53 8.39 -14.51
N GLY A 8 9.24 7.32 -14.78
CA GLY A 8 8.72 6.00 -14.62
C GLY A 8 8.80 5.58 -13.18
N ALA A 9 7.94 6.15 -12.41
CA ALA A 9 7.83 5.93 -11.01
C ALA A 9 6.57 6.63 -10.57
N ASP A 10 6.52 7.07 -9.33
CA ASP A 10 5.36 7.73 -8.67
C ASP A 10 4.38 6.70 -8.19
N CYS A 11 4.28 5.65 -8.94
CA CYS A 11 3.52 4.50 -8.59
C CYS A 11 4.46 3.31 -8.65
N GLU A 12 5.59 3.41 -7.93
CA GLU A 12 6.69 2.43 -7.95
C GLU A 12 6.21 1.04 -7.64
N VAL A 13 5.47 0.92 -6.53
CA VAL A 13 4.98 -0.38 -6.05
C VAL A 13 4.07 -1.03 -7.09
N CYS A 14 3.41 -0.19 -7.85
CA CYS A 14 2.54 -0.65 -8.92
C CYS A 14 3.38 -1.01 -10.15
N LYS A 15 4.21 -0.07 -10.57
CA LYS A 15 5.01 -0.19 -11.79
C LYS A 15 5.89 -1.43 -11.83
N GLU A 16 6.73 -1.62 -10.83
CA GLU A 16 7.68 -2.72 -10.86
C GLU A 16 6.94 -4.04 -10.70
N PHE A 17 6.05 -4.07 -9.73
CA PHE A 17 5.30 -5.27 -9.39
C PHE A 17 4.38 -5.72 -10.52
N LEU A 18 3.64 -4.81 -11.13
CA LEU A 18 2.73 -5.20 -12.20
C LEU A 18 3.48 -5.51 -13.48
N ASN A 19 4.69 -5.01 -13.59
CA ASN A 19 5.54 -5.34 -14.73
C ASN A 19 5.96 -6.80 -14.59
N ARG A 20 6.33 -7.14 -13.37
CA ARG A 20 6.65 -8.49 -12.99
C ARG A 20 5.39 -9.37 -13.13
N PHE A 21 4.23 -8.79 -12.93
CA PHE A 21 2.99 -9.51 -13.12
C PHE A 21 2.79 -9.81 -14.60
N TYR A 22 2.99 -8.81 -15.47
CA TYR A 22 2.88 -9.01 -16.92
C TYR A 22 3.79 -10.13 -17.36
N LYS A 23 4.97 -10.15 -16.81
CA LYS A 23 5.92 -11.18 -17.09
C LYS A 23 5.43 -12.56 -16.71
N SER A 24 4.68 -12.68 -15.62
CA SER A 24 4.26 -13.90 -15.14
C SER A 24 3.20 -14.49 -16.04
N LEU A 25 2.37 -13.62 -16.59
CA LEU A 25 1.39 -13.94 -17.60
C LEU A 25 2.06 -14.66 -18.75
N ILE A 26 3.13 -14.07 -19.22
CA ILE A 26 3.90 -14.61 -20.32
C ILE A 26 4.63 -15.90 -19.90
N ASP A 27 5.18 -15.90 -18.69
CA ASP A 27 6.01 -17.02 -18.19
C ASP A 27 5.24 -18.30 -18.02
N ARG A 28 4.04 -18.22 -17.44
CA ARG A 28 3.29 -19.40 -17.19
C ARG A 28 2.32 -19.73 -18.32
N GLY A 29 2.37 -18.95 -19.38
CA GLY A 29 1.55 -19.23 -20.54
C GLY A 29 0.11 -18.85 -20.37
N VAL A 30 -0.13 -17.71 -19.79
CA VAL A 30 -1.47 -17.22 -19.61
C VAL A 30 -1.82 -16.19 -20.66
N ASN A 31 -2.99 -16.34 -21.21
CA ASN A 31 -3.53 -15.47 -22.22
C ASN A 31 -4.05 -14.20 -21.58
N PHE A 32 -3.87 -13.10 -22.26
CA PHE A 32 -4.27 -11.82 -21.77
C PHE A 32 -5.75 -11.54 -22.11
N SER A 33 -6.62 -12.16 -21.36
CA SER A 33 -8.03 -11.96 -21.50
C SER A 33 -8.59 -11.35 -20.25
N LEU A 34 -9.70 -10.61 -20.38
CA LEU A 34 -10.41 -10.05 -19.23
C LEU A 34 -10.66 -11.11 -18.19
N ASP A 35 -11.42 -12.13 -18.58
CA ASP A 35 -11.79 -13.25 -17.70
C ASP A 35 -10.57 -13.91 -17.06
N THR A 36 -9.56 -14.11 -17.85
CA THR A 36 -8.38 -14.83 -17.47
C THR A 36 -7.45 -13.98 -16.57
N ILE A 37 -7.23 -12.73 -16.91
CA ILE A 37 -6.38 -11.87 -16.08
C ILE A 37 -7.07 -11.52 -14.77
N GLU A 38 -8.41 -11.45 -14.83
CA GLU A 38 -9.25 -11.16 -13.65
C GLU A 38 -9.10 -12.32 -12.62
N LYS A 39 -8.49 -13.42 -13.06
CA LYS A 39 -8.20 -14.51 -12.19
C LYS A 39 -6.75 -14.39 -11.73
N GLU A 40 -5.82 -14.32 -12.70
CA GLU A 40 -4.38 -14.30 -12.41
C GLU A 40 -3.93 -13.11 -11.58
N LEU A 41 -4.61 -12.00 -11.65
CA LEU A 41 -4.21 -10.84 -10.88
C LEU A 41 -4.42 -11.15 -9.39
N ILE A 42 -5.51 -11.84 -9.09
CA ILE A 42 -5.85 -12.22 -7.74
C ILE A 42 -4.89 -13.32 -7.25
N SER A 43 -4.65 -14.31 -8.08
CA SER A 43 -3.79 -15.42 -7.72
C SER A 43 -2.32 -14.99 -7.51
N PHE A 44 -1.86 -14.08 -8.35
CA PHE A 44 -0.51 -13.55 -8.24
C PHE A 44 -0.35 -12.81 -6.92
N CYS A 45 -1.43 -12.21 -6.48
CA CYS A 45 -1.43 -11.47 -5.25
C CYS A 45 -1.69 -12.35 -4.03
N LEU A 46 -1.73 -13.68 -4.18
CA LEU A 46 -1.88 -14.56 -3.00
C LEU A 46 -0.68 -14.47 -2.10
N ASP A 47 0.44 -14.13 -2.68
CA ASP A 47 1.70 -14.04 -1.96
C ASP A 47 1.81 -12.75 -1.15
N THR A 48 1.19 -11.72 -1.68
CA THR A 48 1.41 -10.37 -1.24
C THR A 48 1.23 -10.09 0.25
N LYS A 49 2.31 -9.63 0.81
CA LYS A 49 2.43 -9.24 2.19
C LYS A 49 3.01 -7.84 2.21
N GLY A 50 3.09 -7.23 3.37
CA GLY A 50 3.69 -5.90 3.48
C GLY A 50 2.86 -4.83 2.78
N LYS A 51 3.50 -4.07 1.91
CA LYS A 51 2.82 -2.98 1.21
C LYS A 51 2.30 -3.51 -0.11
N GLU A 52 2.88 -4.60 -0.54
CA GLU A 52 2.50 -5.31 -1.74
C GLU A 52 1.09 -5.80 -1.52
N ASN A 53 0.87 -6.31 -0.32
CA ASN A 53 -0.45 -6.73 0.16
C ASN A 53 -1.43 -5.58 0.06
N ARG A 54 -0.97 -4.39 0.44
CA ARG A 54 -1.78 -3.20 0.36
C ARG A 54 -2.15 -2.88 -1.05
N LEU A 55 -1.16 -2.92 -1.92
CA LEU A 55 -1.35 -2.66 -3.34
C LEU A 55 -2.44 -3.55 -3.89
N CYS A 56 -2.28 -4.84 -3.69
CA CYS A 56 -3.24 -5.83 -4.15
C CYS A 56 -4.59 -5.72 -3.42
N TYR A 57 -4.58 -5.08 -2.28
CA TYR A 57 -5.80 -4.77 -1.57
C TYR A 57 -6.54 -3.67 -2.31
N TYR A 58 -5.78 -2.66 -2.71
CA TYR A 58 -6.30 -1.52 -3.43
C TYR A 58 -6.81 -1.92 -4.79
N LEU A 59 -6.03 -2.74 -5.47
CA LEU A 59 -6.33 -3.19 -6.84
C LEU A 59 -7.36 -4.34 -6.88
N GLY A 60 -7.99 -4.61 -5.74
CA GLY A 60 -9.03 -5.65 -5.65
C GLY A 60 -8.54 -7.05 -5.99
N ALA A 61 -7.28 -7.30 -5.76
CA ALA A 61 -6.67 -8.56 -6.13
C ALA A 61 -6.46 -9.44 -4.92
N THR A 62 -7.16 -9.14 -3.87
CA THR A 62 -7.06 -9.89 -2.64
C THR A 62 -8.42 -10.39 -2.22
N LYS A 63 -8.43 -11.42 -1.40
CA LYS A 63 -9.68 -12.01 -0.92
C LYS A 63 -10.33 -11.17 0.18
N ASP A 64 -9.62 -10.18 0.63
CA ASP A 64 -10.07 -9.31 1.71
C ASP A 64 -10.14 -7.89 1.20
N ALA A 65 -10.24 -7.76 -0.10
CA ALA A 65 -10.23 -6.47 -0.75
C ALA A 65 -11.54 -5.75 -0.63
N ALA A 66 -11.63 -4.87 0.34
CA ALA A 66 -12.77 -4.02 0.49
C ALA A 66 -12.57 -2.81 -0.39
N THR A 67 -12.91 -3.01 -1.63
CA THR A 67 -12.80 -2.02 -2.67
C THR A 67 -13.68 -2.51 -3.84
N LYS A 68 -13.63 -1.82 -4.94
CA LYS A 68 -14.39 -2.20 -6.11
C LYS A 68 -13.49 -2.08 -7.35
N ILE A 69 -12.20 -2.15 -7.11
CA ILE A 69 -11.22 -2.10 -8.16
C ILE A 69 -11.02 -3.50 -8.70
N LEU A 70 -11.67 -3.83 -9.78
CA LEU A 70 -11.40 -5.09 -10.44
C LEU A 70 -10.95 -4.91 -11.89
N SER A 71 -11.92 -5.00 -12.78
CA SER A 71 -11.74 -4.99 -14.22
C SER A 71 -10.95 -3.80 -14.76
N GLU A 72 -10.88 -2.69 -14.07
CA GLU A 72 -10.22 -1.52 -14.64
C GLU A 72 -8.67 -1.66 -14.61
N VAL A 73 -8.16 -2.69 -13.95
CA VAL A 73 -6.73 -3.00 -14.02
C VAL A 73 -6.55 -4.15 -15.02
N THR A 74 -7.49 -5.04 -15.04
CA THR A 74 -7.49 -6.18 -15.94
C THR A 74 -7.73 -5.76 -17.42
N ARG A 75 -8.67 -4.85 -17.61
CA ARG A 75 -9.05 -4.30 -18.91
C ARG A 75 -7.87 -3.70 -19.72
N PRO A 76 -7.03 -2.81 -19.15
CA PRO A 76 -5.88 -2.26 -19.87
C PRO A 76 -4.80 -3.33 -20.12
N MET A 77 -4.85 -4.41 -19.35
CA MET A 77 -3.91 -5.52 -19.49
C MET A 77 -4.30 -6.44 -20.62
N SER A 78 -5.47 -6.24 -21.15
CA SER A 78 -5.97 -7.02 -22.26
C SER A 78 -5.56 -6.39 -23.60
N VAL A 79 -4.83 -5.27 -23.52
CA VAL A 79 -4.40 -4.57 -24.63
C VAL A 79 -2.99 -4.09 -24.25
N HIS A 80 -2.46 -3.20 -24.98
CA HIS A 80 -1.12 -2.72 -24.78
C HIS A 80 -1.12 -1.52 -23.87
N MET A 81 -1.26 -1.80 -22.62
CA MET A 81 -1.26 -0.82 -21.55
C MET A 81 -0.17 -0.99 -20.51
N PRO A 82 1.07 -0.72 -20.88
CA PRO A 82 2.25 -0.96 -20.02
C PRO A 82 2.05 -0.47 -18.57
N ALA A 83 2.74 -1.13 -17.65
CA ALA A 83 2.63 -0.92 -16.19
C ALA A 83 2.97 0.50 -15.73
N MET A 84 3.50 1.30 -16.64
CA MET A 84 3.93 2.64 -16.31
C MET A 84 2.78 3.60 -16.27
N LYS A 85 1.65 3.21 -16.85
CA LYS A 85 0.56 4.13 -16.95
C LYS A 85 -0.72 3.59 -16.27
N ILE A 86 -0.65 2.35 -15.78
CA ILE A 86 -1.81 1.71 -15.13
C ILE A 86 -2.20 2.47 -13.90
N CYS A 87 -1.29 2.61 -13.01
CA CYS A 87 -1.60 3.33 -11.82
C CYS A 87 -1.47 4.81 -12.00
N GLU A 88 -1.02 5.25 -13.17
CA GLU A 88 -1.00 6.65 -13.47
C GLU A 88 -2.42 7.13 -13.64
N LYS A 89 -3.23 6.30 -14.31
CA LYS A 89 -4.61 6.65 -14.52
C LYS A 89 -5.36 6.53 -13.21
N LEU A 90 -5.03 5.50 -12.46
CA LEU A 90 -5.68 5.25 -11.17
C LEU A 90 -5.24 6.26 -10.10
N LYS A 91 -4.02 6.80 -10.22
CA LYS A 91 -3.42 7.83 -9.32
C LYS A 91 -4.38 8.99 -9.16
N LYS A 92 -4.96 9.35 -10.30
CA LYS A 92 -5.89 10.47 -10.42
C LYS A 92 -7.22 10.22 -9.69
N LEU A 93 -7.44 8.99 -9.26
CA LEU A 93 -8.65 8.62 -8.56
C LEU A 93 -8.30 8.23 -7.13
N ASP A 94 -7.34 7.35 -7.01
CA ASP A 94 -6.82 6.88 -5.75
C ASP A 94 -5.32 6.98 -5.79
N SER A 95 -4.77 7.75 -4.91
CA SER A 95 -3.35 7.91 -4.87
C SER A 95 -2.71 6.93 -3.87
N GLN A 96 -3.54 6.17 -3.17
CA GLN A 96 -3.08 5.25 -2.16
C GLN A 96 -2.37 4.05 -2.79
N ILE A 97 -2.83 3.66 -3.97
CA ILE A 97 -2.19 2.61 -4.78
C ILE A 97 -0.71 2.96 -5.04
N CYS A 98 -0.48 4.20 -5.37
CA CYS A 98 0.84 4.65 -5.69
C CYS A 98 1.59 5.04 -4.42
N GLU A 99 0.88 5.60 -3.48
CA GLU A 99 1.46 6.06 -2.25
C GLU A 99 1.60 4.99 -1.20
N LEU A 100 2.39 4.02 -1.55
CA LEU A 100 2.82 2.97 -0.66
C LEU A 100 4.31 3.21 -0.42
N LYS A 101 4.61 4.49 -0.49
CA LYS A 101 5.92 5.06 -0.25
C LYS A 101 6.36 4.88 1.25
N TYR A 102 7.49 5.48 1.65
CA TYR A 102 8.05 5.19 2.98
C TYR A 102 8.16 6.41 3.89
N GLU A 103 8.09 7.53 3.30
CA GLU A 103 8.34 8.85 3.97
C GLU A 103 7.17 9.39 4.75
N LYS A 104 6.25 8.59 4.87
CA LYS A 104 4.98 8.92 5.45
C LYS A 104 5.03 9.07 6.96
N THR A 105 4.71 10.25 7.37
CA THR A 105 4.66 10.61 8.75
C THR A 105 3.20 10.54 9.23
N LEU A 106 3.01 10.84 10.50
CA LEU A 106 1.74 10.67 11.20
C LEU A 106 0.56 11.45 10.55
N ASP A 107 -0.49 10.71 10.28
CA ASP A 107 -1.68 11.15 9.69
C ASP A 107 -2.70 11.56 10.75
N LEU A 108 -2.52 12.75 11.24
CA LEU A 108 -3.38 13.33 12.25
C LEU A 108 -4.80 13.56 11.74
N ALA A 109 -4.97 13.56 10.44
CA ALA A 109 -6.29 13.76 9.85
C ALA A 109 -7.06 12.45 9.82
N SER A 110 -6.37 11.40 10.12
CA SER A 110 -6.90 10.07 10.13
C SER A 110 -7.24 9.61 11.55
N VAL A 111 -6.74 10.33 12.51
CA VAL A 111 -6.84 9.89 13.87
C VAL A 111 -7.52 10.93 14.76
N ASP A 112 -8.20 10.45 15.78
CA ASP A 112 -8.97 11.28 16.68
C ASP A 112 -8.09 11.66 17.84
N LEU A 113 -7.59 12.87 17.78
CA LEU A 113 -6.61 13.42 18.73
C LEU A 113 -7.17 13.47 20.15
N ARG A 114 -8.45 13.42 20.26
CA ARG A 114 -9.10 13.48 21.54
C ARG A 114 -9.22 12.09 22.20
N LYS A 115 -9.31 11.00 21.41
CA LYS A 115 -9.40 9.71 22.08
C LYS A 115 -8.03 9.17 22.46
N MET A 116 -7.00 9.59 21.74
CA MET A 116 -5.64 9.20 22.04
C MET A 116 -5.20 9.75 23.39
N ARG A 117 -4.19 9.19 23.92
CA ARG A 117 -3.78 9.44 25.24
C ARG A 117 -2.58 10.26 25.16
N VAL A 118 -2.46 11.20 26.05
CA VAL A 118 -1.38 12.12 26.06
C VAL A 118 -0.03 11.46 26.02
N ALA A 119 0.05 10.26 26.50
CA ALA A 119 1.28 9.47 26.43
C ALA A 119 1.71 9.33 24.97
N GLU A 120 0.74 9.03 24.08
CA GLU A 120 1.01 8.94 22.65
C GLU A 120 1.44 10.30 22.16
N LEU A 121 0.62 11.26 22.46
CA LEU A 121 0.83 12.66 22.14
C LEU A 121 2.18 13.21 22.65
N LYS A 122 2.62 12.78 23.85
CA LYS A 122 3.91 13.08 24.34
C LYS A 122 4.99 12.55 23.39
N GLN A 123 4.80 11.32 22.92
CA GLN A 123 5.70 10.73 21.93
C GLN A 123 5.64 11.52 20.62
N ILE A 124 4.45 11.99 20.25
CA ILE A 124 4.23 12.79 19.04
C ILE A 124 5.08 14.06 19.06
N LEU A 125 5.00 14.82 20.14
CA LEU A 125 5.75 16.07 20.22
C LEU A 125 7.24 15.80 20.33
N HIS A 126 7.56 14.67 20.90
CA HIS A 126 8.93 14.23 21.05
C HIS A 126 9.47 13.81 19.69
N SER A 127 8.57 13.28 18.87
CA SER A 127 8.89 12.91 17.52
C SER A 127 9.13 14.18 16.70
N TRP A 128 8.54 15.29 17.14
CA TRP A 128 8.81 16.54 16.46
C TRP A 128 9.67 17.41 17.38
N GLY A 129 10.52 16.74 18.20
CA GLY A 129 11.52 17.38 19.09
C GLY A 129 11.10 18.71 19.70
N GLU A 130 9.86 18.84 20.12
CA GLU A 130 9.40 20.11 20.57
C GLU A 130 9.10 20.18 22.09
N GLU A 131 8.47 21.28 22.51
CA GLU A 131 8.30 21.67 23.91
C GLU A 131 7.11 20.91 24.62
N CYS A 132 6.94 21.16 25.92
CA CYS A 132 5.91 20.54 26.76
C CYS A 132 5.28 21.66 27.60
N ARG A 133 3.95 21.72 27.69
CA ARG A 133 3.29 22.82 28.40
C ARG A 133 2.52 22.33 29.61
N ALA A 134 1.26 21.95 29.43
CA ALA A 134 0.49 21.42 30.55
C ALA A 134 0.80 19.96 30.69
N CYS A 135 0.81 19.27 29.55
CA CYS A 135 1.23 17.89 29.45
C CYS A 135 0.46 16.95 30.36
N ALA A 136 -0.83 17.14 30.34
CA ALA A 136 -1.70 16.43 31.20
C ALA A 136 -2.98 16.00 30.48
N GLU A 137 -3.78 16.96 30.07
CA GLU A 137 -5.02 16.69 29.36
C GLU A 137 -4.74 16.61 27.89
N LYS A 138 -5.64 15.99 27.14
CA LYS A 138 -5.42 15.89 25.72
C LYS A 138 -5.55 17.25 25.07
N THR A 139 -6.42 18.09 25.64
CA THR A 139 -6.76 19.41 25.10
C THR A 139 -5.50 20.25 24.86
N ASP A 140 -4.57 20.16 25.81
CA ASP A 140 -3.26 20.86 25.72
C ASP A 140 -2.52 20.45 24.46
N TYR A 141 -2.56 19.18 24.20
CA TYR A 141 -1.91 18.62 23.05
C TYR A 141 -2.69 18.87 21.80
N VAL A 142 -3.98 18.69 21.86
CA VAL A 142 -4.84 18.85 20.69
C VAL A 142 -4.72 20.22 20.07
N ASN A 143 -4.82 21.25 20.88
CA ASN A 143 -4.80 22.62 20.32
C ASN A 143 -3.42 23.00 19.84
N LEU A 144 -2.45 22.31 20.34
CA LEU A 144 -1.07 22.50 20.01
C LEU A 144 -0.72 21.73 18.73
N ILE A 145 -1.00 20.44 18.78
CA ILE A 145 -0.69 19.51 17.72
C ILE A 145 -1.30 19.92 16.38
N GLN A 146 -2.50 20.47 16.41
CA GLN A 146 -3.16 20.91 15.20
C GLN A 146 -2.43 22.05 14.49
N GLU A 147 -1.77 22.95 15.23
CA GLU A 147 -1.11 24.07 14.57
C GLU A 147 0.25 23.60 14.04
N LEU A 148 0.84 22.67 14.76
CA LEU A 148 2.15 22.12 14.44
C LEU A 148 2.04 21.07 13.34
N ALA A 149 0.84 20.53 13.20
CA ALA A 149 0.52 19.46 12.26
C ALA A 149 1.05 19.67 10.85
N PRO A 150 0.62 20.72 10.09
CA PRO A 150 1.05 20.85 8.68
C PRO A 150 2.49 21.37 8.55
N LYS A 151 3.12 21.61 9.66
CA LYS A 151 4.44 22.08 9.70
C LYS A 151 5.45 20.94 9.82
N TYR A 152 5.00 19.81 10.35
CA TYR A 152 5.84 18.65 10.48
C TYR A 152 5.25 17.45 9.75
N ALA A 153 3.95 17.40 9.68
CA ALA A 153 3.24 16.30 9.11
C ALA A 153 2.51 16.71 7.87
N ALA A 154 2.13 15.73 7.07
CA ALA A 154 1.39 15.99 5.87
C ALA A 154 -0.08 16.13 6.21
N THR A 155 -0.47 17.32 6.51
CA THR A 155 -1.80 17.62 6.81
C THR A 155 -2.33 18.52 5.73
N HIS A 156 -3.53 18.19 5.22
CA HIS A 156 -4.20 18.86 4.11
C HIS A 156 -3.52 18.47 2.79
N PRO A 157 -4.19 18.68 1.66
CA PRO A 157 -3.66 18.31 0.39
C PRO A 157 -2.87 19.45 -0.23
N LYS A 158 -2.73 19.37 -1.50
CA LYS A 158 -1.98 20.28 -2.25
C LYS A 158 -2.80 20.85 -3.36
N THR A 159 -2.27 21.88 -3.92
CA THR A 159 -2.79 22.52 -5.07
C THR A 159 -2.37 21.72 -6.32
N GLU A 160 -2.75 22.22 -7.49
CA GLU A 160 -2.46 21.58 -8.78
C GLU A 160 -1.03 21.87 -9.20
N LEU A 161 -0.50 22.77 -8.52
CA LEU A 161 0.82 23.20 -8.64
C LEU A 161 1.42 23.11 -7.26
N GLN A 1 23.32 -1.12 -2.05
CA GLN A 1 24.79 -1.01 -2.26
C GLN A 1 25.33 0.35 -1.79
N GLU A 2 24.43 1.23 -1.50
CA GLU A 2 24.73 2.56 -1.02
C GLU A 2 24.51 2.65 0.50
N ALA A 3 23.27 2.84 0.89
CA ALA A 3 22.90 2.86 2.28
C ALA A 3 22.34 1.50 2.61
N GLY A 4 21.75 0.89 1.62
CA GLY A 4 21.24 -0.43 1.75
C GLY A 4 20.62 -0.90 0.48
N GLY A 5 19.42 -0.44 0.25
CA GLY A 5 18.66 -0.80 -0.92
C GLY A 5 17.26 -0.28 -0.78
N ARG A 6 16.54 -0.22 -1.87
CA ARG A 6 15.20 0.29 -1.88
C ARG A 6 14.41 -0.32 -3.02
N PRO A 7 13.16 -0.75 -2.76
CA PRO A 7 12.28 -1.26 -3.80
C PRO A 7 11.75 -0.12 -4.64
N GLY A 8 11.12 -0.43 -5.74
CA GLY A 8 10.75 0.58 -6.68
C GLY A 8 9.34 1.02 -6.54
N ALA A 9 8.91 1.28 -5.33
CA ALA A 9 7.58 1.74 -5.09
C ALA A 9 7.45 2.35 -3.73
N ASP A 10 6.29 2.91 -3.52
CA ASP A 10 5.86 3.58 -2.31
C ASP A 10 4.54 4.16 -2.72
N CYS A 11 3.41 3.60 -2.21
CA CYS A 11 2.03 3.93 -2.72
C CYS A 11 1.80 3.18 -4.06
N GLU A 12 2.79 3.31 -4.92
CA GLU A 12 2.94 2.68 -6.24
C GLU A 12 3.04 1.15 -6.22
N VAL A 13 2.88 0.53 -5.02
CA VAL A 13 2.98 -0.95 -4.76
C VAL A 13 2.38 -1.80 -5.92
N CYS A 14 1.37 -1.26 -6.59
CA CYS A 14 0.75 -1.88 -7.75
C CYS A 14 1.80 -2.30 -8.81
N LYS A 15 2.83 -1.45 -9.02
CA LYS A 15 3.91 -1.71 -9.99
C LYS A 15 4.60 -3.05 -9.77
N GLU A 16 5.00 -3.32 -8.55
CA GLU A 16 5.80 -4.50 -8.25
C GLU A 16 5.00 -5.76 -8.51
N PHE A 17 3.77 -5.72 -8.12
CA PHE A 17 2.84 -6.82 -8.33
C PHE A 17 2.54 -7.00 -9.82
N LEU A 18 2.19 -5.91 -10.49
CA LEU A 18 1.78 -5.96 -11.89
C LEU A 18 2.92 -6.33 -12.85
N ASN A 19 4.14 -5.94 -12.54
CA ASN A 19 5.27 -6.33 -13.39
C ASN A 19 5.62 -7.79 -13.18
N ARG A 20 5.48 -8.26 -11.95
CA ARG A 20 5.68 -9.64 -11.63
C ARG A 20 4.58 -10.46 -12.30
N PHE A 21 3.42 -9.85 -12.39
CA PHE A 21 2.27 -10.41 -13.03
C PHE A 21 2.51 -10.59 -14.52
N TYR A 22 3.04 -9.57 -15.18
CA TYR A 22 3.37 -9.68 -16.60
C TYR A 22 4.29 -10.85 -16.88
N LYS A 23 5.20 -11.12 -15.96
CA LYS A 23 6.06 -12.27 -16.12
C LYS A 23 5.27 -13.56 -16.04
N SER A 24 4.24 -13.61 -15.26
CA SER A 24 3.49 -14.86 -15.08
C SER A 24 2.77 -15.20 -16.39
N LEU A 25 2.50 -14.16 -17.13
CA LEU A 25 1.93 -14.25 -18.43
C LEU A 25 2.98 -14.77 -19.43
N ILE A 26 4.09 -14.06 -19.52
CA ILE A 26 5.17 -14.38 -20.46
C ILE A 26 5.82 -15.73 -20.16
N ASP A 27 6.07 -15.96 -18.89
CA ASP A 27 6.83 -17.13 -18.40
C ASP A 27 6.07 -18.42 -18.59
N ARG A 28 4.78 -18.34 -18.43
CA ARG A 28 3.94 -19.49 -18.53
C ARG A 28 3.33 -19.63 -19.93
N GLY A 29 3.55 -18.63 -20.75
CA GLY A 29 3.04 -18.64 -22.10
C GLY A 29 1.54 -18.44 -22.15
N VAL A 30 1.06 -17.51 -21.37
CA VAL A 30 -0.35 -17.24 -21.29
C VAL A 30 -0.75 -16.21 -22.32
N ASN A 31 -1.86 -16.47 -22.98
CA ASN A 31 -2.42 -15.60 -23.98
C ASN A 31 -2.81 -14.26 -23.40
N PHE A 32 -2.28 -13.23 -23.97
CA PHE A 32 -2.46 -11.91 -23.53
C PHE A 32 -3.75 -11.37 -24.12
N SER A 33 -4.78 -11.44 -23.36
CA SER A 33 -6.06 -10.93 -23.75
C SER A 33 -6.71 -10.20 -22.67
N LEU A 34 -7.60 -9.35 -23.09
CA LEU A 34 -8.48 -8.57 -22.29
C LEU A 34 -9.17 -9.51 -21.31
N ASP A 35 -9.72 -10.57 -21.87
CA ASP A 35 -10.51 -11.52 -21.11
C ASP A 35 -9.61 -12.44 -20.30
N THR A 36 -8.58 -12.95 -20.93
CA THR A 36 -7.68 -13.89 -20.32
C THR A 36 -6.92 -13.28 -19.12
N ILE A 37 -6.53 -12.02 -19.24
CA ILE A 37 -5.83 -11.35 -18.16
C ILE A 37 -6.79 -11.08 -16.99
N GLU A 38 -8.06 -10.91 -17.31
CA GLU A 38 -9.11 -10.69 -16.30
C GLU A 38 -9.29 -11.96 -15.46
N LYS A 39 -8.80 -13.08 -15.96
CA LYS A 39 -8.78 -14.30 -15.20
C LYS A 39 -7.50 -14.40 -14.39
N GLU A 40 -6.37 -14.28 -15.10
CA GLU A 40 -5.07 -14.42 -14.48
C GLU A 40 -4.76 -13.41 -13.38
N LEU A 41 -5.34 -12.23 -13.47
CA LEU A 41 -5.10 -11.21 -12.45
C LEU A 41 -5.68 -11.68 -11.09
N ILE A 42 -6.77 -12.45 -11.15
CA ILE A 42 -7.39 -13.02 -9.98
C ILE A 42 -6.57 -14.24 -9.49
N SER A 43 -6.18 -15.13 -10.39
CA SER A 43 -5.43 -16.32 -10.01
C SER A 43 -4.03 -15.99 -9.53
N PHE A 44 -3.42 -14.97 -10.08
CA PHE A 44 -2.11 -14.52 -9.67
C PHE A 44 -2.16 -13.98 -8.24
N CYS A 45 -3.34 -13.59 -7.83
CA CYS A 45 -3.56 -13.07 -6.51
C CYS A 45 -3.48 -14.18 -5.46
N LEU A 46 -3.50 -15.45 -5.89
CA LEU A 46 -3.39 -16.61 -4.96
C LEU A 46 -2.10 -16.57 -4.17
N ASP A 47 -1.15 -15.83 -4.65
CA ASP A 47 0.13 -15.72 -4.02
C ASP A 47 0.10 -14.73 -2.85
N THR A 48 -0.77 -13.77 -2.93
CA THR A 48 -0.70 -12.61 -2.10
C THR A 48 -0.85 -12.84 -0.62
N LYS A 49 -0.24 -11.95 0.07
CA LYS A 49 -0.20 -11.91 1.49
C LYS A 49 0.11 -10.48 1.86
N GLY A 50 0.12 -10.17 3.14
CA GLY A 50 0.54 -8.85 3.61
C GLY A 50 -0.24 -7.68 3.02
N LYS A 51 0.48 -6.79 2.37
CA LYS A 51 -0.10 -5.57 1.82
C LYS A 51 -0.54 -5.83 0.41
N GLU A 52 0.10 -6.78 -0.17
CA GLU A 52 -0.10 -7.22 -1.54
C GLU A 52 -1.47 -7.87 -1.63
N ASN A 53 -1.81 -8.56 -0.57
CA ASN A 53 -3.13 -9.17 -0.42
C ASN A 53 -4.23 -8.08 -0.44
N ARG A 54 -3.95 -6.96 0.22
CA ARG A 54 -4.84 -5.82 0.27
C ARG A 54 -4.86 -5.14 -1.10
N LEU A 55 -3.72 -5.16 -1.77
CA LEU A 55 -3.57 -4.63 -3.11
C LEU A 55 -4.56 -5.29 -4.03
N CYS A 56 -4.65 -6.61 -3.92
CA CYS A 56 -5.65 -7.42 -4.65
C CYS A 56 -7.05 -6.88 -4.50
N TYR A 57 -7.38 -6.49 -3.29
CA TYR A 57 -8.68 -5.93 -2.98
C TYR A 57 -8.91 -4.64 -3.75
N TYR A 58 -7.87 -3.90 -3.98
CA TYR A 58 -7.99 -2.71 -4.73
C TYR A 58 -7.91 -2.97 -6.22
N LEU A 59 -7.18 -3.99 -6.60
CA LEU A 59 -6.99 -4.33 -8.01
C LEU A 59 -8.08 -5.22 -8.58
N GLY A 60 -9.08 -5.51 -7.78
CA GLY A 60 -10.23 -6.26 -8.29
C GLY A 60 -9.97 -7.74 -8.37
N ALA A 61 -9.01 -8.21 -7.62
CA ALA A 61 -8.66 -9.61 -7.64
C ALA A 61 -9.41 -10.39 -6.57
N THR A 62 -10.29 -9.71 -5.89
CA THR A 62 -11.10 -10.28 -4.86
C THR A 62 -12.56 -10.08 -5.17
N LYS A 63 -13.43 -10.82 -4.51
CA LYS A 63 -14.88 -10.72 -4.76
C LYS A 63 -15.50 -9.63 -3.93
N ASP A 64 -14.64 -8.97 -3.24
CA ASP A 64 -15.00 -7.92 -2.30
C ASP A 64 -14.59 -6.58 -2.88
N ALA A 65 -14.09 -6.62 -4.08
CA ALA A 65 -13.54 -5.44 -4.69
C ALA A 65 -14.61 -4.65 -5.42
N ALA A 66 -14.91 -3.49 -4.90
CA ALA A 66 -15.85 -2.57 -5.53
C ALA A 66 -15.06 -1.40 -6.12
N THR A 67 -13.77 -1.61 -6.22
CA THR A 67 -12.77 -0.63 -6.64
C THR A 67 -12.75 -0.42 -8.18
N LYS A 68 -13.84 -0.78 -8.82
CA LYS A 68 -14.05 -0.67 -10.28
C LYS A 68 -13.12 -1.60 -11.08
N ILE A 69 -11.93 -1.10 -11.45
CA ILE A 69 -10.87 -1.87 -12.14
C ILE A 69 -11.13 -2.19 -13.60
N LEU A 70 -12.38 -2.34 -13.94
CA LEU A 70 -12.86 -2.73 -15.26
C LEU A 70 -12.14 -2.04 -16.45
N SER A 71 -11.90 -0.77 -16.35
CA SER A 71 -11.20 -0.06 -17.39
C SER A 71 -9.90 0.51 -16.87
N GLU A 72 -9.63 0.25 -15.63
CA GLU A 72 -8.51 0.84 -14.96
C GLU A 72 -7.26 -0.01 -15.05
N VAL A 73 -7.34 -1.30 -14.80
CA VAL A 73 -6.10 -2.12 -14.80
C VAL A 73 -6.06 -3.20 -15.90
N THR A 74 -6.97 -4.15 -15.88
CA THR A 74 -6.96 -5.23 -16.85
C THR A 74 -7.09 -4.73 -18.29
N ARG A 75 -8.07 -3.85 -18.52
CA ARG A 75 -8.33 -3.28 -19.85
C ARG A 75 -7.07 -2.61 -20.47
N PRO A 76 -6.37 -1.66 -19.78
CA PRO A 76 -5.15 -1.06 -20.34
C PRO A 76 -3.99 -2.08 -20.46
N MET A 77 -3.84 -2.95 -19.46
CA MET A 77 -2.73 -3.91 -19.42
C MET A 77 -2.82 -4.99 -20.49
N SER A 78 -3.89 -5.01 -21.24
CA SER A 78 -4.03 -5.95 -22.31
C SER A 78 -3.99 -5.24 -23.68
N VAL A 79 -3.83 -3.92 -23.67
CA VAL A 79 -3.83 -3.15 -24.91
C VAL A 79 -2.52 -2.30 -25.00
N HIS A 80 -1.42 -2.91 -24.56
CA HIS A 80 -0.05 -2.30 -24.62
C HIS A 80 0.09 -1.11 -23.67
N MET A 81 -0.41 -1.29 -22.47
CA MET A 81 -0.35 -0.31 -21.40
C MET A 81 0.45 -0.80 -20.19
N PRO A 82 1.75 -0.90 -20.35
CA PRO A 82 2.67 -1.51 -19.37
C PRO A 82 2.49 -0.94 -17.96
N ALA A 83 2.78 -1.79 -16.98
CA ALA A 83 2.58 -1.55 -15.54
C ALA A 83 3.23 -0.27 -14.99
N MET A 84 4.09 0.35 -15.76
CA MET A 84 4.84 1.50 -15.29
C MET A 84 4.00 2.75 -15.35
N LYS A 85 3.03 2.75 -16.23
CA LYS A 85 2.23 3.91 -16.41
C LYS A 85 0.84 3.70 -15.78
N ILE A 86 0.65 2.51 -15.25
CA ILE A 86 -0.63 2.14 -14.69
C ILE A 86 -0.87 2.87 -13.39
N CYS A 87 0.05 2.75 -12.46
CA CYS A 87 -0.06 3.39 -11.14
C CYS A 87 -0.11 4.93 -11.26
N GLU A 88 0.55 5.44 -12.28
CA GLU A 88 0.57 6.84 -12.62
C GLU A 88 -0.84 7.34 -12.89
N LYS A 89 -1.52 6.68 -13.81
CA LYS A 89 -2.80 7.12 -14.25
C LYS A 89 -3.94 6.66 -13.34
N LEU A 90 -3.73 5.50 -12.73
CA LEU A 90 -4.68 4.88 -11.82
C LEU A 90 -5.11 5.77 -10.70
N LYS A 91 -4.18 6.42 -10.05
CA LYS A 91 -4.50 7.22 -8.87
C LYS A 91 -5.35 8.42 -9.16
N LYS A 92 -5.33 8.84 -10.39
CA LYS A 92 -6.16 9.95 -10.85
C LYS A 92 -7.60 9.50 -11.04
N LEU A 93 -7.80 8.20 -10.98
CA LEU A 93 -9.11 7.61 -11.13
C LEU A 93 -9.50 6.99 -9.77
N ASP A 94 -8.53 6.34 -9.14
CA ASP A 94 -8.71 5.71 -7.87
C ASP A 94 -7.48 5.95 -7.01
N SER A 95 -7.63 6.68 -5.94
CA SER A 95 -6.54 6.98 -5.05
C SER A 95 -6.52 6.01 -3.84
N GLN A 96 -7.48 5.07 -3.79
CA GLN A 96 -7.63 4.19 -2.64
C GLN A 96 -6.47 3.21 -2.57
N ILE A 97 -5.94 2.89 -3.73
CA ILE A 97 -4.77 2.00 -3.88
C ILE A 97 -3.54 2.58 -3.14
N CYS A 98 -3.55 3.90 -2.92
CA CYS A 98 -2.40 4.60 -2.33
C CYS A 98 -2.34 4.38 -0.80
N GLU A 99 -3.27 3.58 -0.28
CA GLU A 99 -3.27 3.17 1.13
C GLU A 99 -2.02 2.35 1.42
N LEU A 100 -1.57 1.68 0.41
CA LEU A 100 -0.54 0.73 0.55
C LEU A 100 0.82 1.34 0.57
N LYS A 101 1.24 1.60 1.73
CA LYS A 101 2.55 2.03 2.00
C LYS A 101 2.83 1.80 3.45
N TYR A 102 2.58 2.83 4.25
CA TYR A 102 2.81 2.97 5.73
C TYR A 102 4.19 2.49 6.28
N GLU A 103 4.91 1.89 5.42
CA GLU A 103 6.21 1.39 5.60
C GLU A 103 6.47 0.49 6.74
N LYS A 104 7.25 0.92 7.61
CA LYS A 104 7.71 0.09 8.71
C LYS A 104 8.54 0.91 9.70
N THR A 105 8.50 0.48 10.96
CA THR A 105 9.29 0.98 12.05
C THR A 105 9.07 2.49 12.43
N LEU A 106 9.00 2.73 13.76
CA LEU A 106 8.80 4.06 14.35
C LEU A 106 9.88 5.05 13.88
N ASP A 107 9.44 6.14 13.35
CA ASP A 107 10.24 7.16 12.79
C ASP A 107 10.64 8.22 13.79
N LEU A 108 11.60 7.87 14.62
CA LEU A 108 12.16 8.80 15.59
C LEU A 108 13.00 9.89 14.92
N ALA A 109 13.20 9.76 13.63
CA ALA A 109 13.93 10.76 12.86
C ALA A 109 12.96 11.82 12.37
N SER A 110 11.69 11.51 12.46
CA SER A 110 10.63 12.37 12.05
C SER A 110 10.09 13.16 13.23
N VAL A 111 10.29 12.62 14.40
CA VAL A 111 9.74 13.18 15.58
C VAL A 111 10.81 13.58 16.55
N ASP A 112 10.57 14.64 17.26
CA ASP A 112 11.51 15.13 18.20
C ASP A 112 11.09 14.68 19.55
N LEU A 113 12.03 14.27 20.28
CA LEU A 113 11.86 13.73 21.59
C LEU A 113 11.50 14.83 22.62
N ARG A 114 11.83 16.07 22.32
CA ARG A 114 11.55 17.15 23.24
C ARG A 114 10.08 17.55 23.14
N LYS A 115 9.47 17.34 21.95
CA LYS A 115 8.12 17.57 21.71
C LYS A 115 7.28 16.67 22.60
N MET A 116 7.61 15.41 22.51
CA MET A 116 6.79 14.37 23.00
C MET A 116 6.41 14.41 24.46
N ARG A 117 5.20 14.04 24.67
CA ARG A 117 4.51 14.07 25.89
C ARG A 117 4.70 12.75 26.49
N VAL A 118 5.11 12.70 27.71
CA VAL A 118 5.54 11.51 28.40
C VAL A 118 4.61 10.32 28.20
N ALA A 119 3.34 10.61 28.13
CA ALA A 119 2.28 9.64 27.82
C ALA A 119 2.60 8.85 26.54
N GLU A 120 3.00 9.58 25.48
CA GLU A 120 3.39 8.98 24.20
C GLU A 120 4.56 8.04 24.45
N LEU A 121 5.52 8.58 25.14
CA LEU A 121 6.75 7.89 25.52
C LEU A 121 6.49 6.67 26.41
N LYS A 122 5.49 6.77 27.29
CA LYS A 122 5.09 5.67 28.08
C LYS A 122 4.51 4.55 27.23
N GLN A 123 3.76 4.91 26.22
CA GLN A 123 3.27 3.93 25.25
C GLN A 123 4.45 3.27 24.54
N ILE A 124 5.43 4.10 24.16
CA ILE A 124 6.65 3.66 23.50
C ILE A 124 7.39 2.60 24.31
N LEU A 125 7.55 2.84 25.61
CA LEU A 125 8.29 1.90 26.47
C LEU A 125 7.62 0.52 26.46
N HIS A 126 6.31 0.52 26.41
CA HIS A 126 5.53 -0.70 26.43
C HIS A 126 5.58 -1.34 25.05
N SER A 127 5.60 -0.49 24.05
CA SER A 127 5.72 -0.92 22.68
C SER A 127 7.09 -1.53 22.45
N TRP A 128 8.08 -1.11 23.23
CA TRP A 128 9.38 -1.71 23.14
C TRP A 128 9.66 -2.58 24.36
N GLY A 129 8.58 -3.15 24.94
CA GLY A 129 8.64 -4.12 26.06
C GLY A 129 9.77 -3.90 27.09
N GLU A 130 10.14 -2.65 27.34
CA GLU A 130 11.29 -2.38 28.15
C GLU A 130 11.03 -1.55 29.42
N GLU A 131 12.10 -1.01 29.96
CA GLU A 131 12.12 -0.41 31.29
C GLU A 131 11.51 1.00 31.37
N CYS A 132 11.57 1.52 32.59
CA CYS A 132 11.07 2.82 32.96
C CYS A 132 11.95 3.16 34.17
N ARG A 133 12.62 4.30 34.19
CA ARG A 133 13.58 4.57 35.26
C ARG A 133 13.02 5.45 36.37
N ALA A 134 12.97 6.74 36.15
CA ALA A 134 12.29 7.63 37.09
C ALA A 134 10.96 7.92 36.47
N CYS A 135 11.06 8.14 35.19
CA CYS A 135 10.00 8.27 34.23
C CYS A 135 8.79 9.10 34.65
N ALA A 136 9.10 10.29 35.05
CA ALA A 136 8.15 11.29 35.42
C ALA A 136 8.04 12.24 34.27
N GLU A 137 9.18 12.64 33.85
CA GLU A 137 9.44 13.59 32.85
C GLU A 137 9.69 12.89 31.56
N LYS A 138 9.70 13.64 30.50
CA LYS A 138 9.98 13.09 29.22
C LYS A 138 11.45 12.83 29.10
N THR A 139 12.23 13.60 29.85
CA THR A 139 13.67 13.59 29.80
C THR A 139 14.22 12.18 30.08
N ASP A 140 13.58 11.50 31.03
CA ASP A 140 13.89 10.10 31.38
C ASP A 140 13.80 9.25 30.14
N TYR A 141 12.69 9.42 29.47
CA TYR A 141 12.39 8.68 28.30
C TYR A 141 13.25 9.09 27.13
N VAL A 142 13.55 10.36 27.02
CA VAL A 142 14.39 10.85 25.94
C VAL A 142 15.74 10.15 25.99
N ASN A 143 16.31 10.07 27.17
CA ASN A 143 17.57 9.33 27.35
C ASN A 143 17.41 7.85 26.99
N LEU A 144 16.29 7.31 27.39
CA LEU A 144 16.01 5.89 27.28
C LEU A 144 15.75 5.53 25.82
N ILE A 145 14.96 6.32 25.19
CA ILE A 145 14.55 6.14 23.84
C ILE A 145 15.73 6.28 22.87
N GLN A 146 16.64 7.19 23.14
CA GLN A 146 17.80 7.36 22.28
C GLN A 146 18.79 6.19 22.43
N GLU A 147 18.98 5.70 23.65
CA GLU A 147 19.91 4.58 23.85
C GLU A 147 19.31 3.28 23.30
N LEU A 148 17.99 3.19 23.36
CA LEU A 148 17.29 2.03 22.86
C LEU A 148 16.82 2.26 21.42
N ALA A 149 17.22 3.35 20.84
CA ALA A 149 16.86 3.67 19.47
C ALA A 149 17.43 2.65 18.47
N PRO A 150 18.78 2.36 18.44
CA PRO A 150 19.35 1.38 17.48
C PRO A 150 18.85 -0.06 17.76
N LYS A 151 18.12 -0.21 18.84
CA LYS A 151 17.52 -1.44 19.25
C LYS A 151 16.20 -1.69 18.50
N TYR A 152 15.46 -0.61 18.18
CA TYR A 152 14.15 -0.76 17.60
C TYR A 152 13.90 0.17 16.41
N ALA A 153 14.53 1.32 16.40
CA ALA A 153 14.25 2.38 15.43
C ALA A 153 14.98 2.18 14.11
N ALA A 154 15.17 0.95 13.76
CA ALA A 154 15.77 0.61 12.49
C ALA A 154 14.73 0.74 11.38
N THR A 155 14.48 1.97 11.02
CA THR A 155 13.55 2.26 9.99
C THR A 155 14.28 2.61 8.73
N HIS A 156 14.10 1.73 7.73
CA HIS A 156 14.74 1.81 6.44
C HIS A 156 16.26 1.50 6.61
N PRO A 157 16.96 1.13 5.54
CA PRO A 157 18.39 0.95 5.59
C PRO A 157 19.08 2.29 5.86
N LYS A 158 19.21 2.55 7.12
CA LYS A 158 19.80 3.74 7.63
C LYS A 158 21.10 3.41 8.33
N THR A 159 21.84 4.42 8.62
CA THR A 159 23.02 4.29 9.40
C THR A 159 22.69 4.72 10.82
N GLU A 160 23.44 4.24 11.79
CA GLU A 160 23.22 4.59 13.15
C GLU A 160 24.13 5.75 13.56
N LEU A 161 24.52 6.43 12.57
CA LEU A 161 25.34 7.58 12.60
C LEU A 161 24.91 8.37 11.39
N GLN A 1 15.65 5.05 1.69
CA GLN A 1 15.85 4.14 0.54
C GLN A 1 15.23 2.77 0.86
N GLU A 2 14.28 2.77 1.77
CA GLU A 2 13.73 1.57 2.33
C GLU A 2 12.22 1.76 2.58
N ALA A 3 11.88 2.61 3.52
CA ALA A 3 10.51 2.92 3.83
C ALA A 3 10.16 4.14 3.04
N GLY A 4 11.14 5.01 2.92
CA GLY A 4 11.02 6.18 2.14
C GLY A 4 11.92 6.08 0.93
N GLY A 5 11.36 6.30 -0.22
CA GLY A 5 12.10 6.22 -1.45
C GLY A 5 11.18 6.51 -2.59
N ARG A 6 11.69 6.49 -3.79
CA ARG A 6 10.88 6.77 -4.94
C ARG A 6 11.38 6.02 -6.16
N PRO A 7 10.47 5.36 -6.88
CA PRO A 7 10.79 4.59 -8.05
C PRO A 7 10.62 5.40 -9.34
N GLY A 8 10.49 4.70 -10.46
CA GLY A 8 10.30 5.31 -11.79
C GLY A 8 8.91 5.91 -12.00
N ALA A 9 8.28 6.30 -10.93
CA ALA A 9 6.95 6.82 -10.96
C ALA A 9 6.63 7.50 -9.67
N ASP A 10 5.48 8.07 -9.64
CA ASP A 10 4.94 8.75 -8.50
C ASP A 10 3.89 7.82 -7.87
N CYS A 11 4.13 6.56 -8.00
CA CYS A 11 3.21 5.55 -7.55
C CYS A 11 3.97 4.47 -6.81
N GLU A 12 3.41 3.99 -5.71
CA GLU A 12 4.03 2.96 -4.92
C GLU A 12 3.50 1.53 -5.21
N VAL A 13 2.33 1.18 -4.65
CA VAL A 13 1.81 -0.19 -4.72
C VAL A 13 1.52 -0.65 -6.15
N CYS A 14 0.66 0.07 -6.86
CA CYS A 14 0.30 -0.26 -8.26
C CYS A 14 1.54 -0.43 -9.15
N LYS A 15 2.52 0.44 -8.92
CA LYS A 15 3.75 0.52 -9.73
C LYS A 15 4.46 -0.82 -9.77
N GLU A 16 4.44 -1.55 -8.67
CA GLU A 16 5.19 -2.77 -8.64
C GLU A 16 4.29 -3.99 -8.58
N PHE A 17 3.11 -3.86 -8.01
CA PHE A 17 2.19 -4.99 -7.96
C PHE A 17 1.78 -5.41 -9.37
N LEU A 18 1.33 -4.46 -10.17
CA LEU A 18 0.90 -4.77 -11.53
C LEU A 18 2.11 -5.11 -12.38
N ASN A 19 3.25 -4.66 -11.94
CA ASN A 19 4.50 -4.92 -12.61
C ASN A 19 4.88 -6.36 -12.37
N ARG A 20 4.70 -6.79 -11.13
CA ARG A 20 4.95 -8.15 -10.72
C ARG A 20 4.00 -9.06 -11.46
N PHE A 21 2.81 -8.57 -11.67
CA PHE A 21 1.79 -9.29 -12.35
C PHE A 21 2.16 -9.51 -13.80
N TYR A 22 2.64 -8.45 -14.47
CA TYR A 22 3.08 -8.55 -15.86
C TYR A 22 4.14 -9.63 -16.03
N LYS A 23 5.02 -9.70 -15.06
CA LYS A 23 6.11 -10.67 -15.06
C LYS A 23 5.54 -12.08 -15.08
N SER A 24 4.48 -12.33 -14.30
CA SER A 24 3.94 -13.61 -14.11
C SER A 24 3.22 -14.08 -15.36
N LEU A 25 2.74 -13.13 -16.13
CA LEU A 25 2.15 -13.36 -17.41
C LEU A 25 3.20 -13.94 -18.35
N ILE A 26 4.39 -13.43 -18.24
CA ILE A 26 5.49 -13.85 -19.06
C ILE A 26 6.08 -15.15 -18.51
N ASP A 27 6.19 -15.23 -17.20
CA ASP A 27 6.78 -16.38 -16.49
C ASP A 27 6.00 -17.66 -16.72
N ARG A 28 4.69 -17.55 -16.64
CA ARG A 28 3.86 -18.72 -16.72
C ARG A 28 3.35 -18.96 -18.14
N GLY A 29 3.84 -18.14 -19.07
CA GLY A 29 3.48 -18.28 -20.47
C GLY A 29 2.01 -17.99 -20.71
N VAL A 30 1.58 -16.90 -20.16
CA VAL A 30 0.19 -16.51 -20.23
C VAL A 30 0.00 -15.49 -21.33
N ASN A 31 -1.14 -15.60 -21.97
CA ASN A 31 -1.50 -14.71 -23.05
C ASN A 31 -1.95 -13.37 -22.51
N PHE A 32 -1.69 -12.33 -23.26
CA PHE A 32 -2.09 -11.03 -22.90
C PHE A 32 -3.36 -10.70 -23.66
N SER A 33 -4.45 -10.79 -22.98
CA SER A 33 -5.74 -10.51 -23.56
C SER A 33 -6.68 -9.95 -22.56
N LEU A 34 -7.67 -9.29 -23.09
CA LEU A 34 -8.83 -8.82 -22.39
C LEU A 34 -9.39 -9.92 -21.50
N ASP A 35 -9.48 -11.11 -22.07
CA ASP A 35 -9.98 -12.29 -21.38
C ASP A 35 -8.98 -12.82 -20.39
N THR A 36 -7.83 -13.15 -20.90
CA THR A 36 -6.84 -13.86 -20.16
C THR A 36 -6.29 -13.06 -18.98
N ILE A 37 -6.17 -11.76 -19.14
CA ILE A 37 -5.65 -10.94 -18.08
C ILE A 37 -6.70 -10.68 -17.00
N GLU A 38 -7.97 -10.45 -17.40
CA GLU A 38 -9.11 -10.30 -16.45
C GLU A 38 -9.09 -11.46 -15.46
N LYS A 39 -9.03 -12.64 -16.02
CA LYS A 39 -9.03 -13.85 -15.25
C LYS A 39 -7.79 -14.01 -14.36
N GLU A 40 -6.59 -13.78 -14.91
CA GLU A 40 -5.39 -13.96 -14.11
C GLU A 40 -5.20 -12.86 -13.09
N LEU A 41 -5.81 -11.72 -13.32
CA LEU A 41 -5.71 -10.61 -12.39
C LEU A 41 -6.49 -10.97 -11.11
N ILE A 42 -7.59 -11.71 -11.28
CA ILE A 42 -8.34 -12.25 -10.15
C ILE A 42 -7.50 -13.31 -9.41
N SER A 43 -6.96 -14.26 -10.15
CA SER A 43 -6.20 -15.35 -9.55
C SER A 43 -4.90 -14.89 -8.88
N PHE A 44 -4.24 -13.92 -9.47
CA PHE A 44 -2.99 -13.40 -8.93
C PHE A 44 -3.27 -12.63 -7.64
N CYS A 45 -4.51 -12.31 -7.44
CA CYS A 45 -4.94 -11.61 -6.29
C CYS A 45 -5.57 -12.50 -5.23
N LEU A 46 -5.49 -13.82 -5.39
CA LEU A 46 -6.01 -14.71 -4.35
C LEU A 46 -5.25 -14.54 -3.04
N ASP A 47 -3.97 -14.83 -3.07
CA ASP A 47 -3.10 -14.81 -1.92
C ASP A 47 -2.61 -13.38 -1.59
N THR A 48 -3.50 -12.42 -1.63
CA THR A 48 -3.13 -11.08 -1.38
C THR A 48 -3.34 -10.70 0.07
N LYS A 49 -2.49 -9.86 0.53
CA LYS A 49 -2.50 -9.39 1.88
C LYS A 49 -2.24 -7.89 1.91
N GLY A 50 -2.58 -7.27 3.04
CA GLY A 50 -2.31 -5.85 3.30
C GLY A 50 -2.58 -4.91 2.15
N LYS A 51 -1.50 -4.36 1.58
CA LYS A 51 -1.54 -3.37 0.50
C LYS A 51 -2.22 -3.99 -0.71
N GLU A 52 -1.70 -5.15 -1.07
CA GLU A 52 -2.09 -5.93 -2.24
C GLU A 52 -3.54 -6.29 -2.15
N ASN A 53 -3.92 -6.74 -1.00
CA ASN A 53 -5.30 -7.19 -0.74
C ASN A 53 -6.29 -6.02 -0.97
N ARG A 54 -5.93 -4.82 -0.52
CA ARG A 54 -6.74 -3.62 -0.74
C ARG A 54 -6.72 -3.24 -2.21
N LEU A 55 -5.53 -3.21 -2.78
CA LEU A 55 -5.33 -2.92 -4.19
C LEU A 55 -6.21 -3.80 -5.06
N CYS A 56 -6.11 -5.08 -4.83
CA CYS A 56 -6.89 -6.07 -5.58
C CYS A 56 -8.37 -5.92 -5.37
N TYR A 57 -8.76 -5.31 -4.28
CA TYR A 57 -10.15 -5.04 -4.08
C TYR A 57 -10.58 -3.86 -4.96
N TYR A 58 -9.71 -2.86 -5.04
CA TYR A 58 -9.92 -1.69 -5.89
C TYR A 58 -9.93 -2.13 -7.35
N LEU A 59 -9.14 -3.16 -7.64
CA LEU A 59 -9.02 -3.76 -8.96
C LEU A 59 -9.98 -4.92 -9.12
N GLY A 60 -11.00 -4.97 -8.26
CA GLY A 60 -12.11 -5.96 -8.35
C GLY A 60 -11.69 -7.40 -8.55
N ALA A 61 -10.57 -7.76 -8.00
CA ALA A 61 -9.99 -9.07 -8.18
C ALA A 61 -10.23 -9.96 -6.97
N THR A 62 -10.95 -9.44 -6.04
CA THR A 62 -11.24 -10.16 -4.83
C THR A 62 -12.63 -10.75 -4.88
N LYS A 63 -12.89 -11.71 -3.98
CA LYS A 63 -14.18 -12.41 -3.92
C LYS A 63 -15.24 -11.46 -3.38
N ASP A 64 -14.76 -10.42 -2.75
CA ASP A 64 -15.59 -9.44 -2.08
C ASP A 64 -15.84 -8.28 -3.02
N ALA A 65 -15.57 -8.51 -4.28
CA ALA A 65 -15.71 -7.52 -5.31
C ALA A 65 -16.36 -8.16 -6.52
N ALA A 66 -16.24 -7.53 -7.67
CA ALA A 66 -16.87 -7.98 -8.85
C ALA A 66 -15.96 -7.73 -10.02
N THR A 67 -15.60 -8.81 -10.64
CA THR A 67 -14.83 -8.81 -11.86
C THR A 67 -15.53 -7.99 -12.96
N LYS A 68 -14.72 -7.21 -13.64
CA LYS A 68 -15.17 -6.16 -14.57
C LYS A 68 -13.91 -5.40 -15.04
N ILE A 69 -12.79 -6.03 -14.89
CA ILE A 69 -11.52 -5.35 -14.99
C ILE A 69 -10.98 -5.43 -16.40
N LEU A 70 -11.73 -6.08 -17.24
CA LEU A 70 -11.42 -6.30 -18.64
C LEU A 70 -11.03 -5.02 -19.41
N SER A 71 -11.70 -3.93 -19.16
CA SER A 71 -11.38 -2.71 -19.87
C SER A 71 -10.61 -1.76 -18.97
N GLU A 72 -11.09 -1.66 -17.78
CA GLU A 72 -10.51 -0.87 -16.77
C GLU A 72 -9.31 -1.62 -16.19
N VAL A 73 -8.10 -1.24 -16.62
CA VAL A 73 -6.82 -1.87 -16.23
C VAL A 73 -6.39 -3.02 -17.16
N THR A 74 -7.25 -3.97 -17.42
CA THR A 74 -6.88 -5.11 -18.29
C THR A 74 -6.67 -4.69 -19.76
N ARG A 75 -7.50 -3.79 -20.27
CA ARG A 75 -7.36 -3.36 -21.66
C ARG A 75 -6.02 -2.67 -21.95
N PRO A 76 -5.56 -1.67 -21.12
CA PRO A 76 -4.23 -1.11 -21.28
C PRO A 76 -3.15 -2.21 -21.19
N MET A 77 -3.35 -3.18 -20.29
CA MET A 77 -2.43 -4.31 -20.15
C MET A 77 -2.33 -5.13 -21.43
N SER A 78 -3.46 -5.34 -22.04
CA SER A 78 -3.56 -6.14 -23.25
C SER A 78 -2.97 -5.40 -24.46
N VAL A 79 -2.68 -4.11 -24.33
CA VAL A 79 -2.10 -3.35 -25.43
C VAL A 79 -0.72 -2.80 -25.00
N HIS A 80 -0.02 -3.62 -24.22
CA HIS A 80 1.35 -3.34 -23.73
C HIS A 80 1.48 -1.96 -23.07
N MET A 81 0.82 -1.82 -21.96
CA MET A 81 0.85 -0.63 -21.13
C MET A 81 1.67 -0.73 -19.86
N PRO A 82 2.99 -0.73 -19.97
CA PRO A 82 3.90 -1.05 -18.85
C PRO A 82 3.50 -0.37 -17.52
N ALA A 83 3.63 -1.14 -16.45
CA ALA A 83 3.16 -0.80 -15.08
C ALA A 83 3.79 0.45 -14.47
N MET A 84 4.65 1.11 -15.20
CA MET A 84 5.32 2.26 -14.67
C MET A 84 4.41 3.47 -14.73
N LYS A 85 3.51 3.49 -15.71
CA LYS A 85 2.75 4.72 -15.98
C LYS A 85 1.24 4.53 -16.14
N ILE A 86 0.69 3.50 -15.55
CA ILE A 86 -0.76 3.33 -15.60
C ILE A 86 -1.45 4.10 -14.50
N CYS A 87 -1.15 3.76 -13.26
CA CYS A 87 -1.77 4.41 -12.13
C CYS A 87 -1.31 5.85 -11.95
N GLU A 88 -0.27 6.23 -12.71
CA GLU A 88 0.17 7.61 -12.79
C GLU A 88 -0.96 8.47 -13.33
N LYS A 89 -1.69 7.90 -14.28
CA LYS A 89 -2.80 8.58 -14.91
C LYS A 89 -4.05 8.41 -14.07
N LEU A 90 -4.22 7.24 -13.52
CA LEU A 90 -5.44 6.91 -12.75
C LEU A 90 -5.60 7.73 -11.44
N LYS A 91 -4.49 8.26 -10.91
CA LYS A 91 -4.50 9.04 -9.65
C LYS A 91 -5.35 10.29 -9.67
N LYS A 92 -5.66 10.77 -10.85
CA LYS A 92 -6.52 11.92 -10.99
C LYS A 92 -7.96 11.61 -10.61
N LEU A 93 -8.20 10.36 -10.43
CA LEU A 93 -9.48 9.83 -9.99
C LEU A 93 -9.34 9.29 -8.56
N ASP A 94 -8.36 8.43 -8.37
CA ASP A 94 -8.13 7.78 -7.08
C ASP A 94 -6.63 7.67 -6.79
N SER A 95 -6.22 8.07 -5.59
CA SER A 95 -4.84 8.00 -5.19
C SER A 95 -4.51 6.64 -4.58
N GLN A 96 -5.54 6.04 -3.97
CA GLN A 96 -5.46 4.80 -3.20
C GLN A 96 -4.90 3.61 -4.00
N ILE A 97 -5.18 3.55 -5.28
CA ILE A 97 -4.61 2.51 -6.15
C ILE A 97 -3.05 2.59 -6.15
N CYS A 98 -2.53 3.73 -5.80
CA CYS A 98 -1.11 3.84 -5.61
C CYS A 98 -0.80 3.82 -4.13
N GLU A 99 -1.49 4.68 -3.42
CA GLU A 99 -1.32 4.95 -2.02
C GLU A 99 -1.95 3.84 -1.14
N LEU A 100 -1.13 2.84 -0.80
CA LEU A 100 -1.59 1.69 -0.01
C LEU A 100 -0.48 1.04 0.82
N LYS A 101 0.72 1.65 0.85
CA LYS A 101 1.82 1.10 1.64
C LYS A 101 1.41 0.84 3.07
N TYR A 102 0.93 1.90 3.70
CA TYR A 102 0.30 1.94 5.06
C TYR A 102 1.07 1.18 6.14
N GLU A 103 2.30 0.96 5.84
CA GLU A 103 3.21 0.21 6.67
C GLU A 103 3.61 1.00 7.88
N LYS A 104 3.96 0.28 8.92
CA LYS A 104 4.12 0.89 10.22
C LYS A 104 5.48 0.59 10.81
N THR A 105 6.41 0.26 9.95
CA THR A 105 7.75 -0.03 10.33
C THR A 105 8.44 1.21 10.90
N LEU A 106 8.63 1.20 12.19
CA LEU A 106 9.21 2.31 12.89
C LEU A 106 10.49 1.84 13.56
N ASP A 107 11.51 2.67 13.53
CA ASP A 107 12.81 2.39 14.04
C ASP A 107 12.88 2.55 15.56
N LEU A 108 12.06 1.79 16.25
CA LEU A 108 11.98 1.81 17.71
C LEU A 108 13.28 1.37 18.41
N ALA A 109 14.22 0.93 17.63
CA ALA A 109 15.52 0.53 18.12
C ALA A 109 16.51 1.70 18.05
N SER A 110 16.11 2.72 17.34
CA SER A 110 16.90 3.91 17.18
C SER A 110 16.38 4.96 18.15
N VAL A 111 15.10 4.88 18.42
CA VAL A 111 14.45 5.72 19.33
C VAL A 111 14.61 5.14 20.73
N ASP A 112 14.62 5.99 21.71
CA ASP A 112 14.70 5.50 23.06
C ASP A 112 13.35 5.62 23.66
N LEU A 113 12.72 4.50 23.82
CA LEU A 113 11.37 4.37 24.30
C LEU A 113 11.13 5.10 25.63
N ARG A 114 12.15 5.19 26.43
CA ARG A 114 11.98 5.78 27.74
C ARG A 114 12.20 7.31 27.71
N LYS A 115 12.95 7.81 26.74
CA LYS A 115 13.24 9.21 26.63
C LYS A 115 12.22 9.92 25.74
N MET A 116 11.56 9.14 24.89
CA MET A 116 10.64 9.65 23.92
C MET A 116 9.39 10.26 24.58
N ARG A 117 8.49 10.73 23.80
CA ARG A 117 7.42 11.53 24.26
C ARG A 117 6.12 10.82 24.04
N VAL A 118 5.34 10.68 25.08
CA VAL A 118 4.08 9.99 25.08
C VAL A 118 3.15 10.45 23.94
N ALA A 119 3.24 11.71 23.65
CA ALA A 119 2.52 12.37 22.56
C ALA A 119 2.77 11.65 21.24
N GLU A 120 4.03 11.33 20.97
CA GLU A 120 4.41 10.59 19.76
C GLU A 120 3.72 9.27 19.80
N LEU A 121 3.89 8.61 20.91
CA LEU A 121 3.29 7.33 21.19
C LEU A 121 1.78 7.35 21.03
N LYS A 122 1.13 8.45 21.41
CA LYS A 122 -0.25 8.60 21.20
C LYS A 122 -0.60 8.53 19.70
N GLN A 123 0.16 9.18 18.83
CA GLN A 123 -0.07 9.06 17.41
C GLN A 123 0.28 7.65 16.93
N ILE A 124 1.37 7.10 17.47
CA ILE A 124 1.85 5.74 17.14
C ILE A 124 0.74 4.71 17.36
N LEU A 125 0.10 4.76 18.52
CA LEU A 125 -0.91 3.76 18.88
C LEU A 125 -2.10 3.82 17.90
N HIS A 126 -2.41 5.00 17.44
CA HIS A 126 -3.51 5.19 16.51
C HIS A 126 -3.08 4.78 15.12
N SER A 127 -1.81 4.95 14.85
CA SER A 127 -1.23 4.54 13.61
C SER A 127 -1.19 3.03 13.54
N TRP A 128 -1.06 2.38 14.70
CA TRP A 128 -1.08 0.95 14.74
C TRP A 128 -2.38 0.43 15.35
N GLY A 129 -3.49 1.19 15.15
CA GLY A 129 -4.85 0.77 15.60
C GLY A 129 -4.86 -0.08 16.87
N GLU A 130 -4.13 0.33 17.87
CA GLU A 130 -3.94 -0.50 19.04
C GLU A 130 -4.74 -0.05 20.26
N GLU A 131 -4.45 -0.66 21.38
CA GLU A 131 -5.12 -0.48 22.61
C GLU A 131 -4.64 0.79 23.33
N CYS A 132 -5.16 0.95 24.51
CA CYS A 132 -4.77 1.97 25.46
C CYS A 132 -4.83 1.25 26.79
N ARG A 133 -4.26 0.02 26.77
CA ARG A 133 -4.24 -0.91 27.89
C ARG A 133 -3.57 -0.28 29.11
N ALA A 134 -2.56 0.51 28.83
CA ALA A 134 -1.84 1.23 29.82
C ALA A 134 -1.51 2.57 29.23
N CYS A 135 -2.04 3.61 29.79
CA CYS A 135 -1.83 4.94 29.26
C CYS A 135 -1.62 5.93 30.38
N ALA A 136 -0.38 6.11 30.72
CA ALA A 136 0.00 7.06 31.71
C ALA A 136 1.31 7.70 31.31
N GLU A 137 2.40 6.97 31.42
CA GLU A 137 3.66 7.49 31.01
C GLU A 137 4.07 6.89 29.69
N LYS A 138 5.31 7.15 29.28
CA LYS A 138 5.82 6.66 28.03
C LYS A 138 5.87 5.19 28.13
N THR A 139 6.38 4.73 29.27
CA THR A 139 6.59 3.32 29.54
C THR A 139 5.30 2.54 29.39
N ASP A 140 4.18 3.16 29.78
CA ASP A 140 2.86 2.53 29.60
C ASP A 140 2.61 2.19 28.15
N TYR A 141 2.84 3.17 27.29
CA TYR A 141 2.64 3.02 25.86
C TYR A 141 3.70 2.10 25.29
N VAL A 142 4.92 2.29 25.77
CA VAL A 142 6.09 1.52 25.35
C VAL A 142 5.86 0.04 25.46
N ASN A 143 5.46 -0.42 26.64
CA ASN A 143 5.19 -1.85 26.90
C ASN A 143 4.25 -2.47 25.85
N LEU A 144 3.22 -1.72 25.50
CA LEU A 144 2.22 -2.15 24.53
C LEU A 144 2.84 -2.14 23.13
N ILE A 145 3.55 -1.08 22.86
CA ILE A 145 4.25 -0.89 21.61
C ILE A 145 5.27 -2.03 21.34
N GLN A 146 5.94 -2.50 22.36
CA GLN A 146 6.94 -3.55 22.24
C GLN A 146 6.34 -4.87 21.74
N GLU A 147 5.21 -5.27 22.32
CA GLU A 147 4.58 -6.53 21.94
C GLU A 147 3.92 -6.42 20.57
N LEU A 148 3.52 -5.23 20.23
CA LEU A 148 2.84 -4.97 18.98
C LEU A 148 3.79 -4.59 17.88
N ALA A 149 5.04 -4.36 18.23
CA ALA A 149 6.06 -3.98 17.27
C ALA A 149 6.17 -4.95 16.09
N PRO A 150 6.39 -6.28 16.29
CA PRO A 150 6.50 -7.22 15.16
C PRO A 150 5.16 -7.46 14.48
N LYS A 151 4.10 -6.95 15.07
CA LYS A 151 2.76 -7.15 14.57
C LYS A 151 2.39 -6.02 13.59
N TYR A 152 3.04 -4.87 13.71
CA TYR A 152 2.73 -3.74 12.85
C TYR A 152 3.96 -3.24 12.10
N ALA A 153 5.08 -3.22 12.76
CA ALA A 153 6.32 -2.74 12.18
C ALA A 153 7.05 -3.86 11.52
N ALA A 154 6.64 -5.08 11.88
CA ALA A 154 7.31 -6.31 11.51
C ALA A 154 8.67 -6.34 12.23
N THR A 155 9.61 -7.04 11.69
CA THR A 155 10.91 -7.17 12.26
C THR A 155 11.81 -7.82 11.23
N HIS A 156 13.12 -7.77 11.47
CA HIS A 156 14.14 -8.28 10.57
C HIS A 156 14.22 -7.44 9.28
N PRO A 157 15.34 -7.52 8.55
CA PRO A 157 15.54 -6.81 7.27
C PRO A 157 14.69 -7.41 6.13
N LYS A 158 13.42 -7.55 6.36
CA LYS A 158 12.52 -8.07 5.46
C LYS A 158 11.33 -7.16 5.36
N THR A 159 10.63 -7.25 4.28
CA THR A 159 9.42 -6.49 4.08
C THR A 159 8.29 -7.48 3.98
N GLU A 160 7.18 -7.06 3.37
CA GLU A 160 6.08 -7.93 3.06
C GLU A 160 6.42 -8.87 1.93
N LEU A 161 7.57 -8.67 1.47
CA LEU A 161 8.22 -9.42 0.49
C LEU A 161 9.47 -9.93 1.18
N GLN A 1 19.71 -2.03 -14.03
CA GLN A 1 19.03 -3.04 -14.87
C GLN A 1 18.27 -3.92 -13.93
N GLU A 2 19.04 -4.58 -13.17
CA GLU A 2 18.67 -5.36 -12.03
C GLU A 2 18.10 -4.39 -10.99
N ALA A 3 18.86 -3.33 -10.75
CA ALA A 3 18.40 -2.22 -9.98
C ALA A 3 17.53 -1.42 -10.93
N GLY A 4 16.30 -1.25 -10.56
CA GLY A 4 15.36 -0.61 -11.44
C GLY A 4 14.38 -1.64 -11.96
N GLY A 5 14.80 -2.92 -11.86
CA GLY A 5 13.95 -4.02 -12.25
C GLY A 5 12.73 -4.07 -11.37
N ARG A 6 12.95 -3.75 -10.14
CA ARG A 6 11.90 -3.55 -9.21
C ARG A 6 12.02 -2.09 -8.75
N PRO A 7 11.01 -1.29 -8.97
CA PRO A 7 11.04 0.11 -8.66
C PRO A 7 10.28 0.47 -7.37
N GLY A 8 10.05 1.74 -7.22
CA GLY A 8 9.28 2.27 -6.14
C GLY A 8 9.42 3.76 -6.13
N ALA A 9 8.30 4.41 -6.13
CA ALA A 9 8.17 5.85 -6.20
C ALA A 9 6.72 6.13 -6.23
N ASP A 10 6.26 7.23 -5.65
CA ASP A 10 4.84 7.63 -5.72
C ASP A 10 3.92 6.62 -4.97
N CYS A 11 3.67 5.48 -5.56
CA CYS A 11 2.94 4.43 -4.94
C CYS A 11 3.76 3.17 -5.01
N GLU A 12 4.77 3.07 -4.17
CA GLU A 12 5.67 1.91 -4.11
C GLU A 12 4.89 0.58 -4.11
N VAL A 13 3.79 0.55 -3.35
CA VAL A 13 2.96 -0.65 -3.25
C VAL A 13 2.42 -1.08 -4.64
N CYS A 14 1.86 -0.12 -5.36
CA CYS A 14 1.30 -0.36 -6.70
C CYS A 14 2.45 -0.62 -7.71
N LYS A 15 3.50 0.20 -7.57
CA LYS A 15 4.67 0.23 -8.46
C LYS A 15 5.31 -1.13 -8.63
N GLU A 16 5.65 -1.76 -7.53
CA GLU A 16 6.38 -3.01 -7.57
C GLU A 16 5.48 -4.20 -7.83
N PHE A 17 4.26 -4.15 -7.32
CA PHE A 17 3.37 -5.29 -7.40
C PHE A 17 3.02 -5.65 -8.83
N LEU A 18 2.52 -4.70 -9.57
CA LEU A 18 2.09 -4.97 -10.94
C LEU A 18 3.28 -5.24 -11.85
N ASN A 19 4.43 -4.72 -11.47
CA ASN A 19 5.67 -4.93 -12.21
C ASN A 19 6.13 -6.37 -12.00
N ARG A 20 5.98 -6.85 -10.77
CA ARG A 20 6.33 -8.19 -10.39
C ARG A 20 5.36 -9.18 -11.02
N PHE A 21 4.14 -8.73 -11.15
CA PHE A 21 3.07 -9.53 -11.65
C PHE A 21 3.23 -9.81 -13.15
N TYR A 22 3.57 -8.79 -13.93
CA TYR A 22 3.78 -8.97 -15.39
C TYR A 22 4.84 -9.99 -15.68
N LYS A 23 5.84 -10.00 -14.85
CA LYS A 23 6.95 -10.88 -15.02
C LYS A 23 6.58 -12.31 -14.70
N SER A 24 5.51 -12.51 -13.97
CA SER A 24 5.08 -13.85 -13.65
C SER A 24 4.28 -14.38 -14.84
N LEU A 25 3.55 -13.48 -15.49
CA LEU A 25 2.83 -13.77 -16.70
C LEU A 25 3.79 -14.25 -17.77
N ILE A 26 4.86 -13.50 -17.96
CA ILE A 26 5.89 -13.81 -18.95
C ILE A 26 6.62 -15.12 -18.59
N ASP A 27 6.93 -15.26 -17.32
CA ASP A 27 7.66 -16.42 -16.75
C ASP A 27 6.96 -17.74 -17.04
N ARG A 28 5.72 -17.78 -16.64
CA ARG A 28 4.92 -18.94 -16.72
C ARG A 28 4.23 -19.11 -18.06
N GLY A 29 4.47 -18.18 -18.97
CA GLY A 29 3.83 -18.22 -20.28
C GLY A 29 2.33 -18.08 -20.18
N VAL A 30 1.88 -17.24 -19.27
CA VAL A 30 0.48 -17.04 -19.06
C VAL A 30 -0.05 -15.95 -19.99
N ASN A 31 -1.14 -16.27 -20.64
CA ASN A 31 -1.79 -15.43 -21.62
C ASN A 31 -2.21 -14.08 -21.05
N PHE A 32 -1.94 -13.06 -21.82
CA PHE A 32 -2.25 -11.72 -21.46
C PHE A 32 -3.59 -11.35 -22.06
N SER A 33 -4.59 -11.39 -21.25
CA SER A 33 -5.92 -11.03 -21.67
C SER A 33 -6.67 -10.42 -20.55
N LEU A 34 -7.68 -9.70 -20.92
CA LEU A 34 -8.68 -9.16 -20.04
C LEU A 34 -9.18 -10.26 -19.12
N ASP A 35 -9.49 -11.39 -19.73
CA ASP A 35 -10.02 -12.55 -19.03
C ASP A 35 -8.96 -13.18 -18.16
N THR A 36 -7.85 -13.49 -18.77
CA THR A 36 -6.81 -14.23 -18.13
C THR A 36 -6.10 -13.43 -17.01
N ILE A 37 -5.84 -12.15 -17.25
CA ILE A 37 -5.14 -11.32 -16.28
C ILE A 37 -6.03 -11.00 -15.09
N GLU A 38 -7.32 -10.84 -15.33
CA GLU A 38 -8.27 -10.56 -14.25
C GLU A 38 -8.25 -11.72 -13.25
N LYS A 39 -8.15 -12.92 -13.78
CA LYS A 39 -8.11 -14.13 -12.98
C LYS A 39 -6.73 -14.31 -12.36
N GLU A 40 -5.67 -14.05 -13.15
CA GLU A 40 -4.30 -14.21 -12.68
C GLU A 40 -4.02 -13.24 -11.54
N LEU A 41 -4.63 -12.08 -11.61
CA LEU A 41 -4.46 -11.05 -10.62
C LEU A 41 -5.02 -11.57 -9.30
N ILE A 42 -6.02 -12.43 -9.36
CA ILE A 42 -6.60 -13.02 -8.19
C ILE A 42 -5.66 -14.09 -7.61
N SER A 43 -5.13 -14.94 -8.48
CA SER A 43 -4.26 -16.01 -8.06
C SER A 43 -2.88 -15.52 -7.60
N PHE A 44 -2.37 -14.50 -8.25
CA PHE A 44 -1.09 -13.93 -7.88
C PHE A 44 -1.24 -13.26 -6.51
N CYS A 45 -2.45 -12.83 -6.22
CA CYS A 45 -2.78 -12.23 -4.97
C CYS A 45 -3.03 -13.26 -3.86
N LEU A 46 -2.77 -14.55 -4.13
CA LEU A 46 -2.84 -15.53 -3.06
C LEU A 46 -1.67 -15.35 -2.13
N ASP A 47 -0.57 -14.94 -2.69
CA ASP A 47 0.65 -14.74 -1.93
C ASP A 47 0.64 -13.41 -1.22
N THR A 48 0.02 -12.44 -1.88
CA THR A 48 0.10 -11.06 -1.51
C THR A 48 -0.23 -10.79 -0.08
N LYS A 49 0.69 -10.16 0.55
CA LYS A 49 0.66 -10.01 1.96
C LYS A 49 0.89 -8.57 2.37
N GLY A 50 0.32 -8.21 3.50
CA GLY A 50 0.47 -6.88 4.05
C GLY A 50 -0.06 -5.80 3.13
N LYS A 51 0.87 -5.01 2.61
CA LYS A 51 0.56 -3.91 1.70
C LYS A 51 -0.15 -4.42 0.44
N GLU A 52 0.28 -5.57 -0.02
CA GLU A 52 -0.17 -6.12 -1.28
C GLU A 52 -1.53 -6.72 -1.12
N ASN A 53 -1.75 -7.27 0.04
CA ASN A 53 -3.02 -7.92 0.35
C ASN A 53 -4.13 -6.86 0.35
N ARG A 54 -3.83 -5.68 0.90
CA ARG A 54 -4.73 -4.55 0.85
C ARG A 54 -4.92 -4.08 -0.58
N LEU A 55 -3.81 -3.90 -1.28
CA LEU A 55 -3.79 -3.49 -2.68
C LEU A 55 -4.70 -4.38 -3.54
N CYS A 56 -4.48 -5.68 -3.46
CA CYS A 56 -5.26 -6.67 -4.20
C CYS A 56 -6.74 -6.59 -3.88
N TYR A 57 -7.05 -6.29 -2.64
CA TYR A 57 -8.41 -6.13 -2.21
C TYR A 57 -9.04 -4.94 -2.92
N TYR A 58 -8.27 -3.87 -3.02
CA TYR A 58 -8.71 -2.64 -3.64
C TYR A 58 -8.85 -2.82 -5.15
N LEU A 59 -7.91 -3.56 -5.74
CA LEU A 59 -7.91 -3.85 -7.17
C LEU A 59 -9.05 -4.78 -7.57
N GLY A 60 -9.71 -5.34 -6.59
CA GLY A 60 -10.81 -6.19 -6.86
C GLY A 60 -10.35 -7.57 -7.23
N ALA A 61 -9.26 -8.00 -6.64
CA ALA A 61 -8.68 -9.29 -6.94
C ALA A 61 -8.95 -10.26 -5.79
N THR A 62 -9.90 -9.92 -4.98
CA THR A 62 -10.27 -10.70 -3.84
C THR A 62 -11.76 -10.93 -3.85
N LYS A 63 -12.20 -12.03 -3.25
CA LYS A 63 -13.63 -12.42 -3.24
C LYS A 63 -14.42 -11.48 -2.34
N ASP A 64 -13.70 -10.77 -1.51
CA ASP A 64 -14.28 -9.95 -0.49
C ASP A 64 -14.47 -8.53 -0.99
N ALA A 65 -14.16 -8.33 -2.24
CA ALA A 65 -14.26 -7.03 -2.84
C ALA A 65 -15.49 -7.00 -3.72
N ALA A 66 -16.28 -5.95 -3.59
CA ALA A 66 -17.48 -5.81 -4.38
C ALA A 66 -17.23 -4.81 -5.47
N THR A 67 -15.99 -4.43 -5.56
CA THR A 67 -15.57 -3.47 -6.49
C THR A 67 -14.70 -4.16 -7.52
N LYS A 68 -14.90 -3.86 -8.75
CA LYS A 68 -14.12 -4.46 -9.76
C LYS A 68 -13.49 -3.40 -10.65
N ILE A 69 -12.23 -3.21 -10.39
CA ILE A 69 -11.33 -2.24 -11.02
C ILE A 69 -10.91 -2.74 -12.46
N LEU A 70 -11.90 -3.33 -13.14
CA LEU A 70 -11.71 -3.98 -14.42
C LEU A 70 -11.22 -3.05 -15.55
N SER A 71 -11.83 -1.88 -15.70
CA SER A 71 -11.39 -0.98 -16.76
C SER A 71 -10.40 0.04 -16.26
N GLU A 72 -10.08 -0.05 -14.99
CA GLU A 72 -9.20 0.89 -14.38
C GLU A 72 -7.75 0.39 -14.43
N VAL A 73 -7.51 -0.80 -13.90
CA VAL A 73 -6.18 -1.40 -13.95
C VAL A 73 -6.11 -2.64 -14.88
N THR A 74 -7.03 -3.60 -14.72
CA THR A 74 -6.98 -4.85 -15.49
C THR A 74 -6.98 -4.63 -17.04
N ARG A 75 -7.88 -3.77 -17.49
CA ARG A 75 -8.04 -3.47 -18.90
C ARG A 75 -6.77 -2.88 -19.56
N PRO A 76 -6.17 -1.76 -19.03
CA PRO A 76 -4.90 -1.23 -19.57
C PRO A 76 -3.81 -2.31 -19.57
N MET A 77 -3.78 -3.14 -18.54
CA MET A 77 -2.77 -4.20 -18.41
C MET A 77 -2.81 -5.18 -19.57
N SER A 78 -3.98 -5.34 -20.14
CA SER A 78 -4.19 -6.30 -21.19
C SER A 78 -3.80 -5.75 -22.57
N VAL A 79 -3.49 -4.46 -22.65
CA VAL A 79 -3.14 -3.86 -23.93
C VAL A 79 -1.69 -3.33 -23.83
N HIS A 80 -0.87 -4.11 -23.12
CA HIS A 80 0.53 -3.80 -22.87
C HIS A 80 0.67 -2.42 -22.20
N MET A 81 0.21 -2.36 -20.98
CA MET A 81 0.30 -1.16 -20.17
C MET A 81 1.16 -1.29 -18.93
N PRO A 82 2.48 -1.37 -19.10
CA PRO A 82 3.43 -1.58 -18.00
C PRO A 82 3.11 -0.69 -16.75
N ALA A 83 3.55 -1.15 -15.58
CA ALA A 83 3.29 -0.53 -14.26
C ALA A 83 3.80 0.92 -14.10
N MET A 84 4.40 1.45 -15.15
CA MET A 84 4.97 2.79 -15.14
C MET A 84 3.99 3.79 -15.76
N LYS A 85 2.81 3.30 -16.14
CA LYS A 85 1.80 4.17 -16.73
C LYS A 85 0.41 3.95 -16.16
N ILE A 86 0.31 3.30 -15.05
CA ILE A 86 -0.99 3.01 -14.49
C ILE A 86 -1.15 3.62 -13.12
N CYS A 87 -0.23 3.33 -12.20
CA CYS A 87 -0.29 3.87 -10.83
C CYS A 87 -0.29 5.41 -10.88
N GLU A 88 0.37 5.91 -11.92
CA GLU A 88 0.53 7.31 -12.26
C GLU A 88 -0.82 8.00 -12.33
N LYS A 89 -1.81 7.28 -12.78
CA LYS A 89 -3.16 7.83 -12.83
C LYS A 89 -3.93 7.54 -11.55
N LEU A 90 -3.80 6.32 -11.05
CA LEU A 90 -4.52 5.81 -9.84
C LEU A 90 -4.57 6.77 -8.65
N LYS A 91 -3.43 7.38 -8.23
CA LYS A 91 -3.41 8.35 -7.05
C LYS A 91 -4.52 9.39 -7.09
N LYS A 92 -4.85 9.83 -8.27
CA LYS A 92 -5.82 10.90 -8.50
C LYS A 92 -7.22 10.37 -8.58
N LEU A 93 -7.30 9.09 -8.74
CA LEU A 93 -8.58 8.46 -8.94
C LEU A 93 -8.99 7.75 -7.65
N ASP A 94 -8.07 6.97 -7.12
CA ASP A 94 -8.23 6.30 -5.85
C ASP A 94 -6.89 6.26 -5.13
N SER A 95 -6.84 6.88 -4.00
CA SER A 95 -5.63 6.97 -3.22
C SER A 95 -5.45 5.78 -2.26
N GLN A 96 -6.38 4.82 -2.25
CA GLN A 96 -6.23 3.69 -1.37
C GLN A 96 -5.31 2.73 -2.05
N ILE A 97 -5.62 2.44 -3.32
CA ILE A 97 -4.80 1.58 -4.17
C ILE A 97 -3.46 2.23 -4.29
N CYS A 98 -3.47 3.42 -4.77
CA CYS A 98 -2.27 4.05 -5.05
C CYS A 98 -1.86 4.90 -3.89
N GLU A 99 -1.34 4.22 -2.88
CA GLU A 99 -0.70 4.79 -1.73
C GLU A 99 -0.33 3.67 -0.79
N LEU A 100 -1.23 3.34 0.17
CA LEU A 100 -0.98 2.32 1.21
C LEU A 100 0.33 2.59 1.96
N LYS A 101 0.65 3.85 2.03
CA LYS A 101 1.83 4.34 2.66
C LYS A 101 1.49 5.23 3.84
N TYR A 102 2.50 5.82 4.44
CA TYR A 102 2.33 6.69 5.63
C TYR A 102 2.32 8.13 5.21
N GLU A 103 1.75 8.34 4.10
CA GLU A 103 1.65 9.65 3.53
C GLU A 103 0.54 10.46 4.19
N LYS A 104 0.78 11.77 4.24
CA LYS A 104 -0.11 12.79 4.84
C LYS A 104 -0.38 12.60 6.34
N THR A 105 -0.92 11.48 6.71
CA THR A 105 -1.33 11.25 8.04
C THR A 105 -0.39 10.31 8.77
N LEU A 106 0.15 10.77 9.89
CA LEU A 106 0.94 9.94 10.75
C LEU A 106 0.01 9.59 11.91
N ASP A 107 -0.25 8.32 12.06
CA ASP A 107 -1.33 7.80 12.87
C ASP A 107 -1.15 7.80 14.35
N LEU A 108 0.03 7.66 14.71
CA LEU A 108 0.51 7.37 16.04
C LEU A 108 -0.34 6.37 16.89
N ALA A 109 -1.16 5.61 16.26
CA ALA A 109 -2.04 4.67 16.96
C ALA A 109 -1.88 3.24 16.50
N SER A 110 -1.41 3.07 15.30
CA SER A 110 -1.18 1.78 14.74
C SER A 110 0.32 1.54 14.78
N VAL A 111 1.05 2.63 14.78
CA VAL A 111 2.48 2.59 14.92
C VAL A 111 2.82 2.45 16.40
N ASP A 112 3.87 1.73 16.67
CA ASP A 112 4.21 1.40 18.03
C ASP A 112 5.37 2.20 18.46
N LEU A 113 5.14 2.98 19.45
CA LEU A 113 6.09 3.88 20.00
C LEU A 113 7.15 3.13 20.83
N ARG A 114 6.83 1.93 21.27
CA ARG A 114 7.80 1.21 22.08
C ARG A 114 8.68 0.24 21.28
N LYS A 115 8.39 0.01 19.99
CA LYS A 115 9.29 -0.83 19.23
C LYS A 115 9.91 -0.11 18.06
N MET A 116 9.89 1.17 18.17
CA MET A 116 10.50 2.04 17.21
C MET A 116 11.91 2.46 17.63
N ARG A 117 12.68 2.80 16.64
CA ARG A 117 14.05 3.07 16.73
C ARG A 117 14.26 4.55 16.69
N VAL A 118 15.02 5.04 17.64
CA VAL A 118 15.27 6.44 17.90
C VAL A 118 15.54 7.29 16.64
N ALA A 119 16.23 6.70 15.71
CA ALA A 119 16.59 7.33 14.44
C ALA A 119 15.36 7.80 13.69
N GLU A 120 14.35 6.95 13.67
CA GLU A 120 13.07 7.25 13.02
C GLU A 120 12.44 8.39 13.74
N LEU A 121 12.42 8.25 15.05
CA LEU A 121 11.91 9.25 15.96
C LEU A 121 12.62 10.61 15.79
N LYS A 122 13.93 10.58 15.57
CA LYS A 122 14.67 11.75 15.28
C LYS A 122 14.17 12.38 13.97
N GLN A 123 13.89 11.55 12.97
CA GLN A 123 13.31 12.04 11.70
C GLN A 123 11.92 12.64 11.96
N ILE A 124 11.15 11.99 12.82
CA ILE A 124 9.80 12.42 13.21
C ILE A 124 9.83 13.83 13.80
N LEU A 125 10.78 14.09 14.68
CA LEU A 125 10.86 15.40 15.31
C LEU A 125 11.20 16.49 14.29
N HIS A 126 11.98 16.10 13.30
CA HIS A 126 12.41 16.99 12.24
C HIS A 126 11.24 17.24 11.31
N SER A 127 10.44 16.20 11.12
CA SER A 127 9.26 16.28 10.32
C SER A 127 8.23 17.17 11.01
N TRP A 128 8.28 17.20 12.34
CA TRP A 128 7.42 18.09 13.06
C TRP A 128 8.21 19.28 13.59
N GLY A 129 9.22 19.68 12.83
CA GLY A 129 10.01 20.91 13.05
C GLY A 129 10.28 21.31 14.50
N GLU A 130 10.48 20.36 15.39
CA GLU A 130 10.68 20.75 16.78
C GLU A 130 11.82 20.01 17.44
N GLU A 131 12.29 20.60 18.48
CA GLU A 131 13.56 20.24 19.13
C GLU A 131 13.47 19.00 20.07
N CYS A 132 14.62 18.33 20.17
CA CYS A 132 14.89 17.13 20.96
C CYS A 132 15.02 17.53 22.44
N ARG A 133 14.87 16.56 23.35
CA ARG A 133 14.93 16.88 24.78
C ARG A 133 16.03 16.10 25.51
N ALA A 134 15.77 14.88 25.84
CA ALA A 134 16.77 14.05 26.49
C ALA A 134 17.33 13.09 25.45
N CYS A 135 18.07 13.68 24.53
CA CYS A 135 18.62 12.98 23.37
C CYS A 135 19.51 11.81 23.75
N ALA A 136 18.92 10.64 23.79
CA ALA A 136 19.60 9.42 24.14
C ALA A 136 18.70 8.25 23.84
N GLU A 137 17.64 8.18 24.60
CA GLU A 137 16.69 7.13 24.53
C GLU A 137 15.72 7.30 23.42
N LYS A 138 14.88 6.31 23.28
CA LYS A 138 13.74 6.39 22.41
C LYS A 138 12.59 6.86 23.25
N THR A 139 12.69 6.62 24.57
CA THR A 139 11.65 6.96 25.51
C THR A 139 11.47 8.49 25.56
N ASP A 140 12.60 9.19 25.37
CA ASP A 140 12.59 10.67 25.23
C ASP A 140 11.65 11.05 24.13
N TYR A 141 11.92 10.48 22.99
CA TYR A 141 11.22 10.77 21.81
C TYR A 141 9.80 10.32 21.87
N VAL A 142 9.54 9.21 22.53
CA VAL A 142 8.19 8.73 22.72
C VAL A 142 7.36 9.76 23.46
N ASN A 143 7.88 10.26 24.57
CA ASN A 143 7.17 11.28 25.36
C ASN A 143 6.97 12.52 24.51
N LEU A 144 8.00 12.85 23.74
CA LEU A 144 8.06 14.02 22.90
C LEU A 144 7.00 13.89 21.82
N ILE A 145 6.92 12.73 21.29
CA ILE A 145 5.98 12.41 20.26
C ILE A 145 4.54 12.43 20.80
N GLN A 146 4.33 11.91 21.97
CA GLN A 146 3.02 11.90 22.60
C GLN A 146 2.56 13.32 22.97
N GLU A 147 3.47 14.13 23.49
CA GLU A 147 3.11 15.49 23.88
C GLU A 147 2.93 16.38 22.64
N LEU A 148 3.66 16.04 21.58
CA LEU A 148 3.58 16.78 20.35
C LEU A 148 2.61 16.14 19.38
N ALA A 149 1.97 15.10 19.81
CA ALA A 149 0.98 14.42 18.98
C ALA A 149 -0.15 15.38 18.59
N PRO A 150 -0.88 16.03 19.55
CA PRO A 150 -2.00 16.94 19.19
C PRO A 150 -1.49 18.28 18.64
N LYS A 151 -0.19 18.42 18.58
CA LYS A 151 0.45 19.57 18.01
C LYS A 151 0.42 19.49 16.49
N TYR A 152 0.42 18.25 15.97
CA TYR A 152 0.49 18.03 14.56
C TYR A 152 -0.59 17.05 14.10
N ALA A 153 -0.77 15.98 14.83
CA ALA A 153 -1.79 15.02 14.53
C ALA A 153 -3.06 15.43 15.24
N ALA A 154 -3.71 16.38 14.67
CA ALA A 154 -4.91 16.94 15.21
C ALA A 154 -5.90 17.16 14.10
N THR A 155 -6.98 16.43 14.15
CA THR A 155 -8.02 16.62 13.19
C THR A 155 -8.88 17.81 13.55
N HIS A 156 -8.57 18.91 12.89
CA HIS A 156 -9.18 20.20 13.05
C HIS A 156 -8.82 20.85 14.41
N PRO A 157 -8.59 22.17 14.45
CA PRO A 157 -8.27 22.88 15.67
C PRO A 157 -9.53 23.09 16.51
N LYS A 158 -9.94 22.05 17.16
CA LYS A 158 -11.09 22.06 18.01
C LYS A 158 -10.73 21.68 19.44
N THR A 159 -11.46 22.23 20.35
CA THR A 159 -11.29 21.99 21.74
C THR A 159 -12.37 21.03 22.24
N GLU A 160 -12.31 20.67 23.52
CA GLU A 160 -13.33 19.86 24.19
C GLU A 160 -14.17 20.78 25.05
N LEU A 161 -13.89 22.01 24.86
CA LEU A 161 -14.44 23.13 25.49
C LEU A 161 -13.70 24.29 24.84
N GLN A 1 20.81 10.32 -5.27
CA GLN A 1 20.87 11.75 -4.95
C GLN A 1 22.14 12.29 -5.52
N GLU A 2 22.01 12.99 -6.62
CA GLU A 2 23.11 13.43 -7.43
C GLU A 2 22.59 14.51 -8.39
N ALA A 3 21.47 14.18 -9.02
CA ALA A 3 20.75 15.09 -9.87
C ALA A 3 19.27 15.00 -9.52
N GLY A 4 18.89 13.85 -9.01
CA GLY A 4 17.55 13.62 -8.57
C GLY A 4 17.51 12.57 -7.49
N GLY A 5 17.69 11.33 -7.89
CA GLY A 5 17.64 10.23 -6.96
C GLY A 5 16.22 9.90 -6.56
N ARG A 6 15.35 9.89 -7.54
CA ARG A 6 13.97 9.61 -7.35
C ARG A 6 13.47 9.01 -8.67
N PRO A 7 12.66 7.95 -8.60
CA PRO A 7 12.19 7.19 -9.79
C PRO A 7 11.29 8.00 -10.75
N GLY A 8 10.72 7.28 -11.71
CA GLY A 8 9.83 7.85 -12.67
C GLY A 8 8.51 7.94 -12.02
N ALA A 9 8.32 9.06 -11.34
CA ALA A 9 7.21 9.35 -10.46
C ALA A 9 7.50 8.80 -9.10
N ASP A 10 6.86 9.36 -8.15
CA ASP A 10 7.19 9.07 -6.80
C ASP A 10 6.63 7.77 -6.28
N CYS A 11 5.31 7.70 -6.18
CA CYS A 11 4.61 6.57 -5.56
C CYS A 11 5.09 5.19 -6.05
N GLU A 12 5.56 4.38 -5.11
CA GLU A 12 6.17 3.09 -5.44
C GLU A 12 5.18 1.96 -5.72
N VAL A 13 4.27 1.71 -4.78
CA VAL A 13 3.36 0.53 -4.84
C VAL A 13 2.63 0.41 -6.18
N CYS A 14 2.03 1.49 -6.62
CA CYS A 14 1.26 1.52 -7.87
C CYS A 14 2.17 1.23 -9.09
N LYS A 15 3.44 1.59 -8.97
CA LYS A 15 4.36 1.41 -10.08
C LYS A 15 4.87 -0.01 -10.15
N GLU A 16 5.25 -0.57 -9.02
CA GLU A 16 5.90 -1.84 -9.04
C GLU A 16 4.97 -3.04 -9.04
N PHE A 17 3.85 -2.97 -8.30
CA PHE A 17 2.94 -4.12 -8.16
C PHE A 17 2.49 -4.68 -9.50
N LEU A 18 1.96 -3.83 -10.36
CA LEU A 18 1.46 -4.28 -11.66
C LEU A 18 2.61 -4.66 -12.60
N ASN A 19 3.76 -4.10 -12.33
CA ASN A 19 4.94 -4.35 -13.16
C ASN A 19 5.52 -5.72 -12.76
N ARG A 20 5.47 -5.99 -11.48
CA ARG A 20 5.92 -7.22 -10.89
C ARG A 20 4.94 -8.32 -11.25
N PHE A 21 3.69 -7.92 -11.39
CA PHE A 21 2.61 -8.80 -11.71
C PHE A 21 2.81 -9.43 -13.08
N TYR A 22 3.14 -8.61 -14.08
CA TYR A 22 3.47 -9.10 -15.44
C TYR A 22 4.54 -10.18 -15.41
N LYS A 23 5.44 -10.07 -14.47
CA LYS A 23 6.56 -10.99 -14.37
C LYS A 23 6.09 -12.37 -13.95
N SER A 24 4.97 -12.44 -13.24
CA SER A 24 4.52 -13.71 -12.74
C SER A 24 3.72 -14.42 -13.81
N LEU A 25 3.11 -13.63 -14.66
CA LEU A 25 2.43 -14.14 -15.80
C LEU A 25 3.43 -14.85 -16.71
N ILE A 26 4.61 -14.32 -16.76
CA ILE A 26 5.68 -14.87 -17.55
C ILE A 26 6.37 -16.05 -16.82
N ASP A 27 6.57 -15.90 -15.51
CA ASP A 27 7.30 -16.87 -14.69
C ASP A 27 6.60 -18.21 -14.63
N ARG A 28 5.35 -18.16 -14.34
CA ARG A 28 4.51 -19.28 -14.20
C ARG A 28 4.02 -19.81 -15.53
N GLY A 29 4.30 -19.09 -16.60
CA GLY A 29 3.83 -19.48 -17.91
C GLY A 29 2.33 -19.32 -18.01
N VAL A 30 1.82 -18.29 -17.37
CA VAL A 30 0.43 -18.01 -17.36
C VAL A 30 0.05 -17.18 -18.57
N ASN A 31 -0.96 -17.61 -19.25
CA ASN A 31 -1.43 -16.97 -20.44
C ASN A 31 -2.11 -15.67 -20.10
N PHE A 32 -1.88 -14.68 -20.89
CA PHE A 32 -2.39 -13.37 -20.68
C PHE A 32 -3.83 -13.25 -21.23
N SER A 33 -4.75 -13.97 -20.63
CA SER A 33 -6.13 -13.91 -21.01
C SER A 33 -6.89 -13.01 -20.07
N LEU A 34 -8.05 -12.51 -20.51
CA LEU A 34 -8.92 -11.70 -19.66
C LEU A 34 -9.23 -12.43 -18.37
N ASP A 35 -9.90 -13.58 -18.48
CA ASP A 35 -10.25 -14.45 -17.34
C ASP A 35 -9.04 -14.74 -16.47
N THR A 36 -8.03 -15.22 -17.11
CA THR A 36 -6.82 -15.67 -16.51
C THR A 36 -6.09 -14.53 -15.74
N ILE A 37 -5.96 -13.35 -16.33
CA ILE A 37 -5.31 -12.25 -15.63
C ILE A 37 -6.23 -11.66 -14.54
N GLU A 38 -7.53 -11.58 -14.85
CA GLU A 38 -8.54 -11.01 -13.93
C GLU A 38 -8.50 -11.77 -12.61
N LYS A 39 -8.35 -13.07 -12.72
CA LYS A 39 -8.26 -13.93 -11.57
C LYS A 39 -6.91 -13.85 -10.88
N GLU A 40 -5.81 -13.81 -11.66
CA GLU A 40 -4.48 -13.75 -11.07
C GLU A 40 -4.19 -12.41 -10.40
N LEU A 41 -4.91 -11.39 -10.77
CA LEU A 41 -4.71 -10.07 -10.19
C LEU A 41 -5.07 -10.13 -8.69
N ILE A 42 -6.09 -10.90 -8.36
CA ILE A 42 -6.51 -11.10 -6.99
C ILE A 42 -5.48 -11.96 -6.22
N SER A 43 -5.07 -13.06 -6.82
CA SER A 43 -4.14 -13.99 -6.17
C SER A 43 -2.75 -13.40 -6.01
N PHE A 44 -2.38 -12.49 -6.88
CA PHE A 44 -1.08 -11.84 -6.81
C PHE A 44 -1.00 -10.92 -5.58
N CYS A 45 -2.13 -10.61 -5.01
CA CYS A 45 -2.17 -9.79 -3.82
C CYS A 45 -1.84 -10.62 -2.57
N LEU A 46 -1.72 -11.94 -2.72
CA LEU A 46 -1.40 -12.80 -1.59
C LEU A 46 -0.06 -12.48 -0.96
N ASP A 47 0.90 -12.05 -1.78
CA ASP A 47 2.20 -11.77 -1.25
C ASP A 47 2.16 -10.44 -0.49
N THR A 48 1.31 -9.54 -0.95
CA THR A 48 1.24 -8.23 -0.41
C THR A 48 0.47 -8.22 0.88
N LYS A 49 0.81 -7.30 1.70
CA LYS A 49 0.17 -7.09 2.96
C LYS A 49 0.61 -5.79 3.57
N GLY A 50 -0.34 -5.03 4.06
CA GLY A 50 -0.02 -3.76 4.63
C GLY A 50 -0.62 -2.63 3.81
N LYS A 51 0.22 -1.87 3.13
CA LYS A 51 -0.25 -0.74 2.33
C LYS A 51 -0.41 -1.18 0.89
N GLU A 52 0.33 -2.20 0.56
CA GLU A 52 0.31 -2.86 -0.72
C GLU A 52 -1.06 -3.49 -0.88
N ASN A 53 -1.53 -4.02 0.21
CA ASN A 53 -2.86 -4.62 0.29
C ASN A 53 -3.96 -3.54 0.09
N ARG A 54 -3.61 -2.27 0.35
CA ARG A 54 -4.52 -1.16 0.11
C ARG A 54 -4.64 -0.93 -1.36
N LEU A 55 -3.52 -1.07 -2.06
CA LEU A 55 -3.50 -0.98 -3.51
C LEU A 55 -4.47 -1.99 -4.06
N CYS A 56 -4.39 -3.20 -3.53
CA CYS A 56 -5.32 -4.29 -3.88
C CYS A 56 -6.78 -3.87 -3.69
N TYR A 57 -7.02 -3.14 -2.62
CA TYR A 57 -8.35 -2.64 -2.29
C TYR A 57 -8.84 -1.65 -3.36
N TYR A 58 -7.91 -0.89 -3.89
CA TYR A 58 -8.24 0.02 -4.92
C TYR A 58 -8.40 -0.72 -6.24
N LEU A 59 -7.43 -1.55 -6.57
CA LEU A 59 -7.38 -2.27 -7.86
C LEU A 59 -8.27 -3.51 -7.91
N GLY A 60 -9.23 -3.61 -7.02
CA GLY A 60 -10.23 -4.69 -7.07
C GLY A 60 -9.69 -6.07 -6.78
N ALA A 61 -8.53 -6.14 -6.18
CA ALA A 61 -7.88 -7.40 -5.89
C ALA A 61 -8.20 -7.89 -4.49
N THR A 62 -9.32 -7.45 -3.97
CA THR A 62 -9.77 -7.81 -2.65
C THR A 62 -11.27 -8.01 -2.65
N LYS A 63 -11.78 -8.73 -1.68
CA LYS A 63 -13.22 -9.01 -1.60
C LYS A 63 -14.00 -7.78 -1.16
N ASP A 64 -13.31 -6.84 -0.56
CA ASP A 64 -13.94 -5.67 0.00
C ASP A 64 -13.79 -4.50 -0.94
N ALA A 65 -13.29 -4.78 -2.12
CA ALA A 65 -13.04 -3.76 -3.08
C ALA A 65 -14.29 -3.44 -3.86
N ALA A 66 -14.95 -2.37 -3.46
CA ALA A 66 -16.17 -1.93 -4.12
C ALA A 66 -15.80 -1.00 -5.26
N THR A 67 -14.51 -0.75 -5.36
CA THR A 67 -13.92 0.11 -6.35
C THR A 67 -14.14 -0.44 -7.77
N LYS A 68 -14.24 -1.77 -7.86
CA LYS A 68 -14.56 -2.51 -9.07
C LYS A 68 -13.46 -2.38 -10.13
N ILE A 69 -12.24 -2.15 -9.75
CA ILE A 69 -11.18 -2.09 -10.74
C ILE A 69 -10.89 -3.52 -11.18
N LEU A 70 -11.42 -3.89 -12.32
CA LEU A 70 -11.24 -5.21 -12.82
C LEU A 70 -10.58 -5.11 -14.19
N SER A 71 -11.41 -4.95 -15.21
CA SER A 71 -10.99 -4.95 -16.56
C SER A 71 -10.40 -3.59 -16.95
N GLU A 72 -10.52 -2.63 -16.04
CA GLU A 72 -9.90 -1.33 -16.19
C GLU A 72 -8.38 -1.50 -16.26
N VAL A 73 -7.89 -2.54 -15.59
CA VAL A 73 -6.49 -2.92 -15.60
C VAL A 73 -6.30 -4.23 -16.39
N THR A 74 -7.06 -5.25 -16.06
CA THR A 74 -6.91 -6.57 -16.67
C THR A 74 -6.99 -6.60 -18.21
N ARG A 75 -7.99 -5.96 -18.79
CA ARG A 75 -8.15 -5.97 -20.24
C ARG A 75 -6.91 -5.33 -20.95
N PRO A 76 -6.48 -4.10 -20.54
CA PRO A 76 -5.22 -3.53 -21.03
C PRO A 76 -3.98 -4.46 -20.77
N MET A 77 -3.96 -5.16 -19.63
CA MET A 77 -2.83 -6.06 -19.27
C MET A 77 -2.60 -7.11 -20.37
N SER A 78 -3.69 -7.63 -20.91
CA SER A 78 -3.63 -8.66 -21.92
C SER A 78 -3.21 -8.14 -23.32
N VAL A 79 -3.08 -6.82 -23.47
CA VAL A 79 -2.71 -6.27 -24.76
C VAL A 79 -1.45 -5.39 -24.57
N HIS A 80 -0.57 -5.87 -23.69
CA HIS A 80 0.69 -5.21 -23.32
C HIS A 80 0.50 -3.71 -22.99
N MET A 81 -0.10 -3.49 -21.86
CA MET A 81 -0.33 -2.18 -21.32
C MET A 81 0.51 -1.85 -20.09
N PRO A 82 1.80 -1.61 -20.28
CA PRO A 82 2.75 -1.45 -19.18
C PRO A 82 2.22 -0.58 -18.02
N ALA A 83 2.51 -1.02 -16.80
CA ALA A 83 2.04 -0.43 -15.52
C ALA A 83 2.17 1.10 -15.45
N MET A 84 3.11 1.67 -16.21
CA MET A 84 3.44 3.10 -16.12
C MET A 84 2.35 3.93 -16.79
N LYS A 85 1.47 3.27 -17.46
CA LYS A 85 0.40 3.93 -18.16
C LYS A 85 -0.97 3.51 -17.62
N ILE A 86 -1.03 2.42 -16.88
CA ILE A 86 -2.29 2.01 -16.28
C ILE A 86 -2.46 2.75 -14.97
N CYS A 87 -1.36 2.88 -14.27
CA CYS A 87 -1.28 3.66 -13.04
C CYS A 87 -1.44 5.16 -13.38
N GLU A 88 -1.47 5.45 -14.67
CA GLU A 88 -1.63 6.77 -15.15
C GLU A 88 -3.13 7.07 -15.25
N LYS A 89 -3.85 6.21 -15.99
CA LYS A 89 -5.28 6.36 -16.26
C LYS A 89 -6.06 6.45 -14.98
N LEU A 90 -5.71 5.60 -14.05
CA LEU A 90 -6.46 5.45 -12.84
C LEU A 90 -6.27 6.60 -11.86
N LYS A 91 -5.17 7.35 -11.98
CA LYS A 91 -4.94 8.48 -11.07
C LYS A 91 -5.92 9.60 -11.33
N LYS A 92 -6.43 9.62 -12.54
CA LYS A 92 -7.42 10.60 -12.97
C LYS A 92 -8.78 10.29 -12.37
N LEU A 93 -8.85 9.19 -11.66
CA LEU A 93 -10.07 8.75 -11.02
C LEU A 93 -9.81 8.74 -9.52
N ASP A 94 -8.71 8.11 -9.16
CA ASP A 94 -8.28 7.99 -7.79
C ASP A 94 -6.75 8.13 -7.72
N SER A 95 -6.29 9.07 -6.94
CA SER A 95 -4.86 9.30 -6.79
C SER A 95 -4.29 8.56 -5.55
N GLN A 96 -5.16 7.88 -4.84
CA GLN A 96 -4.83 7.15 -3.64
C GLN A 96 -4.16 5.83 -4.02
N ILE A 97 -4.52 5.34 -5.21
CA ILE A 97 -3.87 4.18 -5.83
C ILE A 97 -2.37 4.46 -5.93
N CYS A 98 -2.06 5.69 -6.20
CA CYS A 98 -0.70 6.12 -6.29
C CYS A 98 -0.10 6.21 -4.89
N GLU A 99 -0.67 7.08 -4.06
CA GLU A 99 -0.06 7.36 -2.77
C GLU A 99 -0.28 6.28 -1.71
N LEU A 100 0.71 5.43 -1.65
CA LEU A 100 0.86 4.39 -0.68
C LEU A 100 2.34 4.31 -0.33
N LYS A 101 3.01 5.44 -0.40
CA LYS A 101 4.41 5.59 -0.04
C LYS A 101 4.51 5.62 1.44
N TYR A 102 3.92 6.68 1.95
CA TYR A 102 3.84 7.02 3.35
C TYR A 102 5.20 7.26 3.96
N GLU A 103 6.10 7.62 3.11
CA GLU A 103 7.43 7.95 3.53
C GLU A 103 7.44 9.39 4.02
N LYS A 104 8.06 9.59 5.14
CA LYS A 104 8.12 10.89 5.75
C LYS A 104 9.41 11.06 6.54
N THR A 105 9.65 10.11 7.41
CA THR A 105 10.80 10.06 8.27
C THR A 105 10.56 8.87 9.16
N LEU A 106 11.43 8.63 10.06
CA LEU A 106 11.28 7.53 10.98
C LEU A 106 10.77 8.06 12.30
N ASP A 107 9.50 7.83 12.56
CA ASP A 107 8.87 8.29 13.72
C ASP A 107 9.13 7.41 14.87
N LEU A 108 10.24 7.67 15.47
CA LEU A 108 10.66 7.03 16.69
C LEU A 108 9.71 7.41 17.83
N ALA A 109 8.95 8.46 17.59
CA ALA A 109 7.94 8.96 18.51
C ALA A 109 6.74 8.02 18.55
N SER A 110 6.61 7.25 17.50
CA SER A 110 5.51 6.36 17.33
C SER A 110 5.86 4.93 17.69
N VAL A 111 7.08 4.71 18.07
CA VAL A 111 7.52 3.38 18.31
C VAL A 111 8.35 3.26 19.57
N ASP A 112 8.27 2.13 20.22
CA ASP A 112 8.97 1.91 21.46
C ASP A 112 10.29 1.29 21.13
N LEU A 113 11.31 2.07 21.25
CA LEU A 113 12.64 1.69 20.88
C LEU A 113 13.17 0.51 21.71
N ARG A 114 12.65 0.31 22.89
CA ARG A 114 13.15 -0.75 23.75
C ARG A 114 12.44 -2.07 23.48
N LYS A 115 11.28 -2.00 22.85
CA LYS A 115 10.45 -3.08 22.62
C LYS A 115 10.78 -3.77 21.29
N MET A 116 11.51 -3.08 20.43
CA MET A 116 11.88 -3.60 19.13
C MET A 116 13.07 -4.56 19.17
N ARG A 117 13.33 -5.12 18.03
CA ARG A 117 14.25 -6.19 17.84
C ARG A 117 15.44 -5.71 17.11
N VAL A 118 16.60 -6.03 17.66
CA VAL A 118 17.90 -5.53 17.24
C VAL A 118 18.10 -5.50 15.72
N ALA A 119 17.61 -6.51 15.09
CA ALA A 119 17.66 -6.69 13.64
C ALA A 119 17.02 -5.51 12.91
N GLU A 120 15.88 -5.07 13.43
CA GLU A 120 15.16 -3.92 12.86
C GLU A 120 15.98 -2.70 13.06
N LEU A 121 16.45 -2.56 14.28
CA LEU A 121 17.30 -1.45 14.66
C LEU A 121 18.56 -1.40 13.85
N LYS A 122 19.11 -2.57 13.50
CA LYS A 122 20.22 -2.66 12.66
C LYS A 122 19.93 -2.05 11.32
N GLN A 123 18.77 -2.36 10.75
CA GLN A 123 18.36 -1.79 9.47
C GLN A 123 18.30 -0.26 9.58
N ILE A 124 17.76 0.20 10.70
CA ILE A 124 17.65 1.62 11.03
C ILE A 124 19.04 2.29 11.05
N LEU A 125 19.93 1.75 11.86
CA LEU A 125 21.25 2.31 12.05
C LEU A 125 22.12 2.19 10.81
N HIS A 126 21.92 1.14 10.08
CA HIS A 126 22.67 0.85 8.87
C HIS A 126 22.19 1.77 7.76
N SER A 127 20.92 2.12 7.83
CA SER A 127 20.35 3.06 6.92
C SER A 127 20.91 4.45 7.23
N TRP A 128 21.45 4.60 8.44
CA TRP A 128 22.09 5.83 8.79
C TRP A 128 23.59 5.62 8.91
N GLY A 129 24.11 4.70 8.08
CA GLY A 129 25.57 4.52 7.92
C GLY A 129 26.32 4.09 9.19
N GLU A 130 25.64 3.41 10.07
CA GLU A 130 26.20 2.93 11.32
C GLU A 130 26.06 1.43 11.37
N GLU A 131 26.85 0.80 12.25
CA GLU A 131 26.84 -0.66 12.51
C GLU A 131 28.04 -1.08 13.37
N CYS A 132 27.76 -1.90 14.37
CA CYS A 132 28.71 -2.50 15.31
C CYS A 132 29.73 -1.59 15.99
N ARG A 133 29.47 -0.30 15.99
CA ARG A 133 30.18 0.62 16.87
C ARG A 133 29.81 0.25 18.30
N ALA A 134 28.62 -0.29 18.40
CA ALA A 134 28.08 -0.86 19.58
C ALA A 134 27.25 -2.04 19.10
N CYS A 135 27.49 -3.20 19.68
CA CYS A 135 26.76 -4.41 19.33
C CYS A 135 26.55 -5.31 20.51
N ALA A 136 25.56 -4.97 21.28
CA ALA A 136 25.17 -5.75 22.43
C ALA A 136 23.69 -6.16 22.32
N GLU A 137 22.82 -5.17 22.25
CA GLU A 137 21.39 -5.41 22.18
C GLU A 137 20.71 -4.30 21.41
N LYS A 138 19.42 -4.22 21.52
CA LYS A 138 18.66 -3.23 20.82
C LYS A 138 18.68 -1.95 21.57
N THR A 139 18.70 -2.03 22.89
CA THR A 139 18.73 -0.84 23.74
C THR A 139 20.08 -0.11 23.53
N ASP A 140 21.07 -0.92 23.24
CA ASP A 140 22.41 -0.52 22.87
C ASP A 140 22.33 0.34 21.61
N TYR A 141 21.60 -0.18 20.66
CA TYR A 141 21.31 0.48 19.39
C TYR A 141 20.49 1.72 19.59
N VAL A 142 19.54 1.66 20.52
CA VAL A 142 18.68 2.80 20.85
C VAL A 142 19.51 4.01 21.24
N ASN A 143 20.52 3.78 22.05
CA ASN A 143 21.43 4.86 22.48
C ASN A 143 22.04 5.59 21.27
N LEU A 144 22.39 4.80 20.27
CA LEU A 144 23.01 5.29 19.07
C LEU A 144 21.97 5.91 18.14
N ILE A 145 20.80 5.34 18.15
CA ILE A 145 19.70 5.83 17.36
C ILE A 145 19.25 7.22 17.84
N GLN A 146 19.26 7.43 19.14
CA GLN A 146 18.86 8.72 19.70
C GLN A 146 19.79 9.86 19.31
N GLU A 147 21.11 9.62 19.27
CA GLU A 147 22.06 10.67 18.87
C GLU A 147 21.96 10.93 17.37
N LEU A 148 21.67 9.89 16.62
CA LEU A 148 21.62 9.98 15.18
C LEU A 148 20.26 10.43 14.68
N ALA A 149 19.27 10.38 15.54
CA ALA A 149 17.91 10.78 15.21
C ALA A 149 17.83 12.20 14.61
N PRO A 150 18.30 13.28 15.32
CA PRO A 150 18.25 14.65 14.76
C PRO A 150 19.20 14.80 13.57
N LYS A 151 20.09 13.86 13.43
CA LYS A 151 21.09 13.85 12.39
C LYS A 151 20.58 13.23 11.09
N TYR A 152 19.44 12.55 11.13
CA TYR A 152 18.89 11.92 9.96
C TYR A 152 17.40 12.12 9.80
N ALA A 153 16.67 12.02 10.90
CA ALA A 153 15.21 12.14 10.86
C ALA A 153 14.79 13.58 10.61
N ALA A 154 15.70 14.52 10.95
CA ALA A 154 15.55 15.97 10.73
C ALA A 154 14.31 16.56 11.40
N THR A 155 13.79 15.86 12.36
CA THR A 155 12.63 16.26 13.03
C THR A 155 12.98 17.22 14.15
N HIS A 156 12.65 18.44 13.93
CA HIS A 156 12.81 19.48 14.86
C HIS A 156 11.81 19.29 16.01
N PRO A 157 12.18 19.69 17.21
CA PRO A 157 11.31 19.62 18.38
C PRO A 157 10.23 20.70 18.30
N LYS A 158 9.20 20.39 17.57
CA LYS A 158 8.09 21.28 17.41
C LYS A 158 6.94 20.84 18.31
N THR A 159 5.87 21.54 18.27
CA THR A 159 4.70 21.23 19.03
C THR A 159 3.78 20.29 18.23
N GLU A 160 2.74 19.80 18.87
CA GLU A 160 1.71 18.98 18.21
C GLU A 160 0.46 19.82 18.08
N LEU A 161 0.70 21.06 18.32
CA LEU A 161 -0.20 22.13 18.32
C LEU A 161 0.68 23.32 18.68
N GLN A 1 12.25 -6.71 -1.20
CA GLN A 1 12.07 -6.02 0.04
C GLN A 1 12.20 -4.54 -0.26
N GLU A 2 11.41 -3.73 0.40
CA GLU A 2 11.45 -2.31 0.22
C GLU A 2 12.70 -1.75 0.90
N ALA A 3 13.06 -2.38 1.99
CA ALA A 3 14.26 -2.04 2.69
C ALA A 3 15.42 -2.78 2.06
N GLY A 4 16.42 -2.05 1.63
CA GLY A 4 17.57 -2.68 1.00
C GLY A 4 17.29 -3.04 -0.43
N GLY A 5 16.57 -2.17 -1.09
CA GLY A 5 16.23 -2.36 -2.46
C GLY A 5 15.45 -1.17 -2.92
N ARG A 6 14.91 -1.24 -4.10
CA ARG A 6 14.13 -0.16 -4.59
C ARG A 6 12.79 -0.62 -5.16
N PRO A 7 11.70 -0.18 -4.55
CA PRO A 7 10.36 -0.43 -5.03
C PRO A 7 9.77 0.84 -5.72
N GLY A 8 8.60 0.73 -6.31
CA GLY A 8 7.97 1.88 -6.95
C GLY A 8 7.22 2.78 -5.98
N ALA A 9 7.19 2.36 -4.75
CA ALA A 9 6.60 3.05 -3.64
C ALA A 9 6.92 2.24 -2.45
N ASP A 10 6.56 2.71 -1.28
CA ASP A 10 6.78 1.94 -0.06
C ASP A 10 6.02 0.62 -0.14
N CYS A 11 4.85 0.67 -0.78
CA CYS A 11 4.05 -0.49 -1.04
C CYS A 11 4.64 -1.27 -2.23
N GLU A 12 5.73 -1.97 -1.96
CA GLU A 12 6.54 -2.77 -2.92
C GLU A 12 5.72 -3.54 -3.97
N VAL A 13 4.72 -4.24 -3.51
CA VAL A 13 3.99 -5.19 -4.33
C VAL A 13 3.21 -4.51 -5.46
N CYS A 14 2.80 -3.29 -5.27
CA CYS A 14 1.94 -2.72 -6.26
C CYS A 14 2.56 -1.57 -7.03
N LYS A 15 3.16 -1.99 -8.13
CA LYS A 15 3.74 -1.22 -9.24
C LYS A 15 4.54 -2.19 -10.05
N GLU A 16 5.62 -2.65 -9.45
CA GLU A 16 6.53 -3.63 -10.01
C GLU A 16 5.82 -4.85 -10.52
N PHE A 17 4.96 -5.40 -9.71
CA PHE A 17 4.16 -6.59 -10.08
C PHE A 17 3.37 -6.38 -11.37
N LEU A 18 2.71 -5.25 -11.51
CA LEU A 18 1.90 -5.02 -12.69
C LEU A 18 2.77 -4.67 -13.88
N ASN A 19 3.93 -4.10 -13.62
CA ASN A 19 4.91 -3.85 -14.67
C ASN A 19 5.54 -5.16 -15.12
N ARG A 20 5.69 -6.09 -14.17
CA ARG A 20 6.13 -7.44 -14.46
C ARG A 20 5.09 -8.10 -15.35
N PHE A 21 3.83 -7.82 -15.06
CA PHE A 21 2.75 -8.33 -15.84
C PHE A 21 2.73 -7.70 -17.23
N TYR A 22 2.99 -6.39 -17.33
CA TYR A 22 3.11 -5.74 -18.64
C TYR A 22 4.18 -6.42 -19.47
N LYS A 23 5.28 -6.76 -18.82
CA LYS A 23 6.34 -7.54 -19.43
C LYS A 23 5.87 -8.90 -19.90
N SER A 24 4.87 -9.47 -19.25
CA SER A 24 4.40 -10.77 -19.61
C SER A 24 3.56 -10.65 -20.88
N LEU A 25 2.81 -9.56 -20.96
CA LEU A 25 2.00 -9.23 -22.12
C LEU A 25 2.86 -9.22 -23.39
N ILE A 26 3.93 -8.49 -23.32
CA ILE A 26 4.83 -8.33 -24.45
C ILE A 26 5.58 -9.64 -24.77
N ASP A 27 6.02 -10.31 -23.73
CA ASP A 27 6.89 -11.49 -23.86
C ASP A 27 6.15 -12.76 -24.19
N ARG A 28 4.94 -12.88 -23.73
CA ARG A 28 4.14 -14.05 -23.96
C ARG A 28 3.46 -13.95 -25.34
N GLY A 29 3.57 -12.78 -25.95
CA GLY A 29 3.00 -12.56 -27.25
C GLY A 29 1.54 -12.24 -27.13
N VAL A 30 1.24 -11.39 -26.21
CA VAL A 30 -0.10 -11.02 -25.93
C VAL A 30 -0.40 -9.63 -26.46
N ASN A 31 -1.56 -9.49 -27.01
CA ASN A 31 -2.03 -8.24 -27.53
C ASN A 31 -2.76 -7.48 -26.43
N PHE A 32 -2.64 -6.18 -26.43
CA PHE A 32 -3.25 -5.35 -25.45
C PHE A 32 -4.74 -5.09 -25.77
N SER A 33 -5.56 -6.09 -25.51
CA SER A 33 -6.98 -5.99 -25.69
C SER A 33 -7.69 -6.14 -24.34
N LEU A 34 -8.91 -5.60 -24.23
CA LEU A 34 -9.72 -5.73 -23.02
C LEU A 34 -9.87 -7.17 -22.57
N ASP A 35 -10.34 -8.04 -23.48
CA ASP A 35 -10.41 -9.52 -23.21
C ASP A 35 -9.09 -10.04 -22.80
N THR A 36 -8.17 -9.78 -23.65
CA THR A 36 -6.92 -10.39 -23.63
C THR A 36 -6.14 -10.05 -22.36
N ILE A 37 -6.06 -8.79 -22.01
CA ILE A 37 -5.32 -8.41 -20.81
C ILE A 37 -5.98 -8.95 -19.54
N GLU A 38 -7.31 -8.94 -19.51
CA GLU A 38 -8.07 -9.43 -18.36
C GLU A 38 -7.76 -10.92 -18.20
N LYS A 39 -7.90 -11.62 -19.30
CA LYS A 39 -7.72 -13.05 -19.39
C LYS A 39 -6.31 -13.46 -18.97
N GLU A 40 -5.31 -12.71 -19.43
CA GLU A 40 -3.93 -13.03 -19.08
C GLU A 40 -3.64 -12.68 -17.62
N LEU A 41 -4.36 -11.70 -17.09
CA LEU A 41 -4.14 -11.21 -15.73
C LEU A 41 -4.48 -12.31 -14.73
N ILE A 42 -5.62 -12.95 -14.93
CA ILE A 42 -6.07 -14.06 -14.09
C ILE A 42 -5.07 -15.22 -14.15
N SER A 43 -4.64 -15.55 -15.35
CA SER A 43 -3.76 -16.69 -15.56
C SER A 43 -2.33 -16.43 -15.11
N PHE A 44 -1.90 -15.19 -15.18
CA PHE A 44 -0.56 -14.79 -14.73
C PHE A 44 -0.43 -15.03 -13.23
N CYS A 45 -1.54 -15.04 -12.56
CA CYS A 45 -1.55 -15.27 -11.15
C CYS A 45 -1.46 -16.75 -10.79
N LEU A 46 -1.27 -17.61 -11.80
CA LEU A 46 -1.06 -19.00 -11.55
C LEU A 46 0.39 -19.26 -11.18
N ASP A 47 1.30 -18.61 -11.90
CA ASP A 47 2.70 -18.84 -11.66
C ASP A 47 3.11 -18.09 -10.42
N THR A 48 2.40 -17.02 -10.11
CA THR A 48 2.71 -16.20 -9.00
C THR A 48 2.13 -16.79 -7.74
N LYS A 49 2.66 -16.40 -6.65
CA LYS A 49 2.18 -16.82 -5.35
C LYS A 49 2.70 -15.91 -4.27
N GLY A 50 2.19 -16.09 -3.08
CA GLY A 50 2.63 -15.29 -1.98
C GLY A 50 1.99 -13.93 -1.98
N LYS A 51 2.80 -12.90 -1.97
CA LYS A 51 2.32 -11.54 -1.86
C LYS A 51 1.71 -11.06 -3.18
N GLU A 52 2.27 -11.54 -4.28
CA GLU A 52 1.79 -11.17 -5.62
C GLU A 52 0.39 -11.66 -5.80
N ASN A 53 0.20 -12.89 -5.42
CA ASN A 53 -1.10 -13.55 -5.51
C ASN A 53 -2.14 -12.83 -4.65
N ARG A 54 -1.74 -12.43 -3.44
CA ARG A 54 -2.58 -11.61 -2.58
C ARG A 54 -3.00 -10.32 -3.26
N LEU A 55 -2.05 -9.64 -3.86
CA LEU A 55 -2.34 -8.42 -4.59
C LEU A 55 -3.35 -8.71 -5.69
N CYS A 56 -3.07 -9.76 -6.41
CA CYS A 56 -3.91 -10.25 -7.50
C CYS A 56 -5.33 -10.60 -7.00
N TYR A 57 -5.41 -11.03 -5.75
CA TYR A 57 -6.66 -11.33 -5.10
C TYR A 57 -7.49 -10.06 -4.91
N TYR A 58 -6.81 -8.96 -4.55
CA TYR A 58 -7.45 -7.66 -4.40
C TYR A 58 -7.95 -7.17 -5.76
N LEU A 59 -7.25 -7.59 -6.80
CA LEU A 59 -7.60 -7.25 -8.17
C LEU A 59 -8.60 -8.24 -8.75
N GLY A 60 -8.99 -9.21 -7.93
CA GLY A 60 -9.97 -10.20 -8.32
C GLY A 60 -9.57 -11.08 -9.49
N ALA A 61 -8.29 -11.20 -9.72
CA ALA A 61 -7.78 -11.98 -10.84
C ALA A 61 -7.43 -13.38 -10.37
N THR A 62 -8.10 -13.80 -9.33
CA THR A 62 -7.89 -15.07 -8.72
C THR A 62 -9.20 -15.83 -8.62
N LYS A 63 -9.10 -17.14 -8.56
CA LYS A 63 -10.26 -18.05 -8.49
C LYS A 63 -11.04 -17.94 -7.18
N ASP A 64 -10.46 -17.28 -6.22
CA ASP A 64 -11.05 -17.20 -4.89
C ASP A 64 -11.67 -15.84 -4.66
N ALA A 65 -11.68 -15.05 -5.70
CA ALA A 65 -12.27 -13.75 -5.62
C ALA A 65 -13.56 -13.74 -6.39
N ALA A 66 -14.67 -13.67 -5.67
CA ALA A 66 -15.99 -13.71 -6.29
C ALA A 66 -16.38 -12.32 -6.69
N THR A 67 -15.60 -11.41 -6.19
CA THR A 67 -15.71 -10.03 -6.44
C THR A 67 -15.33 -9.74 -7.90
N LYS A 68 -14.32 -10.46 -8.36
CA LYS A 68 -13.79 -10.39 -9.71
C LYS A 68 -13.03 -9.11 -10.04
N ILE A 69 -13.65 -7.96 -9.84
CA ILE A 69 -13.12 -6.70 -10.37
C ILE A 69 -13.22 -6.84 -11.89
N LEU A 70 -14.32 -6.38 -12.42
CA LEU A 70 -14.65 -6.63 -13.82
C LEU A 70 -13.63 -6.05 -14.78
N SER A 71 -13.53 -4.75 -14.86
CA SER A 71 -12.54 -4.18 -15.73
C SER A 71 -11.56 -3.26 -15.00
N GLU A 72 -11.94 -1.98 -14.93
CA GLU A 72 -11.09 -0.89 -14.47
C GLU A 72 -9.67 -0.97 -15.04
N VAL A 73 -8.73 -1.55 -14.27
CA VAL A 73 -7.28 -1.62 -14.62
C VAL A 73 -7.04 -2.17 -16.03
N THR A 74 -7.81 -3.16 -16.41
CA THR A 74 -7.73 -3.79 -17.71
C THR A 74 -7.88 -2.77 -18.87
N ARG A 75 -8.68 -1.76 -18.63
CA ARG A 75 -9.01 -0.78 -19.64
C ARG A 75 -7.80 0.16 -19.92
N PRO A 76 -7.25 0.91 -18.89
CA PRO A 76 -6.04 1.71 -19.07
C PRO A 76 -4.85 0.85 -19.52
N MET A 77 -4.82 -0.41 -19.09
CA MET A 77 -3.77 -1.34 -19.52
C MET A 77 -3.73 -1.50 -21.03
N SER A 78 -4.89 -1.45 -21.65
CA SER A 78 -5.01 -1.64 -23.08
C SER A 78 -4.49 -0.40 -23.86
N VAL A 79 -4.25 0.70 -23.18
CA VAL A 79 -3.76 1.88 -23.84
C VAL A 79 -2.41 2.31 -23.19
N HIS A 80 -1.63 1.30 -22.82
CA HIS A 80 -0.29 1.46 -22.22
C HIS A 80 -0.28 2.44 -21.04
N MET A 81 -0.94 2.04 -20.00
CA MET A 81 -1.08 2.79 -18.76
C MET A 81 -0.31 2.26 -17.54
N PRO A 82 1.00 2.40 -17.53
CA PRO A 82 1.88 1.78 -16.49
C PRO A 82 1.32 1.88 -15.04
N ALA A 83 1.76 0.94 -14.20
CA ALA A 83 1.26 0.80 -12.82
C ALA A 83 1.58 1.98 -11.90
N MET A 84 2.25 2.98 -12.45
CA MET A 84 2.72 4.13 -11.72
C MET A 84 1.63 5.15 -11.54
N LYS A 85 0.47 4.85 -12.06
CA LYS A 85 -0.67 5.73 -11.96
C LYS A 85 -1.93 5.00 -11.50
N ILE A 86 -2.18 3.84 -12.07
CA ILE A 86 -3.41 3.09 -11.80
C ILE A 86 -3.46 2.62 -10.35
N CYS A 87 -2.35 2.11 -9.87
CA CYS A 87 -2.25 1.60 -8.51
C CYS A 87 -2.33 2.74 -7.50
N GLU A 88 -2.05 3.93 -7.95
CA GLU A 88 -2.04 5.08 -7.10
C GLU A 88 -3.46 5.57 -6.86
N LYS A 89 -4.34 5.13 -7.71
CA LYS A 89 -5.77 5.40 -7.56
C LYS A 89 -6.36 4.35 -6.63
N LEU A 90 -5.99 3.10 -6.88
CA LEU A 90 -6.56 1.95 -6.16
C LEU A 90 -6.28 1.96 -4.65
N LYS A 91 -5.11 2.40 -4.25
CA LYS A 91 -4.73 2.41 -2.82
C LYS A 91 -5.40 3.50 -2.03
N LYS A 92 -6.06 4.35 -2.73
CA LYS A 92 -6.88 5.37 -2.10
C LYS A 92 -8.14 4.73 -1.55
N LEU A 93 -8.39 3.51 -1.99
CA LEU A 93 -9.55 2.78 -1.62
C LEU A 93 -9.13 1.54 -0.79
N ASP A 94 -8.08 0.87 -1.25
CA ASP A 94 -7.55 -0.32 -0.56
C ASP A 94 -6.09 -0.11 -0.17
N SER A 95 -5.79 -0.18 1.10
CA SER A 95 -4.43 -0.04 1.57
C SER A 95 -3.86 -1.43 1.86
N GLN A 96 -4.71 -2.47 1.76
CA GLN A 96 -4.32 -3.84 2.05
C GLN A 96 -3.22 -4.29 1.10
N ILE A 97 -3.20 -3.63 -0.04
CA ILE A 97 -2.14 -3.69 -1.01
C ILE A 97 -0.76 -3.37 -0.37
N CYS A 98 -0.76 -2.44 0.56
CA CYS A 98 0.44 -2.01 1.26
C CYS A 98 0.69 -2.89 2.46
N GLU A 99 -0.37 -3.49 2.97
CA GLU A 99 -0.24 -4.46 4.05
C GLU A 99 0.54 -5.71 3.58
N LEU A 100 0.73 -5.81 2.26
CA LEU A 100 1.50 -6.89 1.64
C LEU A 100 3.01 -6.56 1.64
N LYS A 101 3.39 -5.53 2.32
CA LYS A 101 4.81 -5.16 2.46
C LYS A 101 5.52 -6.12 3.39
N TYR A 102 6.78 -5.84 3.66
CA TYR A 102 7.46 -6.56 4.69
C TYR A 102 7.04 -5.94 5.97
N GLU A 103 7.84 -5.10 6.45
CA GLU A 103 7.48 -4.34 7.56
C GLU A 103 7.02 -2.95 7.28
N LYS A 104 6.20 -2.51 8.18
CA LYS A 104 5.39 -1.33 8.04
C LYS A 104 4.97 -0.82 9.41
N THR A 105 4.86 -1.74 10.34
CA THR A 105 4.33 -1.51 11.64
C THR A 105 5.22 -0.60 12.48
N LEU A 106 4.59 0.33 13.18
CA LEU A 106 5.25 1.08 14.19
C LEU A 106 5.48 0.08 15.32
N ASP A 107 6.70 -0.36 15.42
CA ASP A 107 7.12 -1.51 16.19
C ASP A 107 6.89 -1.41 17.64
N LEU A 108 6.98 -0.25 18.08
CA LEU A 108 7.02 0.18 19.44
C LEU A 108 7.79 -0.75 20.43
N ALA A 109 8.66 -1.55 19.91
CA ALA A 109 9.42 -2.51 20.72
C ALA A 109 10.91 -2.40 20.49
N SER A 110 11.28 -1.91 19.35
CA SER A 110 12.65 -1.68 19.03
C SER A 110 12.90 -0.21 19.30
N VAL A 111 11.84 0.57 19.15
CA VAL A 111 11.86 1.94 19.52
C VAL A 111 11.49 2.00 20.99
N ASP A 112 11.97 2.99 21.67
CA ASP A 112 11.79 3.03 23.09
C ASP A 112 10.86 4.13 23.43
N LEU A 113 9.83 3.75 24.09
CA LEU A 113 8.73 4.58 24.48
C LEU A 113 9.13 5.64 25.51
N ARG A 114 10.13 5.36 26.31
CA ARG A 114 10.50 6.31 27.34
C ARG A 114 11.49 7.35 26.81
N LYS A 115 12.27 6.96 25.80
CA LYS A 115 13.21 7.80 25.19
C LYS A 115 12.64 8.63 24.05
N MET A 116 11.43 8.32 23.61
CA MET A 116 10.77 9.15 22.63
C MET A 116 10.20 10.39 23.27
N ARG A 117 9.81 11.31 22.47
CA ARG A 117 9.41 12.60 22.87
C ARG A 117 7.94 12.77 22.68
N VAL A 118 7.28 13.27 23.71
CA VAL A 118 5.84 13.37 23.80
C VAL A 118 5.18 14.00 22.54
N ALA A 119 5.89 14.94 21.98
CA ALA A 119 5.50 15.62 20.74
C ALA A 119 5.29 14.65 19.59
N GLU A 120 6.14 13.64 19.52
CA GLU A 120 6.04 12.58 18.50
C GLU A 120 4.81 11.78 18.80
N LEU A 121 4.73 11.38 20.05
CA LEU A 121 3.61 10.64 20.60
C LEU A 121 2.29 11.37 20.36
N LYS A 122 2.31 12.71 20.40
CA LYS A 122 1.18 13.47 20.05
C LYS A 122 0.68 13.18 18.63
N GLN A 123 1.58 13.11 17.64
CA GLN A 123 1.10 12.80 16.29
C GLN A 123 0.66 11.35 16.23
N ILE A 124 1.35 10.49 16.98
CA ILE A 124 1.03 9.05 17.04
C ILE A 124 -0.41 8.84 17.47
N LEU A 125 -0.82 9.49 18.54
CA LEU A 125 -2.15 9.31 19.06
C LEU A 125 -3.21 9.87 18.11
N HIS A 126 -2.83 10.90 17.41
CA HIS A 126 -3.69 11.60 16.47
C HIS A 126 -3.83 10.75 15.21
N SER A 127 -2.76 10.04 14.89
CA SER A 127 -2.75 9.16 13.75
C SER A 127 -3.62 7.95 14.07
N TRP A 128 -3.77 7.66 15.36
CA TRP A 128 -4.64 6.59 15.74
C TRP A 128 -5.93 7.18 16.29
N GLY A 129 -6.33 8.33 15.74
CA GLY A 129 -7.64 8.94 15.99
C GLY A 129 -7.99 9.13 17.46
N GLU A 130 -6.99 9.26 18.29
CA GLU A 130 -7.18 9.41 19.71
C GLU A 130 -6.98 10.85 20.14
N GLU A 131 -7.53 11.17 21.25
CA GLU A 131 -7.52 12.49 21.84
C GLU A 131 -6.58 12.52 23.08
N CYS A 132 -6.28 13.69 23.59
CA CYS A 132 -5.46 13.86 24.77
C CYS A 132 -6.28 13.54 26.03
N ARG A 133 -5.64 12.93 27.02
CA ARG A 133 -6.33 12.57 28.27
C ARG A 133 -5.80 13.37 29.42
N ALA A 134 -4.51 13.33 29.62
CA ALA A 134 -3.86 14.14 30.61
C ALA A 134 -2.62 14.72 29.98
N CYS A 135 -1.83 13.85 29.37
CA CYS A 135 -0.67 14.21 28.57
C CYS A 135 0.41 14.84 29.42
N ALA A 136 0.47 14.33 30.62
CA ALA A 136 1.38 14.75 31.65
C ALA A 136 2.84 14.55 31.23
N GLU A 137 3.19 13.35 30.84
CA GLU A 137 4.54 13.05 30.43
C GLU A 137 4.53 12.01 29.35
N LYS A 138 5.72 11.54 28.97
CA LYS A 138 5.88 10.53 27.93
C LYS A 138 5.13 9.31 28.34
N THR A 139 5.32 8.95 29.60
CA THR A 139 4.73 7.75 30.18
C THR A 139 3.20 7.81 30.12
N ASP A 140 2.66 9.02 30.22
CA ASP A 140 1.21 9.25 30.12
C ASP A 140 0.73 8.76 28.74
N TYR A 141 1.46 9.18 27.72
CA TYR A 141 1.18 8.81 26.34
C TYR A 141 1.44 7.33 26.15
N VAL A 142 2.61 6.90 26.62
CA VAL A 142 3.08 5.50 26.51
C VAL A 142 2.05 4.52 27.03
N ASN A 143 1.53 4.78 28.21
CA ASN A 143 0.55 3.89 28.86
C ASN A 143 -0.68 3.69 27.96
N LEU A 144 -1.09 4.75 27.32
CA LEU A 144 -2.26 4.73 26.45
C LEU A 144 -1.88 4.08 25.12
N ILE A 145 -0.74 4.48 24.60
CA ILE A 145 -0.20 3.98 23.35
C ILE A 145 -0.04 2.46 23.35
N GLN A 146 0.41 1.90 24.46
CA GLN A 146 0.61 0.47 24.57
C GLN A 146 -0.68 -0.35 24.39
N GLU A 147 -1.82 0.18 24.83
CA GLU A 147 -3.06 -0.57 24.71
C GLU A 147 -3.64 -0.41 23.30
N LEU A 148 -3.41 0.76 22.72
CA LEU A 148 -3.89 1.10 21.39
C LEU A 148 -3.02 0.47 20.31
N ALA A 149 -1.78 0.21 20.68
CA ALA A 149 -0.75 -0.34 19.79
C ALA A 149 -1.21 -1.55 18.96
N PRO A 150 -1.64 -2.69 19.57
CA PRO A 150 -2.01 -3.89 18.77
C PRO A 150 -3.30 -3.72 17.98
N LYS A 151 -3.97 -2.62 18.22
CA LYS A 151 -5.19 -2.32 17.57
C LYS A 151 -5.00 -1.44 16.34
N TYR A 152 -3.91 -0.71 16.29
CA TYR A 152 -3.64 0.17 15.17
C TYR A 152 -2.34 -0.18 14.46
N ALA A 153 -1.32 -0.54 15.22
CA ALA A 153 -0.02 -0.82 14.66
C ALA A 153 0.02 -2.18 14.01
N ALA A 154 -0.37 -2.18 12.78
CA ALA A 154 -0.32 -3.35 11.91
C ALA A 154 -0.13 -2.86 10.48
N THR A 155 0.22 -1.62 10.38
CA THR A 155 0.38 -0.95 9.13
C THR A 155 1.41 0.16 9.35
N HIS A 156 1.55 1.03 8.36
CA HIS A 156 2.47 2.14 8.28
C HIS A 156 2.66 2.91 9.62
N PRO A 157 3.87 3.42 9.85
CA PRO A 157 4.27 4.09 11.07
C PRO A 157 4.23 5.61 10.91
N LYS A 158 3.20 6.06 10.20
CA LYS A 158 2.95 7.42 9.78
C LYS A 158 4.11 8.03 8.98
N THR A 159 3.89 9.23 8.54
CA THR A 159 4.85 9.99 7.80
C THR A 159 5.81 10.71 8.77
N GLU A 160 6.83 11.35 8.21
CA GLU A 160 7.81 12.08 8.96
C GLU A 160 7.18 13.31 9.56
N LEU A 161 6.20 13.70 8.90
CA LEU A 161 5.37 14.80 9.20
C LEU A 161 4.02 14.24 9.58
#